data_9EX7
#
_entry.id   9EX7
#
_cell.length_a   1.00
_cell.length_b   1.00
_cell.length_c   1.00
_cell.angle_alpha   90.00
_cell.angle_beta   90.00
_cell.angle_gamma   90.00
#
_symmetry.space_group_name_H-M   'P 1'
#
loop_
_entity.id
_entity.type
_entity.pdbx_description
1 polymer 'Adenine-specific methyltransferase BrxX'
2 polymer 'Protein Ocr'
3 non-polymer 'MAGNESIUM ION'
4 non-polymer S-ADENOSYLMETHIONINE
#
loop_
_entity_poly.entity_id
_entity_poly.type
_entity_poly.pdbx_seq_one_letter_code
_entity_poly.pdbx_strand_id
1 'polypeptide(L)'
;MNTNNIKKYAPQARNDFRDAVIQKLTTLGIAADKKGNLQIAEAETIGETVRYGQFDYPLSTLPRRERLVKRAREQGFEVL
VEHCAYTWFNRLCAIRYMELHGYLDHGFRMLSHPETPTAFEVLDHVPEVAEALLPESKAQLVEMKLSGNQDEALYRELLL
GQCHALHHAMPFLFEAVDDEAELLLPDNLTRTDSILRGLVDDIPEEDWEQVEVIGWLYQFYISEKKDAVIGKVVKSEDIP
AATQLFTPNWIVQYLVQNSVGRQWLQTYPDSPLKDKMEYYIEPAEQTPEVQAQLAAITPASIEPESIKVLDPACGSGHIL
TEAYNVLKAIYEERGYRTRDIPQLILENNIFGLDIDDRAAQLSGFAMLMLARQDDRRILGRGVRLNIVSLQESKLDIAEV
WTKLNFHQHMQRGSMGDMFTQGTALANTDSAEYKLLMRTLALFTSAKTLGSLIQVPQEDEAALKAFLERLYRLAVEGDIQ
QKEAAAELIPYIQQAWILAQRYDAVVANPPYMGGKGMNGDLKEFAKKQFPDSKSDLFAMFMQHAFSLLKENGFNAQVNMQ
SWMFLSSYEALRGWLLDNKTFITMAHLGARAFGQISGEVVQTTAWVIKNNHSGFYKPVFFRLVDDNEEHKKNNLLNRMNC
FKNTLQNDFKKIPGSPIAYWATLAFINSFLKLPALGTRAVKGLDTNGSIDVFLRRWPEVSINSFDALGKGNSKWFPIAKG
GELRKWFGNHEYIINYENDGIELRKNKANLRNKDMYFQEGGTWTVVSTTGFSMRYMPKGFLFDQGGSAVFCENNDELSIY
NILACMNSKYINYSASLICPTLNFTTGDVRKFPVIKNNHLEDLAKKAIEISKADWNQFETSWEFSKNKLIEHKGNVAYSY
ASYCNFQDKLYEQLVNIEKNINNIIEEILGFKIETTENSELITLNSNKIYRYGQSETNDTFLNRHRSDTISELISYSVGC
QMGRYSLDREGLVYAHEGNKGFAELAAEGAYKTFPADNDGILPLMDDEWFEDDVTSRVKEFVRTVWGEEHLQENLEFIAE
SLCLYAIKPKKGESALETIRRYLSTQFWKDHMKMYKKRPIYWLFSSGKEKAFECLVYLHRYNDATLSRMRTEYVVPLLAR
YQANIDRLNDQLDEASGGEATRLKRERDSLIKKFSELRSYDDRLRHYADMRISIDLDDGVKVNYGKFGDLLADVKAITGN
APEAI
;
B,A
2 'polypeptide(L)'
;MAMSNMTYNNVFDHAYEMLKENIRYDDIRDTDDLHDAIHMAADNAVPHYYADIFSVMASEGIDLEFEDSGLMPDTKDVIR
ILQARIYEQLTIDLWEDAEDLLNEYLEEVEEYEEDEE
;
C,D
#
loop_
_chem_comp.id
_chem_comp.type
_chem_comp.name
_chem_comp.formula
MG non-polymer 'MAGNESIUM ION' 'Mg 2'
SAM non-polymer S-ADENOSYLMETHIONINE 'C15 H22 N6 O5 S'
#
# COMPACT_ATOMS: atom_id res chain seq x y z
N MET A 1 -18.74 -26.84 -25.13
CA MET A 1 -17.73 -27.60 -25.86
C MET A 1 -18.35 -28.32 -27.06
N ASN A 2 -19.68 -28.46 -27.04
CA ASN A 2 -20.38 -29.14 -28.12
C ASN A 2 -20.20 -28.41 -29.44
N THR A 3 -20.44 -27.10 -29.45
CA THR A 3 -20.18 -26.31 -30.63
C THR A 3 -18.71 -25.91 -30.77
N ASN A 4 -17.92 -26.07 -29.72
CA ASN A 4 -16.51 -25.71 -29.80
C ASN A 4 -15.77 -26.58 -30.81
N ASN A 5 -16.15 -27.85 -30.94
CA ASN A 5 -15.52 -28.71 -31.93
C ASN A 5 -15.73 -28.16 -33.34
N ILE A 6 -16.97 -27.81 -33.67
CA ILE A 6 -17.25 -27.25 -34.99
C ILE A 6 -16.54 -25.92 -35.17
N LYS A 7 -16.54 -25.09 -34.12
CA LYS A 7 -15.88 -23.79 -34.21
C LYS A 7 -14.39 -23.94 -34.51
N LYS A 8 -13.72 -24.89 -33.85
CA LYS A 8 -12.30 -25.09 -34.09
C LYS A 8 -12.04 -25.79 -35.40
N TYR A 9 -12.99 -26.57 -35.91
CA TYR A 9 -12.70 -27.38 -37.09
C TYR A 9 -13.02 -26.66 -38.41
N ALA A 10 -14.10 -25.88 -38.47
CA ALA A 10 -14.58 -25.41 -39.77
C ALA A 10 -13.60 -24.52 -40.52
N PRO A 11 -13.04 -23.45 -39.95
CA PRO A 11 -12.13 -22.61 -40.74
C PRO A 11 -10.88 -23.33 -41.21
N GLN A 12 -10.33 -24.23 -40.40
CA GLN A 12 -9.17 -25.00 -40.84
C GLN A 12 -9.52 -25.90 -42.01
N ALA A 13 -10.71 -26.50 -41.97
CA ALA A 13 -11.16 -27.31 -43.09
C ALA A 13 -11.29 -26.47 -44.36
N ARG A 14 -11.83 -25.26 -44.23
CA ARG A 14 -11.97 -24.38 -45.40
C ARG A 14 -10.60 -24.05 -45.98
N ASN A 15 -9.64 -23.73 -45.11
CA ASN A 15 -8.29 -23.41 -45.59
C ASN A 15 -7.65 -24.60 -46.28
N ASP A 16 -7.81 -25.79 -45.70
CA ASP A 16 -7.20 -26.98 -46.30
C ASP A 16 -7.81 -27.31 -47.65
N PHE A 17 -9.14 -27.20 -47.77
CA PHE A 17 -9.78 -27.45 -49.06
C PHE A 17 -9.33 -26.44 -50.11
N ARG A 18 -9.23 -25.17 -49.73
CA ARG A 18 -8.76 -24.16 -50.68
C ARG A 18 -7.33 -24.44 -51.13
N ASP A 19 -6.46 -24.83 -50.19
CA ASP A 19 -5.09 -25.16 -50.57
C ASP A 19 -5.05 -26.33 -51.53
N ALA A 20 -5.83 -27.38 -51.26
CA ALA A 20 -5.84 -28.53 -52.16
C ALA A 20 -6.31 -28.16 -53.56
N VAL A 21 -7.38 -27.36 -53.64
CA VAL A 21 -7.92 -27.04 -54.95
C VAL A 21 -6.98 -26.13 -55.73
N ILE A 22 -6.33 -25.17 -55.06
CA ILE A 22 -5.41 -24.30 -55.79
C ILE A 22 -4.18 -25.09 -56.24
N GLN A 23 -3.72 -26.05 -55.43
CA GLN A 23 -2.60 -26.89 -55.86
C GLN A 23 -2.98 -27.71 -57.09
N LYS A 24 -4.19 -28.28 -57.10
CA LYS A 24 -4.62 -29.05 -58.26
C LYS A 24 -4.72 -28.17 -59.50
N LEU A 25 -5.25 -26.95 -59.34
CA LEU A 25 -5.33 -26.03 -60.48
C LEU A 25 -3.95 -25.70 -61.02
N THR A 26 -2.99 -25.43 -60.13
CA THR A 26 -1.65 -25.11 -60.58
C THR A 26 -1.02 -26.28 -61.32
N THR A 27 -1.24 -27.50 -60.82
CA THR A 27 -0.72 -28.68 -61.53
C THR A 27 -1.42 -28.85 -62.88
N LEU A 28 -2.67 -28.42 -63.00
CA LEU A 28 -3.41 -28.58 -64.24
C LEU A 28 -2.93 -27.64 -65.34
N GLY A 29 -2.47 -26.44 -64.97
CA GLY A 29 -1.97 -25.49 -65.96
C GLY A 29 -2.58 -24.12 -65.86
N ILE A 30 -3.28 -23.85 -64.76
CA ILE A 30 -3.91 -22.56 -64.51
C ILE A 30 -3.37 -22.00 -63.21
N ALA A 31 -2.93 -20.74 -63.25
CA ALA A 31 -2.37 -20.10 -62.07
C ALA A 31 -2.59 -18.61 -62.15
N ALA A 32 -2.51 -17.95 -61.00
CA ALA A 32 -2.64 -16.51 -60.90
C ALA A 32 -1.46 -15.94 -60.12
N ASP A 33 -0.95 -14.81 -60.58
CA ASP A 33 0.22 -14.19 -59.98
C ASP A 33 -0.23 -13.33 -58.79
N LYS A 34 0.70 -12.53 -58.25
CA LYS A 34 0.35 -11.60 -57.19
C LYS A 34 -0.63 -10.54 -57.67
N LYS A 35 -0.41 -10.00 -58.87
CA LYS A 35 -1.30 -8.98 -59.40
C LYS A 35 -2.71 -9.51 -59.60
N GLY A 36 -2.84 -10.71 -60.15
CA GLY A 36 -4.14 -11.33 -60.37
C GLY A 36 -4.44 -11.71 -61.81
N ASN A 37 -3.63 -11.34 -62.79
CA ASN A 37 -3.90 -11.74 -64.16
C ASN A 37 -3.64 -13.24 -64.33
N LEU A 38 -4.43 -13.86 -65.20
CA LEU A 38 -4.34 -15.30 -65.39
C LEU A 38 -3.04 -15.69 -66.08
N GLN A 39 -2.61 -16.92 -65.83
CA GLN A 39 -1.40 -17.46 -66.43
C GLN A 39 -1.71 -18.70 -67.24
N ILE A 40 -2.75 -18.62 -68.07
CA ILE A 40 -3.23 -19.76 -68.83
C ILE A 40 -2.15 -20.22 -69.81
N ALA A 41 -1.55 -21.37 -69.54
CA ALA A 41 -0.51 -21.90 -70.40
C ALA A 41 -1.10 -22.48 -71.67
N GLU A 42 -0.24 -22.67 -72.67
CA GLU A 42 -0.67 -23.18 -73.96
C GLU A 42 -0.69 -24.71 -73.95
N ALA A 43 -1.82 -25.28 -74.37
CA ALA A 43 -1.93 -26.73 -74.44
C ALA A 43 -1.11 -27.28 -75.60
N GLU A 44 -0.37 -28.34 -75.33
CA GLU A 44 0.46 -29.00 -76.34
C GLU A 44 -0.02 -30.44 -76.51
N THR A 45 -0.24 -30.85 -77.75
CA THR A 45 -0.70 -32.19 -78.08
C THR A 45 0.45 -32.93 -78.74
N ILE A 46 1.29 -33.56 -77.92
CA ILE A 46 2.42 -34.33 -78.46
C ILE A 46 1.92 -35.54 -79.22
N GLY A 47 0.81 -36.15 -78.78
CA GLY A 47 0.28 -37.33 -79.42
C GLY A 47 -0.15 -38.39 -78.43
N GLU A 48 -1.41 -38.79 -78.49
CA GLU A 48 -2.06 -39.76 -77.60
C GLU A 48 -2.19 -39.24 -76.17
N THR A 49 -1.70 -38.03 -75.88
CA THR A 49 -1.78 -37.46 -74.53
C THR A 49 -1.67 -35.95 -74.66
N VAL A 50 -1.48 -35.27 -73.53
CA VAL A 50 -1.40 -33.82 -73.47
C VAL A 50 -0.17 -33.44 -72.67
N ARG A 51 0.23 -32.17 -72.81
CA ARG A 51 1.49 -31.67 -72.25
C ARG A 51 1.28 -30.33 -71.55
N TYR A 52 0.31 -30.28 -70.63
CA TYR A 52 0.12 -29.07 -69.83
C TYR A 52 1.35 -28.83 -68.96
N GLY A 53 2.13 -27.81 -69.30
CA GLY A 53 3.36 -27.53 -68.57
C GLY A 53 4.33 -28.69 -68.60
N GLN A 54 4.50 -29.36 -67.47
CA GLN A 54 5.32 -30.55 -67.35
C GLN A 54 4.50 -31.73 -66.83
N PHE A 55 3.25 -31.83 -67.27
CA PHE A 55 2.34 -32.86 -66.81
C PHE A 55 1.61 -33.44 -68.02
N ASP A 56 1.12 -34.67 -67.86
CA ASP A 56 0.49 -35.39 -68.94
C ASP A 56 -0.88 -35.93 -68.51
N TYR A 57 -1.82 -35.93 -69.46
CA TYR A 57 -3.15 -36.47 -69.25
C TYR A 57 -3.57 -37.16 -70.54
N PRO A 58 -4.41 -38.21 -70.45
CA PRO A 58 -4.71 -39.05 -71.62
C PRO A 58 -5.70 -38.47 -72.61
N LEU A 59 -5.51 -37.19 -72.94
CA LEU A 59 -6.18 -36.55 -74.08
C LEU A 59 -7.69 -36.46 -73.92
N SER A 60 -8.24 -37.05 -72.87
CA SER A 60 -9.68 -37.06 -72.66
C SER A 60 -10.15 -35.91 -71.78
N THR A 61 -9.24 -35.10 -71.26
CA THR A 61 -9.58 -33.99 -70.39
C THR A 61 -9.53 -32.64 -71.09
N LEU A 62 -9.29 -32.62 -72.40
CA LEU A 62 -9.17 -31.35 -73.10
C LEU A 62 -10.45 -30.52 -73.08
N PRO A 63 -11.64 -31.05 -73.42
CA PRO A 63 -12.83 -30.21 -73.36
C PRO A 63 -13.13 -29.71 -71.95
N ARG A 64 -12.91 -30.55 -70.94
CA ARG A 64 -13.17 -30.12 -69.57
C ARG A 64 -12.19 -29.02 -69.15
N ARG A 65 -10.91 -29.14 -69.52
CA ARG A 65 -9.97 -28.07 -69.23
C ARG A 65 -10.36 -26.79 -69.95
N GLU A 66 -10.86 -26.91 -71.18
CA GLU A 66 -11.31 -25.72 -71.91
C GLU A 66 -12.48 -25.06 -71.20
N ARG A 67 -13.42 -25.86 -70.70
CA ARG A 67 -14.55 -25.30 -69.96
C ARG A 67 -14.09 -24.60 -68.69
N LEU A 68 -13.13 -25.21 -67.98
CA LEU A 68 -12.58 -24.55 -66.80
C LEU A 68 -11.89 -23.24 -67.16
N VAL A 69 -11.14 -23.22 -68.26
CA VAL A 69 -10.46 -22.00 -68.67
C VAL A 69 -11.46 -20.91 -69.01
N LYS A 70 -12.50 -21.25 -69.77
CA LYS A 70 -13.47 -20.25 -70.16
C LYS A 70 -14.28 -19.76 -68.97
N ARG A 71 -14.46 -20.61 -67.95
CA ARG A 71 -15.06 -20.13 -66.71
C ARG A 71 -14.11 -19.20 -65.96
N ALA A 72 -12.80 -19.46 -66.03
CA ALA A 72 -11.84 -18.63 -65.30
C ALA A 72 -11.78 -17.23 -65.87
N ARG A 73 -11.92 -17.08 -67.19
CA ARG A 73 -11.81 -15.76 -67.80
C ARG A 73 -13.06 -14.91 -67.58
N GLU A 74 -14.23 -15.54 -67.55
CA GLU A 74 -15.48 -14.80 -67.48
C GLU A 74 -15.83 -14.34 -66.07
N GLN A 75 -15.11 -14.80 -65.05
CA GLN A 75 -15.39 -14.40 -63.68
C GLN A 75 -14.10 -14.52 -62.87
N GLY A 76 -14.22 -14.45 -61.54
CA GLY A 76 -13.03 -14.39 -60.70
C GLY A 76 -12.39 -15.76 -60.50
N PHE A 77 -11.06 -15.75 -60.49
CA PHE A 77 -10.30 -16.95 -60.15
C PHE A 77 -10.60 -17.39 -58.72
N GLU A 78 -10.61 -16.44 -57.79
CA GLU A 78 -10.95 -16.75 -56.41
C GLU A 78 -12.39 -17.25 -56.29
N VAL A 79 -13.28 -16.73 -57.14
CA VAL A 79 -14.67 -17.18 -57.13
C VAL A 79 -14.74 -18.66 -57.46
N LEU A 80 -14.02 -19.08 -58.52
CA LEU A 80 -13.99 -20.49 -58.89
C LEU A 80 -13.40 -21.35 -57.78
N VAL A 81 -12.30 -20.88 -57.18
CA VAL A 81 -11.67 -21.63 -56.10
C VAL A 81 -12.65 -21.86 -54.95
N GLU A 82 -13.30 -20.77 -54.51
CA GLU A 82 -14.23 -20.87 -53.39
C GLU A 82 -15.41 -21.78 -53.73
N HIS A 83 -15.94 -21.66 -54.95
CA HIS A 83 -17.08 -22.47 -55.35
C HIS A 83 -16.73 -23.95 -55.28
N CYS A 84 -15.60 -24.35 -55.88
CA CYS A 84 -15.22 -25.75 -55.85
C CYS A 84 -15.00 -26.23 -54.43
N ALA A 85 -14.32 -25.43 -53.60
CA ALA A 85 -14.02 -25.84 -52.24
C ALA A 85 -15.29 -26.12 -51.45
N TYR A 86 -16.22 -25.16 -51.42
CA TYR A 86 -17.40 -25.40 -50.60
C TYR A 86 -18.33 -26.44 -51.22
N THR A 87 -18.32 -26.61 -52.55
CA THR A 87 -19.09 -27.69 -53.14
C THR A 87 -18.61 -29.05 -52.63
N TRP A 88 -17.30 -29.28 -52.67
CA TRP A 88 -16.79 -30.56 -52.19
C TRP A 88 -17.02 -30.74 -50.69
N PHE A 89 -16.85 -29.66 -49.91
CA PHE A 89 -17.09 -29.76 -48.48
C PHE A 89 -18.53 -30.16 -48.19
N ASN A 90 -19.50 -29.52 -48.88
CA ASN A 90 -20.90 -29.84 -48.65
C ASN A 90 -21.21 -31.27 -49.07
N ARG A 91 -20.65 -31.73 -50.19
CA ARG A 91 -20.91 -33.10 -50.63
C ARG A 91 -20.41 -34.11 -49.59
N LEU A 92 -19.20 -33.89 -49.09
CA LEU A 92 -18.66 -34.82 -48.10
C LEU A 92 -19.48 -34.80 -46.81
N CYS A 93 -19.88 -33.61 -46.35
CA CYS A 93 -20.69 -33.53 -45.14
C CYS A 93 -22.03 -34.23 -45.32
N ALA A 94 -22.67 -34.06 -46.48
CA ALA A 94 -23.93 -34.73 -46.74
C ALA A 94 -23.77 -36.24 -46.74
N ILE A 95 -22.70 -36.74 -47.37
CA ILE A 95 -22.47 -38.18 -47.38
C ILE A 95 -22.30 -38.70 -45.96
N ARG A 96 -21.51 -38.00 -45.15
CA ARG A 96 -21.27 -38.43 -43.78
C ARG A 96 -22.56 -38.46 -42.96
N TYR A 97 -23.35 -37.39 -43.06
CA TYR A 97 -24.60 -37.31 -42.30
C TYR A 97 -25.56 -38.41 -42.74
N MET A 98 -25.66 -38.66 -44.04
CA MET A 98 -26.59 -39.66 -44.53
C MET A 98 -26.15 -41.07 -44.12
N GLU A 99 -24.85 -41.34 -44.15
CA GLU A 99 -24.37 -42.68 -43.81
C GLU A 99 -24.38 -42.95 -42.31
N LEU A 100 -24.30 -41.92 -41.46
CA LEU A 100 -24.38 -42.18 -40.04
C LEU A 100 -25.79 -42.63 -39.62
N HIS A 101 -26.82 -42.10 -40.25
CA HIS A 101 -28.20 -42.46 -39.93
C HIS A 101 -28.67 -43.71 -40.64
N GLY A 102 -27.82 -44.32 -41.47
CA GLY A 102 -28.22 -45.53 -42.18
C GLY A 102 -29.29 -45.33 -43.23
N TYR A 103 -29.23 -44.23 -43.98
CA TYR A 103 -30.18 -43.99 -45.06
C TYR A 103 -29.72 -44.54 -46.40
N LEU A 104 -28.49 -45.04 -46.49
CA LEU A 104 -27.99 -45.61 -47.74
C LEU A 104 -28.62 -46.97 -48.00
N ASP A 105 -28.67 -47.34 -49.28
CA ASP A 105 -29.34 -48.58 -49.66
C ASP A 105 -28.56 -49.81 -49.21
N HIS A 106 -27.25 -49.83 -49.46
CA HIS A 106 -26.46 -51.01 -49.17
C HIS A 106 -26.20 -51.20 -47.68
N GLY A 107 -26.35 -50.15 -46.87
CA GLY A 107 -26.20 -50.29 -45.43
C GLY A 107 -24.77 -50.45 -44.95
N PHE A 108 -23.79 -50.00 -45.72
CA PHE A 108 -22.39 -50.06 -45.33
C PHE A 108 -21.83 -48.65 -45.24
N ARG A 109 -21.04 -48.40 -44.20
CA ARG A 109 -20.41 -47.09 -44.04
C ARG A 109 -19.38 -46.87 -45.15
N MET A 110 -19.36 -45.65 -45.68
CA MET A 110 -18.48 -45.30 -46.79
C MET A 110 -17.22 -44.57 -46.36
N LEU A 111 -17.32 -43.66 -45.39
CA LEU A 111 -16.18 -42.85 -44.97
C LEU A 111 -15.52 -43.36 -43.70
N SER A 112 -16.01 -44.45 -43.12
CA SER A 112 -15.48 -44.91 -41.85
C SER A 112 -15.70 -46.41 -41.73
N HIS A 113 -15.41 -46.96 -40.55
CA HIS A 113 -15.59 -48.36 -40.25
C HIS A 113 -15.85 -48.43 -38.75
N PRO A 114 -16.88 -49.14 -38.31
CA PRO A 114 -17.12 -49.25 -36.86
C PRO A 114 -16.01 -50.03 -36.18
N GLU A 115 -15.75 -49.64 -34.93
CA GLU A 115 -14.86 -50.30 -33.98
C GLU A 115 -13.43 -50.48 -34.48
N THR A 116 -13.07 -49.88 -35.61
CA THR A 116 -11.70 -49.94 -36.12
C THR A 116 -11.32 -48.57 -36.67
N PRO A 117 -10.51 -47.80 -35.95
CA PRO A 117 -10.09 -46.50 -36.46
C PRO A 117 -9.24 -46.62 -37.71
N THR A 118 -9.31 -45.59 -38.56
CA THR A 118 -8.55 -45.53 -39.80
C THR A 118 -8.79 -46.76 -40.68
N ALA A 119 -10.06 -47.11 -40.85
CA ALA A 119 -10.46 -48.24 -41.67
C ALA A 119 -11.73 -47.87 -42.43
N PHE A 120 -11.96 -48.59 -43.52
CA PHE A 120 -13.14 -48.38 -44.37
C PHE A 120 -13.91 -49.68 -44.48
N GLU A 121 -15.24 -49.59 -44.40
CA GLU A 121 -16.10 -50.76 -44.42
C GLU A 121 -16.56 -51.13 -45.83
N VAL A 122 -16.06 -50.44 -46.85
CA VAL A 122 -16.43 -50.77 -48.23
C VAL A 122 -15.35 -51.56 -48.95
N LEU A 123 -14.17 -51.71 -48.35
CA LEU A 123 -13.08 -52.44 -48.98
C LEU A 123 -13.11 -53.93 -48.70
N ASP A 124 -14.07 -54.41 -47.90
CA ASP A 124 -14.23 -55.83 -47.62
C ASP A 124 -15.46 -56.44 -48.27
N HIS A 125 -16.60 -55.75 -48.24
CA HIS A 125 -17.80 -56.21 -48.94
C HIS A 125 -17.87 -55.61 -50.35
N VAL A 126 -16.79 -55.78 -51.10
CA VAL A 126 -16.68 -55.15 -52.42
C VAL A 126 -17.77 -55.63 -53.39
N PRO A 127 -18.02 -56.92 -53.56
CA PRO A 127 -19.00 -57.33 -54.58
C PRO A 127 -20.40 -56.77 -54.36
N GLU A 128 -20.85 -56.68 -53.11
CA GLU A 128 -22.20 -56.19 -52.85
C GLU A 128 -22.34 -54.72 -53.24
N VAL A 129 -21.41 -53.89 -52.80
CA VAL A 129 -21.46 -52.46 -53.15
C VAL A 129 -21.28 -52.29 -54.65
N ALA A 130 -20.41 -53.09 -55.27
CA ALA A 130 -20.17 -52.98 -56.70
C ALA A 130 -21.42 -53.29 -57.49
N GLU A 131 -22.13 -54.36 -57.13
CA GLU A 131 -23.35 -54.70 -57.85
C GLU A 131 -24.50 -53.75 -57.49
N ALA A 132 -24.44 -53.10 -56.33
CA ALA A 132 -25.47 -52.11 -56.00
C ALA A 132 -25.27 -50.80 -56.73
N LEU A 133 -24.02 -50.41 -57.01
CA LEU A 133 -23.73 -49.11 -57.59
C LEU A 133 -23.37 -49.19 -59.08
N LEU A 134 -22.36 -49.97 -59.42
CA LEU A 134 -21.85 -50.04 -60.80
C LEU A 134 -21.78 -51.49 -61.24
N PRO A 135 -22.91 -52.06 -61.68
CA PRO A 135 -22.92 -53.50 -61.98
C PRO A 135 -22.05 -53.90 -63.16
N GLU A 136 -22.02 -53.07 -64.22
CA GLU A 136 -21.37 -53.50 -65.46
C GLU A 136 -19.90 -53.76 -65.28
N SER A 137 -19.23 -52.96 -64.45
CA SER A 137 -17.81 -53.15 -64.17
C SER A 137 -17.55 -54.02 -62.95
N LYS A 138 -18.60 -54.55 -62.33
CA LYS A 138 -18.51 -55.29 -61.07
C LYS A 138 -17.34 -56.28 -61.07
N ALA A 139 -17.36 -57.21 -62.01
CA ALA A 139 -16.35 -58.27 -62.05
C ALA A 139 -14.95 -57.66 -62.07
N GLN A 140 -14.74 -56.64 -62.91
CA GLN A 140 -13.43 -56.02 -63.00
C GLN A 140 -12.97 -55.51 -61.64
N LEU A 141 -13.88 -54.88 -60.89
CA LEU A 141 -13.51 -54.38 -59.56
C LEU A 141 -13.03 -55.51 -58.68
N VAL A 142 -13.67 -56.67 -58.76
CA VAL A 142 -13.25 -57.82 -57.97
C VAL A 142 -11.80 -58.15 -58.26
N GLU A 143 -11.42 -58.09 -59.55
CA GLU A 143 -10.04 -58.37 -59.93
C GLU A 143 -9.07 -57.46 -59.18
N MET A 144 -9.45 -56.18 -59.00
CA MET A 144 -8.58 -55.27 -58.28
C MET A 144 -8.33 -55.77 -56.86
N LYS A 145 -9.37 -56.27 -56.20
CA LYS A 145 -9.19 -56.80 -54.85
C LYS A 145 -8.24 -57.98 -54.84
N LEU A 146 -8.18 -58.75 -55.92
CA LEU A 146 -7.25 -59.86 -55.99
C LEU A 146 -5.83 -59.41 -56.29
N SER A 147 -5.64 -58.17 -56.76
CA SER A 147 -4.31 -57.71 -57.11
C SER A 147 -3.46 -57.40 -55.88
N GLY A 148 -4.08 -57.08 -54.75
CA GLY A 148 -3.33 -56.69 -53.58
C GLY A 148 -2.76 -55.29 -53.63
N ASN A 149 -3.15 -54.49 -54.61
CA ASN A 149 -2.65 -53.13 -54.76
C ASN A 149 -3.77 -52.29 -55.37
N GLN A 150 -3.43 -51.05 -55.76
CA GLN A 150 -4.38 -50.12 -56.36
C GLN A 150 -5.57 -49.88 -55.43
N ASP A 151 -5.31 -49.86 -54.12
CA ASP A 151 -6.38 -49.62 -53.17
C ASP A 151 -6.93 -48.20 -53.29
N GLU A 152 -6.05 -47.22 -53.47
CA GLU A 152 -6.51 -45.84 -53.63
C GLU A 152 -7.33 -45.68 -54.90
N ALA A 153 -6.93 -46.34 -55.99
CA ALA A 153 -7.70 -46.27 -57.23
C ALA A 153 -9.07 -46.91 -57.06
N LEU A 154 -9.14 -48.06 -56.39
CA LEU A 154 -10.42 -48.71 -56.18
C LEU A 154 -11.33 -47.85 -55.29
N TYR A 155 -10.77 -47.26 -54.24
CA TYR A 155 -11.59 -46.41 -53.37
C TYR A 155 -12.07 -45.17 -54.12
N ARG A 156 -11.22 -44.56 -54.94
CA ARG A 156 -11.64 -43.41 -55.72
C ARG A 156 -12.73 -43.78 -56.70
N GLU A 157 -12.62 -44.94 -57.33
CA GLU A 157 -13.66 -45.39 -58.25
C GLU A 157 -14.98 -45.62 -57.52
N LEU A 158 -14.93 -46.24 -56.35
CA LEU A 158 -16.17 -46.51 -55.61
C LEU A 158 -16.81 -45.22 -55.11
N LEU A 159 -16.00 -44.27 -54.62
CA LEU A 159 -16.57 -43.06 -54.04
C LEU A 159 -17.31 -42.24 -55.09
N LEU A 160 -16.74 -42.11 -56.29
CA LEU A 160 -17.42 -41.35 -57.34
C LEU A 160 -18.69 -42.01 -57.81
N GLY A 161 -18.85 -43.32 -57.56
CA GLY A 161 -20.07 -44.00 -57.94
C GLY A 161 -21.27 -43.68 -57.06
N GLN A 162 -21.03 -43.19 -55.86
CA GLN A 162 -22.14 -42.82 -54.97
C GLN A 162 -22.79 -41.52 -55.43
N CYS A 163 -21.98 -40.54 -55.84
CA CYS A 163 -22.52 -39.25 -56.23
C CYS A 163 -23.40 -39.37 -57.47
N HIS A 164 -22.99 -40.19 -58.43
CA HIS A 164 -23.81 -40.39 -59.63
C HIS A 164 -25.16 -41.01 -59.26
N ALA A 165 -25.17 -41.94 -58.31
CA ALA A 165 -26.43 -42.52 -57.87
C ALA A 165 -27.29 -41.49 -57.16
N LEU A 166 -26.70 -40.64 -56.32
CA LEU A 166 -27.46 -39.64 -55.58
C LEU A 166 -27.88 -38.44 -56.42
N HIS A 167 -27.35 -38.32 -57.64
CA HIS A 167 -27.73 -37.19 -58.49
C HIS A 167 -29.24 -37.15 -58.73
N HIS A 168 -29.86 -38.31 -58.94
CA HIS A 168 -31.27 -38.35 -59.26
C HIS A 168 -32.11 -37.80 -58.11
N ALA A 169 -31.74 -38.13 -56.87
CA ALA A 169 -32.54 -37.72 -55.72
C ALA A 169 -32.47 -36.21 -55.50
N MET A 170 -31.27 -35.63 -55.51
CA MET A 170 -31.06 -34.22 -55.22
C MET A 170 -30.21 -33.59 -56.32
N PRO A 171 -30.82 -33.22 -57.44
CA PRO A 171 -30.04 -32.67 -58.55
C PRO A 171 -29.33 -31.37 -58.24
N PHE A 172 -29.76 -30.63 -57.22
CA PHE A 172 -29.16 -29.34 -56.92
C PHE A 172 -27.78 -29.46 -56.30
N LEU A 173 -27.34 -30.65 -55.94
CA LEU A 173 -26.06 -30.82 -55.26
C LEU A 173 -25.12 -31.79 -55.96
N PHE A 174 -25.65 -32.84 -56.59
CA PHE A 174 -24.83 -33.85 -57.26
C PHE A 174 -25.11 -33.84 -58.75
N GLU A 175 -24.10 -34.25 -59.52
CA GLU A 175 -24.20 -34.35 -60.97
C GLU A 175 -23.87 -35.77 -61.40
N ALA A 176 -24.47 -36.19 -62.53
CA ALA A 176 -24.29 -37.54 -63.04
C ALA A 176 -23.26 -37.61 -64.15
N VAL A 177 -23.41 -36.80 -65.19
CA VAL A 177 -22.47 -36.80 -66.30
C VAL A 177 -21.14 -36.26 -65.82
N ASP A 178 -20.08 -36.46 -66.60
CA ASP A 178 -18.76 -35.97 -66.23
C ASP A 178 -18.78 -34.46 -66.07
N ASP A 179 -18.17 -33.98 -64.98
CA ASP A 179 -18.15 -32.56 -64.66
C ASP A 179 -16.72 -32.14 -64.34
N GLU A 180 -16.55 -30.85 -64.05
CA GLU A 180 -15.22 -30.31 -63.82
C GLU A 180 -14.69 -30.69 -62.45
N ALA A 181 -15.58 -30.80 -61.46
CA ALA A 181 -15.13 -31.00 -60.08
C ALA A 181 -14.34 -32.29 -59.92
N GLU A 182 -14.61 -33.30 -60.75
CA GLU A 182 -13.88 -34.55 -60.64
C GLU A 182 -12.39 -34.35 -60.91
N LEU A 183 -12.03 -33.34 -61.70
CA LEU A 183 -10.62 -33.05 -61.94
C LEU A 183 -9.98 -32.33 -60.76
N LEU A 184 -10.76 -31.73 -59.88
CA LEU A 184 -10.23 -30.99 -58.74
C LEU A 184 -10.22 -31.81 -57.45
N LEU A 185 -10.65 -33.06 -57.50
CA LEU A 185 -10.65 -33.89 -56.29
C LEU A 185 -9.21 -34.22 -55.91
N PRO A 186 -8.82 -34.04 -54.65
CA PRO A 186 -7.44 -34.32 -54.26
C PRO A 186 -7.10 -35.78 -54.40
N ASP A 187 -5.80 -36.06 -54.42
CA ASP A 187 -5.30 -37.42 -54.49
C ASP A 187 -5.02 -37.94 -53.08
N ASN A 188 -4.56 -39.18 -53.00
CA ASN A 188 -4.23 -39.88 -51.75
C ASN A 188 -5.29 -39.65 -50.68
N LEU A 189 -6.51 -40.10 -51.00
CA LEU A 189 -7.63 -39.97 -50.09
C LEU A 189 -7.62 -40.99 -48.96
N THR A 190 -6.81 -42.05 -49.07
CA THR A 190 -6.80 -43.11 -48.08
C THR A 190 -5.55 -43.12 -47.21
N ARG A 191 -4.64 -42.16 -47.39
CA ARG A 191 -3.46 -42.10 -46.56
C ARG A 191 -3.77 -41.45 -45.21
N THR A 192 -2.82 -41.57 -44.29
CA THR A 192 -3.01 -41.03 -42.94
C THR A 192 -2.97 -39.51 -42.89
N ASP A 193 -2.48 -38.86 -43.93
CA ASP A 193 -2.40 -37.40 -43.97
C ASP A 193 -3.44 -36.79 -44.90
N SER A 194 -4.50 -37.54 -45.22
CA SER A 194 -5.51 -37.06 -46.14
C SER A 194 -6.41 -36.01 -45.47
N ILE A 195 -7.41 -35.54 -46.22
CA ILE A 195 -8.31 -34.52 -45.70
C ILE A 195 -9.54 -35.12 -45.04
N LEU A 196 -9.90 -36.37 -45.35
CA LEU A 196 -11.06 -37.00 -44.74
C LEU A 196 -10.87 -37.31 -43.27
N ARG A 197 -9.62 -37.44 -42.80
CA ARG A 197 -9.38 -37.81 -41.42
C ARG A 197 -9.91 -36.75 -40.46
N GLY A 198 -9.71 -35.48 -40.78
CA GLY A 198 -10.21 -34.43 -39.91
C GLY A 198 -11.71 -34.49 -39.75
N LEU A 199 -12.43 -34.64 -40.86
CA LEU A 199 -13.89 -34.74 -40.80
C LEU A 199 -14.32 -35.98 -40.04
N VAL A 200 -13.62 -37.10 -40.23
CA VAL A 200 -14.07 -38.36 -39.65
C VAL A 200 -13.87 -38.36 -38.13
N ASP A 201 -12.67 -37.98 -37.66
CA ASP A 201 -12.35 -38.19 -36.26
C ASP A 201 -12.20 -36.91 -35.44
N ASP A 202 -12.08 -35.74 -36.07
CA ASP A 202 -11.95 -34.51 -35.30
C ASP A 202 -13.28 -34.10 -34.68
N ILE A 203 -14.39 -34.40 -35.33
CA ILE A 203 -15.72 -34.11 -34.82
C ILE A 203 -16.19 -35.34 -34.03
N PRO A 204 -16.97 -35.16 -32.96
CA PRO A 204 -17.48 -36.33 -32.23
C PRO A 204 -18.52 -37.10 -33.02
N GLU A 205 -19.03 -38.17 -32.42
CA GLU A 205 -20.04 -39.00 -33.09
C GLU A 205 -21.47 -38.60 -32.74
N GLU A 206 -21.68 -38.02 -31.56
CA GLU A 206 -23.03 -37.67 -31.11
C GLU A 206 -23.53 -36.35 -31.67
N ASP A 207 -22.66 -35.55 -32.30
CA ASP A 207 -23.08 -34.26 -32.82
C ASP A 207 -23.92 -34.36 -34.08
N TRP A 208 -23.97 -35.53 -34.72
CA TRP A 208 -24.75 -35.71 -35.93
C TRP A 208 -26.14 -36.26 -35.65
N GLU A 209 -26.50 -36.46 -34.37
CA GLU A 209 -27.81 -37.02 -34.06
C GLU A 209 -28.92 -36.02 -34.35
N GLN A 210 -28.70 -34.74 -34.06
CA GLN A 210 -29.73 -33.73 -34.26
C GLN A 210 -29.69 -33.24 -35.70
N VAL A 211 -30.50 -32.22 -36.00
CA VAL A 211 -30.51 -31.58 -37.30
C VAL A 211 -29.99 -30.14 -37.24
N GLU A 212 -29.66 -29.65 -36.05
CA GLU A 212 -29.16 -28.29 -35.90
C GLU A 212 -27.68 -28.16 -36.24
N VAL A 213 -27.00 -29.27 -36.51
CA VAL A 213 -25.59 -29.21 -36.89
C VAL A 213 -25.43 -28.48 -38.22
N ILE A 214 -26.45 -28.52 -39.07
CA ILE A 214 -26.40 -27.83 -40.36
C ILE A 214 -26.21 -26.33 -40.17
N GLY A 215 -26.95 -25.75 -39.22
CA GLY A 215 -26.80 -24.33 -38.96
C GLY A 215 -25.41 -23.97 -38.45
N TRP A 216 -24.86 -24.80 -37.57
CA TRP A 216 -23.51 -24.54 -37.07
C TRP A 216 -22.48 -24.60 -38.20
N LEU A 217 -22.61 -25.59 -39.08
CA LEU A 217 -21.70 -25.66 -40.22
C LEU A 217 -21.87 -24.46 -41.13
N TYR A 218 -23.11 -24.01 -41.32
CA TYR A 218 -23.37 -22.84 -42.16
C TYR A 218 -22.75 -21.58 -41.57
N GLN A 219 -22.81 -21.43 -40.24
CA GLN A 219 -22.36 -20.18 -39.62
C GLN A 219 -20.84 -20.15 -39.43
N PHE A 220 -20.25 -21.24 -38.96
CA PHE A 220 -18.86 -21.20 -38.54
C PHE A 220 -17.87 -21.39 -39.69
N TYR A 221 -18.35 -21.62 -40.91
CA TYR A 221 -17.46 -21.89 -42.03
C TYR A 221 -16.85 -20.62 -42.62
N ILE A 222 -17.40 -19.45 -42.31
CA ILE A 222 -17.04 -18.22 -43.02
C ILE A 222 -16.61 -17.15 -42.01
N SER A 223 -16.35 -17.57 -40.78
CA SER A 223 -16.12 -16.61 -39.70
C SER A 223 -14.87 -15.77 -39.92
N GLU A 224 -13.79 -16.39 -40.40
CA GLU A 224 -12.54 -15.66 -40.57
C GLU A 224 -12.69 -14.56 -41.63
N LYS A 225 -13.29 -14.90 -42.77
CA LYS A 225 -13.50 -13.89 -43.82
C LYS A 225 -14.47 -12.81 -43.35
N LYS A 226 -15.48 -13.19 -42.58
CA LYS A 226 -16.40 -12.18 -42.03
C LYS A 226 -15.64 -11.20 -41.14
N ASP A 227 -14.77 -11.72 -40.27
CA ASP A 227 -13.99 -10.85 -39.41
C ASP A 227 -13.02 -9.99 -40.21
N ALA A 228 -12.53 -10.50 -41.34
CA ALA A 228 -11.58 -9.75 -42.13
C ALA A 228 -12.23 -8.61 -42.90
N VAL A 229 -13.45 -8.80 -43.41
CA VAL A 229 -14.03 -7.86 -44.36
C VAL A 229 -15.06 -6.92 -43.70
N ILE A 230 -14.99 -6.73 -42.38
CA ILE A 230 -16.00 -5.94 -41.69
C ILE A 230 -15.68 -4.45 -41.74
N GLY A 231 -14.46 -4.07 -41.40
CA GLY A 231 -14.15 -2.66 -41.20
C GLY A 231 -13.80 -1.87 -42.45
N LYS A 232 -14.45 -2.18 -43.57
CA LYS A 232 -14.17 -1.51 -44.83
C LYS A 232 -15.49 -1.33 -45.59
N VAL A 233 -15.40 -0.97 -46.86
CA VAL A 233 -16.55 -0.89 -47.75
C VAL A 233 -16.66 -2.23 -48.47
N VAL A 234 -17.66 -3.02 -48.08
CA VAL A 234 -17.81 -4.37 -48.62
C VAL A 234 -18.35 -4.29 -50.04
N LYS A 235 -17.68 -4.96 -50.97
CA LYS A 235 -18.09 -4.99 -52.36
C LYS A 235 -19.10 -6.11 -52.60
N SER A 236 -19.52 -6.25 -53.85
CA SER A 236 -20.60 -7.18 -54.17
C SER A 236 -20.23 -8.62 -53.91
N GLU A 237 -18.98 -9.01 -54.20
CA GLU A 237 -18.57 -10.39 -54.01
C GLU A 237 -18.56 -10.82 -52.55
N ASP A 238 -18.39 -9.87 -51.63
CA ASP A 238 -18.30 -10.19 -50.21
C ASP A 238 -19.57 -9.90 -49.45
N ILE A 239 -20.68 -9.63 -50.14
CA ILE A 239 -21.95 -9.38 -49.46
C ILE A 239 -22.40 -10.58 -48.64
N PRO A 240 -22.46 -11.81 -49.19
CA PRO A 240 -22.88 -12.94 -48.34
C PRO A 240 -21.96 -13.20 -47.16
N ALA A 241 -20.67 -12.98 -47.31
CA ALA A 241 -19.74 -13.30 -46.24
C ALA A 241 -19.83 -12.34 -45.06
N ALA A 242 -20.53 -11.23 -45.19
CA ALA A 242 -20.60 -10.22 -44.15
C ALA A 242 -21.95 -10.15 -43.43
N THR A 243 -22.95 -10.88 -43.90
CA THR A 243 -24.30 -10.79 -43.32
C THR A 243 -24.91 -12.18 -43.15
N GLN A 244 -24.14 -13.12 -42.62
CA GLN A 244 -24.62 -14.48 -42.39
C GLN A 244 -24.57 -14.78 -40.90
N LEU A 245 -25.68 -15.29 -40.36
CA LEU A 245 -25.82 -15.49 -38.93
C LEU A 245 -26.75 -16.69 -38.71
N PHE A 246 -27.07 -16.95 -37.44
CA PHE A 246 -27.95 -18.05 -37.06
C PHE A 246 -28.99 -17.52 -36.08
N THR A 247 -30.20 -18.08 -36.14
CA THR A 247 -31.31 -17.56 -35.36
C THR A 247 -31.76 -18.57 -34.32
N PRO A 248 -31.95 -18.16 -33.07
CA PRO A 248 -32.46 -19.09 -32.05
C PRO A 248 -33.87 -19.54 -32.36
N ASN A 249 -34.22 -20.72 -31.84
CA ASN A 249 -35.42 -21.42 -32.27
C ASN A 249 -36.70 -20.80 -31.73
N TRP A 250 -36.69 -20.31 -30.49
CA TRP A 250 -37.92 -19.82 -29.89
C TRP A 250 -38.44 -18.58 -30.61
N ILE A 251 -37.54 -17.71 -31.07
CA ILE A 251 -37.96 -16.55 -31.85
C ILE A 251 -38.64 -17.00 -33.14
N VAL A 252 -38.06 -18.01 -33.81
CA VAL A 252 -38.65 -18.51 -35.05
C VAL A 252 -40.03 -19.09 -34.80
N GLN A 253 -40.19 -19.85 -33.72
CA GLN A 253 -41.50 -20.39 -33.40
C GLN A 253 -42.51 -19.27 -33.13
N TYR A 254 -42.08 -18.24 -32.39
CA TYR A 254 -42.97 -17.12 -32.11
C TYR A 254 -43.41 -16.43 -33.40
N LEU A 255 -42.49 -16.23 -34.33
CA LEU A 255 -42.84 -15.57 -35.59
C LEU A 255 -43.78 -16.44 -36.43
N VAL A 256 -43.48 -17.72 -36.55
CA VAL A 256 -44.25 -18.57 -37.46
C VAL A 256 -45.64 -18.84 -36.92
N GLN A 257 -45.76 -19.11 -35.62
CA GLN A 257 -47.05 -19.53 -35.08
C GLN A 257 -48.08 -18.41 -35.06
N ASN A 258 -47.67 -17.16 -35.19
CA ASN A 258 -48.60 -16.04 -35.16
C ASN A 258 -48.98 -15.51 -36.54
N SER A 259 -48.58 -16.20 -37.61
CA SER A 259 -48.88 -15.75 -38.96
C SER A 259 -49.70 -16.75 -39.77
N VAL A 260 -49.41 -18.05 -39.65
CA VAL A 260 -50.15 -19.07 -40.36
C VAL A 260 -51.22 -19.64 -39.45
N GLY A 261 -50.82 -20.03 -38.24
CA GLY A 261 -51.78 -20.52 -37.27
C GLY A 261 -52.83 -19.51 -36.93
N ARG A 262 -52.49 -18.23 -36.91
CA ARG A 262 -53.48 -17.19 -36.65
C ARG A 262 -54.55 -17.18 -37.72
N GLN A 263 -54.16 -17.30 -38.99
CA GLN A 263 -55.14 -17.36 -40.07
C GLN A 263 -56.03 -18.59 -39.95
N TRP A 264 -55.41 -19.75 -39.67
CA TRP A 264 -56.20 -20.98 -39.56
C TRP A 264 -57.20 -20.88 -38.40
N LEU A 265 -56.77 -20.33 -37.27
CA LEU A 265 -57.67 -20.21 -36.13
C LEU A 265 -58.74 -19.15 -36.35
N GLN A 266 -58.43 -18.11 -37.14
CA GLN A 266 -59.46 -17.15 -37.51
C GLN A 266 -60.55 -17.81 -38.34
N THR A 267 -60.16 -18.68 -39.28
CA THR A 267 -61.17 -19.37 -40.07
C THR A 267 -61.97 -20.36 -39.23
N TYR A 268 -61.27 -21.17 -38.43
CA TYR A 268 -61.92 -22.15 -37.55
C TYR A 268 -61.57 -21.83 -36.11
N PRO A 269 -62.50 -21.28 -35.33
CA PRO A 269 -62.13 -20.78 -33.99
C PRO A 269 -61.87 -21.86 -32.97
N ASP A 270 -62.46 -23.04 -33.12
CA ASP A 270 -62.38 -24.09 -32.11
C ASP A 270 -61.64 -25.32 -32.63
N SER A 271 -60.55 -25.10 -33.36
CA SER A 271 -59.73 -26.19 -33.83
C SER A 271 -58.90 -26.78 -32.70
N PRO A 272 -58.57 -28.07 -32.77
CA PRO A 272 -57.67 -28.68 -31.78
C PRO A 272 -56.21 -28.35 -31.99
N LEU A 273 -55.89 -27.38 -32.85
CA LEU A 273 -54.51 -26.94 -33.04
C LEU A 273 -54.07 -25.93 -31.99
N LYS A 274 -54.99 -25.42 -31.16
CA LYS A 274 -54.64 -24.39 -30.19
C LYS A 274 -53.62 -24.89 -29.19
N ASP A 275 -53.78 -26.10 -28.68
CA ASP A 275 -52.87 -26.64 -27.68
C ASP A 275 -51.57 -27.17 -28.27
N LYS A 276 -51.49 -27.35 -29.59
CA LYS A 276 -50.23 -27.76 -30.20
C LYS A 276 -49.21 -26.63 -30.18
N MET A 277 -49.68 -25.39 -30.25
CA MET A 277 -48.82 -24.22 -30.33
C MET A 277 -48.80 -23.51 -28.98
N GLU A 278 -47.61 -23.25 -28.45
CA GLU A 278 -47.47 -22.68 -27.11
C GLU A 278 -47.11 -21.20 -27.13
N TYR A 279 -46.71 -20.65 -28.27
CA TYR A 279 -46.40 -19.24 -28.38
C TYR A 279 -47.52 -18.43 -29.03
N TYR A 280 -48.68 -19.05 -29.28
CA TYR A 280 -49.81 -18.33 -29.83
C TYR A 280 -50.35 -17.35 -28.80
N ILE A 281 -50.67 -16.14 -29.25
CA ILE A 281 -51.10 -15.06 -28.37
C ILE A 281 -52.52 -14.64 -28.77
N GLU A 282 -53.43 -14.68 -27.81
CA GLU A 282 -54.82 -14.41 -28.08
C GLU A 282 -55.08 -12.90 -28.17
N PRO A 283 -56.06 -12.48 -28.97
CA PRO A 283 -56.44 -11.06 -29.00
C PRO A 283 -57.03 -10.65 -27.66
N ALA A 284 -56.85 -9.37 -27.32
CA ALA A 284 -57.25 -8.90 -26.00
C ALA A 284 -58.75 -8.65 -25.92
N GLU A 285 -59.23 -7.66 -26.66
CA GLU A 285 -60.64 -7.26 -26.65
C GLU A 285 -60.88 -6.23 -27.73
N GLN A 286 -62.07 -6.22 -28.33
CA GLN A 286 -62.34 -5.32 -29.44
C GLN A 286 -63.71 -4.69 -29.29
N THR A 287 -63.87 -3.50 -29.85
CA THR A 287 -65.14 -2.81 -29.86
C THR A 287 -66.09 -3.48 -30.86
N PRO A 288 -67.40 -3.27 -30.72
CA PRO A 288 -68.33 -3.90 -31.66
C PRO A 288 -68.10 -3.54 -33.12
N GLU A 289 -67.66 -2.30 -33.41
CA GLU A 289 -67.49 -1.89 -34.80
C GLU A 289 -66.37 -2.67 -35.47
N VAL A 290 -65.20 -2.74 -34.83
CA VAL A 290 -64.09 -3.48 -35.42
C VAL A 290 -64.41 -4.96 -35.48
N GLN A 291 -65.14 -5.49 -34.50
CA GLN A 291 -65.55 -6.89 -34.55
C GLN A 291 -66.43 -7.15 -35.77
N ALA A 292 -67.39 -6.26 -36.02
CA ALA A 292 -68.27 -6.42 -37.18
C ALA A 292 -67.47 -6.33 -38.48
N GLN A 293 -66.54 -5.37 -38.56
CA GLN A 293 -65.73 -5.24 -39.77
C GLN A 293 -64.90 -6.49 -40.01
N LEU A 294 -64.27 -7.01 -38.96
CA LEU A 294 -63.44 -8.21 -39.09
C LEU A 294 -64.28 -9.41 -39.48
N ALA A 295 -65.48 -9.54 -38.91
CA ALA A 295 -66.36 -10.63 -39.29
C ALA A 295 -66.79 -10.51 -40.75
N ALA A 296 -67.05 -9.28 -41.21
CA ALA A 296 -67.43 -9.09 -42.60
C ALA A 296 -66.29 -9.46 -43.55
N ILE A 297 -65.05 -9.12 -43.19
CA ILE A 297 -63.92 -9.39 -44.08
C ILE A 297 -63.39 -10.82 -43.97
N THR A 298 -63.78 -11.56 -42.93
CA THR A 298 -63.27 -12.91 -42.73
C THR A 298 -63.92 -13.89 -43.71
N PRO A 299 -63.13 -14.74 -44.38
CA PRO A 299 -63.70 -15.75 -45.26
C PRO A 299 -64.37 -16.87 -44.48
N ALA A 300 -64.97 -17.83 -45.19
CA ALA A 300 -65.71 -18.92 -44.55
C ALA A 300 -64.91 -20.21 -44.46
N SER A 301 -64.41 -20.71 -45.59
CA SER A 301 -63.67 -21.97 -45.62
C SER A 301 -62.43 -21.81 -46.48
N ILE A 302 -61.38 -22.55 -46.11
CA ILE A 302 -60.12 -22.55 -46.85
C ILE A 302 -59.62 -23.98 -46.97
N GLU A 303 -59.02 -24.29 -48.12
CA GLU A 303 -58.45 -25.62 -48.36
C GLU A 303 -56.95 -25.60 -48.13
N PRO A 304 -56.39 -26.70 -47.61
CA PRO A 304 -54.97 -26.70 -47.23
C PRO A 304 -54.01 -26.47 -48.39
N GLU A 305 -54.43 -26.72 -49.63
CA GLU A 305 -53.53 -26.61 -50.77
C GLU A 305 -53.44 -25.19 -51.32
N SER A 306 -53.95 -24.19 -50.61
CA SER A 306 -53.94 -22.81 -51.07
C SER A 306 -53.26 -21.89 -50.07
N ILE A 307 -52.25 -22.40 -49.36
CA ILE A 307 -51.47 -21.62 -48.41
C ILE A 307 -50.06 -21.47 -48.98
N LYS A 308 -49.58 -20.24 -49.05
CA LYS A 308 -48.28 -19.94 -49.62
C LYS A 308 -47.40 -19.28 -48.58
N VAL A 309 -46.15 -19.73 -48.46
CA VAL A 309 -45.19 -19.17 -47.53
C VAL A 309 -43.91 -18.86 -48.30
N LEU A 310 -43.36 -17.66 -48.09
CA LEU A 310 -42.15 -17.23 -48.76
C LEU A 310 -41.11 -16.77 -47.75
N ASP A 311 -39.85 -17.11 -48.03
CA ASP A 311 -38.71 -16.66 -47.24
C ASP A 311 -37.75 -15.93 -48.16
N PRO A 312 -37.75 -14.60 -48.17
CA PRO A 312 -36.87 -13.86 -49.09
C PRO A 312 -35.38 -14.10 -48.84
N ALA A 313 -34.98 -14.57 -47.67
CA ALA A 313 -33.58 -14.87 -47.37
C ALA A 313 -33.56 -16.21 -46.65
N CYS A 314 -33.35 -17.28 -47.43
CA CYS A 314 -33.42 -18.64 -46.87
C CYS A 314 -32.33 -18.87 -45.83
N GLY A 315 -31.09 -18.59 -46.19
CA GLY A 315 -29.99 -18.90 -45.29
C GLY A 315 -29.88 -20.40 -45.06
N SER A 316 -29.86 -20.80 -43.80
CA SER A 316 -29.75 -22.22 -43.47
C SER A 316 -31.05 -22.97 -43.72
N GLY A 317 -32.19 -22.30 -43.64
CA GLY A 317 -33.47 -22.94 -43.77
C GLY A 317 -34.16 -23.27 -42.47
N HIS A 318 -34.00 -22.44 -41.44
CA HIS A 318 -34.57 -22.72 -40.13
C HIS A 318 -36.08 -22.46 -40.10
N ILE A 319 -36.54 -21.42 -40.79
CA ILE A 319 -37.95 -21.05 -40.76
C ILE A 319 -38.80 -22.07 -41.50
N LEU A 320 -38.28 -22.61 -42.60
CA LEU A 320 -39.05 -23.56 -43.40
C LEU A 320 -39.37 -24.83 -42.63
N THR A 321 -38.49 -25.24 -41.71
CA THR A 321 -38.77 -26.42 -40.90
C THR A 321 -39.99 -26.21 -40.01
N GLU A 322 -40.06 -25.06 -39.35
CA GLU A 322 -41.22 -24.78 -38.50
C GLU A 322 -42.49 -24.64 -39.32
N ALA A 323 -42.40 -24.00 -40.49
CA ALA A 323 -43.56 -23.94 -41.38
C ALA A 323 -44.01 -25.33 -41.78
N TYR A 324 -43.07 -26.23 -42.05
CA TYR A 324 -43.38 -27.60 -42.38
C TYR A 324 -44.12 -28.28 -41.23
N ASN A 325 -43.66 -28.08 -40.00
CA ASN A 325 -44.30 -28.70 -38.85
C ASN A 325 -45.74 -28.24 -38.71
N VAL A 326 -45.96 -26.92 -38.81
CA VAL A 326 -47.31 -26.40 -38.65
C VAL A 326 -48.23 -26.91 -39.76
N LEU A 327 -47.74 -26.91 -40.99
CA LEU A 327 -48.56 -27.38 -42.10
C LEU A 327 -48.88 -28.88 -41.97
N LYS A 328 -47.92 -29.66 -41.48
CA LYS A 328 -48.18 -31.07 -41.24
C LYS A 328 -49.29 -31.25 -40.20
N ALA A 329 -49.25 -30.46 -39.13
CA ALA A 329 -50.31 -30.53 -38.13
C ALA A 329 -51.67 -30.20 -38.74
N ILE A 330 -51.72 -29.17 -39.58
CA ILE A 330 -52.99 -28.78 -40.21
C ILE A 330 -53.50 -29.90 -41.10
N TYR A 331 -52.62 -30.48 -41.92
CA TYR A 331 -53.03 -31.57 -42.81
C TYR A 331 -53.54 -32.76 -42.03
N GLU A 332 -52.86 -33.14 -40.94
CA GLU A 332 -53.32 -34.26 -40.13
C GLU A 332 -54.68 -33.96 -39.51
N GLU A 333 -54.89 -32.73 -39.04
CA GLU A 333 -56.18 -32.37 -38.48
C GLU A 333 -57.28 -32.48 -39.52
N ARG A 334 -57.03 -32.03 -40.75
CA ARG A 334 -58.04 -32.13 -41.80
C ARG A 334 -58.34 -33.59 -42.15
N GLY A 335 -57.33 -34.45 -42.20
CA GLY A 335 -57.54 -35.85 -42.49
C GLY A 335 -56.96 -36.29 -43.81
N TYR A 336 -55.77 -36.90 -43.76
CA TYR A 336 -55.07 -37.36 -44.95
C TYR A 336 -54.21 -38.54 -44.58
N ARG A 337 -53.80 -39.30 -45.60
CA ARG A 337 -52.85 -40.38 -45.39
C ARG A 337 -51.50 -39.82 -44.94
N THR A 338 -50.90 -40.48 -43.96
CA THR A 338 -49.62 -40.01 -43.42
C THR A 338 -48.46 -40.18 -44.39
N ARG A 339 -48.64 -40.93 -45.48
CA ARG A 339 -47.59 -41.12 -46.46
C ARG A 339 -47.66 -40.12 -47.61
N ASP A 340 -48.72 -39.33 -47.70
CA ASP A 340 -48.92 -38.41 -48.82
C ASP A 340 -48.75 -36.95 -48.43
N ILE A 341 -48.48 -36.66 -47.16
CA ILE A 341 -48.39 -35.28 -46.68
C ILE A 341 -47.08 -34.63 -47.10
N PRO A 342 -45.90 -35.23 -46.85
CA PRO A 342 -44.66 -34.52 -47.20
C PRO A 342 -44.55 -34.17 -48.67
N GLN A 343 -45.05 -35.04 -49.54
CA GLN A 343 -45.03 -34.75 -50.97
C GLN A 343 -45.79 -33.48 -51.29
N LEU A 344 -47.03 -33.38 -50.79
CA LEU A 344 -47.84 -32.19 -51.05
C LEU A 344 -47.21 -30.94 -50.44
N ILE A 345 -46.69 -31.05 -49.22
CA ILE A 345 -46.10 -29.89 -48.55
C ILE A 345 -44.92 -29.37 -49.36
N LEU A 346 -44.04 -30.27 -49.80
CA LEU A 346 -42.89 -29.83 -50.57
C LEU A 346 -43.27 -29.40 -51.98
N GLU A 347 -44.41 -29.86 -52.50
CA GLU A 347 -44.79 -29.50 -53.86
C GLU A 347 -45.41 -28.11 -53.93
N ASN A 348 -46.41 -27.82 -53.09
CA ASN A 348 -47.18 -26.60 -53.31
C ASN A 348 -47.44 -25.86 -52.01
N ASN A 349 -46.45 -25.79 -51.12
CA ASN A 349 -46.59 -24.94 -49.94
C ASN A 349 -45.35 -24.17 -49.53
N ILE A 350 -44.16 -24.51 -50.03
CA ILE A 350 -42.91 -23.92 -49.54
C ILE A 350 -42.18 -23.27 -50.70
N PHE A 351 -41.74 -22.03 -50.50
CA PHE A 351 -40.96 -21.29 -51.48
C PHE A 351 -39.84 -20.55 -50.76
N GLY A 352 -38.77 -20.25 -51.49
CA GLY A 352 -37.66 -19.54 -50.89
C GLY A 352 -36.70 -19.01 -51.93
N LEU A 353 -35.89 -18.05 -51.50
CA LEU A 353 -34.92 -17.39 -52.36
C LEU A 353 -33.69 -17.02 -51.55
N ASP A 354 -32.57 -16.84 -52.24
CA ASP A 354 -31.34 -16.39 -51.59
C ASP A 354 -30.39 -15.86 -52.65
N ILE A 355 -29.27 -15.30 -52.18
CA ILE A 355 -28.28 -14.70 -53.07
C ILE A 355 -27.04 -15.56 -53.24
N ASP A 356 -26.87 -16.60 -52.44
CA ASP A 356 -25.69 -17.45 -52.47
C ASP A 356 -26.08 -18.89 -52.75
N ASP A 357 -25.20 -19.61 -53.44
CA ASP A 357 -25.46 -21.00 -53.80
C ASP A 357 -25.28 -21.95 -52.61
N ARG A 358 -24.32 -21.66 -51.73
CA ARG A 358 -24.09 -22.52 -50.58
C ARG A 358 -25.32 -22.59 -49.69
N ALA A 359 -25.97 -21.45 -49.46
CA ALA A 359 -27.18 -21.43 -48.65
C ALA A 359 -28.30 -22.23 -49.31
N ALA A 360 -28.43 -22.12 -50.63
CA ALA A 360 -29.45 -22.89 -51.33
C ALA A 360 -29.22 -24.39 -51.18
N GLN A 361 -27.97 -24.83 -51.35
CA GLN A 361 -27.66 -26.24 -51.21
C GLN A 361 -27.99 -26.73 -49.80
N LEU A 362 -27.58 -25.97 -48.78
CA LEU A 362 -27.82 -26.38 -47.40
C LEU A 362 -29.32 -26.42 -47.09
N SER A 363 -30.07 -25.42 -47.56
CA SER A 363 -31.51 -25.41 -47.30
C SER A 363 -32.21 -26.58 -47.96
N GLY A 364 -31.86 -26.87 -49.21
CA GLY A 364 -32.46 -28.02 -49.88
C GLY A 364 -32.15 -29.32 -49.18
N PHE A 365 -30.89 -29.50 -48.76
CA PHE A 365 -30.53 -30.73 -48.05
C PHE A 365 -31.29 -30.86 -46.74
N ALA A 366 -31.43 -29.76 -46.00
CA ALA A 366 -32.15 -29.81 -44.73
C ALA A 366 -33.62 -30.16 -44.94
N MET A 367 -34.25 -29.57 -45.97
CA MET A 367 -35.65 -29.89 -46.23
C MET A 367 -35.83 -31.35 -46.61
N LEU A 368 -34.94 -31.87 -47.46
CA LEU A 368 -35.06 -33.28 -47.86
C LEU A 368 -34.83 -34.20 -46.68
N MET A 369 -33.87 -33.88 -45.81
CA MET A 369 -33.62 -34.71 -44.64
C MET A 369 -34.83 -34.72 -43.70
N LEU A 370 -35.44 -33.55 -43.47
CA LEU A 370 -36.62 -33.49 -42.63
C LEU A 370 -37.77 -34.28 -43.23
N ALA A 371 -37.94 -34.22 -44.55
CA ALA A 371 -38.99 -35.01 -45.20
C ALA A 371 -38.74 -36.50 -45.05
N ARG A 372 -37.50 -36.93 -45.25
CA ARG A 372 -37.17 -38.36 -45.11
C ARG A 372 -37.25 -38.84 -43.68
N GLN A 373 -37.20 -37.94 -42.70
CA GLN A 373 -37.32 -38.35 -41.30
C GLN A 373 -38.64 -39.05 -41.00
N ASP A 374 -39.67 -38.82 -41.82
CA ASP A 374 -40.98 -39.42 -41.60
C ASP A 374 -41.51 -40.11 -42.86
N ASP A 375 -40.64 -40.52 -43.76
CA ASP A 375 -41.06 -41.22 -44.97
C ASP A 375 -39.88 -42.01 -45.51
N ARG A 376 -40.18 -43.06 -46.28
CA ARG A 376 -39.14 -43.91 -46.84
C ARG A 376 -39.26 -44.02 -48.36
N ARG A 377 -40.49 -44.04 -48.88
CA ARG A 377 -40.68 -44.09 -50.32
C ARG A 377 -40.21 -42.81 -51.00
N ILE A 378 -39.97 -41.74 -50.25
CA ILE A 378 -39.44 -40.50 -50.81
C ILE A 378 -37.98 -40.74 -51.18
N LEU A 379 -37.39 -39.80 -51.91
CA LEU A 379 -36.00 -39.86 -52.36
C LEU A 379 -35.84 -40.87 -53.49
N GLY A 380 -36.91 -41.60 -53.80
CA GLY A 380 -36.89 -42.50 -54.93
C GLY A 380 -37.82 -42.01 -56.02
N ARG A 381 -38.52 -40.92 -55.74
CA ARG A 381 -39.47 -40.32 -56.67
C ARG A 381 -39.04 -38.89 -56.96
N GLY A 382 -39.19 -38.49 -58.22
CA GLY A 382 -38.77 -37.17 -58.64
C GLY A 382 -39.62 -36.06 -58.06
N VAL A 383 -39.04 -35.28 -57.15
CA VAL A 383 -39.74 -34.17 -56.49
C VAL A 383 -38.95 -32.90 -56.74
N ARG A 384 -39.63 -31.85 -57.18
CA ARG A 384 -39.00 -30.57 -57.48
C ARG A 384 -39.21 -29.62 -56.31
N LEU A 385 -38.12 -29.01 -55.86
CA LEU A 385 -38.16 -28.04 -54.76
C LEU A 385 -38.05 -26.63 -55.35
N ASN A 386 -38.93 -25.75 -54.89
CA ASN A 386 -38.93 -24.37 -55.36
C ASN A 386 -38.04 -23.48 -54.49
N ILE A 387 -36.79 -23.89 -54.33
CA ILE A 387 -35.77 -23.11 -53.64
C ILE A 387 -34.62 -22.91 -54.61
N VAL A 388 -34.37 -21.66 -54.98
CA VAL A 388 -33.41 -21.33 -56.02
C VAL A 388 -32.60 -20.12 -55.58
N SER A 389 -31.48 -19.90 -56.26
CA SER A 389 -30.60 -18.77 -56.01
C SER A 389 -30.58 -17.86 -57.24
N LEU A 390 -30.60 -16.57 -57.00
CA LEU A 390 -30.64 -15.60 -58.09
C LEU A 390 -29.32 -15.59 -58.86
N GLN A 391 -29.43 -15.39 -60.18
CA GLN A 391 -28.27 -15.44 -61.05
C GLN A 391 -28.37 -14.34 -62.10
N GLU A 392 -27.21 -13.95 -62.62
CA GLU A 392 -27.13 -12.91 -63.64
C GLU A 392 -27.66 -13.42 -64.97
N SER A 393 -28.11 -12.49 -65.80
CA SER A 393 -28.71 -12.79 -67.10
C SER A 393 -28.04 -11.98 -68.19
N LYS A 394 -26.70 -12.00 -68.21
CA LYS A 394 -25.93 -11.26 -69.21
C LYS A 394 -25.57 -12.12 -70.42
N LEU A 395 -26.35 -13.14 -70.72
CA LEU A 395 -26.06 -14.07 -71.81
C LEU A 395 -27.19 -14.03 -72.82
N ASP A 396 -26.85 -13.75 -74.07
CA ASP A 396 -27.78 -13.80 -75.20
C ASP A 396 -27.12 -14.67 -76.28
N ILE A 397 -27.31 -15.98 -76.16
CA ILE A 397 -26.66 -16.92 -77.06
C ILE A 397 -27.44 -16.98 -78.37
N ALA A 398 -26.72 -17.02 -79.49
CA ALA A 398 -27.37 -17.16 -80.78
C ALA A 398 -28.09 -18.49 -80.91
N GLU A 399 -27.50 -19.56 -80.35
CA GLU A 399 -28.09 -20.88 -80.47
C GLU A 399 -29.46 -20.93 -79.78
N VAL A 400 -29.56 -20.38 -78.57
CA VAL A 400 -30.86 -20.35 -77.90
C VAL A 400 -31.75 -19.32 -78.59
N TRP A 401 -33.06 -19.45 -78.34
CA TRP A 401 -34.13 -18.66 -78.95
C TRP A 401 -34.08 -18.70 -80.48
N THR A 402 -33.22 -19.56 -81.02
CA THR A 402 -33.19 -19.86 -82.44
C THR A 402 -33.34 -21.35 -82.71
N LYS A 403 -32.58 -22.19 -82.02
CA LYS A 403 -32.70 -23.64 -82.14
C LYS A 403 -33.69 -24.22 -81.15
N LEU A 404 -34.00 -23.52 -80.07
CA LEU A 404 -34.90 -24.05 -79.05
C LEU A 404 -36.29 -24.32 -79.63
N ASN A 405 -36.80 -23.42 -80.47
CA ASN A 405 -38.16 -23.54 -80.98
C ASN A 405 -38.31 -24.81 -81.80
N PHE A 406 -39.23 -25.67 -81.38
CA PHE A 406 -39.59 -26.88 -82.11
C PHE A 406 -38.38 -27.75 -82.44
N ALA A 431 -44.74 -13.96 -80.20
CA ALA A 431 -45.57 -13.68 -79.04
C ALA A 431 -44.81 -13.93 -77.75
N GLU A 432 -44.31 -15.15 -77.59
CA GLU A 432 -43.55 -15.50 -76.39
C GLU A 432 -42.18 -14.82 -76.37
N TYR A 433 -41.65 -14.47 -77.55
CA TYR A 433 -40.36 -13.80 -77.59
C TYR A 433 -40.41 -12.43 -76.94
N LYS A 434 -41.54 -11.72 -77.10
CA LYS A 434 -41.70 -10.43 -76.43
C LYS A 434 -41.65 -10.61 -74.91
N LEU A 435 -42.35 -11.61 -74.40
CA LEU A 435 -42.32 -11.87 -72.96
C LEU A 435 -40.92 -12.23 -72.50
N LEU A 436 -40.22 -13.08 -73.25
CA LEU A 436 -38.88 -13.49 -72.86
C LEU A 436 -37.92 -12.31 -72.83
N MET A 437 -37.97 -11.46 -73.85
CA MET A 437 -37.06 -10.32 -73.90
C MET A 437 -37.43 -9.26 -72.86
N ARG A 438 -38.70 -9.15 -72.51
CA ARG A 438 -39.08 -8.23 -71.44
C ARG A 438 -38.61 -8.74 -70.09
N THR A 439 -38.73 -10.04 -69.84
CA THR A 439 -38.40 -10.56 -68.52
C THR A 439 -36.93 -10.86 -68.34
N LEU A 440 -36.16 -10.96 -69.42
CA LEU A 440 -34.74 -11.25 -69.29
C LEU A 440 -33.88 -10.01 -69.06
N ALA A 441 -34.45 -8.82 -69.21
CA ALA A 441 -33.71 -7.58 -69.02
C ALA A 441 -33.80 -7.04 -67.60
N LEU A 442 -34.60 -7.66 -66.73
CA LEU A 442 -34.72 -7.21 -65.36
C LEU A 442 -33.57 -7.68 -64.47
N PHE A 443 -32.88 -8.74 -64.86
CA PHE A 443 -31.84 -9.35 -64.04
C PHE A 443 -30.44 -9.07 -64.59
N THR A 444 -30.23 -7.89 -65.17
CA THR A 444 -28.91 -7.53 -65.67
C THR A 444 -27.90 -7.36 -64.55
N SER A 445 -28.35 -7.04 -63.34
CA SER A 445 -27.47 -6.96 -62.17
C SER A 445 -28.25 -7.54 -60.99
N ALA A 446 -28.17 -8.86 -60.84
CA ALA A 446 -28.92 -9.56 -59.79
C ALA A 446 -28.06 -10.06 -58.66
N LYS A 447 -26.73 -10.06 -58.81
CA LYS A 447 -25.85 -10.45 -57.73
C LYS A 447 -25.54 -9.30 -56.78
N THR A 448 -26.08 -8.11 -57.03
CA THR A 448 -25.93 -6.98 -56.14
C THR A 448 -27.24 -6.56 -55.49
N LEU A 449 -28.34 -6.49 -56.25
CA LEU A 449 -29.62 -6.07 -55.68
C LEU A 449 -30.26 -7.19 -54.87
N GLY A 450 -30.52 -8.33 -55.52
CA GLY A 450 -31.07 -9.47 -54.83
C GLY A 450 -32.58 -9.57 -55.01
N SER A 451 -33.30 -9.75 -53.90
CA SER A 451 -34.73 -9.94 -53.93
C SER A 451 -35.51 -8.63 -53.99
N LEU A 452 -34.82 -7.50 -54.16
CA LEU A 452 -35.49 -6.20 -54.22
C LEU A 452 -36.04 -5.89 -55.61
N ILE A 453 -35.84 -6.77 -56.58
CA ILE A 453 -36.40 -6.58 -57.91
C ILE A 453 -37.89 -6.88 -57.89
N GLN A 454 -38.65 -6.15 -58.69
CA GLN A 454 -40.10 -6.32 -58.75
C GLN A 454 -40.52 -6.76 -60.14
N VAL A 455 -41.43 -7.74 -60.19
CA VAL A 455 -41.93 -8.29 -61.44
C VAL A 455 -43.44 -8.06 -61.50
N PRO A 456 -43.98 -7.63 -62.64
CA PRO A 456 -45.42 -7.38 -62.72
C PRO A 456 -46.25 -8.62 -62.45
N GLN A 457 -47.40 -8.41 -61.82
CA GLN A 457 -48.29 -9.52 -61.47
C GLN A 457 -48.95 -10.13 -62.71
N GLU A 458 -49.23 -9.32 -63.73
CA GLU A 458 -49.99 -9.78 -64.88
C GLU A 458 -49.28 -10.85 -65.70
N ASP A 459 -47.98 -11.05 -65.48
CA ASP A 459 -47.20 -12.02 -66.25
C ASP A 459 -47.00 -13.33 -65.49
N GLU A 460 -48.00 -13.75 -64.71
CA GLU A 460 -47.85 -14.97 -63.92
C GLU A 460 -48.26 -16.21 -64.70
N ALA A 461 -49.45 -16.19 -65.31
CA ALA A 461 -49.94 -17.36 -66.03
C ALA A 461 -49.06 -17.67 -67.24
N ALA A 462 -48.63 -16.65 -67.97
CA ALA A 462 -47.78 -16.86 -69.13
C ALA A 462 -46.45 -17.47 -68.72
N LEU A 463 -45.85 -16.98 -67.63
CA LEU A 463 -44.60 -17.54 -67.15
C LEU A 463 -44.78 -18.98 -66.71
N LYS A 464 -45.90 -19.29 -66.05
CA LYS A 464 -46.16 -20.66 -65.64
C LYS A 464 -46.26 -21.59 -66.84
N ALA A 465 -46.98 -21.16 -67.89
CA ALA A 465 -47.12 -21.98 -69.08
C ALA A 465 -45.78 -22.18 -69.78
N PHE A 466 -44.98 -21.11 -69.87
CA PHE A 466 -43.67 -21.23 -70.51
C PHE A 466 -42.76 -22.17 -69.72
N LEU A 467 -42.80 -22.10 -68.39
CA LEU A 467 -42.02 -22.99 -67.57
C LEU A 467 -42.45 -24.44 -67.76
N GLU A 468 -43.76 -24.68 -67.86
CA GLU A 468 -44.23 -26.03 -68.11
C GLU A 468 -43.74 -26.56 -69.45
N ARG A 469 -43.77 -25.70 -70.48
CA ARG A 469 -43.26 -26.11 -71.79
C ARG A 469 -41.77 -26.45 -71.71
N LEU A 470 -40.99 -25.64 -70.99
CA LEU A 470 -39.56 -25.92 -70.85
C LEU A 470 -39.34 -27.24 -70.12
N TYR A 471 -40.12 -27.51 -69.08
CA TYR A 471 -40.01 -28.79 -68.39
C TYR A 471 -40.31 -29.94 -69.32
N ARG A 472 -41.34 -29.79 -70.16
CA ARG A 472 -41.69 -30.85 -71.11
C ARG A 472 -40.56 -31.10 -72.10
N LEU A 473 -39.95 -30.02 -72.61
CA LEU A 473 -38.90 -30.18 -73.61
C LEU A 473 -37.60 -30.74 -73.02
N ALA A 474 -37.44 -30.71 -71.70
CA ALA A 474 -36.21 -31.15 -71.07
C ALA A 474 -36.02 -32.67 -71.12
N VAL A 475 -37.04 -33.42 -71.53
CA VAL A 475 -36.96 -34.88 -71.62
C VAL A 475 -37.07 -35.35 -73.06
N GLU A 476 -38.08 -34.86 -73.78
CA GLU A 476 -38.30 -35.23 -75.17
C GLU A 476 -37.68 -34.16 -76.07
N GLY A 477 -36.79 -34.60 -76.96
CA GLY A 477 -36.12 -33.69 -77.87
C GLY A 477 -34.69 -34.10 -78.15
N ASP A 478 -34.04 -33.42 -79.09
CA ASP A 478 -32.67 -33.73 -79.44
C ASP A 478 -31.73 -33.09 -78.42
N ILE A 479 -30.42 -33.16 -78.69
CA ILE A 479 -29.44 -32.64 -77.75
C ILE A 479 -29.53 -31.12 -77.66
N GLN A 480 -29.74 -30.45 -78.80
CA GLN A 480 -29.77 -28.98 -78.80
C GLN A 480 -30.94 -28.46 -77.97
N GLN A 481 -32.13 -29.04 -78.15
CA GLN A 481 -33.29 -28.58 -77.39
C GLN A 481 -33.10 -28.84 -75.90
N LYS A 482 -32.55 -30.00 -75.55
CA LYS A 482 -32.34 -30.33 -74.15
C LYS A 482 -31.36 -29.36 -73.51
N GLU A 483 -30.26 -29.05 -74.21
CA GLU A 483 -29.29 -28.10 -73.68
C GLU A 483 -29.90 -26.71 -73.53
N ALA A 484 -30.68 -26.26 -74.52
CA ALA A 484 -31.29 -24.95 -74.43
C ALA A 484 -32.27 -24.86 -73.27
N ALA A 485 -33.08 -25.90 -73.07
CA ALA A 485 -34.02 -25.89 -71.94
C ALA A 485 -33.28 -25.89 -70.61
N ALA A 486 -32.23 -26.71 -70.50
CA ALA A 486 -31.45 -26.73 -69.26
C ALA A 486 -30.78 -25.39 -69.01
N GLU A 487 -30.47 -24.65 -70.07
CA GLU A 487 -29.90 -23.32 -69.89
C GLU A 487 -30.95 -22.31 -69.44
N LEU A 488 -32.17 -22.41 -69.99
CA LEU A 488 -33.17 -21.37 -69.77
C LEU A 488 -34.08 -21.61 -68.58
N ILE A 489 -34.07 -22.79 -67.96
CA ILE A 489 -35.01 -23.04 -66.85
C ILE A 489 -34.84 -22.09 -65.67
N PRO A 490 -33.63 -21.84 -65.15
CA PRO A 490 -33.56 -21.09 -63.87
C PRO A 490 -34.10 -19.68 -63.94
N TYR A 491 -33.90 -18.97 -65.06
CA TYR A 491 -34.37 -17.59 -65.16
C TYR A 491 -35.89 -17.53 -65.10
N ILE A 492 -36.56 -18.38 -65.88
CA ILE A 492 -38.02 -18.41 -65.87
C ILE A 492 -38.53 -18.84 -64.50
N GLN A 493 -37.84 -19.81 -63.88
CA GLN A 493 -38.29 -20.29 -62.58
C GLN A 493 -38.22 -19.19 -61.53
N GLN A 494 -37.12 -18.44 -61.49
CA GLN A 494 -37.00 -17.38 -60.49
C GLN A 494 -37.96 -16.24 -60.77
N ALA A 495 -38.19 -15.93 -62.06
CA ALA A 495 -39.17 -14.90 -62.38
C ALA A 495 -40.57 -15.30 -61.93
N TRP A 496 -40.95 -16.56 -62.18
CA TRP A 496 -42.28 -17.01 -61.76
C TRP A 496 -42.41 -17.02 -60.25
N ILE A 497 -41.36 -17.42 -59.53
CA ILE A 497 -41.41 -17.37 -58.06
C ILE A 497 -41.58 -15.94 -57.57
N LEU A 498 -40.87 -15.00 -58.19
CA LEU A 498 -40.90 -13.63 -57.73
C LEU A 498 -42.12 -12.86 -58.22
N ALA A 499 -42.92 -13.42 -59.13
CA ALA A 499 -44.09 -12.75 -59.68
C ALA A 499 -45.39 -13.37 -59.18
N GLN A 500 -45.42 -13.77 -57.91
CA GLN A 500 -46.56 -14.45 -57.32
C GLN A 500 -46.90 -13.79 -55.99
N ARG A 501 -48.17 -13.87 -55.62
CA ARG A 501 -48.67 -13.24 -54.40
C ARG A 501 -48.80 -14.29 -53.30
N TYR A 502 -48.31 -13.96 -52.11
CA TYR A 502 -48.29 -14.87 -50.98
C TYR A 502 -49.11 -14.26 -49.84
N ASP A 503 -49.42 -15.10 -48.85
CA ASP A 503 -50.16 -14.64 -47.67
C ASP A 503 -49.37 -14.82 -46.38
N ALA A 504 -48.05 -14.98 -46.48
CA ALA A 504 -47.18 -14.99 -45.31
C ALA A 504 -45.73 -14.81 -45.74
N VAL A 505 -45.04 -13.83 -45.16
CA VAL A 505 -43.64 -13.56 -45.48
C VAL A 505 -42.87 -13.48 -44.16
N VAL A 506 -41.99 -14.45 -43.93
CA VAL A 506 -41.18 -14.51 -42.72
C VAL A 506 -39.71 -14.42 -43.13
N ALA A 507 -38.96 -13.54 -42.47
CA ALA A 507 -37.59 -13.30 -42.88
C ALA A 507 -36.78 -12.74 -41.72
N ASN A 508 -35.46 -12.80 -41.88
CA ASN A 508 -34.49 -12.15 -41.00
C ASN A 508 -33.58 -11.31 -41.89
N PRO A 509 -33.91 -10.04 -42.09
CA PRO A 509 -33.19 -9.25 -43.08
C PRO A 509 -31.74 -9.05 -42.68
N PRO A 510 -30.83 -8.96 -43.65
CA PRO A 510 -29.44 -8.64 -43.34
C PRO A 510 -29.28 -7.18 -42.91
N TYR A 511 -28.24 -6.94 -42.12
CA TYR A 511 -27.94 -5.61 -41.60
C TYR A 511 -26.74 -5.05 -42.32
N MET A 512 -26.87 -3.83 -42.84
CA MET A 512 -25.77 -3.12 -43.48
C MET A 512 -26.11 -1.64 -43.57
N GLY A 513 -25.26 -0.79 -43.02
CA GLY A 513 -25.54 0.62 -42.95
C GLY A 513 -24.89 1.45 -44.03
N GLY A 514 -24.24 2.55 -43.63
CA GLY A 514 -23.60 3.45 -44.54
C GLY A 514 -22.20 3.11 -44.96
N LYS A 515 -21.65 1.98 -44.47
CA LYS A 515 -20.32 1.56 -44.89
C LYS A 515 -20.37 0.75 -46.18
N GLY A 516 -21.27 -0.23 -46.26
CA GLY A 516 -21.42 -1.03 -47.45
C GLY A 516 -22.20 -0.33 -48.53
N MET A 517 -21.78 0.89 -48.88
CA MET A 517 -22.48 1.70 -49.87
C MET A 517 -21.75 1.60 -51.20
N ASN A 518 -22.01 0.51 -51.91
CA ASN A 518 -21.62 0.45 -53.31
C ASN A 518 -22.38 1.50 -54.10
N GLY A 519 -21.72 2.05 -55.13
CA GLY A 519 -22.35 3.12 -55.89
C GLY A 519 -23.67 2.71 -56.50
N ASP A 520 -23.69 1.56 -57.17
CA ASP A 520 -24.91 1.10 -57.81
C ASP A 520 -25.99 0.80 -56.77
N LEU A 521 -25.62 0.14 -55.68
CA LEU A 521 -26.59 -0.21 -54.66
C LEU A 521 -27.24 1.02 -54.05
N LYS A 522 -26.44 2.02 -53.69
CA LYS A 522 -27.01 3.21 -53.06
C LYS A 522 -27.74 4.08 -54.06
N GLU A 523 -27.31 4.11 -55.33
CA GLU A 523 -28.08 4.82 -56.35
C GLU A 523 -29.46 4.20 -56.52
N PHE A 524 -29.51 2.86 -56.58
CA PHE A 524 -30.80 2.18 -56.67
C PHE A 524 -31.64 2.43 -55.44
N ALA A 525 -31.02 2.44 -54.25
CA ALA A 525 -31.77 2.67 -53.02
C ALA A 525 -32.37 4.07 -53.00
N LYS A 526 -31.61 5.08 -53.41
CA LYS A 526 -32.14 6.44 -53.40
C LYS A 526 -33.14 6.67 -54.52
N LYS A 527 -33.03 5.93 -55.63
CA LYS A 527 -34.00 6.10 -56.71
C LYS A 527 -35.33 5.41 -56.39
N GLN A 528 -35.28 4.26 -55.72
CA GLN A 528 -36.48 3.44 -55.54
C GLN A 528 -37.06 3.47 -54.13
N PHE A 529 -36.23 3.71 -53.11
CA PHE A 529 -36.69 3.71 -51.72
C PHE A 529 -36.25 5.01 -51.06
N PRO A 530 -36.94 6.12 -51.35
CA PRO A 530 -36.53 7.40 -50.76
C PRO A 530 -36.74 7.48 -49.25
N ASP A 531 -37.78 6.82 -48.73
CA ASP A 531 -38.13 6.94 -47.32
C ASP A 531 -37.38 5.96 -46.43
N SER A 532 -36.63 5.03 -47.00
CA SER A 532 -35.92 4.03 -46.21
C SER A 532 -34.54 3.78 -46.80
N LYS A 533 -33.89 4.85 -47.28
CA LYS A 533 -32.60 4.73 -47.93
C LYS A 533 -31.43 4.65 -46.97
N SER A 534 -31.67 4.81 -45.67
CA SER A 534 -30.60 4.88 -44.70
C SER A 534 -30.09 3.51 -44.24
N ASP A 535 -30.77 2.43 -44.61
CA ASP A 535 -30.33 1.09 -44.22
C ASP A 535 -31.01 0.08 -45.14
N LEU A 536 -30.74 -1.20 -44.90
CA LEU A 536 -31.20 -2.27 -45.76
C LEU A 536 -32.43 -3.00 -45.22
N PHE A 537 -32.53 -3.17 -43.90
CA PHE A 537 -33.68 -3.88 -43.34
C PHE A 537 -34.98 -3.12 -43.56
N ALA A 538 -34.92 -1.77 -43.55
CA ALA A 538 -36.12 -1.00 -43.84
C ALA A 538 -36.59 -1.20 -45.27
N MET A 539 -35.64 -1.25 -46.22
CA MET A 539 -35.99 -1.54 -47.59
C MET A 539 -36.61 -2.93 -47.72
N PHE A 540 -36.06 -3.91 -46.99
CA PHE A 540 -36.64 -5.24 -47.00
C PHE A 540 -38.06 -5.22 -46.46
N MET A 541 -38.31 -4.44 -45.40
CA MET A 541 -39.66 -4.34 -44.85
C MET A 541 -40.64 -3.78 -45.87
N GLN A 542 -40.27 -2.68 -46.52
CA GLN A 542 -41.16 -2.08 -47.51
C GLN A 542 -41.42 -3.01 -48.68
N HIS A 543 -40.37 -3.68 -49.17
CA HIS A 543 -40.56 -4.58 -50.30
C HIS A 543 -41.41 -5.78 -49.91
N ALA A 544 -41.25 -6.28 -48.69
CA ALA A 544 -42.08 -7.39 -48.23
C ALA A 544 -43.55 -6.98 -48.18
N PHE A 545 -43.83 -5.76 -47.75
CA PHE A 545 -45.21 -5.29 -47.81
C PHE A 545 -45.71 -5.21 -49.24
N SER A 546 -44.86 -4.75 -50.16
CA SER A 546 -45.29 -4.65 -51.56
C SER A 546 -45.49 -6.02 -52.22
N LEU A 547 -44.84 -7.06 -51.70
CA LEU A 547 -44.89 -8.39 -52.29
C LEU A 547 -46.05 -9.24 -51.75
N LEU A 548 -46.83 -8.72 -50.81
CA LEU A 548 -47.88 -9.46 -50.16
C LEU A 548 -49.21 -9.28 -50.89
N LYS A 549 -50.19 -10.10 -50.54
CA LYS A 549 -51.53 -10.01 -51.09
C LYS A 549 -52.43 -9.31 -50.09
N GLU A 550 -53.68 -9.08 -50.50
CA GLU A 550 -54.66 -8.47 -49.62
C GLU A 550 -54.99 -9.41 -48.47
N ASN A 551 -55.10 -8.84 -47.27
CA ASN A 551 -55.35 -9.61 -46.06
C ASN A 551 -54.25 -10.66 -45.83
N GLY A 552 -53.01 -10.18 -45.78
CA GLY A 552 -51.88 -11.05 -45.52
C GLY A 552 -51.05 -10.56 -44.35
N PHE A 553 -50.29 -11.45 -43.74
CA PHE A 553 -49.48 -11.12 -42.57
C PHE A 553 -48.01 -10.97 -42.95
N ASN A 554 -47.30 -10.15 -42.19
CA ASN A 554 -45.87 -9.91 -42.40
C ASN A 554 -45.20 -9.93 -41.04
N ALA A 555 -44.42 -10.97 -40.77
CA ALA A 555 -43.79 -11.17 -39.47
C ALA A 555 -42.27 -11.13 -39.64
N GLN A 556 -41.60 -10.32 -38.83
CA GLN A 556 -40.15 -10.17 -38.98
C GLN A 556 -39.51 -9.88 -37.63
N VAL A 557 -38.18 -9.91 -37.63
CA VAL A 557 -37.36 -9.51 -36.50
C VAL A 557 -36.21 -8.66 -37.03
N ASN A 558 -36.03 -7.48 -36.47
CA ASN A 558 -34.98 -6.58 -36.95
C ASN A 558 -34.48 -5.76 -35.77
N MET A 559 -33.73 -4.70 -36.06
CA MET A 559 -33.11 -3.91 -35.00
C MET A 559 -34.03 -2.77 -34.57
N GLN A 560 -33.75 -2.26 -33.37
CA GLN A 560 -34.67 -1.37 -32.68
C GLN A 560 -34.71 0.04 -33.26
N SER A 561 -33.66 0.44 -33.96
CA SER A 561 -33.51 1.84 -34.32
C SER A 561 -34.38 2.27 -35.48
N TRP A 562 -35.68 1.97 -35.42
CA TRP A 562 -36.62 2.51 -36.38
C TRP A 562 -37.89 3.04 -35.73
N MET A 563 -37.98 3.00 -34.40
CA MET A 563 -39.14 3.50 -33.69
C MET A 563 -38.88 4.78 -32.92
N PHE A 564 -37.64 5.07 -32.57
CA PHE A 564 -37.29 6.22 -31.75
C PHE A 564 -36.27 7.10 -32.44
N LEU A 565 -36.37 7.26 -33.75
CA LEU A 565 -35.46 8.09 -34.50
C LEU A 565 -36.21 8.99 -35.46
N SER A 566 -35.66 10.16 -35.72
CA SER A 566 -36.25 11.13 -36.62
C SER A 566 -35.94 10.85 -38.08
N SER A 567 -34.97 9.98 -38.36
CA SER A 567 -34.65 9.64 -39.75
C SER A 567 -35.73 8.75 -40.37
N TYR A 568 -36.52 8.06 -39.55
CA TYR A 568 -37.57 7.18 -40.04
C TYR A 568 -38.96 7.72 -39.77
N GLU A 569 -39.10 9.03 -39.60
CA GLU A 569 -40.40 9.61 -39.29
C GLU A 569 -41.38 9.39 -40.42
N ALA A 570 -40.94 9.53 -41.67
CA ALA A 570 -41.81 9.30 -42.82
C ALA A 570 -42.27 7.85 -42.87
N LEU A 571 -41.37 6.91 -42.56
CA LEU A 571 -41.76 5.51 -42.57
C LEU A 571 -42.83 5.21 -41.54
N ARG A 572 -42.68 5.75 -40.32
CA ARG A 572 -43.70 5.55 -39.30
C ARG A 572 -45.01 6.22 -39.67
N GLY A 573 -44.93 7.39 -40.30
CA GLY A 573 -46.15 8.05 -40.75
C GLY A 573 -46.88 7.26 -41.82
N TRP A 574 -46.14 6.66 -42.74
CA TRP A 574 -46.76 5.85 -43.78
C TRP A 574 -47.25 4.51 -43.25
N LEU A 575 -46.64 4.01 -42.19
CA LEU A 575 -47.00 2.70 -41.66
C LEU A 575 -48.22 2.75 -40.75
N LEU A 576 -48.48 3.89 -40.12
CA LEU A 576 -49.55 4.00 -39.13
C LEU A 576 -50.91 4.35 -39.73
N ASP A 577 -50.97 4.70 -41.01
CA ASP A 577 -52.24 5.05 -41.65
C ASP A 577 -52.61 4.10 -42.78
N ASN A 578 -51.90 2.99 -42.94
CA ASN A 578 -52.22 2.01 -43.97
C ASN A 578 -52.23 0.57 -43.50
N LYS A 579 -51.56 0.25 -42.39
CA LYS A 579 -51.48 -1.11 -41.87
C LYS A 579 -52.00 -1.15 -40.45
N THR A 580 -52.04 -2.35 -39.86
CA THR A 580 -52.48 -2.54 -38.48
C THR A 580 -51.46 -3.39 -37.74
N PHE A 581 -51.16 -3.01 -36.50
CA PHE A 581 -50.29 -3.81 -35.65
C PHE A 581 -51.08 -4.92 -34.99
N ILE A 582 -50.44 -6.08 -34.82
CA ILE A 582 -51.09 -7.22 -34.18
C ILE A 582 -50.34 -7.56 -32.90
N THR A 583 -49.05 -7.86 -33.02
CA THR A 583 -48.26 -8.25 -31.85
C THR A 583 -46.82 -7.78 -32.02
N MET A 584 -46.19 -7.49 -30.90
CA MET A 584 -44.79 -7.06 -30.89
C MET A 584 -44.13 -7.48 -29.60
N ALA A 585 -42.90 -7.97 -29.70
CA ALA A 585 -42.07 -8.30 -28.55
C ALA A 585 -40.78 -7.50 -28.62
N HIS A 586 -40.48 -6.77 -27.55
CA HIS A 586 -39.34 -5.87 -27.49
C HIS A 586 -38.21 -6.59 -26.75
N LEU A 587 -37.30 -7.19 -27.51
CA LEU A 587 -36.29 -8.06 -26.94
C LEU A 587 -35.20 -7.27 -26.21
N GLY A 588 -34.79 -6.13 -26.75
CA GLY A 588 -33.73 -5.37 -26.13
C GLY A 588 -32.36 -5.89 -26.51
N ALA A 589 -31.40 -5.82 -25.58
CA ALA A 589 -30.04 -6.24 -25.83
C ALA A 589 -29.79 -7.63 -25.25
N ARG A 590 -28.57 -8.11 -25.43
CA ARG A 590 -28.07 -9.36 -24.86
C ARG A 590 -28.82 -10.59 -25.36
N ALA A 591 -29.53 -10.48 -26.48
CA ALA A 591 -30.19 -11.64 -27.07
C ALA A 591 -29.24 -12.31 -28.04
N PHE A 592 -29.75 -13.28 -28.81
CA PHE A 592 -28.97 -14.01 -29.81
C PHE A 592 -27.77 -14.73 -29.19
N GLY A 593 -27.92 -15.21 -27.97
CA GLY A 593 -26.87 -15.99 -27.35
C GLY A 593 -25.60 -15.23 -27.06
N GLN A 594 -25.67 -13.90 -26.98
CA GLN A 594 -24.49 -13.06 -26.72
C GLN A 594 -23.39 -13.32 -27.75
N ILE A 595 -23.77 -13.55 -29.00
CA ILE A 595 -22.82 -13.71 -30.08
C ILE A 595 -22.50 -12.30 -30.57
N SER A 596 -21.51 -11.67 -29.92
CA SER A 596 -21.15 -10.27 -30.15
C SER A 596 -22.39 -9.39 -30.08
N GLY A 597 -22.43 -8.35 -30.91
CA GLY A 597 -23.59 -7.46 -30.94
C GLY A 597 -23.86 -6.75 -29.65
N GLU A 598 -22.82 -6.21 -29.01
CA GLU A 598 -22.99 -5.56 -27.72
C GLU A 598 -23.82 -4.29 -27.81
N VAL A 599 -23.97 -3.72 -29.00
CA VAL A 599 -24.76 -2.51 -29.19
C VAL A 599 -25.90 -2.80 -30.14
N VAL A 600 -26.38 -4.04 -30.16
CA VAL A 600 -27.45 -4.47 -31.04
C VAL A 600 -28.68 -4.73 -30.18
N GLN A 601 -29.74 -3.96 -30.42
CA GLN A 601 -31.04 -4.15 -29.80
C GLN A 601 -32.05 -4.54 -30.87
N THR A 602 -32.84 -5.57 -30.59
CA THR A 602 -33.72 -6.16 -31.59
C THR A 602 -35.16 -6.19 -31.09
N THR A 603 -36.08 -6.20 -32.06
CA THR A 603 -37.50 -6.35 -31.82
C THR A 603 -38.09 -7.33 -32.82
N ALA A 604 -39.20 -7.96 -32.43
CA ALA A 604 -39.92 -8.86 -33.30
C ALA A 604 -41.38 -8.41 -33.41
N TRP A 605 -41.96 -8.50 -34.60
CA TRP A 605 -43.28 -7.95 -34.78
C TRP A 605 -44.05 -8.69 -35.87
N VAL A 606 -45.37 -8.56 -35.81
CA VAL A 606 -46.29 -9.06 -36.83
C VAL A 606 -47.24 -7.94 -37.22
N ILE A 607 -47.37 -7.70 -38.52
CA ILE A 607 -48.21 -6.61 -39.03
C ILE A 607 -49.12 -7.13 -40.13
N LYS A 608 -50.38 -6.73 -40.10
CA LYS A 608 -51.36 -7.10 -41.11
C LYS A 608 -51.36 -6.08 -42.25
N ASN A 609 -51.94 -6.48 -43.38
CA ASN A 609 -51.94 -5.70 -44.60
C ASN A 609 -53.23 -4.91 -44.80
N ASN A 610 -54.14 -4.92 -43.83
CA ASN A 610 -55.39 -4.18 -43.91
C ASN A 610 -55.28 -2.91 -43.07
N HIS A 611 -56.37 -2.14 -43.01
CA HIS A 611 -56.38 -0.90 -42.25
C HIS A 611 -57.54 -0.90 -41.26
N SER A 612 -57.24 -0.53 -40.02
CA SER A 612 -58.24 -0.41 -38.97
C SER A 612 -57.67 0.47 -37.88
N GLY A 613 -58.27 1.63 -37.65
CA GLY A 613 -57.71 2.59 -36.72
C GLY A 613 -58.05 2.37 -35.26
N PHE A 614 -58.98 1.47 -34.95
CA PHE A 614 -59.43 1.25 -33.59
C PHE A 614 -59.12 -0.17 -33.12
N TYR A 615 -57.91 -0.64 -33.42
CA TYR A 615 -57.46 -1.96 -33.02
C TYR A 615 -56.50 -1.84 -31.84
N LYS A 616 -56.60 -2.78 -30.91
CA LYS A 616 -55.73 -2.76 -29.73
C LYS A 616 -54.68 -3.84 -29.84
N PRO A 617 -53.42 -3.49 -30.09
CA PRO A 617 -52.38 -4.52 -30.15
C PRO A 617 -51.97 -5.04 -28.78
N VAL A 618 -51.06 -6.02 -28.76
CA VAL A 618 -50.52 -6.57 -27.52
C VAL A 618 -49.01 -6.42 -27.54
N PHE A 619 -48.45 -5.83 -26.49
CA PHE A 619 -47.04 -5.55 -26.40
C PHE A 619 -46.42 -6.26 -25.20
N PHE A 620 -45.16 -6.66 -25.35
CA PHE A 620 -44.36 -7.24 -24.28
C PHE A 620 -43.08 -6.43 -24.14
N ARG A 621 -42.57 -6.36 -22.90
CA ARG A 621 -41.35 -5.61 -22.60
C ARG A 621 -40.37 -6.57 -21.91
N LEU A 622 -39.38 -7.03 -22.66
CA LEU A 622 -38.40 -7.99 -22.19
C LEU A 622 -36.99 -7.41 -22.24
N VAL A 623 -36.88 -6.09 -22.03
CA VAL A 623 -35.61 -5.41 -22.28
C VAL A 623 -34.56 -5.78 -21.23
N ASP A 624 -34.96 -5.87 -19.96
CA ASP A 624 -34.02 -6.07 -18.86
C ASP A 624 -34.14 -7.51 -18.35
N ASP A 625 -33.36 -8.40 -18.94
CA ASP A 625 -33.33 -9.81 -18.56
C ASP A 625 -32.15 -10.47 -19.28
N ASN A 626 -32.03 -11.78 -19.08
CA ASN A 626 -31.12 -12.62 -19.84
C ASN A 626 -31.93 -13.50 -20.80
N GLU A 627 -31.22 -14.21 -21.68
CA GLU A 627 -31.90 -14.97 -22.74
C GLU A 627 -32.85 -16.00 -22.15
N GLU A 628 -32.39 -16.78 -21.18
CA GLU A 628 -33.27 -17.76 -20.55
C GLU A 628 -34.42 -17.07 -19.82
N HIS A 629 -34.13 -15.97 -19.13
CA HIS A 629 -35.18 -15.23 -18.45
C HIS A 629 -36.18 -14.66 -19.45
N LYS A 630 -35.69 -14.14 -20.59
CA LYS A 630 -36.60 -13.62 -21.61
C LYS A 630 -37.50 -14.72 -22.15
N LYS A 631 -36.94 -15.89 -22.43
CA LYS A 631 -37.74 -17.01 -22.94
C LYS A 631 -38.79 -17.42 -21.92
N ASN A 632 -38.42 -17.52 -20.64
CA ASN A 632 -39.37 -17.91 -19.61
C ASN A 632 -40.47 -16.87 -19.44
N ASN A 633 -40.10 -15.58 -19.46
CA ASN A 633 -41.10 -14.53 -19.32
C ASN A 633 -42.08 -14.54 -20.48
N LEU A 634 -41.59 -14.73 -21.70
CA LEU A 634 -42.50 -14.82 -22.84
C LEU A 634 -43.39 -16.05 -22.74
N LEU A 635 -42.84 -17.17 -22.25
CA LEU A 635 -43.62 -18.39 -22.13
C LEU A 635 -44.73 -18.25 -21.09
N ASN A 636 -44.46 -17.56 -19.99
CA ASN A 636 -45.48 -17.29 -18.98
C ASN A 636 -46.28 -16.03 -19.27
N ARG A 637 -45.88 -15.25 -20.26
CA ARG A 637 -46.62 -14.05 -20.68
C ARG A 637 -46.72 -13.04 -19.55
N MET A 638 -45.57 -12.46 -19.21
CA MET A 638 -45.47 -11.40 -18.22
C MET A 638 -45.08 -10.10 -18.88
N ASN A 639 -45.30 -9.00 -18.17
CA ASN A 639 -45.00 -7.64 -18.64
C ASN A 639 -45.76 -7.34 -19.94
N CYS A 640 -47.08 -7.36 -19.83
CA CYS A 640 -47.96 -7.16 -20.97
C CYS A 640 -48.66 -5.82 -20.86
N PHE A 641 -48.65 -5.05 -21.95
CA PHE A 641 -49.33 -3.77 -22.05
C PHE A 641 -50.32 -3.84 -23.20
N LYS A 642 -51.61 -3.81 -22.88
CA LYS A 642 -52.66 -3.89 -23.90
C LYS A 642 -53.80 -2.93 -23.59
N ASN A 643 -53.45 -1.66 -23.33
CA ASN A 643 -54.44 -0.65 -22.99
C ASN A 643 -54.21 0.63 -23.78
N THR A 644 -53.99 0.51 -25.08
CA THR A 644 -53.74 1.68 -25.91
C THR A 644 -54.23 1.41 -27.33
N LEU A 645 -54.96 2.35 -27.90
CA LEU A 645 -55.41 2.24 -29.28
C LEU A 645 -54.24 2.47 -30.23
N GLN A 646 -54.53 2.47 -31.52
CA GLN A 646 -53.47 2.68 -32.51
C GLN A 646 -53.35 4.13 -32.96
N ASN A 647 -54.46 4.88 -32.98
CA ASN A 647 -54.39 6.28 -33.37
C ASN A 647 -53.67 7.13 -32.33
N ASP A 648 -53.65 6.67 -31.08
CA ASP A 648 -53.04 7.44 -30.00
C ASP A 648 -51.55 7.66 -30.20
N PHE A 649 -50.90 6.88 -31.04
CA PHE A 649 -49.49 7.12 -31.33
C PHE A 649 -49.27 8.37 -32.16
N LYS A 650 -50.30 8.91 -32.79
CA LYS A 650 -50.17 10.11 -33.59
C LYS A 650 -50.21 11.40 -32.76
N LYS A 651 -50.65 11.32 -31.50
CA LYS A 651 -50.75 12.52 -30.69
C LYS A 651 -49.40 13.01 -30.20
N ILE A 652 -48.48 12.09 -29.89
CA ILE A 652 -47.14 12.50 -29.48
C ILE A 652 -46.38 13.06 -30.67
N PRO A 653 -45.67 14.17 -30.53
CA PRO A 653 -44.89 14.69 -31.67
C PRO A 653 -43.83 13.70 -32.11
N GLY A 654 -43.64 13.61 -33.42
CA GLY A 654 -42.73 12.64 -34.00
C GLY A 654 -43.27 11.24 -34.14
N SER A 655 -44.45 10.97 -33.59
CA SER A 655 -45.09 9.65 -33.65
C SER A 655 -44.15 8.51 -33.23
N PRO A 656 -43.61 8.54 -32.01
CA PRO A 656 -42.83 7.40 -31.54
C PRO A 656 -43.74 6.32 -30.98
N ILE A 657 -43.26 5.09 -31.06
CA ILE A 657 -44.06 3.92 -30.62
C ILE A 657 -43.71 3.70 -29.15
N ALA A 658 -44.44 4.38 -28.28
CA ALA A 658 -44.27 4.27 -26.83
C ALA A 658 -45.50 3.55 -26.26
N TYR A 659 -45.38 2.24 -26.09
CA TYR A 659 -46.49 1.42 -25.63
C TYR A 659 -46.67 1.44 -24.11
N TRP A 660 -45.66 1.89 -23.36
CA TRP A 660 -45.73 1.85 -21.91
C TRP A 660 -46.24 3.15 -21.29
N ALA A 661 -46.62 4.13 -22.11
CA ALA A 661 -47.15 5.37 -21.59
C ALA A 661 -48.59 5.18 -21.12
N THR A 662 -49.14 6.22 -20.52
CA THR A 662 -50.51 6.21 -20.04
C THR A 662 -51.37 7.16 -20.88
N LEU A 663 -52.68 6.95 -20.82
CA LEU A 663 -53.59 7.74 -21.64
C LEU A 663 -53.59 9.22 -21.23
N ALA A 664 -53.51 9.49 -19.93
CA ALA A 664 -53.57 10.87 -19.46
C ALA A 664 -52.39 11.68 -19.99
N PHE A 665 -51.20 11.10 -19.98
CA PHE A 665 -50.02 11.79 -20.49
C PHE A 665 -50.18 12.14 -21.96
N ILE A 666 -50.62 11.17 -22.77
CA ILE A 666 -50.78 11.41 -24.20
C ILE A 666 -51.84 12.47 -24.46
N ASN A 667 -52.97 12.40 -23.75
CA ASN A 667 -54.03 13.39 -23.95
C ASN A 667 -53.57 14.78 -23.52
N SER A 668 -52.83 14.89 -22.41
CA SER A 668 -52.40 16.19 -21.93
C SER A 668 -51.27 16.78 -22.75
N PHE A 669 -50.56 15.96 -23.52
CA PHE A 669 -49.46 16.47 -24.32
C PHE A 669 -49.91 17.50 -25.36
N LEU A 670 -51.17 17.46 -25.80
CA LEU A 670 -51.64 18.33 -26.87
C LEU A 670 -52.45 19.52 -26.37
N LYS A 671 -52.50 19.75 -25.07
CA LYS A 671 -53.26 20.85 -24.50
C LYS A 671 -52.42 22.09 -24.24
N LEU A 672 -51.14 22.07 -24.60
CA LEU A 672 -50.22 23.16 -24.29
C LEU A 672 -49.48 23.60 -25.53
N PRO A 673 -49.10 24.86 -25.61
CA PRO A 673 -48.29 25.33 -26.74
C PRO A 673 -46.85 24.84 -26.63
N ALA A 674 -46.13 24.94 -27.74
CA ALA A 674 -44.76 24.48 -27.83
C ALA A 674 -43.85 25.60 -28.30
N LEU A 675 -42.56 25.47 -28.01
CA LEU A 675 -41.58 26.45 -28.46
C LEU A 675 -41.56 26.51 -29.98
N GLY A 676 -41.49 27.72 -30.50
CA GLY A 676 -41.47 27.89 -31.94
C GLY A 676 -40.08 27.93 -32.51
N THR A 677 -39.71 29.06 -33.12
CA THR A 677 -38.38 29.25 -33.68
C THR A 677 -37.43 29.90 -32.68
N ARG A 678 -37.70 29.78 -31.38
CA ARG A 678 -36.83 30.39 -30.38
C ARG A 678 -35.50 29.67 -30.23
N ALA A 679 -35.42 28.42 -30.69
CA ALA A 679 -34.19 27.63 -30.56
C ALA A 679 -33.38 27.74 -31.85
N VAL A 680 -32.10 28.06 -31.71
CA VAL A 680 -31.20 28.25 -32.83
C VAL A 680 -29.89 27.54 -32.57
N LYS A 681 -29.13 27.32 -33.64
CA LYS A 681 -27.83 26.67 -33.56
C LYS A 681 -26.71 27.70 -33.41
N GLY A 682 -25.57 27.22 -32.90
CA GLY A 682 -24.41 28.06 -32.71
C GLY A 682 -23.45 28.03 -33.88
N LEU A 683 -22.36 28.77 -33.74
CA LEU A 683 -21.35 28.85 -34.78
C LEU A 683 -20.55 27.56 -34.84
N ASP A 684 -19.67 27.46 -35.83
CA ASP A 684 -18.86 26.27 -36.01
C ASP A 684 -17.61 26.65 -36.79
N THR A 685 -16.46 26.58 -36.13
CA THR A 685 -15.18 26.69 -36.83
C THR A 685 -14.82 25.33 -37.42
N ASN A 686 -14.26 25.35 -38.63
CA ASN A 686 -13.99 24.10 -39.33
C ASN A 686 -12.92 23.26 -38.63
N GLY A 687 -12.08 23.86 -37.81
CA GLY A 687 -11.07 23.10 -37.11
C GLY A 687 -10.04 24.02 -36.49
N SER A 688 -8.97 23.41 -35.99
CA SER A 688 -7.86 24.11 -35.34
C SER A 688 -8.37 24.97 -34.19
N ILE A 689 -8.97 24.30 -33.20
CA ILE A 689 -9.45 25.00 -32.01
C ILE A 689 -8.33 25.43 -31.09
N ASP A 690 -7.12 24.90 -31.27
CA ASP A 690 -6.00 25.27 -30.41
C ASP A 690 -5.48 26.67 -30.70
N VAL A 691 -5.92 27.32 -31.77
CA VAL A 691 -5.48 28.67 -32.11
C VAL A 691 -6.55 29.72 -31.83
N PHE A 692 -7.79 29.30 -31.55
CA PHE A 692 -8.86 30.24 -31.28
C PHE A 692 -9.36 30.21 -29.84
N LEU A 693 -9.27 29.07 -29.15
CA LEU A 693 -9.86 28.90 -27.83
C LEU A 693 -8.77 28.96 -26.75
N ARG A 694 -9.08 29.67 -25.67
CA ARG A 694 -8.22 29.77 -24.51
C ARG A 694 -9.07 29.75 -23.25
N ARG A 695 -8.44 29.41 -22.14
CA ARG A 695 -9.06 29.58 -20.83
C ARG A 695 -8.81 30.99 -20.33
N TRP A 696 -9.74 31.51 -19.55
CA TRP A 696 -9.70 32.92 -19.19
C TRP A 696 -8.53 33.34 -18.30
N PRO A 697 -8.01 32.50 -17.38
CA PRO A 697 -6.93 32.98 -16.51
C PRO A 697 -5.63 33.33 -17.22
N GLU A 698 -5.39 32.82 -18.43
CA GLU A 698 -4.06 32.87 -19.04
C GLU A 698 -3.91 34.00 -20.07
N VAL A 699 -4.74 35.04 -19.98
CA VAL A 699 -4.61 36.21 -20.85
C VAL A 699 -4.75 37.47 -20.00
N SER A 700 -4.28 38.59 -20.57
CA SER A 700 -4.39 39.87 -19.90
C SER A 700 -5.85 40.31 -19.81
N ILE A 701 -6.21 40.92 -18.67
CA ILE A 701 -7.59 41.34 -18.47
C ILE A 701 -7.93 42.63 -19.20
N ASN A 702 -6.94 43.36 -19.70
CA ASN A 702 -7.23 44.55 -20.49
C ASN A 702 -7.93 44.16 -21.80
N SER A 703 -7.49 43.08 -22.44
CA SER A 703 -8.11 42.63 -23.67
C SER A 703 -9.38 41.80 -23.43
N PHE A 704 -9.61 41.36 -22.21
CA PHE A 704 -10.84 40.64 -21.89
C PHE A 704 -12.02 41.59 -21.96
N ASP A 705 -13.09 41.16 -22.64
CA ASP A 705 -14.26 42.02 -22.80
C ASP A 705 -15.18 41.98 -21.58
N ALA A 706 -15.16 40.89 -20.81
CA ALA A 706 -16.07 40.77 -19.67
C ALA A 706 -15.79 41.84 -18.63
N LEU A 707 -14.52 42.09 -18.32
CA LEU A 707 -14.13 43.13 -17.39
C LEU A 707 -12.94 43.89 -17.96
N GLY A 708 -12.82 45.16 -17.55
CA GLY A 708 -11.79 46.01 -18.09
C GLY A 708 -12.10 46.49 -19.50
N LYS A 709 -13.15 47.30 -19.63
CA LYS A 709 -13.57 47.79 -20.92
C LYS A 709 -12.54 48.76 -21.51
N GLY A 710 -12.64 48.96 -22.82
CA GLY A 710 -11.73 49.85 -23.51
C GLY A 710 -11.11 49.23 -24.74
N ASN A 711 -10.79 47.93 -24.65
CA ASN A 711 -10.23 47.20 -25.78
C ASN A 711 -10.66 45.75 -25.64
N SER A 712 -11.41 45.26 -26.62
CA SER A 712 -11.98 43.92 -26.57
C SER A 712 -11.37 43.07 -27.69
N LYS A 713 -10.79 41.95 -27.32
CA LYS A 713 -10.30 40.96 -28.27
C LYS A 713 -10.84 39.56 -27.99
N TRP A 714 -11.03 39.21 -26.73
CA TRP A 714 -11.56 37.91 -26.34
C TRP A 714 -12.95 38.06 -25.76
N PHE A 715 -13.85 37.16 -26.15
CA PHE A 715 -15.23 37.20 -25.71
C PHE A 715 -15.64 35.86 -25.11
N PRO A 716 -16.49 35.86 -24.09
CA PRO A 716 -16.91 34.60 -23.49
C PRO A 716 -17.76 33.77 -24.44
N ILE A 717 -17.57 32.46 -24.38
CA ILE A 717 -18.30 31.51 -25.22
C ILE A 717 -18.87 30.41 -24.35
N ALA A 718 -19.99 29.85 -24.80
CA ALA A 718 -20.66 28.76 -24.11
C ALA A 718 -20.57 27.50 -24.94
N LYS A 719 -20.07 26.42 -24.33
CA LYS A 719 -19.88 25.16 -25.02
C LYS A 719 -20.65 24.00 -24.40
N GLY A 720 -20.98 24.06 -23.12
CA GLY A 720 -21.73 23.00 -22.48
C GLY A 720 -20.85 21.90 -21.94
N GLY A 721 -21.01 21.58 -20.66
CA GLY A 721 -20.21 20.56 -20.02
C GLY A 721 -21.02 19.55 -19.25
N GLU A 722 -20.69 19.35 -17.98
CA GLU A 722 -21.39 18.39 -17.14
C GLU A 722 -22.78 18.91 -16.80
N LEU A 723 -23.50 18.12 -16.01
CA LEU A 723 -24.86 18.50 -15.61
C LEU A 723 -24.81 19.64 -14.61
N ARG A 724 -25.62 20.67 -14.86
CA ARG A 724 -25.66 21.86 -14.01
C ARG A 724 -26.90 22.66 -14.38
N LYS A 725 -27.56 23.24 -13.38
CA LYS A 725 -28.82 23.92 -13.59
C LYS A 725 -28.77 25.33 -13.03
N TRP A 726 -29.33 26.26 -13.81
CA TRP A 726 -29.63 27.67 -13.54
C TRP A 726 -28.42 28.59 -13.57
N PHE A 727 -27.19 28.07 -13.52
CA PHE A 727 -25.99 28.92 -13.62
C PHE A 727 -24.73 28.09 -13.58
N GLY A 728 -23.65 28.57 -14.20
CA GLY A 728 -22.36 27.93 -14.11
C GLY A 728 -21.77 27.67 -15.47
N ASN A 729 -20.63 26.97 -15.46
CA ASN A 729 -19.90 26.58 -16.67
C ASN A 729 -19.46 27.81 -17.48
N HIS A 730 -18.62 28.62 -16.86
CA HIS A 730 -18.01 29.82 -17.45
C HIS A 730 -16.50 29.65 -17.40
N GLU A 731 -15.92 29.04 -18.45
CA GLU A 731 -14.50 28.75 -18.37
C GLU A 731 -13.81 28.76 -19.73
N TYR A 732 -14.29 29.54 -20.68
CA TYR A 732 -13.65 29.62 -21.99
C TYR A 732 -13.82 31.01 -22.58
N ILE A 733 -12.93 31.35 -23.49
CA ILE A 733 -13.02 32.59 -24.26
C ILE A 733 -12.63 32.27 -25.70
N ILE A 734 -13.06 33.14 -26.61
CA ILE A 734 -12.79 32.97 -28.04
C ILE A 734 -12.31 34.29 -28.61
N ASN A 735 -11.56 34.20 -29.70
CA ASN A 735 -10.97 35.37 -30.35
C ASN A 735 -11.93 35.89 -31.43
N TYR A 736 -12.44 37.09 -31.24
CA TYR A 736 -13.46 37.66 -32.13
C TYR A 736 -13.14 39.13 -32.42
N GLU A 737 -11.88 39.43 -32.69
CA GLU A 737 -11.48 40.81 -32.92
C GLU A 737 -11.98 41.31 -34.26
N ASN A 738 -12.32 42.60 -34.31
CA ASN A 738 -12.78 43.28 -35.52
C ASN A 738 -13.94 42.53 -36.17
N ASP A 739 -14.89 42.08 -35.34
CA ASP A 739 -16.07 41.35 -35.77
C ASP A 739 -15.70 40.03 -36.41
N GLY A 740 -14.43 39.66 -36.36
CA GLY A 740 -13.97 38.39 -36.87
C GLY A 740 -13.41 38.52 -38.27
N ILE A 741 -12.10 38.69 -38.37
CA ILE A 741 -11.44 38.75 -39.67
C ILE A 741 -10.43 37.61 -39.73
N GLU A 742 -9.91 37.22 -38.58
CA GLU A 742 -9.06 36.04 -38.52
C GLU A 742 -9.91 34.77 -38.60
N LEU A 743 -11.08 34.78 -37.99
CA LEU A 743 -11.98 33.64 -38.04
C LEU A 743 -12.70 33.56 -39.38
N ARG A 744 -13.00 34.71 -40.00
CA ARG A 744 -13.71 34.70 -41.27
C ARG A 744 -12.79 34.28 -42.42
N LYS A 745 -11.48 34.51 -42.32
CA LYS A 745 -10.56 34.01 -43.32
C LYS A 745 -10.62 32.50 -43.41
N ASN A 746 -10.67 31.82 -42.26
CA ASN A 746 -10.94 30.40 -42.25
C ASN A 746 -12.42 30.15 -42.59
N LYS A 747 -12.69 28.95 -43.08
CA LYS A 747 -14.04 28.59 -43.52
C LYS A 747 -14.89 28.28 -42.29
N ALA A 748 -15.57 29.30 -41.77
CA ALA A 748 -16.42 29.17 -40.60
C ALA A 748 -17.83 29.59 -40.95
N ASN A 749 -18.82 28.83 -40.47
CA ASN A 749 -20.21 29.10 -40.82
C ASN A 749 -20.71 30.39 -40.20
N LEU A 750 -20.48 30.57 -38.90
CA LEU A 750 -20.96 31.73 -38.15
C LEU A 750 -22.48 31.90 -38.31
N ARG A 751 -23.20 30.87 -37.90
CA ARG A 751 -24.66 30.88 -38.00
C ARG A 751 -25.26 31.86 -37.02
N ASN A 752 -26.38 32.49 -37.42
CA ASN A 752 -27.14 33.41 -36.58
C ASN A 752 -26.27 34.57 -36.09
N LYS A 753 -25.77 35.35 -37.05
CA LYS A 753 -24.90 36.48 -36.73
C LYS A 753 -25.63 37.53 -35.91
N ASP A 754 -26.90 37.78 -36.22
CA ASP A 754 -27.63 38.90 -35.62
C ASP A 754 -28.21 38.58 -34.26
N MET A 755 -28.05 37.34 -33.76
CA MET A 755 -28.61 36.95 -32.48
C MET A 755 -27.56 36.90 -31.37
N TYR A 756 -26.37 37.45 -31.62
CA TYR A 756 -25.31 37.41 -30.62
C TYR A 756 -25.47 38.54 -29.61
N PHE A 757 -24.75 38.39 -28.50
CA PHE A 757 -24.65 39.42 -27.46
C PHE A 757 -26.02 39.76 -26.86
N GLN A 758 -26.82 38.73 -26.60
CA GLN A 758 -28.14 38.91 -25.98
C GLN A 758 -28.32 37.82 -24.92
N GLU A 759 -29.18 38.13 -23.95
CA GLU A 759 -29.44 37.21 -22.86
C GLU A 759 -30.48 36.17 -23.26
N GLY A 760 -30.42 35.01 -22.60
CA GLY A 760 -31.36 33.94 -22.89
C GLY A 760 -31.05 32.66 -22.15
N GLY A 761 -31.36 31.52 -22.76
CA GLY A 761 -31.08 30.24 -22.16
C GLY A 761 -30.12 29.42 -22.99
N THR A 762 -29.42 28.48 -22.37
CA THR A 762 -28.48 27.62 -23.09
C THR A 762 -28.61 26.20 -22.58
N TRP A 763 -28.36 25.25 -23.49
CA TRP A 763 -28.40 23.83 -23.14
C TRP A 763 -27.39 23.08 -23.99
N THR A 764 -26.86 21.98 -23.42
CA THR A 764 -25.88 21.15 -24.10
C THR A 764 -26.58 20.15 -25.02
N VAL A 765 -26.06 20.02 -26.24
CA VAL A 765 -26.70 19.16 -27.24
C VAL A 765 -26.44 17.70 -26.93
N VAL A 766 -25.17 17.31 -26.91
CA VAL A 766 -24.80 15.91 -26.71
C VAL A 766 -24.44 15.72 -25.25
N SER A 767 -25.35 15.14 -24.49
CA SER A 767 -25.14 14.89 -23.07
C SER A 767 -25.13 13.39 -22.81
N THR A 768 -25.03 13.02 -21.53
CA THR A 768 -24.98 11.62 -21.15
C THR A 768 -25.85 11.27 -19.96
N THR A 769 -26.39 12.24 -19.21
CA THR A 769 -27.20 11.94 -18.04
C THR A 769 -28.63 12.44 -18.17
N GLY A 770 -28.83 13.70 -18.52
CA GLY A 770 -30.17 14.23 -18.58
C GLY A 770 -30.22 15.55 -19.29
N PHE A 771 -31.35 16.25 -19.13
CA PHE A 771 -31.60 17.52 -19.80
C PHE A 771 -31.63 18.64 -18.76
N SER A 772 -30.95 19.74 -19.06
CA SER A 772 -30.91 20.88 -18.17
C SER A 772 -30.64 22.14 -18.98
N MET A 773 -31.17 23.27 -18.50
CA MET A 773 -31.00 24.56 -19.16
C MET A 773 -30.49 25.58 -18.17
N ARG A 774 -29.64 26.48 -18.65
CA ARG A 774 -28.98 27.46 -17.79
C ARG A 774 -29.19 28.87 -18.34
N TYR A 775 -29.12 29.84 -17.45
CA TYR A 775 -29.28 31.24 -17.82
C TYR A 775 -27.99 31.78 -18.43
N MET A 776 -28.11 32.61 -19.45
CA MET A 776 -26.96 33.18 -20.15
C MET A 776 -27.09 34.69 -20.25
N PRO A 777 -26.21 35.46 -19.62
CA PRO A 777 -26.33 36.92 -19.67
C PRO A 777 -25.78 37.53 -20.95
N LYS A 778 -25.68 38.85 -20.99
CA LYS A 778 -25.21 39.55 -22.17
C LYS A 778 -23.70 39.33 -22.36
N GLY A 779 -23.23 39.70 -23.54
CA GLY A 779 -21.82 39.59 -23.88
C GLY A 779 -21.31 38.17 -23.98
N PHE A 780 -22.08 37.28 -24.62
CA PHE A 780 -21.72 35.88 -24.76
C PHE A 780 -21.91 35.43 -26.20
N LEU A 781 -21.16 34.42 -26.59
CA LEU A 781 -21.38 33.71 -27.84
C LEU A 781 -21.74 32.26 -27.53
N PHE A 782 -22.48 31.64 -28.43
CA PHE A 782 -22.88 30.25 -28.25
C PHE A 782 -22.38 29.41 -29.40
N ASP A 783 -21.91 28.21 -29.08
CA ASP A 783 -21.29 27.29 -30.01
C ASP A 783 -22.30 26.25 -30.48
N GLN A 784 -21.85 25.39 -31.39
CA GLN A 784 -22.70 24.29 -31.87
C GLN A 784 -23.01 23.31 -30.75
N GLY A 785 -22.03 23.03 -29.89
CA GLY A 785 -22.26 22.08 -28.81
C GLY A 785 -23.28 22.56 -27.80
N GLY A 786 -23.24 23.84 -27.44
CA GLY A 786 -24.22 24.40 -26.54
C GLY A 786 -25.10 25.42 -27.22
N SER A 787 -26.36 25.06 -27.45
CA SER A 787 -27.26 25.90 -28.22
C SER A 787 -28.10 26.78 -27.29
N ALA A 788 -28.77 27.76 -27.88
CA ALA A 788 -29.39 28.85 -27.14
C ALA A 788 -30.84 29.04 -27.53
N VAL A 789 -31.59 29.63 -26.60
CA VAL A 789 -33.00 29.98 -26.76
C VAL A 789 -33.16 31.45 -26.41
N PHE A 790 -33.82 32.21 -27.29
CA PHE A 790 -34.05 33.63 -27.10
C PHE A 790 -35.53 33.92 -27.21
N CYS A 791 -36.06 34.71 -26.27
CA CYS A 791 -37.44 35.12 -26.32
C CYS A 791 -37.64 36.17 -27.41
N GLU A 792 -38.89 36.34 -27.82
CA GLU A 792 -39.22 37.31 -28.85
C GLU A 792 -39.17 38.73 -28.28
N ASN A 793 -39.41 39.71 -29.14
CA ASN A 793 -39.36 41.11 -28.72
C ASN A 793 -40.45 41.41 -27.69
N ASN A 794 -41.66 40.95 -27.94
CA ASN A 794 -42.80 41.22 -27.06
C ASN A 794 -43.62 39.95 -26.88
N ASP A 795 -42.94 38.83 -26.65
CA ASP A 795 -43.63 37.56 -26.46
C ASP A 795 -44.39 37.55 -25.15
N GLU A 796 -45.49 36.78 -25.14
CA GLU A 796 -46.28 36.65 -23.92
C GLU A 796 -45.48 35.97 -22.82
N LEU A 797 -44.70 34.96 -23.18
CA LEU A 797 -43.89 34.24 -22.21
C LEU A 797 -42.67 35.06 -21.80
N SER A 798 -42.01 34.61 -20.74
CA SER A 798 -40.79 35.22 -20.25
C SER A 798 -39.71 34.15 -20.11
N ILE A 799 -38.46 34.60 -20.14
CA ILE A 799 -37.34 33.65 -20.10
C ILE A 799 -37.30 32.90 -18.77
N TYR A 800 -37.67 33.58 -17.68
CA TYR A 800 -37.67 32.91 -16.38
C TYR A 800 -38.73 31.82 -16.31
N ASN A 801 -39.89 32.06 -16.92
CA ASN A 801 -40.93 31.02 -16.97
C ASN A 801 -40.46 29.81 -17.75
N ILE A 802 -39.77 30.04 -18.88
CA ILE A 802 -39.24 28.95 -19.67
C ILE A 802 -38.20 28.17 -18.87
N LEU A 803 -37.32 28.87 -18.15
CA LEU A 803 -36.34 28.19 -17.32
C LEU A 803 -37.01 27.36 -16.23
N ALA A 804 -38.07 27.89 -15.62
CA ALA A 804 -38.79 27.13 -14.60
C ALA A 804 -39.43 25.88 -15.18
N CYS A 805 -40.02 25.99 -16.37
CA CYS A 805 -40.65 24.83 -16.98
C CYS A 805 -39.63 23.77 -17.39
N MET A 806 -38.50 24.19 -17.93
CA MET A 806 -37.54 23.23 -18.49
C MET A 806 -36.76 22.46 -17.43
N ASN A 807 -36.88 22.81 -16.16
CA ASN A 807 -36.16 22.14 -15.08
C ASN A 807 -37.11 21.43 -14.13
N SER A 808 -38.12 20.77 -14.68
CA SER A 808 -39.12 20.05 -13.89
C SER A 808 -39.12 18.57 -14.27
N LYS A 809 -39.85 17.78 -13.49
CA LYS A 809 -39.92 16.35 -13.77
C LYS A 809 -40.64 16.07 -15.08
N TYR A 810 -41.64 16.89 -15.41
CA TYR A 810 -42.44 16.65 -16.61
C TYR A 810 -41.58 16.71 -17.87
N ILE A 811 -40.80 17.78 -18.02
CA ILE A 811 -39.97 17.95 -19.20
C ILE A 811 -38.86 16.90 -19.24
N ASN A 812 -38.28 16.59 -18.08
CA ASN A 812 -37.24 15.56 -18.04
C ASN A 812 -37.77 14.21 -18.50
N TYR A 813 -38.95 13.82 -18.01
CA TYR A 813 -39.57 12.56 -18.42
C TYR A 813 -39.90 12.59 -19.91
N SER A 814 -40.46 13.70 -20.40
CA SER A 814 -40.80 13.78 -21.82
C SER A 814 -39.56 13.67 -22.70
N ALA A 815 -38.47 14.36 -22.32
CA ALA A 815 -37.25 14.30 -23.10
C ALA A 815 -36.64 12.90 -23.07
N SER A 816 -36.69 12.23 -21.93
CA SER A 816 -36.19 10.86 -21.88
C SER A 816 -37.03 9.93 -22.77
N LEU A 817 -38.34 10.14 -22.80
CA LEU A 817 -39.20 9.29 -23.61
C LEU A 817 -38.99 9.53 -25.10
N ILE A 818 -38.86 10.79 -25.52
CA ILE A 818 -38.84 11.10 -26.94
C ILE A 818 -37.55 10.60 -27.58
N CYS A 819 -36.41 10.91 -26.98
CA CYS A 819 -35.10 10.59 -27.56
C CYS A 819 -34.25 9.82 -26.55
N PRO A 820 -34.36 8.49 -26.54
CA PRO A 820 -33.58 7.69 -25.57
C PRO A 820 -32.07 7.80 -25.77
N THR A 821 -31.61 8.22 -26.95
CA THR A 821 -30.18 8.27 -27.22
C THR A 821 -29.47 9.42 -26.52
N LEU A 822 -30.21 10.35 -25.92
CA LEU A 822 -29.63 11.52 -25.24
C LEU A 822 -28.79 12.35 -26.21
N ASN A 823 -29.43 12.77 -27.30
CA ASN A 823 -28.81 13.57 -28.35
C ASN A 823 -29.73 14.72 -28.74
N PHE A 824 -30.17 15.49 -27.73
CA PHE A 824 -31.15 16.55 -27.94
C PHE A 824 -30.65 17.58 -28.95
N THR A 825 -31.27 17.61 -30.12
CA THR A 825 -30.95 18.59 -31.15
C THR A 825 -31.99 19.71 -31.16
N THR A 826 -31.70 20.74 -31.95
CA THR A 826 -32.61 21.89 -32.01
C THR A 826 -33.97 21.49 -32.57
N GLY A 827 -34.00 20.61 -33.56
CA GLY A 827 -35.27 20.13 -34.07
C GLY A 827 -36.07 19.36 -33.04
N ASP A 828 -35.38 18.61 -32.18
CA ASP A 828 -36.05 17.89 -31.11
C ASP A 828 -36.62 18.86 -30.07
N VAL A 829 -35.83 19.86 -29.68
CA VAL A 829 -36.26 20.80 -28.66
C VAL A 829 -37.34 21.74 -29.18
N ARG A 830 -37.44 21.92 -30.49
CA ARG A 830 -38.44 22.83 -31.05
C ARG A 830 -39.88 22.35 -30.83
N LYS A 831 -40.17 21.29 -30.08
CA LYS A 831 -41.55 20.88 -29.87
C LYS A 831 -41.81 20.46 -28.43
N PHE A 832 -41.04 20.99 -27.49
CA PHE A 832 -41.33 20.75 -26.08
C PHE A 832 -42.47 21.65 -25.63
N PRO A 833 -43.37 21.15 -24.79
CA PRO A 833 -44.48 21.98 -24.30
C PRO A 833 -44.01 23.02 -23.29
N VAL A 834 -44.81 24.08 -23.16
CA VAL A 834 -44.52 25.19 -22.26
C VAL A 834 -45.79 25.54 -21.48
N ILE A 835 -45.60 26.00 -20.24
CA ILE A 835 -46.69 26.33 -19.33
C ILE A 835 -46.52 27.76 -18.86
N LYS A 836 -47.61 28.52 -18.84
CA LYS A 836 -47.61 29.91 -18.44
C LYS A 836 -48.17 30.06 -17.03
N ASN A 837 -47.47 30.81 -16.19
CA ASN A 837 -47.87 31.02 -14.80
C ASN A 837 -47.23 32.31 -14.31
N ASN A 838 -47.29 32.56 -13.01
CA ASN A 838 -46.74 33.79 -12.45
C ASN A 838 -45.76 33.55 -11.32
N HIS A 839 -45.97 32.53 -10.48
CA HIS A 839 -45.05 32.26 -9.39
C HIS A 839 -43.75 31.66 -9.90
N LEU A 840 -43.81 30.95 -11.03
CA LEU A 840 -42.62 30.32 -11.59
C LEU A 840 -41.52 31.33 -11.86
N GLU A 841 -41.88 32.55 -12.27
CA GLU A 841 -40.88 33.57 -12.55
C GLU A 841 -40.05 33.88 -11.32
N ASP A 842 -40.71 34.19 -10.19
CA ASP A 842 -39.96 34.56 -9.00
C ASP A 842 -39.22 33.37 -8.41
N LEU A 843 -39.81 32.18 -8.49
CA LEU A 843 -39.10 30.99 -8.02
C LEU A 843 -37.82 30.77 -8.81
N ALA A 844 -37.90 30.91 -10.14
CA ALA A 844 -36.71 30.77 -10.97
C ALA A 844 -35.68 31.84 -10.65
N LYS A 845 -36.12 33.07 -10.41
CA LYS A 845 -35.18 34.14 -10.06
C LYS A 845 -34.45 33.82 -8.77
N LYS A 846 -35.18 33.34 -7.76
CA LYS A 846 -34.54 32.97 -6.50
C LYS A 846 -33.52 31.84 -6.69
N ALA A 847 -33.90 30.83 -7.48
CA ALA A 847 -32.98 29.73 -7.73
C ALA A 847 -31.72 30.19 -8.45
N ILE A 848 -31.88 31.10 -9.42
CA ILE A 848 -30.74 31.64 -10.15
C ILE A 848 -29.81 32.40 -9.20
N GLU A 849 -30.39 33.21 -8.32
CA GLU A 849 -29.57 33.95 -7.35
C GLU A 849 -28.78 33.01 -6.45
N ILE A 850 -29.45 31.95 -5.95
CA ILE A 850 -28.76 31.01 -5.08
C ILE A 850 -27.62 30.32 -5.82
N SER A 851 -27.88 29.88 -7.05
CA SER A 851 -26.85 29.17 -7.82
C SER A 851 -25.66 30.09 -8.13
N LYS A 852 -25.93 31.35 -8.47
CA LYS A 852 -24.84 32.28 -8.74
C LYS A 852 -24.01 32.54 -7.49
N ALA A 853 -24.67 32.70 -6.34
CA ALA A 853 -23.94 32.89 -5.09
C ALA A 853 -23.07 31.69 -4.78
N ASP A 854 -23.56 30.48 -5.06
CA ASP A 854 -22.75 29.29 -4.86
C ASP A 854 -21.57 29.25 -5.82
N TRP A 855 -21.77 29.67 -7.07
CA TRP A 855 -20.71 29.59 -8.07
C TRP A 855 -19.61 30.60 -7.84
N ASN A 856 -19.94 31.77 -7.27
CA ASN A 856 -18.98 32.86 -7.16
C ASN A 856 -18.17 32.82 -5.87
N GLN A 857 -17.95 31.65 -5.28
CA GLN A 857 -17.20 31.55 -4.04
C GLN A 857 -15.83 30.90 -4.23
N PHE A 858 -15.38 30.72 -5.45
CA PHE A 858 -14.08 30.11 -5.74
C PHE A 858 -13.25 31.04 -6.61
N GLU A 859 -11.95 30.79 -6.62
CA GLU A 859 -11.01 31.65 -7.35
C GLU A 859 -11.12 31.51 -8.85
N THR A 860 -11.67 30.40 -9.35
CA THR A 860 -11.70 30.11 -10.77
C THR A 860 -12.83 30.81 -11.51
N SER A 861 -13.43 31.84 -10.91
CA SER A 861 -14.45 32.65 -11.55
C SER A 861 -14.01 34.10 -11.51
N TRP A 862 -14.26 34.84 -12.60
CA TRP A 862 -13.80 36.21 -12.67
C TRP A 862 -14.68 37.17 -11.87
N GLU A 863 -15.67 36.67 -11.15
CA GLU A 863 -16.44 37.48 -10.21
C GLU A 863 -16.08 37.17 -8.75
N PHE A 864 -15.02 36.43 -8.51
CA PHE A 864 -14.56 36.16 -7.16
C PHE A 864 -14.18 37.45 -6.47
N SER A 865 -14.61 37.60 -5.20
CA SER A 865 -14.43 38.85 -4.47
C SER A 865 -13.50 38.70 -3.27
N LYS A 866 -13.78 37.77 -2.36
CA LYS A 866 -13.04 37.68 -1.12
C LYS A 866 -13.16 36.27 -0.57
N ASN A 867 -12.17 35.87 0.22
CA ASN A 867 -12.23 34.56 0.85
C ASN A 867 -13.27 34.56 1.97
N LYS A 868 -13.93 33.42 2.14
CA LYS A 868 -15.06 33.34 3.06
C LYS A 868 -14.62 33.29 4.53
N LEU A 869 -13.49 32.63 4.81
CA LEU A 869 -13.12 32.42 6.21
C LEU A 869 -12.68 33.72 6.90
N ILE A 870 -12.13 34.66 6.14
CA ILE A 870 -11.55 35.85 6.76
C ILE A 870 -12.64 36.89 7.02
N GLU A 871 -13.88 36.57 6.67
CA GLU A 871 -14.98 37.50 6.92
C GLU A 871 -15.35 37.57 8.39
N HIS A 872 -15.33 36.42 9.07
CA HIS A 872 -15.73 36.34 10.47
C HIS A 872 -14.55 36.73 11.37
N LYS A 873 -14.76 36.65 12.68
CA LYS A 873 -13.73 37.01 13.65
C LYS A 873 -13.74 36.03 14.80
N GLY A 874 -12.59 35.90 15.44
CA GLY A 874 -12.43 34.98 16.54
C GLY A 874 -11.34 33.96 16.30
N ASN A 875 -11.71 32.70 16.18
CA ASN A 875 -10.77 31.62 15.89
C ASN A 875 -11.02 31.08 14.48
N VAL A 876 -10.08 30.26 14.02
CA VAL A 876 -10.25 29.59 12.75
C VAL A 876 -11.38 28.56 12.82
N ALA A 877 -11.52 27.90 13.98
CA ALA A 877 -12.58 26.90 14.14
C ALA A 877 -13.96 27.55 14.05
N TYR A 878 -14.12 28.73 14.66
CA TYR A 878 -15.39 29.44 14.58
C TYR A 878 -15.73 29.80 13.14
N SER A 879 -14.75 30.30 12.39
CA SER A 879 -14.98 30.64 10.99
C SER A 879 -15.32 29.42 10.16
N TYR A 880 -14.65 28.30 10.41
CA TYR A 880 -14.96 27.07 9.67
C TYR A 880 -16.37 26.60 9.96
N ALA A 881 -16.79 26.64 11.23
CA ALA A 881 -18.15 26.24 11.57
C ALA A 881 -19.18 27.15 10.91
N SER A 882 -18.92 28.46 10.90
CA SER A 882 -19.84 29.38 10.24
C SER A 882 -19.92 29.13 8.75
N TYR A 883 -18.78 28.82 8.12
CA TYR A 883 -18.77 28.52 6.69
C TYR A 883 -19.61 27.28 6.38
N CYS A 884 -19.44 26.23 7.18
CA CYS A 884 -20.23 25.02 6.97
C CYS A 884 -21.72 25.30 7.15
N ASN A 885 -22.07 26.10 8.17
CA ASN A 885 -23.47 26.44 8.39
C ASN A 885 -24.05 27.21 7.20
N PHE A 886 -23.26 28.14 6.64
CA PHE A 886 -23.70 28.89 5.47
C PHE A 886 -23.98 27.98 4.28
N GLN A 887 -23.07 27.02 4.03
CA GLN A 887 -23.28 26.09 2.92
C GLN A 887 -24.55 25.26 3.14
N ASP A 888 -24.75 24.76 4.36
CA ASP A 888 -25.93 23.96 4.64
C ASP A 888 -27.20 24.78 4.46
N LYS A 889 -27.16 26.05 4.86
CA LYS A 889 -28.33 26.92 4.69
C LYS A 889 -28.68 27.08 3.21
N LEU A 890 -27.67 27.31 2.37
CA LEU A 890 -27.94 27.42 0.94
C LEU A 890 -28.55 26.14 0.39
N TYR A 891 -27.99 24.99 0.76
CA TYR A 891 -28.48 23.72 0.25
C TYR A 891 -29.94 23.49 0.64
N GLU A 892 -30.26 23.68 1.92
CA GLU A 892 -31.63 23.46 2.38
C GLU A 892 -32.60 24.43 1.71
N GLN A 893 -32.20 25.69 1.55
CA GLN A 893 -33.09 26.66 0.90
C GLN A 893 -33.40 26.26 -0.52
N LEU A 894 -32.40 25.83 -1.29
CA LEU A 894 -32.67 25.42 -2.66
C LEU A 894 -33.54 24.17 -2.71
N VAL A 895 -33.31 23.21 -1.81
CA VAL A 895 -34.14 22.01 -1.77
C VAL A 895 -35.59 22.37 -1.53
N ASN A 896 -35.84 23.28 -0.58
CA ASN A 896 -37.21 23.71 -0.33
C ASN A 896 -37.80 24.45 -1.52
N ILE A 897 -37.00 25.27 -2.20
CA ILE A 897 -37.54 26.05 -3.32
C ILE A 897 -37.96 25.13 -4.46
N GLU A 898 -37.16 24.10 -4.76
CA GLU A 898 -37.46 23.25 -5.91
C GLU A 898 -38.76 22.47 -5.76
N LYS A 899 -39.32 22.36 -4.56
CA LYS A 899 -40.52 21.55 -4.36
C LYS A 899 -41.78 22.25 -4.87
N ASN A 900 -41.86 23.57 -4.70
CA ASN A 900 -43.07 24.29 -5.10
C ASN A 900 -43.27 24.28 -6.60
N ILE A 901 -42.17 24.29 -7.38
CA ILE A 901 -42.29 24.25 -8.83
C ILE A 901 -42.97 22.96 -9.25
N ASN A 902 -42.56 21.83 -8.67
CA ASN A 902 -43.18 20.56 -9.00
C ASN A 902 -44.61 20.49 -8.49
N ASN A 903 -44.88 21.05 -7.31
CA ASN A 903 -46.22 21.01 -6.76
C ASN A 903 -47.21 21.81 -7.61
N ILE A 904 -46.80 22.97 -8.10
CA ILE A 904 -47.71 23.82 -8.86
C ILE A 904 -48.06 23.16 -10.20
N ILE A 905 -47.07 22.58 -10.87
CA ILE A 905 -47.29 22.00 -12.19
C ILE A 905 -48.26 20.82 -12.11
N GLU A 906 -48.12 19.98 -11.09
CA GLU A 906 -48.96 18.81 -10.96
C GLU A 906 -50.43 19.14 -10.68
N GLU A 907 -50.73 20.39 -10.35
CA GLU A 907 -52.12 20.81 -10.21
C GLU A 907 -52.72 21.30 -11.51
N ILE A 908 -51.90 21.80 -12.45
CA ILE A 908 -52.41 22.23 -13.74
C ILE A 908 -52.91 21.02 -14.53
N LEU A 909 -52.13 19.94 -14.55
CA LEU A 909 -52.50 18.70 -15.21
C LEU A 909 -52.76 17.65 -14.14
N GLY A 910 -53.97 17.08 -14.14
CA GLY A 910 -54.41 16.23 -13.06
C GLY A 910 -53.84 14.83 -13.04
N PHE A 911 -52.51 14.72 -12.94
CA PHE A 911 -51.88 13.42 -12.75
C PHE A 911 -50.50 13.64 -12.14
N LYS A 912 -49.95 12.57 -11.60
CA LYS A 912 -48.65 12.61 -10.94
C LYS A 912 -47.63 11.84 -11.78
N ILE A 913 -46.36 12.19 -11.61
CA ILE A 913 -45.26 11.64 -12.39
C ILE A 913 -44.30 10.94 -11.45
N GLU A 914 -43.94 9.71 -11.79
CA GLU A 914 -43.01 8.94 -10.98
C GLU A 914 -41.61 9.52 -11.05
N THR A 915 -40.83 9.27 -10.00
CA THR A 915 -39.47 9.80 -9.87
C THR A 915 -38.47 8.68 -10.10
N THR A 916 -37.57 8.88 -11.06
CA THR A 916 -36.56 7.88 -11.39
C THR A 916 -35.26 8.58 -11.75
N GLU A 917 -34.17 7.82 -11.66
CA GLU A 917 -32.82 8.25 -12.05
C GLU A 917 -32.42 9.41 -11.14
N ASN A 918 -32.01 10.56 -11.69
CA ASN A 918 -31.49 11.67 -10.90
C ASN A 918 -32.45 12.86 -10.91
N SER A 919 -33.75 12.59 -10.83
CA SER A 919 -34.72 13.67 -10.75
C SER A 919 -34.69 14.41 -9.42
N GLU A 920 -33.99 13.87 -8.43
CA GLU A 920 -33.89 14.47 -7.11
C GLU A 920 -32.45 14.79 -6.75
N LEU A 921 -31.70 15.35 -7.70
CA LEU A 921 -30.31 15.69 -7.51
C LEU A 921 -30.16 17.20 -7.50
N ILE A 922 -29.45 17.72 -6.48
CA ILE A 922 -29.18 19.14 -6.35
C ILE A 922 -27.77 19.39 -6.85
N THR A 923 -27.64 20.20 -7.90
CA THR A 923 -26.35 20.45 -8.55
C THR A 923 -25.73 21.71 -7.94
N LEU A 924 -25.07 21.53 -6.81
CA LEU A 924 -24.35 22.60 -6.14
C LEU A 924 -23.04 22.07 -5.58
N ASN A 925 -22.06 22.95 -5.44
CA ASN A 925 -20.83 22.60 -4.75
C ASN A 925 -21.00 22.58 -3.24
N SER A 926 -22.11 23.12 -2.72
CA SER A 926 -22.40 23.01 -1.30
C SER A 926 -22.83 21.61 -0.91
N ASN A 927 -23.29 20.81 -1.88
CA ASN A 927 -23.69 19.43 -1.63
C ASN A 927 -22.48 18.52 -1.84
N LYS A 928 -22.10 17.80 -0.77
CA LYS A 928 -20.88 17.00 -0.83
C LYS A 928 -21.02 15.79 -1.73
N ILE A 929 -22.23 15.24 -1.85
CA ILE A 929 -22.45 14.09 -2.72
C ILE A 929 -22.17 14.45 -4.17
N TYR A 930 -22.62 15.63 -4.58
CA TYR A 930 -22.44 16.06 -5.97
C TYR A 930 -20.96 16.21 -6.33
N ARG A 931 -20.17 16.81 -5.43
CA ARG A 931 -18.79 17.14 -5.74
C ARG A 931 -17.79 16.06 -5.31
N TYR A 932 -18.24 15.02 -4.61
CA TYR A 932 -17.32 13.97 -4.18
C TYR A 932 -17.71 12.58 -4.64
N GLY A 933 -18.93 12.38 -5.12
CA GLY A 933 -19.37 11.09 -5.60
C GLY A 933 -20.55 10.55 -4.80
N GLN A 934 -21.13 9.48 -5.33
CA GLN A 934 -22.32 8.89 -4.74
C GLN A 934 -22.02 8.11 -3.47
N SER A 935 -20.77 7.69 -3.28
CA SER A 935 -20.42 6.87 -2.13
C SER A 935 -20.64 7.63 -0.83
N GLU A 936 -21.24 6.96 0.15
CA GLU A 936 -21.53 7.54 1.47
C GLU A 936 -20.37 7.20 2.40
N THR A 937 -19.42 8.11 2.52
CA THR A 937 -18.24 7.95 3.35
C THR A 937 -18.03 9.19 4.22
N ASN A 938 -19.10 9.57 4.93
CA ASN A 938 -19.16 10.84 5.65
C ASN A 938 -17.99 11.03 6.59
N ASP A 939 -17.48 9.94 7.17
CA ASP A 939 -16.32 10.04 8.05
C ASP A 939 -15.12 10.60 7.31
N THR A 940 -14.85 10.11 6.10
CA THR A 940 -13.77 10.65 5.30
C THR A 940 -14.15 11.98 4.63
N PHE A 941 -15.43 12.19 4.35
CA PHE A 941 -15.87 13.43 3.74
C PHE A 941 -15.81 14.61 4.70
N LEU A 942 -15.89 14.37 6.00
CA LEU A 942 -15.74 15.44 6.98
C LEU A 942 -14.29 15.84 7.20
N ASN A 943 -13.34 15.02 6.76
CA ASN A 943 -11.93 15.38 6.80
C ASN A 943 -11.42 15.93 5.48
N ARG A 944 -11.89 15.36 4.37
CA ARG A 944 -11.49 15.85 3.06
C ARG A 944 -11.94 17.29 2.84
N HIS A 945 -13.17 17.61 3.26
CA HIS A 945 -13.68 18.97 3.12
C HIS A 945 -12.82 19.96 3.90
N ARG A 946 -12.47 19.61 5.13
CA ARG A 946 -11.65 20.49 5.97
C ARG A 946 -10.27 20.70 5.38
N SER A 947 -9.64 19.61 4.91
CA SER A 947 -8.32 19.72 4.31
C SER A 947 -8.36 20.58 3.05
N ASP A 948 -9.39 20.41 2.22
CA ASP A 948 -9.51 21.22 1.01
C ASP A 948 -9.69 22.69 1.34
N THR A 949 -10.50 23.00 2.36
CA THR A 949 -10.71 24.39 2.74
C THR A 949 -9.41 25.04 3.20
N ILE A 950 -8.63 24.33 4.03
CA ILE A 950 -7.37 24.90 4.49
C ILE A 950 -6.38 25.07 3.34
N SER A 951 -6.37 24.11 2.40
CA SER A 951 -5.50 24.24 1.24
C SER A 951 -5.87 25.46 0.40
N GLU A 952 -7.16 25.70 0.21
CA GLU A 952 -7.59 26.89 -0.52
C GLU A 952 -7.20 28.17 0.20
N LEU A 953 -7.27 28.16 1.52
CA LEU A 953 -6.82 29.33 2.28
C LEU A 953 -5.34 29.60 2.05
N ILE A 954 -4.52 28.55 2.05
CA ILE A 954 -3.08 28.74 1.83
C ILE A 954 -2.83 29.25 0.42
N SER A 955 -3.57 28.75 -0.56
CA SER A 955 -3.41 29.23 -1.93
C SER A 955 -3.77 30.71 -2.04
N TYR A 956 -4.84 31.13 -1.35
CA TYR A 956 -5.19 32.54 -1.35
C TYR A 956 -4.10 33.39 -0.71
N SER A 957 -3.48 32.88 0.37
CA SER A 957 -2.38 33.61 0.99
C SER A 957 -1.22 33.79 0.04
N VAL A 958 -0.86 32.73 -0.70
CA VAL A 958 0.23 32.85 -1.67
C VAL A 958 -0.13 33.84 -2.76
N GLY A 959 -1.38 33.82 -3.22
CA GLY A 959 -1.81 34.79 -4.22
C GLY A 959 -1.71 36.22 -3.71
N CYS A 960 -2.05 36.45 -2.45
CA CYS A 960 -1.91 37.78 -1.88
C CYS A 960 -0.45 38.20 -1.80
N GLN A 961 0.44 37.26 -1.46
CA GLN A 961 1.87 37.56 -1.45
C GLN A 961 2.37 37.95 -2.83
N MET A 962 1.92 37.24 -3.86
CA MET A 962 2.43 37.48 -5.21
C MET A 962 1.98 38.84 -5.74
N GLY A 963 0.78 39.28 -5.39
CA GLY A 963 0.25 40.55 -5.86
C GLY A 963 -1.03 40.45 -6.65
N ARG A 964 -1.58 39.26 -6.85
CA ARG A 964 -2.81 39.14 -7.64
C ARG A 964 -4.01 39.70 -6.88
N TYR A 965 -4.09 39.46 -5.58
CA TYR A 965 -5.18 39.94 -4.74
C TYR A 965 -4.63 40.90 -3.69
N SER A 966 -5.52 41.37 -2.81
CA SER A 966 -5.12 42.30 -1.77
C SER A 966 -6.12 42.23 -0.62
N LEU A 967 -5.68 42.68 0.55
CA LEU A 967 -6.53 42.72 1.73
C LEU A 967 -7.28 44.03 1.88
N ASP A 968 -7.07 44.99 0.98
CA ASP A 968 -7.72 46.29 1.06
C ASP A 968 -8.93 46.37 0.13
N ARG A 969 -8.72 46.10 -1.15
CA ARG A 969 -9.78 46.13 -2.15
C ARG A 969 -10.13 44.70 -2.58
N GLU A 970 -11.22 44.59 -3.33
CA GLU A 970 -11.78 43.30 -3.73
C GLU A 970 -11.58 43.07 -5.21
N GLY A 971 -11.54 41.79 -5.58
CA GLY A 971 -11.35 41.40 -6.97
C GLY A 971 -9.88 41.39 -7.36
N LEU A 972 -9.65 41.16 -8.65
CA LEU A 972 -8.30 41.17 -9.18
C LEU A 972 -7.72 42.58 -9.11
N VAL A 973 -6.45 42.66 -8.74
CA VAL A 973 -5.74 43.92 -8.62
C VAL A 973 -4.77 44.14 -9.77
N TYR A 974 -3.90 43.16 -10.03
CA TYR A 974 -2.94 43.26 -11.13
C TYR A 974 -2.95 41.96 -11.91
N ALA A 975 -3.29 42.03 -13.19
CA ALA A 975 -3.22 40.89 -14.08
C ALA A 975 -2.84 41.29 -15.50
N HIS A 976 -2.02 42.32 -15.65
CA HIS A 976 -1.62 42.81 -16.96
C HIS A 976 -0.38 42.03 -17.43
N GLU A 977 0.30 42.55 -18.45
CA GLU A 977 1.44 41.87 -19.06
C GLU A 977 2.72 42.65 -18.85
N GLY A 978 3.84 41.93 -18.71
CA GLY A 978 5.15 42.53 -18.76
C GLY A 978 5.59 43.30 -17.53
N ASN A 979 4.84 43.21 -16.44
CA ASN A 979 5.18 43.93 -15.20
C ASN A 979 5.32 45.42 -15.44
N LYS A 980 4.44 45.98 -16.26
CA LYS A 980 4.43 47.41 -16.54
C LYS A 980 3.21 48.04 -15.88
N GLY A 981 3.44 49.15 -15.20
CA GLY A 981 2.40 49.81 -14.43
C GLY A 981 2.25 49.31 -13.01
N PHE A 982 3.03 48.31 -12.60
CA PHE A 982 2.93 47.81 -11.24
C PHE A 982 3.52 48.80 -10.23
N ALA A 983 4.58 49.50 -10.61
CA ALA A 983 5.23 50.43 -9.70
C ALA A 983 4.28 51.56 -9.30
N GLU A 984 3.57 52.13 -10.28
CA GLU A 984 2.61 53.18 -9.98
C GLU A 984 1.48 52.66 -9.10
N LEU A 985 0.99 51.46 -9.38
CA LEU A 985 -0.08 50.88 -8.58
C LEU A 985 0.36 50.66 -7.14
N ALA A 986 1.58 50.16 -6.95
CA ALA A 986 2.08 49.95 -5.59
C ALA A 986 2.31 51.27 -4.87
N ALA A 987 2.81 52.28 -5.58
CA ALA A 987 3.02 53.59 -4.98
C ALA A 987 1.72 54.30 -4.65
N GLU A 988 0.64 53.97 -5.35
CA GLU A 988 -0.66 54.58 -5.04
C GLU A 988 -1.14 54.17 -3.66
N GLY A 989 -0.88 52.92 -3.27
CA GLY A 989 -1.27 52.45 -1.96
C GLY A 989 -2.24 51.28 -2.01
N ALA A 990 -2.18 50.48 -3.08
CA ALA A 990 -3.07 49.33 -3.19
C ALA A 990 -2.77 48.29 -2.12
N TYR A 991 -1.49 48.07 -1.81
CA TYR A 991 -1.08 47.11 -0.79
C TYR A 991 -0.46 47.90 0.36
N LYS A 992 -1.17 48.01 1.48
CA LYS A 992 -0.63 48.71 2.63
C LYS A 992 -0.70 47.86 3.89
N THR A 993 -1.75 47.04 4.01
CA THR A 993 -1.83 46.15 5.16
C THR A 993 -0.87 44.97 5.01
N PHE A 994 -0.75 44.42 3.81
CA PHE A 994 0.09 43.25 3.55
C PHE A 994 0.87 43.52 2.27
N PRO A 995 2.09 44.03 2.38
CA PRO A 995 2.84 44.42 1.18
C PRO A 995 3.15 43.24 0.28
N ALA A 996 3.26 43.52 -1.01
CA ALA A 996 3.55 42.53 -2.02
C ALA A 996 5.03 42.55 -2.38
N ASP A 997 5.52 41.42 -2.89
CA ASP A 997 6.91 41.30 -3.29
C ASP A 997 7.22 42.21 -4.48
N ASN A 998 8.44 42.73 -4.49
CA ASN A 998 8.83 43.68 -5.53
C ASN A 998 9.48 43.02 -6.73
N ASP A 999 10.32 42.01 -6.50
CA ASP A 999 11.00 41.35 -7.60
C ASP A 999 10.04 40.48 -8.42
N GLY A 1000 9.09 39.84 -7.75
CA GLY A 1000 8.19 38.91 -8.40
C GLY A 1000 8.61 37.46 -8.34
N ILE A 1001 9.64 37.14 -7.58
CA ILE A 1001 10.17 35.78 -7.47
C ILE A 1001 10.08 35.36 -6.01
N LEU A 1002 9.46 34.22 -5.76
CA LEU A 1002 9.33 33.72 -4.38
C LEU A 1002 10.19 32.48 -4.20
N PRO A 1003 11.24 32.54 -3.38
CA PRO A 1003 12.01 31.33 -3.08
C PRO A 1003 11.21 30.35 -2.24
N LEU A 1004 11.53 29.07 -2.39
CA LEU A 1004 10.81 27.99 -1.73
C LEU A 1004 11.84 26.93 -1.33
N MET A 1005 12.35 27.03 -0.10
CA MET A 1005 13.43 26.17 0.36
C MET A 1005 13.12 25.72 1.79
N ASP A 1006 14.12 25.15 2.46
CA ASP A 1006 13.96 24.56 3.79
C ASP A 1006 14.77 25.29 4.85
N ASP A 1007 14.96 26.60 4.69
CA ASP A 1007 15.68 27.41 5.66
C ASP A 1007 15.11 28.82 5.65
N GLU A 1008 15.42 29.57 6.70
CA GLU A 1008 15.03 30.97 6.83
C GLU A 1008 16.10 31.94 6.32
N TRP A 1009 16.93 31.50 5.36
CA TRP A 1009 18.01 32.34 4.87
C TRP A 1009 17.49 33.59 4.20
N PHE A 1010 16.46 33.46 3.37
CA PHE A 1010 15.92 34.59 2.64
C PHE A 1010 14.79 35.26 3.42
N GLU A 1011 14.59 36.55 3.16
CA GLU A 1011 13.50 37.30 3.76
C GLU A 1011 12.17 37.10 3.05
N ASP A 1012 12.18 36.44 1.90
CA ASP A 1012 10.97 36.19 1.13
C ASP A 1012 10.44 34.77 1.33
N ASP A 1013 10.88 34.09 2.38
CA ASP A 1013 10.45 32.72 2.61
C ASP A 1013 8.94 32.66 2.76
N VAL A 1014 8.33 31.65 2.12
CA VAL A 1014 6.87 31.59 2.05
C VAL A 1014 6.26 31.31 3.42
N THR A 1015 6.89 30.44 4.20
CA THR A 1015 6.33 30.07 5.50
C THR A 1015 6.29 31.26 6.45
N SER A 1016 7.34 32.08 6.44
CA SER A 1016 7.36 33.24 7.32
C SER A 1016 6.24 34.21 6.99
N ARG A 1017 6.01 34.45 5.69
CA ARG A 1017 4.95 35.35 5.30
C ARG A 1017 3.58 34.75 5.53
N VAL A 1018 3.45 33.41 5.46
CA VAL A 1018 2.19 32.77 5.83
C VAL A 1018 1.90 33.01 7.31
N LYS A 1019 2.91 32.86 8.16
CA LYS A 1019 2.73 33.13 9.58
C LYS A 1019 2.36 34.59 9.81
N GLU A 1020 3.01 35.51 9.09
CA GLU A 1020 2.67 36.92 9.20
C GLU A 1020 1.24 37.19 8.78
N PHE A 1021 0.79 36.53 7.70
CA PHE A 1021 -0.59 36.67 7.23
C PHE A 1021 -1.57 36.21 8.30
N VAL A 1022 -1.30 35.05 8.90
CA VAL A 1022 -2.19 34.54 9.95
C VAL A 1022 -2.22 35.49 11.14
N ARG A 1023 -1.05 36.00 11.53
CA ARG A 1023 -1.01 36.94 12.66
C ARG A 1023 -1.78 38.22 12.34
N THR A 1024 -1.67 38.72 11.11
CA THR A 1024 -2.35 39.95 10.76
C THR A 1024 -3.87 39.78 10.74
N VAL A 1025 -4.35 38.67 10.19
CA VAL A 1025 -5.80 38.52 10.01
C VAL A 1025 -6.50 38.23 11.33
N TRP A 1026 -6.04 37.23 12.08
CA TRP A 1026 -6.73 36.76 13.27
C TRP A 1026 -6.01 37.18 14.56
N GLY A 1027 -5.34 38.32 14.55
CA GLY A 1027 -4.76 38.85 15.77
C GLY A 1027 -3.52 38.13 16.24
N GLU A 1028 -3.09 38.51 17.44
CA GLU A 1028 -1.85 38.04 18.03
C GLU A 1028 -2.04 37.11 19.21
N GLU A 1029 -3.14 37.25 19.96
CA GLU A 1029 -3.29 36.50 21.21
C GLU A 1029 -3.33 35.00 20.96
N HIS A 1030 -4.01 34.56 19.92
CA HIS A 1030 -4.22 33.13 19.66
C HIS A 1030 -3.48 32.66 18.42
N LEU A 1031 -2.28 33.19 18.18
CA LEU A 1031 -1.53 32.79 16.99
C LEU A 1031 -1.13 31.33 17.05
N GLN A 1032 -0.64 30.88 18.20
CA GLN A 1032 -0.18 29.50 18.33
C GLN A 1032 -1.32 28.50 18.17
N GLU A 1033 -2.48 28.82 18.73
CA GLU A 1033 -3.65 27.95 18.59
C GLU A 1033 -4.07 27.83 17.13
N ASN A 1034 -4.08 28.94 16.41
CA ASN A 1034 -4.45 28.90 14.99
C ASN A 1034 -3.44 28.10 14.18
N LEU A 1035 -2.15 28.26 14.46
CA LEU A 1035 -1.15 27.48 13.74
C LEU A 1035 -1.31 25.99 14.02
N GLU A 1036 -1.57 25.63 15.28
CA GLU A 1036 -1.80 24.23 15.61
C GLU A 1036 -3.03 23.69 14.89
N PHE A 1037 -4.10 24.47 14.83
CA PHE A 1037 -5.30 24.02 14.12
C PHE A 1037 -5.02 23.78 12.65
N ILE A 1038 -4.30 24.70 12.01
CA ILE A 1038 -4.01 24.54 10.58
C ILE A 1038 -3.13 23.32 10.34
N ALA A 1039 -2.10 23.14 11.17
CA ALA A 1039 -1.21 22.00 11.00
C ALA A 1039 -1.95 20.69 11.21
N GLU A 1040 -2.83 20.63 12.20
CA GLU A 1040 -3.63 19.43 12.43
C GLU A 1040 -4.56 19.17 11.25
N SER A 1041 -5.16 20.22 10.70
CA SER A 1041 -6.10 20.04 9.60
C SER A 1041 -5.40 19.53 8.34
N LEU A 1042 -4.18 20.00 8.07
CA LEU A 1042 -3.50 19.59 6.85
C LEU A 1042 -3.20 18.09 6.84
N CYS A 1043 -2.87 17.52 8.01
CA CYS A 1043 -2.42 16.14 8.07
C CYS A 1043 -3.55 15.12 7.99
N LEU A 1044 -4.81 15.55 7.97
CA LEU A 1044 -5.91 14.60 7.92
C LEU A 1044 -5.95 13.85 6.60
N TYR A 1045 -5.82 14.57 5.49
CA TYR A 1045 -6.00 13.96 4.18
C TYR A 1045 -4.87 14.28 3.21
N ALA A 1046 -4.34 15.49 3.24
CA ALA A 1046 -3.37 15.90 2.22
C ALA A 1046 -2.06 15.14 2.36
N ILE A 1047 -1.51 15.08 3.57
CA ILE A 1047 -0.23 14.45 3.83
C ILE A 1047 -0.38 13.49 5.00
N LYS A 1048 0.70 12.75 5.28
CA LYS A 1048 0.81 11.73 6.33
C LYS A 1048 1.37 12.34 7.61
N PRO A 1049 0.77 12.05 8.76
CA PRO A 1049 1.26 12.60 10.02
C PRO A 1049 2.65 12.08 10.36
N LYS A 1050 3.40 12.91 11.07
CA LYS A 1050 4.74 12.56 11.51
C LYS A 1050 4.77 12.41 13.03
N LYS A 1051 5.87 11.85 13.54
CA LYS A 1051 5.95 11.53 14.96
C LYS A 1051 5.97 12.79 15.82
N GLY A 1052 7.01 13.61 15.67
CA GLY A 1052 7.08 14.84 16.42
C GLY A 1052 7.63 15.99 15.60
N GLU A 1053 6.83 17.05 15.45
CA GLU A 1053 7.24 18.23 14.70
C GLU A 1053 6.29 19.36 15.04
N SER A 1054 6.75 20.59 14.81
CA SER A 1054 5.95 21.77 15.11
C SER A 1054 5.03 22.08 13.94
N ALA A 1055 4.21 23.12 14.12
CA ALA A 1055 3.29 23.53 13.05
C ALA A 1055 4.05 24.07 11.85
N LEU A 1056 5.10 24.86 12.08
CA LEU A 1056 5.85 25.44 10.98
C LEU A 1056 6.53 24.37 10.14
N GLU A 1057 7.04 23.31 10.77
CA GLU A 1057 7.64 22.22 10.02
C GLU A 1057 6.62 21.55 9.11
N THR A 1058 5.40 21.33 9.61
CA THR A 1058 4.36 20.73 8.79
C THR A 1058 3.98 21.64 7.62
N ILE A 1059 3.88 22.95 7.89
CA ILE A 1059 3.57 23.89 6.82
C ILE A 1059 4.65 23.87 5.74
N ARG A 1060 5.91 23.89 6.16
CA ARG A 1060 7.01 23.86 5.20
C ARG A 1060 7.02 22.56 4.40
N ARG A 1061 6.76 21.44 5.07
CA ARG A 1061 6.71 20.16 4.37
C ARG A 1061 5.59 20.13 3.33
N TYR A 1062 4.41 20.66 3.69
CA TYR A 1062 3.32 20.71 2.73
C TYR A 1062 3.68 21.61 1.55
N LEU A 1063 4.27 22.77 1.82
CA LEU A 1063 4.61 23.68 0.72
C LEU A 1063 5.63 23.06 -0.21
N SER A 1064 6.63 22.36 0.33
CA SER A 1064 7.68 21.80 -0.51
C SER A 1064 7.29 20.48 -1.16
N THR A 1065 6.24 19.82 -0.70
CA THR A 1065 5.91 18.49 -1.19
C THR A 1065 4.71 18.48 -2.13
N GLN A 1066 3.58 19.01 -1.70
CA GLN A 1066 2.31 18.86 -2.42
C GLN A 1066 1.59 20.19 -2.57
N PHE A 1067 2.31 21.23 -2.99
CA PHE A 1067 1.65 22.46 -3.41
C PHE A 1067 1.63 22.63 -4.91
N TRP A 1068 2.70 22.20 -5.60
CA TRP A 1068 2.73 22.29 -7.06
C TRP A 1068 1.64 21.42 -7.68
N LYS A 1069 1.45 20.21 -7.15
CA LYS A 1069 0.46 19.30 -7.72
C LYS A 1069 -0.96 19.83 -7.56
N ASP A 1070 -1.28 20.35 -6.37
CA ASP A 1070 -2.62 20.88 -6.14
C ASP A 1070 -2.91 22.09 -7.02
N HIS A 1071 -1.93 22.98 -7.16
CA HIS A 1071 -2.12 24.14 -8.03
C HIS A 1071 -2.28 23.72 -9.49
N MET A 1072 -1.48 22.75 -9.93
CA MET A 1072 -1.59 22.30 -11.30
C MET A 1072 -2.91 21.59 -11.56
N LYS A 1073 -3.47 20.93 -10.54
CA LYS A 1073 -4.77 20.29 -10.68
C LYS A 1073 -5.91 21.31 -10.68
N MET A 1074 -5.80 22.35 -9.87
CA MET A 1074 -6.88 23.33 -9.78
C MET A 1074 -7.09 24.06 -11.10
N TYR A 1075 -6.01 24.42 -11.78
CA TYR A 1075 -6.08 25.17 -13.03
C TYR A 1075 -6.07 24.28 -14.26
N LYS A 1076 -6.07 22.95 -14.09
CA LYS A 1076 -6.20 21.99 -15.19
C LYS A 1076 -5.04 22.15 -16.19
N LYS A 1077 -3.82 21.95 -15.68
CA LYS A 1077 -2.61 21.92 -16.48
C LYS A 1077 -2.36 23.23 -17.23
N ARG A 1078 -2.83 24.34 -16.66
CA ARG A 1078 -2.54 25.68 -17.19
C ARG A 1078 -2.08 26.57 -16.04
N PRO A 1079 -0.88 26.33 -15.52
CA PRO A 1079 -0.47 27.01 -14.29
C PRO A 1079 -0.30 28.52 -14.48
N ILE A 1080 -0.53 29.23 -13.39
CA ILE A 1080 -0.30 30.67 -13.33
C ILE A 1080 1.05 31.00 -12.71
N TYR A 1081 1.42 30.29 -11.65
CA TYR A 1081 2.72 30.42 -11.02
C TYR A 1081 3.64 29.31 -11.53
N TRP A 1082 4.70 29.69 -12.22
CA TRP A 1082 5.63 28.71 -12.80
C TRP A 1082 6.73 28.37 -11.82
N LEU A 1083 7.10 27.08 -11.79
CA LEU A 1083 8.06 26.56 -10.84
C LEU A 1083 9.39 26.31 -11.53
N PHE A 1084 10.46 26.88 -11.00
CA PHE A 1084 11.82 26.63 -11.46
C PHE A 1084 12.51 25.77 -10.41
N SER A 1085 13.01 24.61 -10.82
CA SER A 1085 13.58 23.63 -9.91
C SER A 1085 14.96 23.19 -10.39
N SER A 1086 15.85 22.94 -9.43
CA SER A 1086 17.22 22.54 -9.78
C SER A 1086 17.28 21.10 -10.27
N GLY A 1087 16.54 20.19 -9.63
CA GLY A 1087 16.52 18.81 -10.08
C GLY A 1087 16.09 17.79 -9.05
N LYS A 1088 16.81 16.67 -9.01
CA LYS A 1088 16.41 15.56 -8.14
C LYS A 1088 16.47 15.94 -6.67
N GLU A 1089 17.51 16.69 -6.29
CA GLU A 1089 17.66 17.16 -4.92
C GLU A 1089 17.21 18.62 -4.84
N LYS A 1090 16.51 18.97 -3.78
CA LYS A 1090 15.92 20.30 -3.68
C LYS A 1090 16.99 21.34 -3.37
N ALA A 1091 17.91 21.55 -4.30
CA ALA A 1091 18.96 22.54 -4.08
C ALA A 1091 18.45 23.96 -4.24
N PHE A 1092 17.48 24.19 -5.13
CA PHE A 1092 16.97 25.52 -5.38
C PHE A 1092 15.63 25.42 -6.09
N GLU A 1093 14.61 26.04 -5.52
CA GLU A 1093 13.28 26.08 -6.12
C GLU A 1093 12.69 27.48 -5.97
N CYS A 1094 11.94 27.91 -6.98
CA CYS A 1094 11.37 29.24 -6.98
C CYS A 1094 10.03 29.25 -7.72
N LEU A 1095 9.19 30.22 -7.36
CA LEU A 1095 7.93 30.47 -8.04
C LEU A 1095 7.98 31.83 -8.72
N VAL A 1096 7.53 31.89 -9.97
CA VAL A 1096 7.53 33.11 -10.76
C VAL A 1096 6.11 33.37 -11.27
N TYR A 1097 5.63 34.60 -11.09
CA TYR A 1097 4.32 34.99 -11.60
C TYR A 1097 4.38 35.18 -13.10
N LEU A 1098 3.43 34.58 -13.82
CA LEU A 1098 3.45 34.64 -15.28
C LEU A 1098 3.23 36.06 -15.78
N HIS A 1099 2.35 36.81 -15.13
CA HIS A 1099 1.99 38.14 -15.59
C HIS A 1099 3.00 39.21 -15.19
N ARG A 1100 4.06 38.85 -14.47
CA ARG A 1100 5.09 39.80 -14.07
C ARG A 1100 6.46 39.36 -14.56
N TYR A 1101 6.52 38.65 -15.69
CA TYR A 1101 7.76 38.17 -16.26
C TYR A 1101 8.13 39.04 -17.45
N ASN A 1102 9.36 39.54 -17.45
CA ASN A 1102 9.90 40.30 -18.57
C ASN A 1102 11.24 39.69 -18.98
N ASP A 1103 11.95 40.37 -19.88
CA ASP A 1103 13.19 39.83 -20.43
C ASP A 1103 14.36 39.94 -19.46
N ALA A 1104 14.23 40.67 -18.36
CA ALA A 1104 15.30 40.87 -17.39
C ALA A 1104 14.99 40.15 -16.07
N THR A 1105 14.38 38.98 -16.16
CA THR A 1105 13.98 38.22 -14.98
C THR A 1105 15.02 37.17 -14.59
N LEU A 1106 15.51 36.39 -15.55
CA LEU A 1106 16.50 35.37 -15.23
C LEU A 1106 17.81 35.97 -14.75
N SER A 1107 18.17 37.15 -15.25
CA SER A 1107 19.41 37.79 -14.82
C SER A 1107 19.37 38.13 -13.33
N ARG A 1108 18.25 38.67 -12.87
CA ARG A 1108 18.12 38.97 -11.43
C ARG A 1108 18.18 37.70 -10.60
N MET A 1109 17.51 36.65 -11.05
CA MET A 1109 17.52 35.38 -10.33
C MET A 1109 18.94 34.88 -10.16
N ARG A 1110 19.70 34.82 -11.26
CA ARG A 1110 21.08 34.35 -11.18
C ARG A 1110 21.93 35.28 -10.33
N THR A 1111 21.74 36.60 -10.46
CA THR A 1111 22.63 37.54 -9.79
C THR A 1111 22.44 37.54 -8.28
N GLU A 1112 21.20 37.49 -7.80
CA GLU A 1112 20.98 37.66 -6.37
C GLU A 1112 20.09 36.57 -5.77
N TYR A 1113 20.12 35.36 -6.34
CA TYR A 1113 19.51 34.22 -5.66
C TYR A 1113 20.35 32.96 -5.67
N VAL A 1114 21.32 32.81 -6.58
CA VAL A 1114 22.07 31.58 -6.73
C VAL A 1114 23.51 31.74 -6.24
N VAL A 1115 24.18 32.82 -6.63
CA VAL A 1115 25.57 33.02 -6.22
C VAL A 1115 25.72 33.11 -4.70
N PRO A 1116 24.92 33.91 -3.98
CA PRO A 1116 25.02 33.88 -2.51
C PRO A 1116 24.75 32.50 -1.93
N LEU A 1117 23.83 31.74 -2.53
CA LEU A 1117 23.58 30.39 -2.05
C LEU A 1117 24.80 29.50 -2.24
N LEU A 1118 25.50 29.64 -3.37
CA LEU A 1118 26.73 28.88 -3.58
C LEU A 1118 27.79 29.25 -2.55
N ALA A 1119 27.94 30.55 -2.26
CA ALA A 1119 28.90 30.97 -1.26
C ALA A 1119 28.55 30.39 0.12
N ARG A 1120 27.26 30.41 0.47
CA ARG A 1120 26.83 29.86 1.75
C ARG A 1120 27.11 28.36 1.82
N TYR A 1121 26.85 27.64 0.74
CA TYR A 1121 27.13 26.20 0.73
C TYR A 1121 28.62 25.93 0.92
N GLN A 1122 29.47 26.68 0.22
CA GLN A 1122 30.91 26.49 0.38
C GLN A 1122 31.34 26.76 1.81
N ALA A 1123 30.87 27.85 2.40
CA ALA A 1123 31.26 28.19 3.77
C ALA A 1123 30.78 27.12 4.74
N ASN A 1124 29.55 26.63 4.56
CA ASN A 1124 29.02 25.62 5.48
C ASN A 1124 29.79 24.31 5.36
N ILE A 1125 30.16 23.92 4.14
CA ILE A 1125 30.94 22.70 3.98
C ILE A 1125 32.30 22.84 4.63
N ASP A 1126 32.95 24.00 4.45
CA ASP A 1126 34.26 24.20 5.06
C ASP A 1126 34.17 24.19 6.59
N ARG A 1127 33.15 24.83 7.15
CA ARG A 1127 33.04 24.90 8.61
C ARG A 1127 32.72 23.53 9.20
N LEU A 1128 31.72 22.85 8.64
CA LEU A 1128 31.27 21.58 9.22
C LEU A 1128 32.35 20.51 9.12
N ASN A 1129 33.03 20.42 7.98
CA ASN A 1129 34.04 19.38 7.80
C ASN A 1129 35.21 19.56 8.74
N ASP A 1130 35.44 20.79 9.21
CA ASP A 1130 36.59 21.04 10.07
C ASP A 1130 36.41 20.44 11.45
N GLN A 1131 35.22 20.58 12.04
CA GLN A 1131 35.04 20.18 13.42
C GLN A 1131 34.99 18.65 13.58
N LEU A 1132 34.54 17.93 12.56
CA LEU A 1132 34.49 16.47 12.66
C LEU A 1132 35.89 15.87 12.63
N ASP A 1133 36.77 16.44 11.80
CA ASP A 1133 38.14 15.92 11.73
C ASP A 1133 38.87 16.14 13.05
N GLU A 1134 38.65 17.27 13.70
CA GLU A 1134 39.33 17.57 14.96
C GLU A 1134 38.84 16.64 16.08
N ALA A 1135 37.53 16.50 16.23
CA ALA A 1135 36.96 15.69 17.29
C ALA A 1135 35.95 14.71 16.71
N SER A 1136 36.07 13.45 17.09
CA SER A 1136 35.17 12.40 16.67
C SER A 1136 34.44 11.82 17.88
N GLY A 1137 33.45 10.98 17.61
CA GLY A 1137 32.69 10.36 18.66
C GLY A 1137 31.95 9.13 18.17
N GLY A 1138 31.34 8.43 19.13
CA GLY A 1138 30.59 7.24 18.77
C GLY A 1138 29.39 7.53 17.90
N GLU A 1139 28.65 8.59 18.23
CA GLU A 1139 27.48 9.02 17.47
C GLU A 1139 27.79 10.28 16.66
N ALA A 1140 29.01 10.38 16.16
CA ALA A 1140 29.41 11.47 15.27
C ALA A 1140 29.09 11.16 13.82
N THR A 1141 28.55 9.98 13.52
CA THR A 1141 28.17 9.64 12.15
C THR A 1141 27.02 10.49 11.65
N ARG A 1142 26.22 11.07 12.54
CA ARG A 1142 25.13 11.93 12.11
C ARG A 1142 25.65 13.15 11.38
N LEU A 1143 26.73 13.75 11.87
CA LEU A 1143 27.34 14.87 11.18
C LEU A 1143 27.90 14.45 9.83
N LYS A 1144 28.41 13.23 9.72
CA LYS A 1144 28.86 12.73 8.43
C LYS A 1144 27.70 12.64 7.44
N ARG A 1145 26.55 12.13 7.88
CA ARG A 1145 25.40 12.06 7.01
C ARG A 1145 24.92 13.46 6.61
N GLU A 1146 24.96 14.40 7.56
CA GLU A 1146 24.57 15.77 7.23
C GLU A 1146 25.52 16.39 6.21
N ARG A 1147 26.82 16.13 6.34
CA ARG A 1147 27.80 16.71 5.43
C ARG A 1147 27.80 16.05 4.07
N ASP A 1148 27.37 14.79 3.98
CA ASP A 1148 27.39 14.11 2.69
C ASP A 1148 26.49 14.78 1.66
N SER A 1149 25.29 15.19 2.07
CA SER A 1149 24.32 15.72 1.11
C SER A 1149 24.74 17.09 0.58
N LEU A 1150 25.56 17.83 1.33
CA LEU A 1150 25.95 19.17 0.90
C LEU A 1150 26.81 19.13 -0.35
N ILE A 1151 27.65 18.11 -0.50
CA ILE A 1151 28.48 18.00 -1.70
C ILE A 1151 27.60 17.81 -2.93
N LYS A 1152 26.60 16.91 -2.82
CA LYS A 1152 25.69 16.68 -3.93
C LYS A 1152 24.90 17.93 -4.26
N LYS A 1153 24.41 18.63 -3.23
CA LYS A 1153 23.67 19.87 -3.47
C LYS A 1153 24.55 20.90 -4.17
N PHE A 1154 25.81 21.03 -3.73
CA PHE A 1154 26.71 22.01 -4.34
C PHE A 1154 26.96 21.69 -5.81
N SER A 1155 27.21 20.42 -6.12
CA SER A 1155 27.46 20.04 -7.51
C SER A 1155 26.23 20.29 -8.39
N GLU A 1156 25.06 19.89 -7.91
CA GLU A 1156 23.84 20.09 -8.69
C GLU A 1156 23.57 21.58 -8.89
N LEU A 1157 23.77 22.39 -7.86
CA LEU A 1157 23.54 23.82 -7.98
C LEU A 1157 24.53 24.45 -8.95
N ARG A 1158 25.78 23.97 -8.97
CA ARG A 1158 26.76 24.51 -9.92
C ARG A 1158 26.35 24.19 -11.36
N SER A 1159 25.90 22.95 -11.61
CA SER A 1159 25.46 22.61 -12.96
C SER A 1159 24.25 23.45 -13.38
N TYR A 1160 23.29 23.62 -12.46
CA TYR A 1160 22.12 24.43 -12.78
C TYR A 1160 22.50 25.88 -13.03
N ASP A 1161 23.48 26.40 -12.28
CA ASP A 1161 23.94 27.76 -12.50
C ASP A 1161 24.55 27.92 -13.89
N ASP A 1162 25.35 26.93 -14.30
CA ASP A 1162 25.94 26.99 -15.65
C ASP A 1162 24.85 27.01 -16.72
N ARG A 1163 23.85 26.14 -16.58
CA ARG A 1163 22.78 26.09 -17.57
C ARG A 1163 21.98 27.38 -17.59
N LEU A 1164 21.67 27.92 -16.41
CA LEU A 1164 20.90 29.16 -16.32
C LEU A 1164 21.68 30.33 -16.91
N ARG A 1165 22.99 30.38 -16.68
CA ARG A 1165 23.80 31.44 -17.27
C ARG A 1165 23.81 31.33 -18.78
N HIS A 1166 23.85 30.10 -19.31
CA HIS A 1166 23.75 29.94 -20.75
C HIS A 1166 22.42 30.46 -21.28
N TYR A 1167 21.32 30.13 -20.59
CA TYR A 1167 20.01 30.49 -21.12
C TYR A 1167 19.68 31.97 -20.95
N ALA A 1168 20.27 32.65 -19.95
CA ALA A 1168 19.90 34.03 -19.67
C ALA A 1168 20.55 35.04 -20.60
N ASP A 1169 21.56 34.63 -21.38
CA ASP A 1169 22.23 35.58 -22.26
C ASP A 1169 21.29 36.10 -23.33
N MET A 1170 20.47 35.21 -23.91
CA MET A 1170 19.51 35.60 -24.93
C MET A 1170 18.27 36.17 -24.23
N ARG A 1171 17.96 37.43 -24.53
CA ARG A 1171 16.84 38.09 -23.88
C ARG A 1171 15.52 37.57 -24.42
N ILE A 1172 14.96 36.57 -23.77
CA ILE A 1172 13.74 35.93 -24.24
C ILE A 1172 12.54 36.81 -23.90
N SER A 1173 11.73 37.12 -24.91
CA SER A 1173 10.50 37.87 -24.73
C SER A 1173 9.31 36.93 -24.95
N ILE A 1174 8.38 36.94 -24.02
CA ILE A 1174 7.23 36.04 -24.05
C ILE A 1174 5.99 36.85 -24.40
N ASP A 1175 5.01 36.17 -24.99
CA ASP A 1175 3.77 36.79 -25.43
C ASP A 1175 2.59 36.04 -24.83
N LEU A 1176 1.78 36.73 -24.04
CA LEU A 1176 0.66 36.08 -23.36
C LEU A 1176 -0.51 35.80 -24.28
N ASP A 1177 -0.57 36.46 -25.45
CA ASP A 1177 -1.64 36.19 -26.39
C ASP A 1177 -1.62 34.75 -26.88
N ASP A 1178 -0.45 34.15 -26.94
CA ASP A 1178 -0.31 32.72 -27.20
C ASP A 1178 -0.54 31.93 -25.91
N GLY A 1179 -0.82 30.64 -26.06
CA GLY A 1179 -1.16 29.82 -24.94
C GLY A 1179 0.01 29.50 -24.03
N VAL A 1180 -0.34 28.98 -22.85
CA VAL A 1180 0.69 28.50 -21.92
C VAL A 1180 1.39 27.28 -22.50
N LYS A 1181 0.66 26.45 -23.24
CA LYS A 1181 1.25 25.23 -23.79
C LYS A 1181 2.41 25.54 -24.73
N VAL A 1182 2.27 26.55 -25.58
CA VAL A 1182 3.33 26.92 -26.50
C VAL A 1182 4.50 27.55 -25.76
N ASN A 1183 4.21 28.47 -24.84
CA ASN A 1183 5.27 29.25 -24.19
C ASN A 1183 6.02 28.45 -23.14
N TYR A 1184 5.46 27.35 -22.64
CA TYR A 1184 6.11 26.59 -21.58
C TYR A 1184 7.33 25.83 -22.07
N GLY A 1185 7.50 25.66 -23.37
CA GLY A 1185 8.60 24.91 -23.93
C GLY A 1185 9.73 25.73 -24.51
N LYS A 1186 9.79 27.03 -24.21
CA LYS A 1186 10.85 27.89 -24.72
C LYS A 1186 12.02 28.03 -23.77
N PHE A 1187 11.98 27.39 -22.60
CA PHE A 1187 13.02 27.54 -21.59
C PHE A 1187 13.81 26.25 -21.38
N GLY A 1188 13.67 25.28 -22.27
CA GLY A 1188 14.44 24.06 -22.15
C GLY A 1188 14.09 23.29 -20.90
N ASP A 1189 15.10 22.68 -20.30
CA ASP A 1189 14.93 21.89 -19.08
C ASP A 1189 15.28 22.74 -17.85
N LEU A 1190 14.59 23.88 -17.74
CA LEU A 1190 14.71 24.71 -16.54
C LEU A 1190 13.46 24.66 -15.68
N LEU A 1191 12.32 24.27 -16.24
CA LEU A 1191 11.06 24.19 -15.54
C LEU A 1191 10.83 22.77 -15.05
N ALA A 1192 9.64 22.50 -14.53
CA ALA A 1192 9.28 21.19 -14.01
C ALA A 1192 8.05 20.66 -14.74
N ASP A 1193 8.06 19.36 -15.03
CA ASP A 1193 6.95 18.68 -15.70
C ASP A 1193 6.66 19.30 -17.07
N VAL A 1194 7.70 19.39 -17.89
CA VAL A 1194 7.53 19.93 -19.23
C VAL A 1194 6.73 18.96 -20.10
N LYS A 1195 6.99 17.66 -19.94
CA LYS A 1195 6.29 16.67 -20.78
C LYS A 1195 4.82 16.57 -20.43
N ALA A 1196 4.48 16.70 -19.15
CA ALA A 1196 3.09 16.58 -18.74
C ALA A 1196 2.23 17.75 -19.21
N ILE A 1197 2.83 18.87 -19.57
CA ILE A 1197 2.11 20.06 -20.00
C ILE A 1197 2.20 20.26 -21.50
N THR A 1198 3.42 20.39 -22.04
CA THR A 1198 3.57 20.60 -23.47
C THR A 1198 3.20 19.36 -24.27
N GLY A 1199 3.49 18.18 -23.73
CA GLY A 1199 3.19 16.93 -24.40
C GLY A 1199 4.38 16.25 -25.04
N ASN A 1200 5.53 16.90 -25.09
CA ASN A 1200 6.73 16.32 -25.67
C ASN A 1200 7.92 16.57 -24.76
N ALA A 1201 8.92 15.70 -24.87
CA ALA A 1201 10.08 15.78 -24.00
C ALA A 1201 10.88 17.06 -24.24
N PRO A 1202 11.48 17.62 -23.20
CA PRO A 1202 12.26 18.84 -23.38
C PRO A 1202 13.50 18.59 -24.23
N GLU A 1203 13.92 19.64 -24.94
CA GLU A 1203 15.06 19.57 -25.83
C GLU A 1203 16.32 20.04 -25.11
N ALA A 1204 17.36 19.23 -25.16
CA ALA A 1204 18.62 19.55 -24.51
C ALA A 1204 19.46 20.46 -25.39
N ILE A 1205 20.32 21.25 -24.75
CA ILE A 1205 21.19 22.17 -25.47
C ILE A 1205 22.44 21.42 -25.94
N MET B 1 -9.71 6.41 8.88
CA MET B 1 -8.52 7.26 8.88
C MET B 1 -7.40 6.61 8.08
N ALA B 2 -6.67 5.72 8.73
CA ALA B 2 -5.56 5.00 8.10
C ALA B 2 -5.99 3.69 7.46
N MET B 3 -7.28 3.38 7.47
CA MET B 3 -7.81 2.16 6.88
C MET B 3 -8.70 2.49 5.71
N SER B 4 -8.47 1.82 4.59
CA SER B 4 -9.27 2.01 3.39
C SER B 4 -9.28 0.72 2.59
N ASN B 5 -10.31 0.58 1.73
CA ASN B 5 -10.45 -0.60 0.88
C ASN B 5 -10.92 -0.14 -0.50
N MET B 6 -9.94 0.12 -1.38
CA MET B 6 -10.21 0.48 -2.76
C MET B 6 -9.45 -0.47 -3.66
N THR B 7 -10.14 -1.02 -4.65
CA THR B 7 -9.56 -2.00 -5.56
C THR B 7 -9.26 -1.37 -6.91
N TYR B 8 -8.45 -2.08 -7.70
CA TYR B 8 -8.10 -1.59 -9.03
C TYR B 8 -9.31 -1.57 -9.96
N ASN B 9 -10.30 -2.42 -9.71
CA ASN B 9 -11.48 -2.46 -10.57
C ASN B 9 -12.28 -1.16 -10.51
N ASN B 10 -12.40 -0.57 -9.32
CA ASN B 10 -13.08 0.71 -9.21
C ASN B 10 -12.37 1.79 -10.00
N VAL B 11 -11.03 1.82 -9.91
CA VAL B 11 -10.26 2.80 -10.66
C VAL B 11 -10.45 2.59 -12.16
N PHE B 12 -10.44 1.33 -12.60
CA PHE B 12 -10.63 1.05 -14.02
C PHE B 12 -12.01 1.48 -14.51
N ASP B 13 -13.04 1.21 -13.71
CA ASP B 13 -14.39 1.62 -14.09
C ASP B 13 -14.51 3.14 -14.17
N HIS B 14 -13.92 3.85 -13.21
CA HIS B 14 -13.94 5.30 -13.24
C HIS B 14 -13.22 5.83 -14.47
N ALA B 15 -12.07 5.23 -14.80
CA ALA B 15 -11.34 5.66 -15.99
C ALA B 15 -12.13 5.39 -17.26
N TYR B 16 -12.83 4.26 -17.32
CA TYR B 16 -13.66 3.94 -18.49
C TYR B 16 -14.76 4.97 -18.66
N GLU B 17 -15.44 5.30 -17.57
CA GLU B 17 -16.51 6.30 -17.64
C GLU B 17 -15.97 7.65 -18.07
N MET B 18 -14.83 8.06 -17.51
CA MET B 18 -14.25 9.35 -17.89
C MET B 18 -13.81 9.36 -19.34
N LEU B 19 -13.28 8.24 -19.85
CA LEU B 19 -12.92 8.17 -21.26
C LEU B 19 -14.14 8.34 -22.14
N LYS B 20 -15.26 7.69 -21.78
CA LYS B 20 -16.48 7.86 -22.55
C LYS B 20 -16.95 9.31 -22.52
N GLU B 21 -16.89 9.94 -21.35
CA GLU B 21 -17.27 11.35 -21.25
C GLU B 21 -16.41 12.23 -22.13
N ASN B 22 -15.09 12.00 -22.13
CA ASN B 22 -14.18 12.82 -22.92
C ASN B 22 -14.43 12.64 -24.41
N ILE B 23 -14.59 11.39 -24.85
CA ILE B 23 -14.80 11.15 -26.27
C ILE B 23 -16.15 11.71 -26.71
N ARG B 24 -17.13 11.76 -25.80
CA ARG B 24 -18.41 12.37 -26.16
C ARG B 24 -18.31 13.89 -26.23
N TYR B 25 -17.63 14.50 -25.27
CA TYR B 25 -17.58 15.96 -25.21
C TYR B 25 -16.72 16.55 -26.32
N ASP B 26 -15.55 15.96 -26.55
CA ASP B 26 -14.59 16.55 -27.48
C ASP B 26 -14.87 16.23 -28.95
N ASP B 27 -15.81 15.32 -29.22
CA ASP B 27 -16.14 14.89 -30.58
C ASP B 27 -14.90 14.36 -31.31
N ILE B 28 -14.37 13.26 -30.79
CA ILE B 28 -13.21 12.62 -31.39
C ILE B 28 -13.67 11.86 -32.63
N ARG B 29 -12.95 12.05 -33.74
CA ARG B 29 -13.29 11.42 -35.00
C ARG B 29 -12.21 10.53 -35.58
N ASP B 30 -10.96 10.62 -35.10
CA ASP B 30 -9.86 9.84 -35.63
C ASP B 30 -9.17 9.09 -34.51
N THR B 31 -8.50 7.99 -34.88
CA THR B 31 -7.82 7.15 -33.90
C THR B 31 -6.67 7.88 -33.22
N ASP B 32 -5.90 8.66 -33.99
CA ASP B 32 -4.72 9.31 -33.42
C ASP B 32 -5.10 10.33 -32.35
N ASP B 33 -6.31 10.88 -32.40
CA ASP B 33 -6.76 11.80 -31.37
C ASP B 33 -7.11 11.09 -30.07
N LEU B 34 -7.19 9.76 -30.08
CA LEU B 34 -7.57 9.04 -28.86
C LEU B 34 -6.52 9.17 -27.77
N HIS B 35 -5.24 9.24 -28.15
CA HIS B 35 -4.15 9.31 -27.18
C HIS B 35 -4.44 10.30 -26.07
N ASP B 36 -4.59 11.57 -26.43
CA ASP B 36 -4.86 12.60 -25.43
C ASP B 36 -6.14 12.30 -24.67
N ALA B 37 -7.18 11.86 -25.39
CA ALA B 37 -8.43 11.50 -24.73
C ALA B 37 -8.21 10.42 -23.67
N ILE B 38 -7.31 9.48 -23.95
CA ILE B 38 -6.96 8.49 -22.94
C ILE B 38 -6.14 9.13 -21.83
N HIS B 39 -5.17 9.96 -22.20
CA HIS B 39 -4.25 10.54 -21.21
C HIS B 39 -5.01 11.27 -20.12
N MET B 40 -5.88 12.21 -20.52
CA MET B 40 -6.68 12.93 -19.54
C MET B 40 -7.53 11.97 -18.72
N ALA B 41 -8.08 10.93 -19.35
CA ALA B 41 -8.89 9.97 -18.62
C ALA B 41 -8.09 9.29 -17.52
N ALA B 42 -6.79 9.11 -17.72
CA ALA B 42 -5.97 8.54 -16.66
C ALA B 42 -5.66 9.56 -15.58
N ASP B 43 -5.51 10.83 -15.98
CA ASP B 43 -5.05 11.85 -15.03
C ASP B 43 -6.02 11.98 -13.86
N ASN B 44 -7.31 12.02 -14.13
CA ASN B 44 -8.30 12.05 -13.06
C ASN B 44 -8.76 10.65 -12.67
N ALA B 45 -7.80 9.74 -12.49
CA ALA B 45 -8.12 8.41 -12.00
C ALA B 45 -7.18 7.91 -10.91
N VAL B 46 -5.98 8.44 -10.79
CA VAL B 46 -5.03 7.98 -9.77
C VAL B 46 -5.38 8.64 -8.45
N PRO B 47 -5.61 7.89 -7.39
CA PRO B 47 -5.93 8.51 -6.10
C PRO B 47 -4.73 9.23 -5.51
N HIS B 48 -5.01 10.24 -4.69
CA HIS B 48 -3.98 11.01 -4.01
C HIS B 48 -3.84 10.66 -2.55
N TYR B 49 -4.81 9.95 -1.97
CA TYR B 49 -4.69 9.49 -0.58
C TYR B 49 -3.68 8.36 -0.52
N TYR B 50 -2.74 8.45 0.44
CA TYR B 50 -1.69 7.44 0.53
C TYR B 50 -2.27 6.07 0.88
N ALA B 51 -3.27 6.04 1.76
CA ALA B 51 -3.89 4.77 2.13
C ALA B 51 -4.54 4.10 0.92
N ASP B 52 -5.23 4.88 0.09
CA ASP B 52 -5.85 4.32 -1.11
C ASP B 52 -4.79 3.78 -2.07
N ILE B 53 -3.68 4.51 -2.23
CA ILE B 53 -2.62 4.06 -3.12
C ILE B 53 -2.03 2.75 -2.62
N PHE B 54 -1.80 2.65 -1.31
CA PHE B 54 -1.24 1.41 -0.77
C PHE B 54 -2.24 0.26 -0.84
N SER B 55 -3.53 0.54 -0.72
CA SER B 55 -4.52 -0.53 -0.82
C SER B 55 -4.69 -1.00 -2.26
N VAL B 56 -4.57 -0.10 -3.23
CA VAL B 56 -4.74 -0.48 -4.63
C VAL B 56 -3.65 -1.45 -5.06
N MET B 57 -2.40 -1.20 -4.67
CA MET B 57 -1.30 -2.05 -5.10
C MET B 57 -1.39 -3.45 -4.53
N ALA B 58 -2.15 -3.66 -3.46
CA ALA B 58 -2.35 -4.98 -2.88
C ALA B 58 -3.58 -5.69 -3.44
N SER B 59 -4.31 -5.07 -4.34
CA SER B 59 -5.50 -5.68 -4.94
C SER B 59 -5.06 -6.62 -6.07
N GLU B 60 -6.03 -7.12 -6.83
CA GLU B 60 -5.78 -8.07 -7.90
C GLU B 60 -6.05 -7.41 -9.24
N GLY B 61 -5.08 -7.47 -10.14
CA GLY B 61 -5.25 -6.94 -11.48
C GLY B 61 -4.12 -6.03 -11.94
N ILE B 62 -3.18 -5.75 -11.05
CA ILE B 62 -2.05 -4.86 -11.36
C ILE B 62 -0.77 -5.55 -10.93
N ASP B 63 0.24 -5.50 -11.80
CA ASP B 63 1.52 -6.13 -11.54
C ASP B 63 2.40 -5.19 -10.69
N LEU B 64 3.61 -5.65 -10.41
CA LEU B 64 4.53 -4.93 -9.53
C LEU B 64 5.89 -4.73 -10.20
N GLU B 65 5.89 -4.48 -11.50
CA GLU B 65 7.15 -4.27 -12.22
C GLU B 65 6.89 -3.44 -13.46
N PHE B 66 7.72 -2.43 -13.68
CA PHE B 66 7.58 -1.57 -14.84
C PHE B 66 7.92 -2.33 -16.12
N GLU B 67 7.32 -1.87 -17.22
CA GLU B 67 7.60 -2.41 -18.55
C GLU B 67 8.44 -1.48 -19.39
N ASP B 68 8.26 -0.18 -19.27
CA ASP B 68 9.04 0.82 -20.00
C ASP B 68 9.90 1.59 -19.02
N SER B 69 11.20 1.65 -19.29
CA SER B 69 12.13 2.33 -18.41
C SER B 69 12.05 3.84 -18.52
N GLY B 70 11.33 4.37 -19.50
CA GLY B 70 11.21 5.80 -19.70
C GLY B 70 10.08 6.47 -18.95
N LEU B 71 9.35 5.74 -18.10
CA LEU B 71 8.24 6.30 -17.36
C LEU B 71 8.49 6.32 -15.85
N MET B 72 9.75 6.20 -15.43
CA MET B 72 10.09 6.22 -14.02
C MET B 72 10.52 7.63 -13.63
N PRO B 73 9.82 8.29 -12.71
CA PRO B 73 10.22 9.64 -12.31
C PRO B 73 11.58 9.65 -11.63
N ASP B 74 12.30 10.75 -11.81
CA ASP B 74 13.61 10.93 -11.19
C ASP B 74 13.43 11.80 -9.95
N THR B 75 12.92 11.17 -8.89
CA THR B 75 12.62 11.86 -7.64
C THR B 75 13.08 10.99 -6.47
N LYS B 76 12.80 11.48 -5.26
CA LYS B 76 13.09 10.75 -4.04
C LYS B 76 11.84 10.34 -3.27
N ASP B 77 10.65 10.58 -3.82
CA ASP B 77 9.41 10.23 -3.16
C ASP B 77 8.84 8.97 -3.78
N VAL B 78 8.34 8.07 -2.92
CA VAL B 78 7.84 6.77 -3.39
C VAL B 78 6.40 6.84 -3.91
N ILE B 79 5.67 7.92 -3.61
CA ILE B 79 4.31 8.03 -4.11
C ILE B 79 4.30 8.23 -5.62
N ARG B 80 5.27 8.99 -6.13
CA ARG B 80 5.32 9.28 -7.56
C ARG B 80 5.49 8.01 -8.38
N ILE B 81 6.36 7.10 -7.91
CA ILE B 81 6.62 5.88 -8.67
C ILE B 81 5.36 5.00 -8.72
N LEU B 82 4.66 4.85 -7.60
CA LEU B 82 3.44 4.05 -7.60
C LEU B 82 2.38 4.69 -8.49
N GLN B 83 2.25 6.01 -8.45
CA GLN B 83 1.29 6.67 -9.30
C GLN B 83 1.63 6.48 -10.78
N ALA B 84 2.92 6.54 -11.11
CA ALA B 84 3.33 6.31 -12.49
C ALA B 84 3.02 4.89 -12.93
N ARG B 85 3.23 3.91 -12.05
CA ARG B 85 2.91 2.53 -12.38
C ARG B 85 1.42 2.36 -12.65
N ILE B 86 0.58 2.96 -11.79
CA ILE B 86 -0.86 2.89 -11.99
C ILE B 86 -1.26 3.56 -13.30
N TYR B 87 -0.65 4.71 -13.60
CA TYR B 87 -0.94 5.42 -14.83
C TYR B 87 -0.60 4.58 -16.05
N GLU B 88 0.56 3.93 -16.04
CA GLU B 88 0.95 3.10 -17.17
C GLU B 88 0.00 1.91 -17.34
N GLN B 89 -0.36 1.25 -16.24
CA GLN B 89 -1.28 0.11 -16.34
C GLN B 89 -2.63 0.54 -16.88
N LEU B 90 -3.16 1.66 -16.38
CA LEU B 90 -4.44 2.16 -16.89
C LEU B 90 -4.35 2.52 -18.36
N THR B 91 -3.25 3.14 -18.78
CA THR B 91 -3.11 3.50 -20.19
C THR B 91 -3.13 2.26 -21.07
N ILE B 92 -2.39 1.23 -20.67
CA ILE B 92 -2.34 -0.01 -21.46
C ILE B 92 -3.73 -0.64 -21.53
N ASP B 93 -4.40 -0.74 -20.38
CA ASP B 93 -5.71 -1.38 -20.36
C ASP B 93 -6.73 -0.62 -21.20
N LEU B 94 -6.73 0.71 -21.11
CA LEU B 94 -7.70 1.50 -21.86
C LEU B 94 -7.42 1.44 -23.35
N TRP B 95 -6.15 1.55 -23.75
CA TRP B 95 -5.82 1.47 -25.17
C TRP B 95 -6.07 0.07 -25.71
N GLU B 96 -6.10 -0.95 -24.85
CA GLU B 96 -6.37 -2.30 -25.30
C GLU B 96 -7.74 -2.41 -25.95
N ASP B 97 -8.75 -1.77 -25.35
CA ASP B 97 -10.12 -1.79 -25.87
C ASP B 97 -10.62 -0.34 -25.94
N ALA B 98 -10.37 0.32 -27.08
CA ALA B 98 -10.79 1.69 -27.26
C ALA B 98 -11.44 1.98 -28.60
N GLU B 99 -11.22 1.14 -29.63
CA GLU B 99 -11.82 1.42 -30.93
C GLU B 99 -13.33 1.19 -30.93
N ASP B 100 -13.82 0.37 -29.99
CA ASP B 100 -15.25 0.08 -29.94
C ASP B 100 -16.07 1.35 -29.73
N LEU B 101 -15.69 2.14 -28.73
CA LEU B 101 -16.42 3.37 -28.45
C LEU B 101 -16.32 4.35 -29.61
N LEU B 102 -15.14 4.44 -30.23
CA LEU B 102 -14.95 5.37 -31.33
C LEU B 102 -15.86 5.01 -32.50
N ASN B 103 -15.87 3.73 -32.91
CA ASN B 103 -16.71 3.35 -34.04
C ASN B 103 -18.19 3.41 -33.69
N GLU B 104 -18.55 3.15 -32.43
CA GLU B 104 -19.95 3.28 -32.03
C GLU B 104 -20.40 4.74 -32.15
N TYR B 105 -19.58 5.67 -31.67
CA TYR B 105 -19.92 7.09 -31.79
C TYR B 105 -19.97 7.51 -33.25
N LEU B 106 -19.03 7.01 -34.07
CA LEU B 106 -19.03 7.35 -35.49
C LEU B 106 -20.29 6.86 -36.19
N GLU B 107 -20.70 5.61 -35.92
CA GLU B 107 -21.91 5.10 -36.57
C GLU B 107 -23.15 5.82 -36.06
N GLU B 108 -23.19 6.18 -34.78
CA GLU B 108 -24.34 6.92 -34.26
C GLU B 108 -24.44 8.29 -34.91
N VAL B 109 -23.32 9.01 -35.02
CA VAL B 109 -23.35 10.34 -35.63
C VAL B 109 -23.68 10.22 -37.12
N GLU B 110 -23.22 9.16 -37.78
CA GLU B 110 -23.63 8.95 -39.17
C GLU B 110 -25.12 8.72 -39.26
N GLU B 111 -25.70 7.98 -38.31
CA GLU B 111 -27.13 7.73 -38.31
C GLU B 111 -27.93 9.01 -38.13
N TYR B 112 -27.53 9.84 -37.16
CA TYR B 112 -28.31 11.05 -36.87
C TYR B 112 -27.80 12.29 -37.61
N GLU B 113 -26.90 12.12 -38.59
CA GLU B 113 -26.47 13.24 -39.42
C GLU B 113 -27.65 13.93 -40.08
N GLU B 114 -28.68 13.16 -40.47
CA GLU B 114 -29.88 13.70 -41.12
C GLU B 114 -29.52 14.49 -42.37
N ASP B 115 -28.65 13.91 -43.20
CA ASP B 115 -28.25 14.51 -44.47
C ASP B 115 -27.65 15.91 -44.27
N GLU B 116 -26.86 16.06 -43.21
CA GLU B 116 -26.20 17.33 -42.89
C GLU B 116 -27.20 18.46 -42.76
N GLU B 117 -28.33 18.17 -42.12
CA GLU B 117 -29.37 19.18 -41.91
C GLU B 117 -29.86 19.17 -40.47
N MET C 1 -2.18 -13.39 4.70
CA MET C 1 -2.63 -13.15 3.33
C MET C 1 -2.77 -11.65 3.06
N ALA C 2 -3.75 -11.30 2.22
CA ALA C 2 -3.96 -9.90 1.88
C ALA C 2 -4.37 -9.08 3.10
N MET C 3 -5.22 -9.65 3.96
CA MET C 3 -5.65 -8.97 5.18
C MET C 3 -4.60 -9.20 6.27
N SER C 4 -3.46 -8.54 6.08
CA SER C 4 -2.34 -8.63 7.00
C SER C 4 -2.22 -7.31 7.77
N ASN C 5 -2.10 -7.41 9.09
CA ASN C 5 -1.96 -6.26 9.97
C ASN C 5 -0.59 -6.33 10.64
N MET C 6 0.41 -5.81 9.95
CA MET C 6 1.78 -5.77 10.46
C MET C 6 2.24 -4.32 10.47
N THR C 7 2.70 -3.86 11.63
CA THR C 7 3.06 -2.47 11.83
C THR C 7 4.58 -2.32 11.93
N TYR C 8 5.03 -1.06 11.89
CA TYR C 8 6.45 -0.78 12.00
C TYR C 8 6.98 -1.10 13.40
N ASN C 9 6.11 -1.03 14.41
CA ASN C 9 6.57 -1.30 15.78
C ASN C 9 7.02 -2.74 15.94
N ASN C 10 6.30 -3.69 15.34
CA ASN C 10 6.70 -5.10 15.43
C ASN C 10 8.06 -5.31 14.77
N VAL C 11 8.27 -4.70 13.61
CA VAL C 11 9.55 -4.83 12.92
C VAL C 11 10.67 -4.23 13.77
N PHE C 12 10.41 -3.07 14.37
CA PHE C 12 11.43 -2.45 15.21
C PHE C 12 11.76 -3.31 16.42
N ASP C 13 10.74 -3.90 17.06
CA ASP C 13 10.99 -4.74 18.22
C ASP C 13 11.79 -5.98 17.84
N HIS C 14 11.44 -6.62 16.72
CA HIS C 14 12.20 -7.78 16.27
C HIS C 14 13.64 -7.40 15.97
N ALA C 15 13.86 -6.25 15.32
CA ALA C 15 15.22 -5.82 15.03
C ALA C 15 16.00 -5.53 16.30
N TYR C 16 15.34 -4.95 17.31
CA TYR C 16 16.00 -4.65 18.57
C TYR C 16 16.43 -5.93 19.28
N GLU C 17 15.54 -6.93 19.31
CA GLU C 17 15.89 -8.21 19.92
C GLU C 17 17.04 -8.87 19.18
N MET C 18 17.00 -8.85 17.85
CA MET C 18 18.08 -9.44 17.07
C MET C 18 19.40 -8.73 17.33
N LEU C 19 19.38 -7.40 17.43
CA LEU C 19 20.60 -6.66 17.72
C LEU C 19 21.16 -7.02 19.09
N LYS C 20 20.29 -7.15 20.09
CA LYS C 20 20.76 -7.54 21.41
C LYS C 20 21.38 -8.93 21.39
N GLU C 21 20.73 -9.87 20.69
CA GLU C 21 21.29 -11.22 20.60
C GLU C 21 22.64 -11.21 19.89
N ASN C 22 22.75 -10.44 18.80
CA ASN C 22 24.01 -10.38 18.06
C ASN C 22 25.12 -9.78 18.90
N ILE C 23 24.83 -8.69 19.62
CA ILE C 23 25.88 -8.08 20.43
C ILE C 23 26.28 -8.99 21.59
N ARG C 24 25.34 -9.79 22.10
CA ARG C 24 25.70 -10.72 23.16
C ARG C 24 26.53 -11.88 22.61
N TYR C 25 26.21 -12.37 21.40
CA TYR C 25 26.94 -13.50 20.83
C TYR C 25 28.34 -13.10 20.43
N ASP C 26 28.48 -11.98 19.72
CA ASP C 26 29.78 -11.60 19.16
C ASP C 26 30.74 -11.06 20.20
N ASP C 27 30.23 -10.49 21.30
CA ASP C 27 31.06 -9.90 22.36
C ASP C 27 31.97 -8.80 21.80
N ILE C 28 31.33 -7.75 21.31
CA ILE C 28 32.05 -6.59 20.81
C ILE C 28 32.30 -5.62 21.95
N ARG C 29 33.53 -5.15 22.07
CA ARG C 29 33.95 -4.31 23.20
C ARG C 29 34.50 -2.97 22.71
N ASP C 30 33.83 -2.36 21.74
CA ASP C 30 34.22 -1.03 21.28
C ASP C 30 33.01 -0.34 20.67
N THR C 31 33.05 0.99 20.69
CA THR C 31 31.93 1.78 20.18
C THR C 31 31.86 1.80 18.67
N ASP C 32 33.02 1.91 18.00
CA ASP C 32 33.05 2.09 16.56
C ASP C 32 32.95 0.78 15.78
N ASP C 33 32.85 -0.35 16.45
CA ASP C 33 32.72 -1.64 15.80
C ASP C 33 31.28 -2.13 15.73
N LEU C 34 30.32 -1.27 16.06
CA LEU C 34 28.92 -1.65 16.03
C LEU C 34 28.30 -1.56 14.65
N HIS C 35 29.03 -1.06 13.65
CA HIS C 35 28.48 -0.93 12.31
C HIS C 35 28.11 -2.28 11.73
N ASP C 36 29.00 -3.27 11.87
CA ASP C 36 28.71 -4.60 11.35
C ASP C 36 27.51 -5.22 12.07
N ALA C 37 27.45 -5.06 13.39
CA ALA C 37 26.35 -5.63 14.16
C ALA C 37 25.02 -5.03 13.74
N ILE C 38 24.98 -3.69 13.59
CA ILE C 38 23.72 -3.06 13.21
C ILE C 38 23.35 -3.40 11.77
N HIS C 39 24.34 -3.52 10.88
CA HIS C 39 24.06 -3.93 9.51
C HIS C 39 23.43 -5.32 9.47
N MET C 40 24.02 -6.26 10.22
CA MET C 40 23.47 -7.61 10.28
C MET C 40 22.07 -7.63 10.89
N ALA C 41 21.87 -6.85 11.95
CA ALA C 41 20.56 -6.81 12.60
C ALA C 41 19.50 -6.24 11.67
N ALA C 42 19.85 -5.21 10.89
CA ALA C 42 18.88 -4.58 10.00
C ALA C 42 18.60 -5.42 8.76
N ASP C 43 19.60 -6.16 8.26
CA ASP C 43 19.38 -6.96 7.05
C ASP C 43 18.32 -8.03 7.27
N ASN C 44 18.44 -8.80 8.35
CA ASN C 44 17.52 -9.90 8.60
C ASN C 44 16.34 -9.46 9.45
N ALA C 45 15.68 -8.38 9.06
CA ALA C 45 14.50 -7.90 9.75
C ALA C 45 13.36 -7.48 8.84
N VAL C 46 13.64 -7.10 7.59
CA VAL C 46 12.57 -6.65 6.70
C VAL C 46 11.77 -7.85 6.22
N PRO C 47 10.47 -7.71 5.98
CA PRO C 47 9.67 -8.85 5.53
C PRO C 47 9.83 -9.08 4.02
N HIS C 48 9.25 -10.19 3.56
CA HIS C 48 9.27 -10.55 2.15
C HIS C 48 7.88 -10.68 1.53
N TYR C 49 6.83 -10.88 2.33
CA TYR C 49 5.49 -10.91 1.80
C TYR C 49 5.09 -9.51 1.35
N TYR C 50 4.57 -9.39 0.12
CA TYR C 50 4.24 -8.07 -0.41
C TYR C 50 3.10 -7.42 0.38
N ALA C 51 2.13 -8.23 0.82
CA ALA C 51 1.04 -7.68 1.63
C ALA C 51 1.57 -7.12 2.94
N ASP C 52 2.52 -7.80 3.57
CA ASP C 52 3.11 -7.29 4.80
C ASP C 52 3.83 -5.97 4.56
N ILE C 53 4.56 -5.86 3.44
CA ILE C 53 5.26 -4.63 3.13
C ILE C 53 4.28 -3.49 2.93
N PHE C 54 3.20 -3.74 2.17
CA PHE C 54 2.20 -2.70 1.94
C PHE C 54 1.45 -2.32 3.20
N SER C 55 1.28 -3.25 4.14
CA SER C 55 0.65 -2.90 5.41
C SER C 55 1.61 -2.14 6.32
N VAL C 56 2.91 -2.43 6.24
CA VAL C 56 3.88 -1.70 7.03
C VAL C 56 4.02 -0.26 6.54
N MET C 57 4.06 -0.07 5.22
CA MET C 57 4.28 1.27 4.68
C MET C 57 3.13 2.21 5.04
N ALA C 58 1.94 1.68 5.25
CA ALA C 58 0.79 2.50 5.62
C ALA C 58 0.61 2.65 7.12
N SER C 59 1.52 2.10 7.92
CA SER C 59 1.43 2.16 9.36
C SER C 59 1.96 3.51 9.85
N GLU C 60 2.15 3.63 11.16
CA GLU C 60 2.61 4.86 11.79
C GLU C 60 4.04 4.69 12.28
N GLY C 61 4.93 5.60 11.86
CA GLY C 61 6.29 5.57 12.33
C GLY C 61 7.33 5.70 11.23
N ILE C 62 6.92 5.51 9.99
CA ILE C 62 7.83 5.53 8.85
C ILE C 62 7.34 6.55 7.84
N ASP C 63 8.25 7.40 7.36
CA ASP C 63 7.91 8.44 6.41
C ASP C 63 7.96 7.87 4.98
N LEU C 64 7.87 8.75 3.99
CA LEU C 64 7.78 8.32 2.60
C LEU C 64 8.81 8.97 1.69
N GLU C 65 9.82 9.65 2.24
CA GLU C 65 10.84 10.31 1.44
C GLU C 65 12.21 9.84 1.85
N PHE C 66 13.03 9.47 0.87
CA PHE C 66 14.40 9.06 1.15
C PHE C 66 15.20 10.23 1.68
N GLU C 67 16.19 9.92 2.52
CA GLU C 67 17.12 10.91 3.03
C GLU C 67 18.46 10.87 2.34
N ASP C 68 18.90 9.70 1.90
CA ASP C 68 20.16 9.53 1.17
C ASP C 68 19.86 9.08 -0.24
N SER C 69 20.44 9.76 -1.22
CA SER C 69 20.23 9.40 -2.61
C SER C 69 21.08 8.22 -3.05
N GLY C 70 22.08 7.83 -2.26
CA GLY C 70 22.92 6.70 -2.61
C GLY C 70 22.33 5.34 -2.29
N LEU C 71 21.27 5.29 -1.49
CA LEU C 71 20.63 4.04 -1.14
C LEU C 71 19.49 3.67 -2.09
N MET C 72 19.25 4.45 -3.13
CA MET C 72 18.21 4.14 -4.08
C MET C 72 18.67 3.00 -4.98
N PRO C 73 17.95 1.87 -5.01
CA PRO C 73 18.32 0.80 -5.94
C PRO C 73 18.09 1.21 -7.38
N ASP C 74 18.86 0.60 -8.28
CA ASP C 74 18.75 0.83 -9.72
C ASP C 74 18.11 -0.40 -10.33
N THR C 75 16.78 -0.40 -10.38
CA THR C 75 16.03 -1.54 -10.88
C THR C 75 14.66 -1.06 -11.35
N LYS C 76 13.91 -1.98 -11.96
CA LYS C 76 12.57 -1.70 -12.46
C LYS C 76 11.48 -2.27 -11.55
N ASP C 77 11.86 -2.79 -10.38
CA ASP C 77 10.90 -3.36 -9.44
C ASP C 77 10.62 -2.36 -8.32
N VAL C 78 9.41 -2.45 -7.76
CA VAL C 78 8.99 -1.52 -6.73
C VAL C 78 9.13 -2.07 -5.32
N ILE C 79 9.22 -3.40 -5.16
CA ILE C 79 9.40 -3.98 -3.84
C ILE C 79 10.77 -3.63 -3.29
N ARG C 80 11.78 -3.59 -4.15
CA ARG C 80 13.15 -3.31 -3.70
C ARG C 80 13.26 -1.93 -3.09
N ILE C 81 12.61 -0.93 -3.70
CA ILE C 81 12.70 0.44 -3.19
C ILE C 81 12.06 0.54 -1.81
N LEU C 82 10.89 -0.08 -1.63
CA LEU C 82 10.23 -0.06 -0.34
C LEU C 82 11.07 -0.77 0.71
N GLN C 83 11.67 -1.91 0.35
CA GLN C 83 12.52 -2.62 1.29
C GLN C 83 13.73 -1.78 1.69
N ALA C 84 14.33 -1.08 0.73
CA ALA C 84 15.47 -0.22 1.04
C ALA C 84 15.06 0.92 1.97
N ARG C 85 13.88 1.50 1.74
CA ARG C 85 13.40 2.57 2.61
C ARG C 85 13.21 2.06 4.04
N ILE C 86 12.60 0.87 4.18
CA ILE C 86 12.39 0.30 5.51
C ILE C 86 13.73 0.01 6.18
N TYR C 87 14.69 -0.52 5.41
CA TYR C 87 16.01 -0.81 5.96
C TYR C 87 16.70 0.45 6.47
N GLU C 88 16.63 1.53 5.70
CA GLU C 88 17.26 2.78 6.13
C GLU C 88 16.59 3.34 7.38
N GLN C 89 15.26 3.30 7.43
CA GLN C 89 14.56 3.79 8.61
C GLN C 89 14.93 2.99 9.84
N LEU C 90 14.98 1.65 9.72
CA LEU C 90 15.37 0.82 10.85
C LEU C 90 16.80 1.11 11.28
N THR C 91 17.71 1.30 10.31
CA THR C 91 19.09 1.58 10.66
C THR C 91 19.21 2.87 11.46
N ILE C 92 18.52 3.92 11.02
CA ILE C 92 18.58 5.19 11.73
C ILE C 92 18.00 5.04 13.13
N ASP C 93 16.83 4.41 13.24
CA ASP C 93 16.18 4.29 14.55
C ASP C 93 17.02 3.48 15.52
N LEU C 94 17.65 2.40 15.04
CA LEU C 94 18.43 1.57 15.95
C LEU C 94 19.76 2.23 16.31
N TRP C 95 20.39 2.91 15.35
CA TRP C 95 21.62 3.63 15.66
C TRP C 95 21.38 4.81 16.58
N GLU C 96 20.13 5.27 16.68
CA GLU C 96 19.81 6.32 17.64
C GLU C 96 20.10 5.88 19.07
N ASP C 97 19.75 4.63 19.41
CA ASP C 97 19.94 4.06 20.74
C ASP C 97 20.78 2.81 20.61
N ALA C 98 22.11 2.96 20.69
CA ALA C 98 23.02 1.84 20.58
C ALA C 98 24.12 1.81 21.62
N GLU C 99 24.48 2.94 22.23
CA GLU C 99 25.54 2.96 23.22
C GLU C 99 25.09 2.36 24.56
N ASP C 100 23.80 2.45 24.86
CA ASP C 100 23.30 1.94 26.14
C ASP C 100 23.54 0.45 26.26
N LEU C 101 23.22 -0.30 25.21
CA LEU C 101 23.42 -1.75 25.26
C LEU C 101 24.90 -2.09 25.40
N LEU C 102 25.77 -1.38 24.68
CA LEU C 102 27.20 -1.66 24.74
C LEU C 102 27.74 -1.41 26.14
N ASN C 103 27.41 -0.26 26.73
CA ASN C 103 27.96 0.04 28.05
C ASN C 103 27.36 -0.87 29.12
N GLU C 104 26.08 -1.23 28.97
CA GLU C 104 25.48 -2.17 29.92
C GLU C 104 26.17 -3.53 29.85
N TYR C 105 26.44 -4.02 28.63
CA TYR C 105 27.14 -5.28 28.48
C TYR C 105 28.54 -5.20 29.07
N LEU C 106 29.25 -4.09 28.83
CA LEU C 106 30.60 -3.96 29.38
C LEU C 106 30.59 -3.96 30.90
N GLU C 107 29.67 -3.21 31.51
CA GLU C 107 29.65 -3.16 32.98
C GLU C 107 29.17 -4.47 33.57
N GLU C 108 28.34 -5.23 32.84
CA GLU C 108 27.93 -6.53 33.33
C GLU C 108 29.05 -7.55 33.24
N VAL C 109 29.80 -7.54 32.13
CA VAL C 109 30.88 -8.50 31.97
C VAL C 109 32.09 -8.14 32.82
N GLU C 110 32.19 -6.89 33.27
CA GLU C 110 33.28 -6.52 34.17
C GLU C 110 33.21 -7.28 35.49
N GLU C 111 32.00 -7.65 35.91
CA GLU C 111 31.80 -8.32 37.19
C GLU C 111 31.94 -9.84 37.12
N TYR C 112 32.67 -10.36 36.13
CA TYR C 112 32.89 -11.80 36.01
C TYR C 112 34.34 -12.10 35.69
N GLU C 113 35.26 -11.36 36.32
CA GLU C 113 36.68 -11.62 36.14
C GLU C 113 37.13 -12.84 36.95
N GLU C 114 36.59 -12.98 38.17
CA GLU C 114 36.97 -14.06 39.09
C GLU C 114 38.47 -14.07 39.39
N ASP C 115 39.10 -12.90 39.27
CA ASP C 115 40.54 -12.75 39.52
C ASP C 115 41.36 -13.74 38.69
N GLU C 116 40.95 -13.91 37.43
CA GLU C 116 41.60 -14.83 36.51
C GLU C 116 41.66 -16.25 37.08
N GLU C 117 40.57 -16.67 37.72
CA GLU C 117 40.49 -18.01 38.30
C GLU C 117 39.17 -18.68 37.95
N MET D 1 2.72 21.09 35.45
CA MET D 1 2.61 22.55 35.48
C MET D 1 3.30 23.13 36.72
N ASN D 2 2.72 22.84 37.90
CA ASN D 2 3.30 23.36 39.13
C ASN D 2 4.69 22.78 39.37
N THR D 3 4.87 21.48 39.14
CA THR D 3 6.19 20.88 39.28
C THR D 3 7.08 21.22 38.08
N ASN D 4 6.49 21.31 36.89
CA ASN D 4 7.26 21.58 35.69
C ASN D 4 7.74 23.02 35.62
N ASN D 5 7.06 23.94 36.31
CA ASN D 5 7.48 25.34 36.29
C ASN D 5 8.88 25.51 36.90
N ILE D 6 9.13 24.85 38.03
CA ILE D 6 10.45 24.93 38.65
C ILE D 6 11.50 24.31 37.74
N LYS D 7 11.18 23.18 37.11
CA LYS D 7 12.13 22.51 36.22
C LYS D 7 12.48 23.40 35.03
N LYS D 8 11.48 24.07 34.44
CA LYS D 8 11.73 24.91 33.28
C LYS D 8 12.32 26.27 33.65
N TYR D 9 12.22 26.68 34.91
CA TYR D 9 12.79 27.95 35.34
C TYR D 9 14.18 27.81 35.95
N ALA D 10 14.55 26.62 36.40
CA ALA D 10 15.86 26.44 37.04
C ALA D 10 17.04 26.76 36.13
N PRO D 11 17.12 26.29 34.88
CA PRO D 11 18.36 26.50 34.11
C PRO D 11 18.66 27.97 33.81
N GLN D 12 17.68 28.73 33.31
CA GLN D 12 17.94 30.12 33.00
C GLN D 12 18.19 30.93 34.27
N ALA D 13 17.50 30.60 35.36
CA ALA D 13 17.75 31.30 36.63
C ALA D 13 19.17 31.04 37.12
N ARG D 14 19.63 29.79 37.05
CA ARG D 14 20.99 29.48 37.48
C ARG D 14 22.02 30.17 36.58
N ASN D 15 21.76 30.18 35.26
CA ASN D 15 22.68 30.86 34.35
C ASN D 15 22.74 32.35 34.64
N ASP D 16 21.59 32.98 34.90
CA ASP D 16 21.57 34.39 35.22
C ASP D 16 22.31 34.67 36.53
N PHE D 17 22.13 33.81 37.53
CA PHE D 17 22.84 33.98 38.80
C PHE D 17 24.35 33.89 38.59
N ARG D 18 24.79 32.88 37.83
CA ARG D 18 26.23 32.71 37.60
C ARG D 18 26.80 33.88 36.81
N ASP D 19 26.06 34.35 35.80
CA ASP D 19 26.53 35.49 35.01
C ASP D 19 26.61 36.76 35.86
N ALA D 20 25.62 36.99 36.72
CA ALA D 20 25.65 38.14 37.60
C ALA D 20 26.83 38.05 38.56
N VAL D 21 27.08 36.88 39.13
CA VAL D 21 28.19 36.72 40.07
C VAL D 21 29.52 36.98 39.38
N ILE D 22 29.71 36.40 38.19
CA ILE D 22 31.00 36.57 37.51
C ILE D 22 31.17 38.01 37.04
N GLN D 23 30.09 38.65 36.60
CA GLN D 23 30.17 40.06 36.20
C GLN D 23 30.53 40.96 37.37
N LYS D 24 29.90 40.73 38.53
CA LYS D 24 30.22 41.54 39.70
C LYS D 24 31.64 41.27 40.19
N LEU D 25 32.12 40.03 40.08
CA LEU D 25 33.51 39.74 40.43
C LEU D 25 34.46 40.47 39.49
N THR D 26 34.18 40.46 38.18
CA THR D 26 35.04 41.13 37.23
C THR D 26 35.05 42.64 37.46
N THR D 27 33.89 43.23 37.74
CA THR D 27 33.84 44.65 38.06
C THR D 27 34.59 44.95 39.35
N LEU D 28 34.48 44.07 40.34
CA LEU D 28 35.27 44.20 41.56
C LEU D 28 36.77 44.07 41.26
N GLY D 29 37.13 43.14 40.39
CA GLY D 29 38.52 42.94 40.03
C GLY D 29 38.93 41.49 40.01
N ILE D 30 37.98 40.58 40.20
CA ILE D 30 38.23 39.15 40.22
C ILE D 30 37.72 38.57 38.90
N ALA D 31 38.64 38.10 38.07
CA ALA D 31 38.28 37.54 36.77
C ALA D 31 38.88 36.15 36.64
N ALA D 32 38.18 35.29 35.90
CA ALA D 32 38.62 33.93 35.66
C ALA D 32 38.65 33.66 34.16
N ASP D 33 39.72 33.00 33.71
CA ASP D 33 39.89 32.66 32.31
C ASP D 33 39.45 31.22 32.06
N LYS D 34 39.64 30.77 30.82
CA LYS D 34 39.29 29.39 30.48
C LYS D 34 40.16 28.40 31.25
N LYS D 35 41.46 28.70 31.39
CA LYS D 35 42.35 27.82 32.13
C LYS D 35 42.00 27.79 33.61
N GLY D 36 41.48 28.89 34.15
CA GLY D 36 41.17 28.99 35.56
C GLY D 36 42.19 29.76 36.38
N ASN D 37 43.23 30.28 35.77
CA ASN D 37 44.22 31.07 36.49
C ASN D 37 43.59 32.38 36.96
N LEU D 38 43.99 32.81 38.15
CA LEU D 38 43.42 34.02 38.74
C LEU D 38 43.83 35.25 37.93
N GLN D 39 42.89 36.19 37.81
CA GLN D 39 43.10 37.44 37.10
C GLN D 39 42.73 38.62 38.00
N ILE D 40 43.25 38.59 39.23
CA ILE D 40 42.93 39.64 40.19
C ILE D 40 43.48 40.97 39.71
N ALA D 41 42.61 41.98 39.66
CA ALA D 41 43.03 43.30 39.21
C ALA D 41 43.97 43.95 40.21
N GLU D 42 44.81 44.85 39.71
CA GLU D 42 45.76 45.55 40.55
C GLU D 42 45.01 46.42 41.57
N ALA D 43 45.45 46.34 42.83
CA ALA D 43 44.87 47.14 43.91
C ALA D 43 45.57 48.49 44.04
N GLU D 44 45.64 49.23 42.94
CA GLU D 44 46.28 50.54 42.91
C GLU D 44 45.20 51.60 43.10
N THR D 45 45.24 52.30 44.23
CA THR D 45 44.27 53.34 44.55
C THR D 45 44.99 54.67 44.65
N ILE D 46 44.46 55.68 43.93
CA ILE D 46 45.05 57.01 43.98
C ILE D 46 44.86 57.65 45.35
N GLY D 47 43.92 57.16 46.14
CA GLY D 47 43.66 57.70 47.47
C GLY D 47 42.23 58.17 47.63
N GLU D 48 41.52 57.54 48.56
CA GLU D 48 40.11 57.83 48.86
C GLU D 48 39.20 57.61 47.67
N THR D 49 39.70 57.01 46.59
CA THR D 49 38.90 56.76 45.39
C THR D 49 39.53 55.56 44.67
N VAL D 50 38.91 54.40 44.80
CA VAL D 50 39.43 53.19 44.17
C VAL D 50 39.18 53.25 42.68
N ARG D 51 40.23 53.03 41.88
CA ARG D 51 40.13 53.10 40.43
C ARG D 51 39.75 51.73 39.88
N TYR D 52 38.47 51.41 40.02
CA TYR D 52 37.91 50.20 39.43
C TYR D 52 37.36 50.52 38.04
N GLY D 53 36.58 49.60 37.47
CA GLY D 53 36.00 49.82 36.17
C GLY D 53 35.05 51.00 36.14
N GLN D 54 33.93 50.91 36.86
CA GLN D 54 32.98 52.00 36.93
C GLN D 54 32.43 52.21 38.34
N PHE D 55 32.98 51.55 39.35
CA PHE D 55 32.50 51.65 40.72
C PHE D 55 33.59 52.21 41.62
N ASP D 56 33.17 52.94 42.65
CA ASP D 56 34.08 53.52 43.64
C ASP D 56 33.72 52.90 44.99
N TYR D 57 34.31 51.74 45.28
CA TYR D 57 34.05 51.07 46.54
C TYR D 57 34.81 51.74 47.68
N PRO D 58 34.27 51.68 48.90
CA PRO D 58 35.01 52.22 50.06
C PRO D 58 36.27 51.42 50.32
N LEU D 59 37.26 52.08 50.91
CA LEU D 59 38.52 51.43 51.22
C LEU D 59 38.33 50.28 52.20
N SER D 60 37.36 50.40 53.10
CA SER D 60 37.10 49.35 54.08
C SER D 60 36.68 48.04 53.43
N THR D 61 36.13 48.10 52.21
CA THR D 61 35.78 46.90 51.48
C THR D 61 36.98 46.24 50.80
N LEU D 62 38.12 46.92 50.74
CA LEU D 62 39.30 46.33 50.11
C LEU D 62 39.80 45.09 50.82
N PRO D 63 39.98 45.07 52.16
CA PRO D 63 40.44 43.83 52.80
C PRO D 63 39.47 42.67 52.62
N ARG D 64 38.17 42.91 52.75
CA ARG D 64 37.19 41.83 52.62
C ARG D 64 37.23 41.23 51.21
N ARG D 65 37.35 42.08 50.19
CA ARG D 65 37.56 41.59 48.83
C ARG D 65 38.78 40.68 48.76
N GLU D 66 39.85 41.03 49.48
CA GLU D 66 41.04 40.18 49.52
C GLU D 66 40.69 38.79 50.03
N ARG D 67 39.75 38.72 50.98
CA ARG D 67 39.31 37.41 51.48
C ARG D 67 38.78 36.55 50.34
N LEU D 68 38.02 37.17 49.43
CA LEU D 68 37.58 36.45 48.23
C LEU D 68 38.77 35.91 47.46
N VAL D 69 39.80 36.73 47.27
CA VAL D 69 41.04 36.25 46.66
C VAL D 69 41.63 35.13 47.50
N LYS D 70 41.59 35.28 48.82
CA LYS D 70 42.01 34.20 49.71
C LYS D 70 41.18 32.95 49.46
N ARG D 71 39.87 33.11 49.25
CA ARG D 71 39.04 31.98 48.87
C ARG D 71 39.52 31.36 47.56
N ALA D 72 39.89 32.21 46.59
CA ALA D 72 40.45 31.72 45.35
C ALA D 72 41.72 30.92 45.59
N ARG D 73 42.44 31.23 46.68
CA ARG D 73 43.63 30.47 47.01
C ARG D 73 43.29 29.12 47.62
N GLU D 74 42.11 28.98 48.23
CA GLU D 74 41.73 27.75 48.91
C GLU D 74 40.62 26.98 48.23
N GLN D 75 39.80 27.62 47.40
CA GLN D 75 38.73 26.94 46.70
C GLN D 75 38.61 27.51 45.29
N GLY D 76 38.04 26.70 44.40
CA GLY D 76 37.91 27.12 43.01
C GLY D 76 36.90 28.24 42.84
N PHE D 77 37.07 28.97 41.73
CA PHE D 77 36.16 30.06 41.42
C PHE D 77 34.74 29.57 41.19
N GLU D 78 34.60 28.46 40.47
CA GLU D 78 33.27 27.91 40.20
C GLU D 78 32.58 27.49 41.48
N VAL D 79 33.32 26.91 42.42
CA VAL D 79 32.73 26.46 43.67
C VAL D 79 32.14 27.65 44.44
N LEU D 80 32.92 28.73 44.57
CA LEU D 80 32.43 29.89 45.31
C LEU D 80 31.30 30.59 44.56
N VAL D 81 31.36 30.62 43.22
CA VAL D 81 30.27 31.23 42.45
C VAL D 81 28.98 30.46 42.68
N GLU D 82 29.05 29.13 42.62
CA GLU D 82 27.86 28.31 42.87
C GLU D 82 27.36 28.47 44.29
N HIS D 83 28.28 28.54 45.27
CA HIS D 83 27.87 28.72 46.65
C HIS D 83 27.15 30.04 46.86
N CYS D 84 27.68 31.12 46.28
CA CYS D 84 27.03 32.43 46.41
C CYS D 84 25.67 32.44 45.72
N ALA D 85 25.59 31.85 44.53
CA ALA D 85 24.33 31.80 43.81
C ALA D 85 23.28 31.02 44.60
N TYR D 86 23.68 29.87 45.15
CA TYR D 86 22.75 29.10 45.97
C TYR D 86 22.33 29.86 47.21
N THR D 87 23.27 30.55 47.86
CA THR D 87 22.94 31.31 49.07
C THR D 87 21.92 32.39 48.76
N TRP D 88 22.13 33.13 47.66
CA TRP D 88 21.17 34.17 47.29
C TRP D 88 19.82 33.58 46.94
N PHE D 89 19.81 32.47 46.20
CA PHE D 89 18.54 31.84 45.84
C PHE D 89 17.80 31.35 47.06
N ASN D 90 18.51 30.73 48.00
CA ASN D 90 17.88 30.23 49.22
C ASN D 90 17.33 31.38 50.06
N ARG D 91 18.10 32.47 50.20
CA ARG D 91 17.61 33.60 50.98
C ARG D 91 16.38 34.23 50.35
N LEU D 92 16.38 34.40 49.03
CA LEU D 92 15.21 35.00 48.38
C LEU D 92 14.00 34.08 48.48
N CYS D 93 14.21 32.76 48.33
CA CYS D 93 13.09 31.83 48.49
C CYS D 93 12.55 31.85 49.91
N ALA D 94 13.44 31.93 50.90
CA ALA D 94 13.00 31.95 52.29
C ALA D 94 12.20 33.21 52.60
N ILE D 95 12.68 34.37 52.15
CA ILE D 95 11.97 35.62 52.43
C ILE D 95 10.65 35.66 51.67
N ARG D 96 10.62 35.13 50.44
CA ARG D 96 9.36 35.08 49.70
C ARG D 96 8.35 34.16 50.39
N TYR D 97 8.81 33.00 50.87
CA TYR D 97 7.91 32.11 51.59
C TYR D 97 7.39 32.76 52.87
N MET D 98 8.26 33.44 53.60
CA MET D 98 7.85 34.09 54.84
C MET D 98 6.84 35.20 54.57
N GLU D 99 7.06 35.99 53.52
CA GLU D 99 6.14 37.09 53.23
C GLU D 99 4.82 36.59 52.65
N LEU D 100 4.84 35.46 51.93
CA LEU D 100 3.59 34.88 51.45
C LEU D 100 2.80 34.25 52.59
N HIS D 101 3.49 33.66 53.57
CA HIS D 101 2.79 33.12 54.73
C HIS D 101 2.22 34.20 55.63
N GLY D 102 2.70 35.44 55.50
CA GLY D 102 2.15 36.55 56.28
C GLY D 102 2.37 36.42 57.77
N TYR D 103 3.57 36.00 58.20
CA TYR D 103 3.90 35.85 59.60
C TYR D 103 4.98 36.82 60.05
N LEU D 104 5.17 37.92 59.32
CA LEU D 104 6.15 38.93 59.71
C LEU D 104 5.64 39.75 60.89
N ASP D 105 6.55 40.49 61.51
CA ASP D 105 6.18 41.32 62.65
C ASP D 105 5.20 42.41 62.25
N HIS D 106 5.43 43.06 61.10
CA HIS D 106 4.54 44.10 60.60
C HIS D 106 3.46 43.55 59.67
N GLY D 107 3.55 42.29 59.26
CA GLY D 107 2.54 41.70 58.40
C GLY D 107 2.41 42.35 57.05
N PHE D 108 3.52 42.82 56.47
CA PHE D 108 3.53 43.46 55.17
C PHE D 108 4.51 42.73 54.26
N ARG D 109 4.06 42.42 53.04
CA ARG D 109 4.94 41.74 52.08
C ARG D 109 6.08 42.67 51.68
N MET D 110 7.26 42.09 51.52
CA MET D 110 8.47 42.87 51.24
C MET D 110 8.75 42.96 49.75
N LEU D 111 8.93 41.82 49.08
CA LEU D 111 9.32 41.83 47.67
C LEU D 111 8.16 42.17 46.75
N SER D 112 6.96 41.69 47.06
CA SER D 112 5.80 41.84 46.20
C SER D 112 4.83 42.83 46.82
N HIS D 113 4.38 43.79 46.02
CA HIS D 113 3.37 44.76 46.46
C HIS D 113 2.00 44.27 46.03
N PRO D 114 1.09 43.98 46.96
CA PRO D 114 -0.25 43.55 46.57
C PRO D 114 -0.96 44.62 45.75
N GLU D 115 -1.69 44.16 44.73
CA GLU D 115 -2.42 45.02 43.79
C GLU D 115 -1.51 46.03 43.09
N THR D 116 -0.21 45.77 43.04
CA THR D 116 0.74 46.67 42.39
C THR D 116 1.94 45.86 41.94
N PRO D 117 1.94 45.39 40.69
CA PRO D 117 3.06 44.58 40.21
C PRO D 117 4.35 45.39 40.10
N THR D 118 5.47 44.68 40.22
CA THR D 118 6.81 45.27 40.08
C THR D 118 7.01 46.44 41.01
N ALA D 119 6.63 46.26 42.27
CA ALA D 119 6.78 47.29 43.29
C ALA D 119 6.90 46.62 44.65
N PHE D 120 7.05 47.43 45.69
CA PHE D 120 7.19 46.96 47.06
C PHE D 120 6.08 47.56 47.91
N GLU D 121 5.46 46.72 48.74
CA GLU D 121 4.42 47.22 49.64
C GLU D 121 4.98 48.14 50.69
N VAL D 122 6.27 47.98 51.05
CA VAL D 122 6.89 48.81 52.06
C VAL D 122 7.12 50.24 51.61
N LEU D 123 6.99 50.52 50.31
CA LEU D 123 7.19 51.88 49.82
C LEU D 123 6.15 52.83 50.39
N ASP D 124 4.88 52.41 50.44
CA ASP D 124 3.85 53.23 51.05
C ASP D 124 3.96 53.22 52.58
N HIS D 125 4.24 52.06 53.16
CA HIS D 125 4.40 51.93 54.61
C HIS D 125 5.86 52.06 55.03
N VAL D 126 6.51 53.15 54.59
CA VAL D 126 7.89 53.38 54.96
C VAL D 126 8.08 53.55 56.47
N PRO D 127 7.33 54.41 57.16
CA PRO D 127 7.60 54.59 58.59
C PRO D 127 7.34 53.35 59.43
N GLU D 128 6.27 52.61 59.13
CA GLU D 128 5.94 51.43 59.93
C GLU D 128 7.02 50.36 59.76
N VAL D 129 7.41 50.07 58.52
CA VAL D 129 8.45 49.08 58.28
C VAL D 129 9.78 49.54 58.90
N ALA D 130 10.09 50.83 58.77
CA ALA D 130 11.33 51.35 59.33
C ALA D 130 11.37 51.18 60.84
N GLU D 131 10.31 51.57 61.54
CA GLU D 131 10.28 51.42 62.99
C GLU D 131 10.20 49.95 63.41
N ALA D 132 9.67 49.08 62.55
CA ALA D 132 9.66 47.66 62.86
C ALA D 132 11.02 47.01 62.68
N LEU D 133 11.86 47.53 61.77
CA LEU D 133 13.13 46.90 61.45
C LEU D 133 14.33 47.72 61.93
N LEU D 134 14.45 48.97 61.49
CA LEU D 134 15.60 49.81 61.84
C LEU D 134 15.11 51.19 62.26
N PRO D 135 14.63 51.33 63.49
CA PRO D 135 14.13 52.64 63.94
C PRO D 135 15.17 53.75 63.88
N GLU D 136 16.43 53.42 64.17
CA GLU D 136 17.47 54.46 64.22
C GLU D 136 17.68 55.11 62.87
N SER D 137 17.37 54.41 61.78
CA SER D 137 17.46 54.96 60.43
C SER D 137 16.09 55.26 59.85
N LYS D 138 15.05 55.30 60.68
CA LYS D 138 13.70 55.57 60.19
C LYS D 138 13.61 56.96 59.56
N ALA D 139 14.03 57.99 60.31
CA ALA D 139 13.89 59.36 59.83
C ALA D 139 14.64 59.57 58.53
N GLN D 140 15.87 59.07 58.45
CA GLN D 140 16.61 59.16 57.19
C GLN D 140 15.85 58.46 56.07
N LEU D 141 15.29 57.29 56.36
CA LEU D 141 14.44 56.62 55.37
C LEU D 141 13.24 57.49 55.01
N VAL D 142 12.66 58.16 56.01
CA VAL D 142 11.59 59.13 55.75
C VAL D 142 12.09 60.19 54.78
N GLU D 143 13.33 60.65 54.97
CA GLU D 143 13.91 61.60 54.03
C GLU D 143 13.95 61.00 52.63
N MET D 144 14.34 59.73 52.52
CA MET D 144 14.26 59.06 51.22
C MET D 144 12.82 58.97 50.75
N LYS D 145 11.89 58.73 51.67
CA LYS D 145 10.47 58.78 51.33
C LYS D 145 10.08 60.16 50.81
N LEU D 146 10.73 61.22 51.31
CA LEU D 146 10.48 62.55 50.78
C LEU D 146 11.02 62.69 49.36
N SER D 147 12.09 61.97 49.03
CA SER D 147 12.65 62.06 47.69
C SER D 147 11.82 61.29 46.67
N GLY D 148 11.16 60.22 47.08
CA GLY D 148 10.42 59.39 46.13
C GLY D 148 11.30 58.70 45.12
N ASN D 149 12.52 58.34 45.52
CA ASN D 149 13.51 57.75 44.63
C ASN D 149 14.36 56.78 45.45
N GLN D 150 15.58 56.54 44.99
CA GLN D 150 16.55 55.69 45.69
C GLN D 150 16.00 54.28 45.89
N ASP D 151 15.78 53.62 44.76
CA ASP D 151 15.45 52.20 44.73
C ASP D 151 16.69 51.32 44.76
N GLU D 152 17.80 51.88 45.25
CA GLU D 152 19.09 51.19 45.34
C GLU D 152 19.13 50.27 46.55
N ALA D 153 20.35 49.85 46.94
CA ALA D 153 20.56 48.88 48.00
C ALA D 153 19.97 49.32 49.35
N LEU D 154 19.38 50.51 49.41
CA LEU D 154 18.61 50.89 50.59
C LEU D 154 17.52 49.87 50.87
N TYR D 155 16.84 49.40 49.82
CA TYR D 155 15.93 48.25 49.98
C TYR D 155 16.69 47.02 50.42
N ARG D 156 17.88 46.79 49.84
CA ARG D 156 18.72 45.70 50.30
C ARG D 156 19.18 45.93 51.73
N GLU D 157 19.35 47.19 52.13
CA GLU D 157 19.67 47.49 53.53
C GLU D 157 18.53 47.08 54.45
N LEU D 158 17.28 47.37 54.04
CA LEU D 158 16.13 46.93 54.83
C LEU D 158 16.03 45.42 54.86
N LEU D 159 16.34 44.77 53.74
CA LEU D 159 16.33 43.30 53.71
C LEU D 159 17.39 42.73 54.66
N LEU D 160 18.57 43.34 54.69
CA LEU D 160 19.61 42.90 55.62
C LEU D 160 19.18 43.15 57.07
N GLY D 161 18.49 44.25 57.33
CA GLY D 161 17.95 44.48 58.67
C GLY D 161 16.94 43.43 59.07
N GLN D 162 16.07 43.04 58.13
CA GLN D 162 15.12 41.96 58.39
C GLN D 162 15.85 40.65 58.68
N CYS D 163 16.91 40.36 57.91
CA CYS D 163 17.69 39.16 58.15
C CYS D 163 18.35 39.19 59.53
N HIS D 164 18.87 40.35 59.92
CA HIS D 164 19.47 40.49 61.25
C HIS D 164 18.43 40.29 62.34
N ALA D 165 17.21 40.80 62.13
CA ALA D 165 16.13 40.58 63.08
C ALA D 165 15.80 39.10 63.20
N LEU D 166 15.73 38.39 62.07
CA LEU D 166 15.43 36.97 62.10
C LEU D 166 16.60 36.13 62.61
N HIS D 167 17.80 36.71 62.64
CA HIS D 167 18.99 35.98 63.10
C HIS D 167 18.90 35.57 64.56
N HIS D 168 18.00 36.18 65.33
CA HIS D 168 17.93 35.88 66.76
C HIS D 168 17.57 34.42 67.00
N ALA D 169 16.64 33.88 66.20
CA ALA D 169 16.24 32.49 66.33
C ALA D 169 16.59 31.63 65.12
N MET D 170 17.02 32.24 64.02
CA MET D 170 17.37 31.53 62.79
C MET D 170 18.78 31.98 62.40
N PRO D 171 19.80 31.41 63.01
CA PRO D 171 21.18 31.86 62.76
C PRO D 171 21.92 31.12 61.66
N PHE D 172 21.37 30.03 61.13
CA PHE D 172 22.10 29.22 60.17
C PHE D 172 21.98 29.75 58.74
N LEU D 173 21.10 30.70 58.47
CA LEU D 173 21.03 31.28 57.13
C LEU D 173 21.18 32.79 57.13
N PHE D 174 20.63 33.49 58.11
CA PHE D 174 20.75 34.93 58.23
C PHE D 174 21.68 35.27 59.38
N GLU D 175 22.64 36.14 59.13
CA GLU D 175 23.65 36.52 60.11
C GLU D 175 23.55 38.01 60.38
N ALA D 176 23.54 38.39 61.66
CA ALA D 176 23.48 39.80 62.03
C ALA D 176 24.74 40.54 61.61
N VAL D 177 25.90 39.90 61.76
CA VAL D 177 27.16 40.54 61.39
C VAL D 177 27.25 40.65 59.86
N ASP D 178 28.14 41.54 59.41
CA ASP D 178 28.33 41.73 57.98
C ASP D 178 28.87 40.45 57.34
N ASP D 179 28.27 40.08 56.21
CA ASP D 179 28.61 38.85 55.52
C ASP D 179 29.45 39.15 54.28
N GLU D 180 30.08 38.10 53.75
CA GLU D 180 30.88 38.24 52.55
C GLU D 180 30.04 38.59 51.33
N ALA D 181 28.78 38.14 51.31
CA ALA D 181 27.89 38.44 50.19
C ALA D 181 27.46 39.89 50.17
N GLU D 182 27.59 40.61 51.29
CA GLU D 182 27.23 42.03 51.31
C GLU D 182 28.15 42.85 50.42
N LEU D 183 29.40 42.41 50.24
CA LEU D 183 30.32 43.09 49.34
C LEU D 183 29.99 42.80 47.87
N LEU D 184 29.45 41.62 47.59
CA LEU D 184 29.17 41.18 46.21
C LEU D 184 27.70 41.34 45.84
N LEU D 185 27.03 42.37 46.35
CA LEU D 185 25.64 42.59 46.00
C LEU D 185 25.52 42.91 44.52
N PRO D 186 24.64 42.23 43.78
CA PRO D 186 24.53 42.48 42.35
C PRO D 186 24.11 43.92 42.05
N ASP D 187 24.62 44.44 40.94
CA ASP D 187 24.29 45.81 40.54
C ASP D 187 22.86 45.89 40.03
N ASN D 188 22.12 46.88 40.56
CA ASN D 188 20.73 47.13 40.14
C ASN D 188 19.86 45.88 40.29
N LEU D 189 20.10 45.12 41.36
CA LEU D 189 19.29 43.93 41.60
C LEU D 189 17.90 44.30 42.10
N THR D 190 17.75 45.47 42.71
CA THR D 190 16.45 45.93 43.18
C THR D 190 15.60 46.51 42.07
N ARG D 191 16.19 46.84 40.93
CA ARG D 191 15.44 47.43 39.83
C ARG D 191 14.44 46.43 39.26
N THR D 192 13.38 46.98 38.66
CA THR D 192 12.32 46.13 38.09
C THR D 192 12.81 45.32 36.91
N ASP D 193 13.92 45.70 36.29
CA ASP D 193 14.48 44.96 35.15
C ASP D 193 15.39 43.82 35.58
N SER D 194 15.62 43.64 36.88
CA SER D 194 16.51 42.60 37.38
C SER D 194 15.77 41.27 37.41
N ILE D 195 16.38 40.26 38.03
CA ILE D 195 15.78 38.92 38.10
C ILE D 195 14.74 38.79 39.20
N LEU D 196 14.65 39.77 40.11
CA LEU D 196 13.66 39.69 41.18
C LEU D 196 12.24 39.73 40.64
N ARG D 197 11.98 40.62 39.67
CA ARG D 197 10.65 40.67 39.06
C ARG D 197 10.33 39.39 38.32
N GLY D 198 11.31 38.81 37.63
CA GLY D 198 11.09 37.52 37.00
C GLY D 198 10.78 36.42 37.99
N LEU D 199 11.46 36.43 39.13
CA LEU D 199 11.16 35.46 40.19
C LEU D 199 9.74 35.65 40.71
N VAL D 200 9.33 36.90 40.91
CA VAL D 200 7.99 37.16 41.44
C VAL D 200 6.92 36.72 40.44
N ASP D 201 7.12 37.05 39.16
CA ASP D 201 6.09 36.77 38.16
C ASP D 201 6.03 35.29 37.81
N ASP D 202 7.19 34.64 37.67
CA ASP D 202 7.21 33.24 37.25
C ASP D 202 6.58 32.33 38.28
N ILE D 203 6.85 32.57 39.56
CA ILE D 203 6.35 31.71 40.63
C ILE D 203 4.91 32.11 40.96
N PRO D 204 3.93 31.22 40.80
CA PRO D 204 2.55 31.57 41.11
C PRO D 204 2.28 31.64 42.61
N GLU D 205 1.01 31.82 42.98
CA GLU D 205 0.62 31.83 44.39
C GLU D 205 0.17 30.47 44.88
N GLU D 206 -0.48 29.68 44.02
CA GLU D 206 -1.04 28.40 44.45
C GLU D 206 0.04 27.42 44.88
N ASP D 207 1.15 27.36 44.13
CA ASP D 207 2.20 26.39 44.43
C ASP D 207 2.86 26.65 45.78
N TRP D 208 2.73 27.86 46.34
CA TRP D 208 3.27 28.12 47.67
C TRP D 208 2.45 27.44 48.76
N GLU D 209 1.20 27.04 48.47
CA GLU D 209 0.37 26.39 49.46
C GLU D 209 0.81 24.97 49.77
N GLN D 210 1.66 24.37 48.94
CA GLN D 210 2.12 23.01 49.16
C GLN D 210 3.22 22.97 50.22
N VAL D 211 3.46 21.78 50.76
CA VAL D 211 4.49 21.58 51.77
C VAL D 211 5.71 20.85 51.23
N GLU D 212 5.64 20.27 50.03
CA GLU D 212 6.76 19.57 49.44
C GLU D 212 7.55 20.43 48.45
N VAL D 213 7.28 21.73 48.41
CA VAL D 213 8.02 22.63 47.55
C VAL D 213 9.49 22.68 47.94
N ILE D 214 9.80 22.39 49.21
CA ILE D 214 11.21 22.33 49.63
C ILE D 214 11.93 21.23 48.86
N GLY D 215 11.31 20.05 48.78
CA GLY D 215 11.89 18.98 47.98
C GLY D 215 11.94 19.32 46.49
N TRP D 216 10.95 20.06 46.00
CA TRP D 216 10.96 20.48 44.61
C TRP D 216 12.17 21.36 44.31
N LEU D 217 12.45 22.31 45.20
CA LEU D 217 13.64 23.15 45.03
C LEU D 217 14.92 22.35 45.23
N TYR D 218 14.89 21.35 46.12
CA TYR D 218 16.07 20.53 46.36
C TYR D 218 16.44 19.71 45.13
N GLN D 219 15.44 19.14 44.45
CA GLN D 219 15.68 18.20 43.36
C GLN D 219 15.64 18.86 41.99
N PHE D 220 14.53 19.53 41.66
CA PHE D 220 14.34 20.03 40.30
C PHE D 220 15.36 21.12 39.96
N TYR D 221 15.66 22.00 40.91
CA TYR D 221 16.57 23.11 40.63
C TYR D 221 17.98 22.64 40.31
N ILE D 222 18.36 21.45 40.75
CA ILE D 222 19.69 20.90 40.47
C ILE D 222 19.64 19.84 39.37
N SER D 223 18.46 19.54 38.82
CA SER D 223 18.34 18.49 37.82
C SER D 223 19.15 18.80 36.56
N GLU D 224 19.27 20.09 36.21
CA GLU D 224 20.03 20.46 35.02
C GLU D 224 21.50 20.09 35.18
N LYS D 225 22.08 20.36 36.35
CA LYS D 225 23.47 19.98 36.59
C LYS D 225 23.64 18.47 36.58
N LYS D 226 22.68 17.74 37.13
CA LYS D 226 22.76 16.28 37.11
C LYS D 226 22.73 15.75 35.69
N ASP D 227 21.87 16.32 34.84
CA ASP D 227 21.83 15.92 33.44
C ASP D 227 23.12 16.29 32.73
N ALA D 228 23.71 17.43 33.07
CA ALA D 228 24.97 17.83 32.46
C ALA D 228 26.11 16.88 32.85
N VAL D 229 26.14 16.45 34.12
CA VAL D 229 27.23 15.61 34.60
C VAL D 229 26.99 14.12 34.41
N ILE D 230 25.79 13.72 33.98
CA ILE D 230 25.53 12.30 33.74
C ILE D 230 26.35 11.76 32.58
N GLY D 231 26.83 12.64 31.69
CA GLY D 231 27.57 12.16 30.53
C GLY D 231 28.90 11.54 30.88
N LYS D 232 29.61 12.11 31.84
CA LYS D 232 30.95 11.67 32.19
C LYS D 232 31.01 11.20 33.63
N VAL D 233 31.95 10.29 33.90
CA VAL D 233 32.12 9.74 35.24
C VAL D 233 32.67 10.81 36.16
N VAL D 234 32.03 10.97 37.32
CA VAL D 234 32.48 11.92 38.34
C VAL D 234 33.38 11.18 39.32
N LYS D 235 34.40 11.88 39.82
CA LYS D 235 35.37 11.28 40.74
C LYS D 235 35.25 11.84 42.15
N SER D 236 35.35 13.16 42.31
CA SER D 236 35.21 13.78 43.62
C SER D 236 34.47 15.11 43.58
N GLU D 237 33.96 15.54 42.43
CA GLU D 237 33.35 16.86 42.30
C GLU D 237 31.84 16.83 42.53
N ASP D 238 31.14 15.90 41.88
CA ASP D 238 29.68 15.84 41.93
C ASP D 238 29.20 14.63 42.73
N ILE D 239 29.88 14.32 43.83
CA ILE D 239 29.43 13.24 44.70
C ILE D 239 28.04 13.51 45.27
N PRO D 240 27.73 14.69 45.84
CA PRO D 240 26.37 14.92 46.32
C PRO D 240 25.45 15.42 45.22
N ALA D 241 26.02 15.97 44.15
CA ALA D 241 25.21 16.55 43.08
C ALA D 241 24.38 15.50 42.37
N ALA D 242 24.96 14.32 42.11
CA ALA D 242 24.29 13.27 41.37
C ALA D 242 23.54 12.28 42.25
N THR D 243 23.48 12.54 43.57
CA THR D 243 22.81 11.62 44.48
C THR D 243 21.66 12.32 45.20
N GLN D 244 20.83 13.05 44.45
CA GLN D 244 19.68 13.75 45.01
C GLN D 244 18.40 13.23 44.37
N LEU D 245 17.45 12.82 45.20
CA LEU D 245 16.18 12.30 44.71
C LEU D 245 15.15 12.42 45.82
N PHE D 246 13.89 12.37 45.44
CA PHE D 246 12.77 12.46 46.39
C PHE D 246 12.28 11.05 46.73
N THR D 247 11.91 10.87 48.00
CA THR D 247 11.44 9.58 48.50
C THR D 247 9.97 9.66 48.84
N PRO D 248 9.15 8.71 48.39
CA PRO D 248 7.71 8.76 48.70
C PRO D 248 7.45 8.65 50.20
N ASN D 249 6.39 9.32 50.64
CA ASN D 249 6.12 9.44 52.06
C ASN D 249 5.51 8.17 52.66
N TRP D 250 4.73 7.42 51.90
CA TRP D 250 4.04 6.27 52.48
C TRP D 250 5.02 5.18 52.87
N ILE D 251 6.04 4.92 52.07
CA ILE D 251 7.06 3.95 52.46
C ILE D 251 7.83 4.46 53.67
N VAL D 252 8.04 5.77 53.76
CA VAL D 252 8.71 6.34 54.93
C VAL D 252 7.90 6.08 56.19
N GLN D 253 6.59 6.31 56.12
CA GLN D 253 5.72 6.04 57.26
C GLN D 253 5.71 4.55 57.61
N TYR D 254 5.68 3.70 56.59
CA TYR D 254 5.69 2.26 56.85
C TYR D 254 6.98 1.84 57.56
N LEU D 255 8.12 2.36 57.12
CA LEU D 255 9.38 2.03 57.78
C LEU D 255 9.42 2.58 59.19
N VAL D 256 8.93 3.81 59.40
CA VAL D 256 8.99 4.42 60.73
C VAL D 256 8.12 3.65 61.71
N GLN D 257 6.91 3.27 61.30
CA GLN D 257 6.01 2.55 62.19
C GLN D 257 6.59 1.19 62.60
N ASN D 258 7.31 0.54 61.70
CA ASN D 258 7.91 -0.76 62.00
C ASN D 258 9.28 -0.65 62.65
N SER D 259 9.85 0.54 62.74
CA SER D 259 11.17 0.73 63.34
C SER D 259 11.08 1.22 64.78
N VAL D 260 10.42 2.36 64.99
CA VAL D 260 10.27 2.93 66.33
C VAL D 260 8.90 2.64 66.91
N GLY D 261 7.85 2.75 66.09
CA GLY D 261 6.51 2.42 66.57
C GLY D 261 6.38 0.97 66.99
N ARG D 262 6.94 0.07 66.19
CA ARG D 262 6.96 -1.35 66.56
C ARG D 262 7.75 -1.56 67.84
N GLN D 263 8.92 -0.91 67.95
CA GLN D 263 9.73 -1.03 69.16
C GLN D 263 9.00 -0.42 70.35
N TRP D 264 8.33 0.71 70.15
CA TRP D 264 7.59 1.34 71.24
C TRP D 264 6.46 0.44 71.73
N LEU D 265 5.75 -0.20 70.80
CA LEU D 265 4.67 -1.12 71.21
C LEU D 265 5.22 -2.36 71.89
N GLN D 266 6.35 -2.89 71.41
CA GLN D 266 6.93 -4.09 72.01
C GLN D 266 7.56 -3.81 73.36
N THR D 267 7.95 -2.56 73.62
CA THR D 267 8.55 -2.22 74.91
C THR D 267 7.58 -2.47 76.06
N TYR D 268 6.33 -2.06 75.90
CA TYR D 268 5.31 -2.33 76.90
C TYR D 268 3.95 -2.56 76.22
N PRO D 269 3.32 -3.71 76.45
CA PRO D 269 2.04 -3.98 75.79
C PRO D 269 0.91 -3.04 76.19
N ASP D 270 1.03 -2.33 77.29
CA ASP D 270 -0.03 -1.45 77.77
C ASP D 270 -0.11 -0.14 76.97
N SER D 271 0.59 -0.05 75.85
CA SER D 271 0.54 1.16 75.03
C SER D 271 -0.82 1.25 74.34
N PRO D 272 -1.57 2.33 74.52
CA PRO D 272 -2.86 2.47 73.84
C PRO D 272 -2.75 2.87 72.38
N LEU D 273 -1.54 2.91 71.82
CA LEU D 273 -1.33 3.29 70.43
C LEU D 273 -1.62 2.16 69.46
N LYS D 274 -2.27 1.08 69.91
CA LYS D 274 -2.57 -0.04 69.02
C LYS D 274 -3.49 0.38 67.88
N ASP D 275 -4.52 1.17 68.20
CA ASP D 275 -5.44 1.66 67.19
C ASP D 275 -4.90 2.88 66.45
N LYS D 276 -3.79 3.46 66.88
CA LYS D 276 -3.22 4.63 66.26
C LYS D 276 -2.29 4.31 65.10
N MET D 277 -2.08 3.02 64.80
CA MET D 277 -1.20 2.60 63.73
C MET D 277 -2.01 1.92 62.62
N GLU D 278 -1.55 2.10 61.38
CA GLU D 278 -2.21 1.52 60.22
C GLU D 278 -1.30 0.61 59.40
N TYR D 279 0.01 0.82 59.42
CA TYR D 279 0.95 0.00 58.68
C TYR D 279 1.68 -1.01 59.56
N TYR D 280 1.37 -1.06 60.85
CA TYR D 280 2.02 -2.01 61.74
C TYR D 280 1.61 -3.44 61.41
N ILE D 281 2.59 -4.35 61.43
CA ILE D 281 2.37 -5.76 61.12
C ILE D 281 2.64 -6.57 62.38
N GLU D 282 1.63 -7.33 62.81
CA GLU D 282 1.75 -8.13 64.03
C GLU D 282 2.22 -9.54 63.68
N PRO D 283 3.33 -10.01 64.23
CA PRO D 283 3.73 -11.40 64.01
C PRO D 283 2.68 -12.37 64.53
N ALA D 284 2.52 -13.48 63.82
CA ALA D 284 1.48 -14.44 64.15
C ALA D 284 1.97 -15.51 65.12
N GLU D 285 2.99 -16.28 64.72
CA GLU D 285 3.46 -17.39 65.53
C GLU D 285 4.98 -17.40 65.61
N GLN D 286 5.49 -17.73 66.79
CA GLN D 286 6.93 -17.89 67.01
C GLN D 286 7.15 -19.03 67.98
N THR D 287 8.35 -19.61 67.93
CA THR D 287 8.70 -20.64 68.88
C THR D 287 8.81 -20.06 70.29
N PRO D 288 8.44 -20.84 71.31
CA PRO D 288 8.43 -20.30 72.68
C PRO D 288 9.79 -19.81 73.16
N GLU D 289 10.88 -20.37 72.66
CA GLU D 289 12.20 -19.99 73.14
C GLU D 289 12.52 -18.53 72.77
N VAL D 290 12.29 -18.15 71.52
CA VAL D 290 12.57 -16.79 71.11
C VAL D 290 11.60 -15.82 71.78
N GLN D 291 10.36 -16.24 72.02
CA GLN D 291 9.42 -15.38 72.74
C GLN D 291 9.89 -15.13 74.16
N ALA D 292 10.38 -16.17 74.84
CA ALA D 292 10.91 -16.01 76.19
C ALA D 292 12.14 -15.11 76.20
N GLN D 293 13.02 -15.29 75.21
CA GLN D 293 14.20 -14.44 75.13
C GLN D 293 13.82 -12.98 74.91
N LEU D 294 12.86 -12.73 74.01
CA LEU D 294 12.42 -11.37 73.75
C LEU D 294 11.78 -10.75 75.00
N ALA D 295 10.97 -11.53 75.72
CA ALA D 295 10.38 -11.03 76.96
C ALA D 295 11.46 -10.71 77.99
N ALA D 296 12.48 -11.56 78.09
CA ALA D 296 13.55 -11.32 79.06
C ALA D 296 14.34 -10.07 78.70
N ILE D 297 14.66 -9.87 77.42
CA ILE D 297 15.50 -8.74 77.05
C ILE D 297 14.71 -7.43 76.95
N THR D 298 13.39 -7.49 76.80
CA THR D 298 12.60 -6.27 76.67
C THR D 298 12.37 -5.65 78.04
N PRO D 299 12.75 -4.40 78.24
CA PRO D 299 12.45 -3.74 79.53
C PRO D 299 10.96 -3.52 79.70
N ALA D 300 10.55 -3.42 80.97
CA ALA D 300 9.13 -3.23 81.28
C ALA D 300 8.62 -1.93 80.69
N SER D 301 9.38 -0.84 80.85
CA SER D 301 9.01 0.45 80.31
C SER D 301 10.24 1.35 80.30
N ILE D 302 10.28 2.28 79.35
CA ILE D 302 11.38 3.23 79.22
C ILE D 302 10.80 4.62 79.07
N GLU D 303 11.61 5.62 79.44
CA GLU D 303 11.18 7.00 79.32
C GLU D 303 11.09 7.41 77.85
N PRO D 304 10.15 8.30 77.51
CA PRO D 304 10.01 8.74 76.12
C PRO D 304 11.15 9.62 75.62
N GLU D 305 12.10 9.99 76.48
CA GLU D 305 13.21 10.84 76.08
C GLU D 305 14.45 10.04 75.67
N SER D 306 14.37 8.72 75.64
CA SER D 306 15.50 7.87 75.28
C SER D 306 15.46 7.45 73.82
N ILE D 307 14.56 8.00 73.02
CA ILE D 307 14.44 7.64 71.62
C ILE D 307 15.57 8.29 70.83
N LYS D 308 16.32 7.48 70.08
CA LYS D 308 17.40 7.95 69.23
C LYS D 308 17.11 7.57 67.79
N VAL D 309 17.14 8.56 66.89
CA VAL D 309 16.85 8.35 65.48
C VAL D 309 17.99 8.94 64.66
N LEU D 310 18.51 8.16 63.73
CA LEU D 310 19.58 8.60 62.84
C LEU D 310 19.11 8.53 61.40
N ASP D 311 19.35 9.58 60.64
CA ASP D 311 19.02 9.65 59.21
C ASP D 311 20.28 10.05 58.45
N PRO D 312 21.10 9.09 58.01
CA PRO D 312 22.33 9.45 57.29
C PRO D 312 22.09 10.25 56.02
N ALA D 313 20.94 10.08 55.37
CA ALA D 313 20.58 10.85 54.18
C ALA D 313 19.21 11.48 54.41
N CYS D 314 19.20 12.66 55.04
CA CYS D 314 17.94 13.36 55.29
C CYS D 314 17.35 13.89 53.99
N GLY D 315 18.20 14.42 53.11
CA GLY D 315 17.72 14.93 51.85
C GLY D 315 16.82 16.13 52.05
N SER D 316 15.59 16.04 51.54
CA SER D 316 14.64 17.13 51.70
C SER D 316 14.26 17.33 53.16
N GLY D 317 14.10 16.24 53.91
CA GLY D 317 13.75 16.31 55.31
C GLY D 317 12.37 15.78 55.65
N HIS D 318 11.69 15.10 54.73
CA HIS D 318 10.37 14.54 55.02
C HIS D 318 10.45 13.47 56.10
N ILE D 319 11.54 12.69 56.12
CA ILE D 319 11.72 11.69 57.17
C ILE D 319 11.82 12.36 58.53
N LEU D 320 12.51 13.50 58.59
CA LEU D 320 12.60 14.25 59.84
C LEU D 320 11.22 14.71 60.32
N THR D 321 10.40 15.21 59.39
CA THR D 321 9.06 15.65 59.74
C THR D 321 8.20 14.47 60.22
N GLU D 322 8.30 13.33 59.55
CA GLU D 322 7.54 12.15 59.97
C GLU D 322 7.96 11.69 61.36
N ALA D 323 9.27 11.66 61.61
CA ALA D 323 9.76 11.27 62.94
C ALA D 323 9.29 12.26 64.00
N TYR D 324 9.32 13.56 63.67
CA TYR D 324 8.84 14.56 64.62
C TYR D 324 7.37 14.38 64.92
N ASN D 325 6.55 14.09 63.90
CA ASN D 325 5.14 13.86 64.12
C ASN D 325 4.90 12.64 64.99
N VAL D 326 5.64 11.55 64.73
CA VAL D 326 5.48 10.34 65.52
C VAL D 326 5.87 10.59 66.97
N LEU D 327 6.98 11.29 67.19
CA LEU D 327 7.42 11.59 68.55
C LEU D 327 6.42 12.51 69.25
N LYS D 328 5.86 13.49 68.55
CA LYS D 328 4.85 14.34 69.14
C LYS D 328 3.62 13.54 69.55
N ALA D 329 3.19 12.60 68.69
CA ALA D 329 2.07 11.75 69.04
C ALA D 329 2.37 10.91 70.28
N ILE D 330 3.60 10.36 70.35
CA ILE D 330 3.98 9.54 71.50
C ILE D 330 3.96 10.38 72.78
N TYR D 331 4.52 11.59 72.72
CA TYR D 331 4.56 12.45 73.90
C TYR D 331 3.16 12.88 74.31
N GLU D 332 2.29 13.17 73.34
CA GLU D 332 0.90 13.49 73.67
C GLU D 332 0.21 12.31 74.32
N GLU D 333 0.51 11.10 73.86
CA GLU D 333 0.00 9.89 74.52
C GLU D 333 0.49 9.82 75.96
N ARG D 334 1.78 10.10 76.18
CA ARG D 334 2.32 10.07 77.54
C ARG D 334 1.79 11.24 78.37
N GLY D 335 1.70 12.42 77.77
CA GLY D 335 1.18 13.58 78.47
C GLY D 335 2.27 14.56 78.88
N TYR D 336 2.41 15.65 78.13
CA TYR D 336 3.41 16.66 78.40
C TYR D 336 2.90 18.01 77.92
N ARG D 337 3.58 19.07 78.37
CA ARG D 337 3.24 20.42 77.94
C ARG D 337 3.40 20.55 76.43
N THR D 338 2.40 21.14 75.77
CA THR D 338 2.38 21.24 74.33
C THR D 338 3.45 22.17 73.77
N ARG D 339 4.10 22.97 74.61
CA ARG D 339 5.11 23.91 74.15
C ARG D 339 6.54 23.43 74.33
N ASP D 340 6.81 22.69 75.42
CA ASP D 340 8.15 22.17 75.65
C ASP D 340 8.44 20.90 74.84
N ILE D 341 7.40 20.27 74.28
CA ILE D 341 7.61 19.05 73.51
C ILE D 341 8.50 19.26 72.30
N PRO D 342 8.28 20.27 71.44
CA PRO D 342 9.23 20.48 70.33
C PRO D 342 10.64 20.76 70.80
N GLN D 343 10.79 21.50 71.90
CA GLN D 343 12.13 21.81 72.40
C GLN D 343 12.85 20.54 72.83
N LEU D 344 12.20 19.68 73.61
CA LEU D 344 12.85 18.45 74.04
C LEU D 344 13.07 17.50 72.87
N ILE D 345 12.16 17.50 71.88
CA ILE D 345 12.35 16.65 70.71
C ILE D 345 13.59 17.06 69.94
N LEU D 346 13.74 18.37 69.69
CA LEU D 346 14.94 18.85 69.01
C LEU D 346 16.17 18.72 69.88
N GLU D 347 16.01 18.62 71.19
CA GLU D 347 17.17 18.45 72.07
C GLU D 347 17.70 17.03 72.04
N ASN D 348 16.86 16.04 72.39
CA ASN D 348 17.37 14.68 72.51
C ASN D 348 16.42 13.64 71.94
N ASN D 349 15.75 13.94 70.82
CA ASN D 349 14.86 12.96 70.21
C ASN D 349 14.97 12.85 68.69
N ILE D 350 15.48 13.86 67.99
CA ILE D 350 15.61 13.82 66.53
C ILE D 350 17.02 14.23 66.15
N PHE D 351 17.63 13.46 65.25
CA PHE D 351 18.97 13.75 64.76
C PHE D 351 19.05 13.34 63.30
N GLY D 352 20.00 13.94 62.58
CA GLY D 352 20.16 13.63 61.18
C GLY D 352 21.46 14.19 60.64
N LEU D 353 21.86 13.66 59.48
CA LEU D 353 23.08 14.07 58.80
C LEU D 353 22.84 14.05 57.30
N ASP D 354 23.80 14.59 56.56
CA ASP D 354 23.73 14.64 55.09
C ASP D 354 25.13 14.96 54.58
N ILE D 355 25.25 15.20 53.28
CA ILE D 355 26.53 15.50 52.65
C ILE D 355 26.46 16.89 52.02
N ASP D 356 25.27 17.32 51.61
CA ASP D 356 25.08 18.58 50.93
C ASP D 356 24.61 19.64 51.93
N ASP D 357 25.25 20.80 51.89
CA ASP D 357 24.83 21.90 52.75
C ASP D 357 23.45 22.42 52.38
N ARG D 358 23.11 22.38 51.08
CA ARG D 358 21.79 22.84 50.66
C ARG D 358 20.68 22.01 51.28
N ALA D 359 20.85 20.68 51.29
CA ALA D 359 19.83 19.83 51.91
C ALA D 359 19.70 20.11 53.39
N ALA D 360 20.83 20.30 54.08
CA ALA D 360 20.77 20.60 55.52
C ALA D 360 20.06 21.91 55.78
N GLN D 361 20.37 22.95 54.99
CA GLN D 361 19.71 24.23 55.16
C GLN D 361 18.22 24.14 54.90
N LEU D 362 17.82 23.42 53.85
CA LEU D 362 16.40 23.27 53.54
C LEU D 362 15.68 22.51 54.64
N SER D 363 16.30 21.44 55.14
CA SER D 363 15.69 20.68 56.23
C SER D 363 15.54 21.53 57.48
N GLY D 364 16.56 22.33 57.81
CA GLY D 364 16.47 23.21 58.96
C GLY D 364 15.39 24.26 58.80
N PHE D 365 15.28 24.84 57.61
CA PHE D 365 14.22 25.83 57.37
C PHE D 365 12.85 25.20 57.50
N ALA D 366 12.66 24.00 56.93
CA ALA D 366 11.37 23.32 57.05
C ALA D 366 11.05 22.99 58.50
N MET D 367 12.04 22.51 59.25
CA MET D 367 11.83 22.18 60.66
C MET D 367 11.45 23.42 61.46
N LEU D 368 12.15 24.54 61.23
CA LEU D 368 11.84 25.75 61.95
C LEU D 368 10.46 26.29 61.59
N MET D 369 10.08 26.17 60.31
CA MET D 369 8.73 26.59 59.91
C MET D 369 7.67 25.72 60.60
N LEU D 370 7.90 24.41 60.66
CA LEU D 370 6.95 23.53 61.34
C LEU D 370 6.88 23.86 62.83
N ALA D 371 8.02 24.14 63.46
CA ALA D 371 8.01 24.50 64.87
C ALA D 371 7.27 25.81 65.10
N ARG D 372 7.44 26.79 64.21
CA ARG D 372 6.70 28.04 64.33
C ARG D 372 5.21 27.81 64.17
N GLN D 373 4.81 26.95 63.23
CA GLN D 373 3.40 26.64 63.06
C GLN D 373 2.84 25.82 64.20
N ASP D 374 3.70 25.15 64.98
CA ASP D 374 3.26 24.34 66.11
C ASP D 374 3.48 25.05 67.44
N ASP D 375 4.69 25.50 67.72
CA ASP D 375 5.01 26.16 68.97
C ASP D 375 4.76 27.66 68.85
N ARG D 376 4.41 28.28 69.98
CA ARG D 376 4.19 29.71 70.04
C ARG D 376 5.24 30.47 70.82
N ARG D 377 6.04 29.79 71.65
CA ARG D 377 7.15 30.41 72.36
C ARG D 377 8.44 30.40 71.55
N ILE D 378 8.43 29.79 70.37
CA ILE D 378 9.60 29.74 69.50
C ILE D 378 9.71 31.07 68.75
N LEU D 379 10.85 31.30 68.11
CA LEU D 379 11.18 32.52 67.36
C LEU D 379 11.31 33.74 68.28
N GLY D 380 11.33 33.54 69.60
CA GLY D 380 11.54 34.62 70.53
C GLY D 380 12.67 34.31 71.50
N ARG D 381 13.09 33.05 71.53
CA ARG D 381 14.16 32.60 72.41
C ARG D 381 15.36 32.07 71.66
N GLY D 382 15.15 31.20 70.68
CA GLY D 382 16.23 30.60 69.92
C GLY D 382 16.60 29.24 70.46
N VAL D 383 17.09 28.39 69.55
CA VAL D 383 17.49 27.03 69.91
C VAL D 383 18.52 26.55 68.90
N ARG D 384 19.53 25.82 69.38
CA ARG D 384 20.55 25.28 68.51
C ARG D 384 19.95 24.21 67.59
N LEU D 385 20.55 24.04 66.42
CA LEU D 385 20.07 23.10 65.42
C LEU D 385 21.23 22.24 64.93
N ASN D 386 20.92 21.00 64.55
CA ASN D 386 21.91 20.02 64.09
C ASN D 386 21.49 19.53 62.71
N ILE D 387 21.95 20.23 61.68
CA ILE D 387 21.63 19.91 60.29
C ILE D 387 22.89 19.72 59.45
N VAL D 388 23.85 20.65 59.57
CA VAL D 388 25.03 20.60 58.73
C VAL D 388 25.96 19.49 59.20
N SER D 389 26.81 19.02 58.27
CA SER D 389 27.77 17.97 58.59
C SER D 389 28.88 18.00 57.56
N LEU D 390 30.01 17.38 57.93
CA LEU D 390 31.13 17.15 57.02
C LEU D 390 31.65 18.44 56.41
N GLN D 391 31.74 19.49 57.22
CA GLN D 391 32.37 20.73 56.79
C GLN D 391 33.88 20.58 56.75
N GLU D 392 34.51 21.36 55.89
CA GLU D 392 35.97 21.32 55.77
C GLU D 392 36.61 21.86 57.05
N SER D 393 37.78 21.30 57.39
CA SER D 393 38.50 21.65 58.60
C SER D 393 39.67 22.57 58.24
N LYS D 394 39.72 23.72 58.89
CA LYS D 394 40.82 24.65 58.69
C LYS D 394 42.04 24.23 59.49
N LEU D 395 43.22 24.46 58.93
CA LEU D 395 44.47 24.07 59.56
C LEU D 395 45.08 25.16 60.43
N ASP D 396 44.39 26.28 60.62
CA ASP D 396 44.89 27.35 61.47
C ASP D 396 44.94 26.88 62.92
N ILE D 397 46.08 27.11 63.57
CA ILE D 397 46.31 26.73 64.95
C ILE D 397 46.97 27.91 65.67
N ALA D 398 47.27 27.70 66.95
CA ALA D 398 47.95 28.67 67.80
C ALA D 398 47.12 29.93 68.00
N GLU D 399 45.90 29.95 67.48
CA GLU D 399 44.97 31.05 67.67
C GLU D 399 43.60 30.59 68.13
N VAL D 400 43.13 29.44 67.65
CA VAL D 400 41.82 28.94 68.06
C VAL D 400 41.82 28.55 69.53
N TRP D 401 42.87 27.86 69.98
CA TRP D 401 42.98 27.46 71.38
C TRP D 401 43.71 28.49 72.24
N THR D 402 44.28 29.53 71.63
CA THR D 402 44.87 30.61 72.42
C THR D 402 43.79 31.35 73.21
N LYS D 403 42.64 31.61 72.60
CA LYS D 403 41.53 32.26 73.28
C LYS D 403 40.73 31.29 74.13
N LEU D 404 41.02 29.99 74.07
CA LEU D 404 40.31 29.02 74.88
C LEU D 404 40.62 29.16 76.37
N ASN D 405 41.70 29.87 76.71
CA ASN D 405 42.14 30.04 78.10
C ASN D 405 42.39 28.68 78.76
N PHE D 406 43.18 27.86 78.07
CA PHE D 406 43.53 26.53 78.56
C PHE D 406 44.38 26.61 79.83
N ALA D 431 44.43 16.64 77.71
CA ALA D 431 43.73 15.46 77.20
C ALA D 431 42.86 15.82 76.00
N GLU D 432 42.06 16.88 76.15
CA GLU D 432 41.18 17.31 75.07
C GLU D 432 41.95 17.88 73.89
N TYR D 433 43.18 18.35 74.09
CA TYR D 433 43.97 18.91 73.01
C TYR D 433 44.29 17.85 71.95
N LYS D 434 44.70 16.66 72.40
CA LYS D 434 45.01 15.59 71.46
C LYS D 434 43.78 15.14 70.69
N LEU D 435 42.65 15.00 71.38
CA LEU D 435 41.42 14.62 70.70
C LEU D 435 40.97 15.67 69.70
N LEU D 436 41.12 16.95 70.07
CA LEU D 436 40.77 18.03 69.15
C LEU D 436 41.66 18.00 67.91
N MET D 437 42.96 17.78 68.09
CA MET D 437 43.86 17.67 66.94
C MET D 437 43.49 16.48 66.06
N ARG D 438 43.17 15.34 66.69
CA ARG D 438 42.81 14.16 65.91
C ARG D 438 41.54 14.37 65.12
N THR D 439 40.51 14.95 65.74
CA THR D 439 39.27 15.19 65.01
C THR D 439 39.40 16.30 63.98
N LEU D 440 40.35 17.23 64.17
CA LEU D 440 40.63 18.20 63.13
C LEU D 440 41.32 17.53 61.94
N ALA D 441 42.22 16.59 62.20
CA ALA D 441 42.89 15.88 61.11
C ALA D 441 41.94 14.96 60.37
N LEU D 442 40.98 14.36 61.08
CA LEU D 442 40.08 13.40 60.44
C LEU D 442 39.17 14.08 59.43
N PHE D 443 38.69 15.30 59.72
CA PHE D 443 37.72 15.97 58.88
C PHE D 443 38.35 16.71 57.70
N THR D 444 39.59 16.40 57.35
CA THR D 444 40.23 17.05 56.20
C THR D 444 39.67 16.52 54.89
N SER D 445 39.83 15.22 54.65
CA SER D 445 39.33 14.58 53.43
C SER D 445 38.02 13.87 53.72
N ALA D 446 37.01 14.66 54.07
CA ALA D 446 35.70 14.13 54.45
C ALA D 446 34.69 14.10 53.32
N LYS D 447 34.84 14.98 52.33
CA LYS D 447 33.86 15.02 51.24
C LYS D 447 33.89 13.74 50.43
N THR D 448 35.08 13.22 50.13
CA THR D 448 35.18 12.01 49.31
C THR D 448 34.62 10.79 50.02
N LEU D 449 34.92 10.64 51.31
CA LEU D 449 34.54 9.43 52.03
C LEU D 449 33.07 9.44 52.46
N GLY D 450 32.37 10.57 52.32
CA GLY D 450 30.96 10.60 52.67
C GLY D 450 30.74 10.43 54.16
N SER D 451 29.62 9.79 54.50
CA SER D 451 29.21 9.58 55.88
C SER D 451 29.70 8.25 56.44
N LEU D 452 30.76 7.69 55.87
CA LEU D 452 31.29 6.40 56.32
C LEU D 452 32.38 6.54 57.39
N ILE D 453 32.76 7.76 57.74
CA ILE D 453 33.80 7.97 58.74
C ILE D 453 33.20 7.81 60.12
N GLN D 454 33.84 6.98 60.95
CA GLN D 454 33.36 6.67 62.28
C GLN D 454 34.39 7.10 63.33
N VAL D 455 33.89 7.37 64.53
CA VAL D 455 34.73 7.80 65.64
C VAL D 455 34.49 6.86 66.82
N PRO D 456 35.54 6.42 67.52
CA PRO D 456 35.34 5.53 68.67
C PRO D 456 34.48 6.17 69.74
N GLN D 457 33.67 5.33 70.40
CA GLN D 457 32.70 5.83 71.37
C GLN D 457 33.37 6.37 72.63
N GLU D 458 34.55 5.83 72.98
CA GLU D 458 35.18 6.19 74.24
C GLU D 458 35.50 7.67 74.33
N ASP D 459 35.78 8.31 73.18
CA ASP D 459 36.09 9.72 73.13
C ASP D 459 34.87 10.59 72.89
N GLU D 460 33.67 10.07 73.14
CA GLU D 460 32.44 10.83 72.87
C GLU D 460 32.10 11.76 74.02
N ALA D 461 31.86 11.20 75.21
CA ALA D 461 31.28 11.97 76.31
C ALA D 461 32.14 13.18 76.66
N ALA D 462 33.45 12.96 76.83
CA ALA D 462 34.35 14.08 77.11
C ALA D 462 34.29 15.10 76.00
N LEU D 463 34.27 14.65 74.75
CA LEU D 463 34.11 15.57 73.62
C LEU D 463 32.84 16.40 73.79
N LYS D 464 31.74 15.77 74.21
CA LYS D 464 30.52 16.51 74.48
C LYS D 464 30.75 17.59 75.53
N ALA D 465 31.48 17.24 76.60
CA ALA D 465 31.84 18.25 77.58
C ALA D 465 32.63 19.39 76.95
N PHE D 466 33.53 19.06 76.04
CA PHE D 466 34.25 20.09 75.29
C PHE D 466 33.28 21.02 74.60
N LEU D 467 32.23 20.46 73.98
CA LEU D 467 31.21 21.29 73.35
C LEU D 467 30.58 22.24 74.37
N GLU D 468 30.30 21.74 75.57
CA GLU D 468 29.77 22.60 76.62
C GLU D 468 30.75 23.72 76.94
N ARG D 469 32.05 23.40 76.98
CA ARG D 469 33.06 24.44 77.16
C ARG D 469 32.94 25.50 76.08
N LEU D 470 32.70 25.07 74.84
CA LEU D 470 32.48 26.02 73.76
C LEU D 470 31.25 26.87 74.04
N TYR D 471 30.19 26.25 74.57
CA TYR D 471 29.02 27.02 74.98
C TYR D 471 29.36 27.98 76.12
N ARG D 472 30.32 27.61 76.95
CA ARG D 472 30.79 28.54 77.99
C ARG D 472 31.74 29.59 77.42
N LEU D 473 32.25 29.40 76.21
CA LEU D 473 33.08 30.38 75.54
C LEU D 473 32.38 31.06 74.38
N ALA D 474 31.11 30.71 74.11
CA ALA D 474 30.39 31.30 73.00
C ALA D 474 30.06 32.76 73.27
N VAL D 475 29.59 33.08 74.47
CA VAL D 475 29.22 34.44 74.82
C VAL D 475 30.12 35.05 75.88
N GLU D 476 30.86 34.25 76.64
CA GLU D 476 31.80 34.77 77.62
C GLU D 476 33.12 35.10 76.94
N GLY D 477 33.66 36.27 77.22
CA GLY D 477 34.89 36.74 76.62
C GLY D 477 34.63 37.81 75.58
N ASP D 478 35.73 38.24 74.95
CA ASP D 478 35.67 39.29 73.94
C ASP D 478 35.34 38.66 72.59
N ILE D 479 35.49 39.45 71.51
CA ILE D 479 35.11 39.00 70.18
C ILE D 479 35.97 37.82 69.74
N GLN D 480 37.25 37.82 70.13
CA GLN D 480 38.15 36.74 69.73
C GLN D 480 37.71 35.40 70.31
N GLN D 481 37.29 35.39 71.58
CA GLN D 481 36.79 34.15 72.19
C GLN D 481 35.54 33.65 71.47
N LYS D 482 34.62 34.55 71.13
CA LYS D 482 33.42 34.15 70.41
C LYS D 482 33.77 33.59 69.03
N GLU D 483 34.72 34.22 68.34
CA GLU D 483 35.15 33.72 67.04
C GLU D 483 35.78 32.34 67.16
N ALA D 484 36.63 32.13 68.16
CA ALA D 484 37.24 30.83 68.36
C ALA D 484 36.19 29.77 68.67
N ALA D 485 35.22 30.10 69.52
CA ALA D 485 34.16 29.15 69.84
C ALA D 485 33.33 28.81 68.60
N ALA D 486 33.02 29.82 67.78
CA ALA D 486 32.26 29.56 66.56
C ALA D 486 33.05 28.73 65.56
N GLU D 487 34.37 28.92 65.50
CA GLU D 487 35.18 28.09 64.61
C GLU D 487 35.30 26.66 65.12
N LEU D 488 35.32 26.47 66.44
CA LEU D 488 35.56 25.14 67.00
C LEU D 488 34.29 24.33 67.23
N ILE D 489 33.12 24.97 67.26
CA ILE D 489 31.88 24.22 67.54
C ILE D 489 31.54 23.18 66.48
N PRO D 490 31.58 23.48 65.16
CA PRO D 490 30.93 22.56 64.22
C PRO D 490 31.54 21.17 64.17
N TYR D 491 32.87 21.05 64.24
CA TYR D 491 33.50 19.74 64.16
C TYR D 491 33.17 18.89 65.38
N ILE D 492 33.22 19.49 66.57
CA ILE D 492 32.85 18.77 67.79
C ILE D 492 31.39 18.35 67.72
N GLN D 493 30.53 19.22 67.22
CA GLN D 493 29.11 18.88 67.09
C GLN D 493 28.91 17.71 66.13
N GLN D 494 29.60 17.72 64.99
CA GLN D 494 29.47 16.63 64.03
C GLN D 494 29.96 15.32 64.61
N ALA D 495 31.10 15.35 65.31
CA ALA D 495 31.61 14.13 65.93
C ALA D 495 30.64 13.60 66.97
N TRP D 496 30.08 14.49 67.79
CA TRP D 496 29.12 14.05 68.80
C TRP D 496 27.88 13.45 68.16
N ILE D 497 27.39 14.07 67.08
CA ILE D 497 26.20 13.56 66.39
C ILE D 497 26.47 12.18 65.82
N LEU D 498 27.62 12.02 65.16
CA LEU D 498 27.93 10.72 64.57
C LEU D 498 28.35 9.69 65.62
N ALA D 499 28.56 10.10 66.87
CA ALA D 499 28.93 9.15 67.91
C ALA D 499 27.85 9.06 68.97
N GLN D 500 26.58 9.01 68.57
CA GLN D 500 25.48 8.93 69.52
C GLN D 500 25.00 7.50 69.76
N ARG D 501 25.35 6.55 68.90
CA ARG D 501 24.95 5.14 69.03
C ARG D 501 23.43 5.03 69.08
N TYR D 502 22.82 5.39 67.96
CA TYR D 502 21.37 5.41 67.83
C TYR D 502 20.81 3.99 67.87
N ASP D 503 19.50 3.91 68.16
CA ASP D 503 18.80 2.63 68.22
C ASP D 503 17.90 2.37 67.03
N ALA D 504 17.62 3.37 66.20
CA ALA D 504 16.78 3.21 65.02
C ALA D 504 17.36 4.00 63.88
N VAL D 505 17.52 3.35 62.72
CA VAL D 505 18.02 3.99 61.51
C VAL D 505 17.03 3.75 60.39
N VAL D 506 16.55 4.82 59.78
CA VAL D 506 15.60 4.75 58.67
C VAL D 506 16.11 5.69 57.59
N ALA D 507 16.66 5.13 56.51
CA ALA D 507 17.17 5.94 55.42
C ALA D 507 17.22 5.09 54.15
N ASN D 508 17.24 5.78 53.01
CA ASN D 508 17.36 5.12 51.71
C ASN D 508 18.71 5.43 51.09
N PRO D 509 19.58 4.44 50.89
CA PRO D 509 20.87 4.72 50.28
C PRO D 509 20.72 5.22 48.86
N PRO D 510 21.62 6.07 48.38
CA PRO D 510 21.55 6.53 47.00
C PRO D 510 21.96 5.42 46.03
N TYR D 511 21.67 5.67 44.75
CA TYR D 511 21.94 4.73 43.68
C TYR D 511 23.23 5.11 42.98
N MET D 512 24.15 4.15 42.88
CA MET D 512 25.44 4.37 42.24
C MET D 512 25.55 3.49 41.01
N GLY D 513 25.83 4.10 39.86
CA GLY D 513 25.95 3.40 38.60
C GLY D 513 27.39 3.31 38.13
N GLY D 514 27.59 3.47 36.83
CA GLY D 514 28.94 3.43 36.28
C GLY D 514 29.83 4.55 36.77
N LYS D 515 29.24 5.74 36.97
CA LYS D 515 30.03 6.88 37.44
C LYS D 515 30.46 6.72 38.89
N GLY D 516 29.76 5.91 39.68
CA GLY D 516 30.08 5.76 41.08
C GLY D 516 31.30 4.94 41.39
N MET D 517 31.86 4.25 40.39
CA MET D 517 33.05 3.44 40.58
C MET D 517 34.29 4.31 40.43
N ASN D 518 34.92 4.65 41.54
CA ASN D 518 36.10 5.50 41.55
C ASN D 518 37.29 4.71 42.09
N GLY D 519 38.47 5.08 41.60
CA GLY D 519 39.71 4.43 42.02
C GLY D 519 40.02 4.64 43.48
N ASP D 520 39.92 5.88 43.96
CA ASP D 520 40.15 6.15 45.37
C ASP D 520 39.05 5.54 46.23
N LEU D 521 37.80 5.58 45.75
CA LEU D 521 36.70 4.96 46.48
C LEU D 521 36.90 3.45 46.58
N LYS D 522 37.37 2.82 45.51
CA LYS D 522 37.66 1.39 45.55
C LYS D 522 38.80 1.09 46.52
N GLU D 523 39.81 1.96 46.57
CA GLU D 523 40.90 1.78 47.53
C GLU D 523 40.38 1.88 48.97
N PHE D 524 39.50 2.84 49.22
CA PHE D 524 38.91 2.95 50.56
C PHE D 524 38.08 1.72 50.90
N ALA D 525 37.31 1.21 49.93
CA ALA D 525 36.52 0.01 50.15
C ALA D 525 37.41 -1.20 50.45
N LYS D 526 38.53 -1.30 49.74
CA LYS D 526 39.49 -2.36 50.04
C LYS D 526 40.07 -2.20 51.44
N LYS D 527 40.38 -0.97 51.84
CA LYS D 527 40.81 -0.72 53.21
C LYS D 527 39.70 -1.07 54.18
N GLN D 528 38.46 -0.78 53.83
CA GLN D 528 37.29 -1.15 54.62
C GLN D 528 36.97 -2.62 54.34
N PHE D 529 35.78 -3.06 54.75
CA PHE D 529 35.37 -4.44 54.52
C PHE D 529 35.28 -4.71 53.01
N PRO D 530 35.90 -5.77 52.51
CA PRO D 530 35.81 -6.10 51.08
C PRO D 530 34.70 -7.06 50.71
N ASP D 531 33.90 -7.50 51.70
CA ASP D 531 32.84 -8.47 51.41
C ASP D 531 31.79 -7.89 50.47
N SER D 532 31.40 -6.64 50.69
CA SER D 532 30.38 -5.98 49.89
C SER D 532 30.90 -4.66 49.33
N LYS D 533 32.12 -4.68 48.81
CA LYS D 533 32.75 -3.47 48.29
C LYS D 533 32.35 -3.16 46.85
N SER D 534 31.55 -4.01 46.21
CA SER D 534 31.19 -3.79 44.82
C SER D 534 30.36 -2.52 44.65
N ASP D 535 29.37 -2.31 45.52
CA ASP D 535 28.46 -1.18 45.40
C ASP D 535 28.41 -0.41 46.71
N LEU D 536 28.04 0.86 46.61
CA LEU D 536 28.04 1.75 47.77
C LEU D 536 26.85 1.50 48.69
N PHE D 537 25.71 1.06 48.16
CA PHE D 537 24.55 0.86 49.01
C PHE D 537 24.78 -0.27 50.01
N ALA D 538 25.50 -1.31 49.60
CA ALA D 538 25.84 -2.38 50.53
C ALA D 538 26.74 -1.87 51.65
N MET D 539 27.70 -1.01 51.32
CA MET D 539 28.55 -0.43 52.34
C MET D 539 27.75 0.47 53.28
N PHE D 540 26.78 1.21 52.74
CA PHE D 540 25.91 2.02 53.59
C PHE D 540 25.12 1.13 54.55
N MET D 541 24.60 0.01 54.05
CA MET D 541 23.87 -0.92 54.90
C MET D 541 24.76 -1.49 55.99
N GLN D 542 26.00 -1.86 55.64
CA GLN D 542 26.92 -2.39 56.62
C GLN D 542 27.26 -1.35 57.69
N HIS D 543 27.51 -0.11 57.28
CA HIS D 543 27.80 0.94 58.24
C HIS D 543 26.61 1.23 59.14
N ALA D 544 25.40 1.22 58.57
CA ALA D 544 24.20 1.42 59.38
C ALA D 544 24.05 0.31 60.41
N PHE D 545 24.36 -0.93 60.03
CA PHE D 545 24.38 -2.00 61.01
C PHE D 545 25.43 -1.76 62.08
N SER D 546 26.62 -1.28 61.67
CA SER D 546 27.69 -1.01 62.63
C SER D 546 27.30 0.11 63.59
N LEU D 547 26.67 1.16 63.09
CA LEU D 547 26.29 2.30 63.90
C LEU D 547 24.98 2.11 64.63
N LEU D 548 24.51 0.87 64.78
CA LEU D 548 23.25 0.57 65.44
C LEU D 548 23.53 -0.23 66.71
N LYS D 549 22.90 0.17 67.81
CA LYS D 549 23.12 -0.50 69.07
C LYS D 549 22.43 -1.86 69.09
N GLU D 550 22.66 -2.60 70.17
CA GLU D 550 22.06 -3.92 70.33
C GLU D 550 20.55 -3.79 70.46
N ASN D 551 19.84 -4.79 69.92
CA ASN D 551 18.38 -4.81 69.89
C ASN D 551 17.83 -3.58 69.17
N GLY D 552 18.51 -3.17 68.10
CA GLY D 552 18.08 -2.05 67.30
C GLY D 552 17.26 -2.47 66.09
N PHE D 553 16.64 -1.48 65.45
CA PHE D 553 15.85 -1.68 64.24
C PHE D 553 16.51 -0.92 63.10
N ASN D 554 16.68 -1.60 61.97
CA ASN D 554 17.20 -0.98 60.75
C ASN D 554 16.18 -1.21 59.64
N ALA D 555 15.49 -0.15 59.24
CA ALA D 555 14.50 -0.23 58.17
C ALA D 555 15.03 0.55 56.97
N GLN D 556 15.19 -0.13 55.83
CA GLN D 556 15.78 0.49 54.65
C GLN D 556 15.07 0.00 53.40
N VAL D 557 15.34 0.69 52.30
CA VAL D 557 14.91 0.29 50.97
C VAL D 557 16.12 0.30 50.05
N ASN D 558 16.09 -0.55 49.03
CA ASN D 558 17.19 -0.61 48.08
C ASN D 558 16.68 -1.27 46.80
N MET D 559 17.59 -1.50 45.85
CA MET D 559 17.24 -2.19 44.62
C MET D 559 17.15 -3.69 44.85
N GLN D 560 16.51 -4.37 43.90
CA GLN D 560 16.32 -5.82 44.02
C GLN D 560 17.59 -6.61 43.72
N SER D 561 18.49 -6.05 42.91
CA SER D 561 19.65 -6.79 42.42
C SER D 561 20.73 -6.91 43.50
N TRP D 562 20.34 -7.52 44.62
CA TRP D 562 21.29 -7.81 45.69
C TRP D 562 21.10 -9.19 46.29
N MET D 563 20.13 -9.97 45.82
CA MET D 563 19.84 -11.28 46.39
C MET D 563 20.02 -12.42 45.38
N PHE D 564 20.40 -12.11 44.15
CA PHE D 564 20.53 -13.11 43.10
C PHE D 564 21.84 -12.90 42.32
N LEU D 565 22.94 -12.75 43.06
CA LEU D 565 24.25 -12.59 42.43
C LEU D 565 25.29 -13.38 43.23
N SER D 566 26.32 -13.84 42.53
CA SER D 566 27.36 -14.63 43.18
C SER D 566 28.17 -13.79 44.15
N SER D 567 28.35 -12.51 43.85
CA SER D 567 29.16 -11.66 44.72
C SER D 567 28.53 -11.50 46.10
N TYR D 568 27.20 -11.42 46.16
CA TYR D 568 26.49 -11.19 47.40
C TYR D 568 26.21 -12.47 48.17
N GLU D 569 26.69 -13.61 47.68
CA GLU D 569 26.50 -14.87 48.41
C GLU D 569 27.15 -14.81 49.78
N ALA D 570 28.39 -14.32 49.85
CA ALA D 570 29.06 -14.17 51.13
C ALA D 570 28.35 -13.14 52.00
N LEU D 571 27.87 -12.05 51.40
CA LEU D 571 27.11 -11.06 52.15
C LEU D 571 25.84 -11.65 52.72
N ARG D 572 25.12 -12.44 51.91
CA ARG D 572 23.90 -13.09 52.39
C ARG D 572 24.21 -14.06 53.52
N GLY D 573 25.29 -14.83 53.38
CA GLY D 573 25.67 -15.75 54.44
C GLY D 573 26.01 -15.04 55.74
N TRP D 574 26.76 -13.94 55.64
CA TRP D 574 27.08 -13.14 56.82
C TRP D 574 25.81 -12.59 57.46
N LEU D 575 24.88 -12.09 56.65
CA LEU D 575 23.64 -11.52 57.17
C LEU D 575 22.81 -12.58 57.89
N LEU D 576 22.70 -13.77 57.31
CA LEU D 576 21.94 -14.83 57.97
C LEU D 576 22.67 -15.45 59.14
N ASP D 577 23.99 -15.26 59.23
CA ASP D 577 24.75 -15.80 60.36
C ASP D 577 24.76 -14.87 61.56
N ASN D 578 24.83 -13.56 61.35
CA ASN D 578 24.96 -12.63 62.47
C ASN D 578 23.67 -11.89 62.82
N LYS D 579 22.73 -11.75 61.90
CA LYS D 579 21.48 -11.06 62.19
C LYS D 579 20.29 -11.92 61.80
N THR D 580 19.08 -11.35 61.84
CA THR D 580 17.89 -12.08 61.48
C THR D 580 16.90 -11.13 60.81
N PHE D 581 15.97 -11.70 60.07
CA PHE D 581 14.95 -10.92 59.37
C PHE D 581 13.73 -10.73 60.27
N ILE D 582 13.00 -9.63 60.02
CA ILE D 582 11.78 -9.31 60.74
C ILE D 582 10.60 -9.15 59.79
N THR D 583 10.74 -8.25 58.81
CA THR D 583 9.67 -8.03 57.83
C THR D 583 10.29 -7.48 56.56
N MET D 584 10.04 -8.16 55.44
CA MET D 584 10.54 -7.75 54.14
C MET D 584 9.35 -7.59 53.19
N ALA D 585 9.31 -6.46 52.49
CA ALA D 585 8.27 -6.17 51.51
C ALA D 585 8.91 -6.05 50.14
N HIS D 586 8.43 -6.86 49.20
CA HIS D 586 8.94 -6.84 47.83
C HIS D 586 8.12 -5.84 47.03
N LEU D 587 8.61 -4.60 46.99
CA LEU D 587 7.97 -3.57 46.18
C LEU D 587 8.02 -3.94 44.70
N GLY D 588 9.15 -4.46 44.25
CA GLY D 588 9.27 -4.89 42.87
C GLY D 588 9.28 -3.71 41.91
N ALA D 589 8.90 -4.00 40.67
CA ALA D 589 8.86 -2.99 39.62
C ALA D 589 7.56 -2.19 39.72
N ARG D 590 7.29 -1.37 38.70
CA ARG D 590 6.08 -0.54 38.63
C ARG D 590 6.00 0.39 39.84
N ALA D 591 7.00 1.26 39.94
CA ALA D 591 7.08 2.21 41.05
C ALA D 591 7.17 3.62 40.50
N PHE D 592 6.71 4.59 41.30
CA PHE D 592 6.72 6.01 40.97
C PHE D 592 5.88 6.31 39.72
N GLY D 593 4.93 5.45 39.40
CA GLY D 593 4.12 5.64 38.20
C GLY D 593 4.77 5.25 36.91
N GLN D 594 5.90 4.52 36.96
CA GLN D 594 6.64 4.08 35.78
C GLN D 594 7.08 5.27 34.92
N ILE D 595 7.90 6.13 35.53
CA ILE D 595 8.54 7.23 34.83
C ILE D 595 10.05 7.01 34.91
N SER D 596 10.70 6.98 33.74
CA SER D 596 12.11 6.64 33.64
C SER D 596 12.41 5.34 34.37
N GLY D 597 13.56 5.25 35.01
CA GLY D 597 13.88 4.10 35.84
C GLY D 597 13.87 2.77 35.09
N GLU D 598 14.86 2.58 34.20
CA GLU D 598 14.95 1.32 33.47
C GLU D 598 15.07 0.13 34.41
N VAL D 599 15.66 0.31 35.57
CA VAL D 599 15.71 -0.71 36.62
C VAL D 599 15.04 -0.08 37.84
N VAL D 600 13.73 -0.31 37.97
CA VAL D 600 12.94 0.27 39.05
C VAL D 600 12.58 -0.75 40.12
N GLN D 601 12.99 -2.01 39.95
CA GLN D 601 12.72 -3.03 40.96
C GLN D 601 13.40 -2.64 42.27
N THR D 602 12.64 -2.75 43.37
CA THR D 602 13.14 -2.34 44.67
C THR D 602 12.46 -3.15 45.76
N THR D 603 13.11 -3.18 46.91
CA THR D 603 12.63 -3.92 48.07
C THR D 603 12.85 -3.09 49.32
N ALA D 604 12.05 -3.38 50.36
CA ALA D 604 12.19 -2.77 51.66
C ALA D 604 12.33 -3.86 52.71
N TRP D 605 13.09 -3.57 53.77
CA TRP D 605 13.29 -4.59 54.78
C TRP D 605 13.60 -3.96 56.13
N VAL D 606 13.17 -4.64 57.19
CA VAL D 606 13.44 -4.25 58.57
C VAL D 606 14.20 -5.38 59.23
N ILE D 607 15.31 -5.05 59.88
CA ILE D 607 16.20 -6.03 60.49
C ILE D 607 16.39 -5.67 61.96
N LYS D 608 16.30 -6.67 62.82
CA LYS D 608 16.61 -6.55 64.23
C LYS D 608 18.05 -6.99 64.49
N ASN D 609 18.76 -6.23 65.32
CA ASN D 609 20.17 -6.53 65.59
C ASN D 609 20.31 -7.86 66.31
N ASN D 610 19.34 -8.24 67.14
CA ASN D 610 19.42 -9.51 67.85
C ASN D 610 19.36 -10.66 66.86
N HIS D 611 20.17 -11.69 67.12
CA HIS D 611 20.26 -12.86 66.25
C HIS D 611 19.19 -13.87 66.66
N SER D 612 18.36 -14.25 65.70
CA SER D 612 17.29 -15.23 65.92
C SER D 612 17.44 -16.35 64.90
N GLY D 613 17.93 -17.51 65.35
CA GLY D 613 18.15 -18.61 64.44
C GLY D 613 16.87 -19.19 63.87
N PHE D 614 15.85 -19.36 64.71
CA PHE D 614 14.60 -19.99 64.31
C PHE D 614 13.44 -19.00 64.26
N TYR D 615 13.71 -17.78 63.80
CA TYR D 615 12.65 -16.79 63.70
C TYR D 615 11.72 -17.13 62.55
N LYS D 616 10.53 -16.51 62.57
CA LYS D 616 9.51 -16.70 61.54
C LYS D 616 9.37 -15.42 60.73
N PRO D 617 10.14 -15.24 59.67
CA PRO D 617 10.01 -14.02 58.87
C PRO D 617 8.67 -13.96 58.15
N VAL D 618 8.24 -12.73 57.88
CA VAL D 618 6.99 -12.47 57.18
C VAL D 618 7.30 -11.68 55.92
N PHE D 619 6.79 -12.15 54.78
CA PHE D 619 7.05 -11.54 53.48
C PHE D 619 5.75 -11.15 52.82
N PHE D 620 5.75 -9.98 52.16
CA PHE D 620 4.63 -9.52 51.36
C PHE D 620 5.13 -9.23 49.95
N ARG D 621 4.47 -9.81 48.96
CA ARG D 621 4.89 -9.69 47.56
C ARG D 621 3.92 -8.74 46.85
N LEU D 622 4.34 -7.49 46.70
CA LEU D 622 3.58 -6.47 45.97
C LEU D 622 4.17 -6.19 44.60
N VAL D 623 4.75 -7.21 43.96
CA VAL D 623 5.45 -7.00 42.70
C VAL D 623 4.45 -6.80 41.56
N ASP D 624 4.94 -6.18 40.48
CA ASP D 624 4.16 -5.84 39.29
C ASP D 624 2.78 -5.28 39.64
N ASP D 625 2.78 -4.28 40.51
CA ASP D 625 1.57 -3.57 40.89
C ASP D 625 1.82 -2.07 40.81
N ASN D 626 0.83 -1.34 40.32
CA ASN D 626 0.95 0.11 40.26
C ASN D 626 0.89 0.71 41.66
N GLU D 627 1.23 2.01 41.75
CA GLU D 627 1.33 2.65 43.06
C GLU D 627 0.00 2.62 43.80
N GLU D 628 -1.10 2.95 43.11
CA GLU D 628 -2.41 2.89 43.75
C GLU D 628 -2.76 1.48 44.18
N HIS D 629 -2.54 0.50 43.29
CA HIS D 629 -2.82 -0.89 43.63
C HIS D 629 -1.90 -1.38 44.74
N LYS D 630 -0.65 -0.93 44.72
CA LYS D 630 0.28 -1.32 45.79
C LYS D 630 -0.16 -0.77 47.14
N LYS D 631 -0.61 0.49 47.17
CA LYS D 631 -1.12 1.06 48.41
C LYS D 631 -2.37 0.32 48.87
N ASN D 632 -3.27 -0.02 47.94
CA ASN D 632 -4.46 -0.77 48.31
C ASN D 632 -4.10 -2.12 48.90
N ASN D 633 -3.13 -2.81 48.29
CA ASN D 633 -2.70 -4.11 48.81
C ASN D 633 -2.06 -3.96 50.18
N LEU D 634 -1.24 -2.93 50.38
CA LEU D 634 -0.60 -2.71 51.67
C LEU D 634 -1.64 -2.43 52.75
N LEU D 635 -2.66 -1.65 52.43
CA LEU D 635 -3.73 -1.40 53.40
C LEU D 635 -4.52 -2.67 53.68
N ASN D 636 -4.84 -3.45 52.65
CA ASN D 636 -5.62 -4.66 52.83
C ASN D 636 -4.80 -5.80 53.44
N ARG D 637 -3.49 -5.81 53.20
CA ARG D 637 -2.57 -6.80 53.76
C ARG D 637 -2.95 -8.23 53.31
N MET D 638 -2.91 -8.43 52.00
CA MET D 638 -3.09 -9.75 51.42
C MET D 638 -1.75 -10.25 50.87
N ASN D 639 -1.76 -11.50 50.39
CA ASN D 639 -0.58 -12.13 49.81
C ASN D 639 0.56 -12.17 50.82
N CYS D 640 0.30 -12.81 51.95
CA CYS D 640 1.25 -12.93 53.05
C CYS D 640 1.71 -14.38 53.16
N PHE D 641 3.03 -14.58 53.18
CA PHE D 641 3.63 -15.91 53.27
C PHE D 641 4.46 -16.00 54.53
N LYS D 642 3.79 -16.25 55.66
CA LYS D 642 4.48 -16.52 56.92
C LYS D 642 4.59 -18.03 57.15
N ASN D 643 5.22 -18.70 56.19
CA ASN D 643 5.34 -20.15 56.19
C ASN D 643 6.74 -20.59 55.81
N THR D 644 7.74 -19.97 56.43
CA THR D 644 9.12 -20.33 56.18
C THR D 644 9.94 -20.07 57.44
N LEU D 645 11.07 -20.77 57.54
CA LEU D 645 12.00 -20.61 58.64
C LEU D 645 13.11 -19.65 58.22
N GLN D 646 14.14 -19.53 59.06
CA GLN D 646 15.30 -18.71 58.74
C GLN D 646 16.50 -19.53 58.31
N ASN D 647 16.67 -20.74 58.84
CA ASN D 647 17.76 -21.61 58.43
C ASN D 647 17.42 -22.43 57.19
N ASP D 648 16.16 -22.43 56.75
CA ASP D 648 15.79 -23.21 55.58
C ASP D 648 16.43 -22.67 54.31
N PHE D 649 16.68 -21.37 54.24
CA PHE D 649 17.32 -20.79 53.06
C PHE D 649 18.77 -21.21 52.91
N LYS D 650 19.37 -21.81 53.94
CA LYS D 650 20.73 -22.30 53.84
C LYS D 650 20.84 -23.59 53.03
N LYS D 651 19.73 -24.26 52.78
CA LYS D 651 19.78 -25.52 52.04
C LYS D 651 20.16 -25.31 50.58
N ILE D 652 19.51 -24.36 49.92
CA ILE D 652 19.84 -24.08 48.51
C ILE D 652 21.17 -23.35 48.45
N PRO D 653 22.11 -23.78 47.59
CA PRO D 653 23.39 -23.08 47.50
C PRO D 653 23.21 -21.63 47.09
N GLY D 654 24.02 -20.75 47.68
CA GLY D 654 23.93 -19.34 47.43
C GLY D 654 22.90 -18.59 48.24
N SER D 655 22.10 -19.30 49.02
CA SER D 655 21.03 -18.70 49.82
C SER D 655 20.14 -17.74 49.02
N PRO D 656 19.46 -18.24 47.97
CA PRO D 656 18.52 -17.39 47.24
C PRO D 656 17.18 -17.29 47.94
N ILE D 657 17.08 -16.39 48.92
CA ILE D 657 15.87 -16.30 49.75
C ILE D 657 14.67 -16.02 48.86
N ALA D 658 13.73 -16.96 48.84
CA ALA D 658 12.50 -16.84 48.08
C ALA D 658 11.32 -17.23 48.96
N TYR D 659 10.17 -16.61 48.70
CA TYR D 659 8.97 -16.83 49.51
C TYR D 659 7.95 -17.73 48.83
N TRP D 660 7.92 -17.76 47.49
CA TRP D 660 6.97 -18.61 46.80
C TRP D 660 7.37 -20.09 46.84
N ALA D 661 8.64 -20.39 47.07
CA ALA D 661 9.10 -21.77 47.09
C ALA D 661 8.58 -22.50 48.31
N THR D 662 8.05 -23.71 48.11
CA THR D 662 7.53 -24.51 49.19
C THR D 662 8.67 -25.24 49.91
N LEU D 663 8.39 -25.62 51.16
CA LEU D 663 9.40 -26.31 51.97
C LEU D 663 9.74 -27.69 51.39
N ALA D 664 8.78 -28.33 50.71
CA ALA D 664 9.05 -29.63 50.11
C ALA D 664 10.14 -29.55 49.06
N PHE D 665 10.12 -28.50 48.24
CA PHE D 665 11.15 -28.32 47.22
C PHE D 665 12.51 -28.14 47.86
N ILE D 666 12.59 -27.31 48.91
CA ILE D 666 13.86 -27.09 49.59
C ILE D 666 14.38 -28.37 50.21
N ASN D 667 13.50 -29.14 50.85
CA ASN D 667 13.91 -30.40 51.47
C ASN D 667 14.40 -31.39 50.43
N SER D 668 13.71 -31.47 49.29
CA SER D 668 14.06 -32.44 48.26
C SER D 668 15.27 -32.01 47.44
N PHE D 669 15.64 -30.73 47.48
CA PHE D 669 16.77 -30.27 46.70
C PHE D 669 18.07 -30.93 47.12
N LEU D 670 18.26 -31.10 48.43
CA LEU D 670 19.51 -31.65 48.96
C LEU D 670 19.53 -33.17 49.07
N LYS D 671 18.46 -33.84 48.64
CA LYS D 671 18.38 -35.29 48.76
C LYS D 671 19.05 -36.01 47.58
N LEU D 672 19.57 -35.28 46.60
CA LEU D 672 20.14 -35.89 45.41
C LEU D 672 21.53 -35.32 45.15
N PRO D 673 22.46 -36.16 44.67
CA PRO D 673 23.79 -35.65 44.33
C PRO D 673 23.76 -34.79 43.08
N ALA D 674 24.76 -33.92 42.97
CA ALA D 674 24.89 -33.00 41.85
C ALA D 674 26.12 -33.35 41.02
N LEU D 675 26.20 -32.74 39.84
CA LEU D 675 27.31 -32.97 38.94
C LEU D 675 28.61 -32.44 39.53
N GLY D 676 29.68 -33.22 39.38
CA GLY D 676 30.97 -32.81 39.89
C GLY D 676 31.76 -31.97 38.92
N THR D 677 33.00 -32.35 38.66
CA THR D 677 33.86 -31.64 37.73
C THR D 677 33.68 -32.10 36.29
N ARG D 678 32.53 -32.69 35.97
CA ARG D 678 32.26 -33.17 34.62
C ARG D 678 31.97 -32.05 33.63
N ALA D 679 31.74 -30.83 34.12
CA ALA D 679 31.50 -29.69 33.25
C ALA D 679 32.81 -28.94 33.01
N VAL D 680 33.14 -28.73 31.74
CA VAL D 680 34.40 -28.12 31.35
C VAL D 680 34.12 -26.95 30.42
N LYS D 681 34.78 -25.82 30.68
CA LYS D 681 34.62 -24.64 29.84
C LYS D 681 35.26 -24.85 28.48
N GLY D 682 34.76 -24.12 27.48
CA GLY D 682 35.30 -24.22 26.14
C GLY D 682 36.56 -23.40 25.94
N LEU D 683 37.18 -23.58 24.79
CA LEU D 683 38.36 -22.82 24.44
C LEU D 683 37.98 -21.38 24.13
N ASP D 684 39.00 -20.53 24.04
CA ASP D 684 38.79 -19.10 23.81
C ASP D 684 39.75 -18.61 22.74
N THR D 685 39.28 -17.63 21.97
CA THR D 685 40.10 -16.94 20.97
C THR D 685 40.13 -15.46 21.30
N ASN D 686 41.28 -14.83 21.05
CA ASN D 686 41.50 -13.44 21.42
C ASN D 686 41.01 -12.45 20.36
N GLY D 687 40.46 -12.93 19.25
CA GLY D 687 39.93 -12.07 18.23
C GLY D 687 40.27 -12.62 16.86
N SER D 688 40.02 -11.78 15.84
CA SER D 688 40.24 -12.15 14.44
C SER D 688 39.50 -13.44 14.08
N ILE D 689 38.25 -13.55 14.55
CA ILE D 689 37.45 -14.73 14.24
C ILE D 689 37.09 -14.78 12.76
N ASP D 690 37.20 -13.66 12.04
CA ASP D 690 36.88 -13.64 10.62
C ASP D 690 37.86 -14.47 9.80
N VAL D 691 39.06 -14.73 10.33
CA VAL D 691 40.05 -15.53 9.62
C VAL D 691 40.10 -16.97 10.12
N PHE D 692 39.29 -17.32 11.11
CA PHE D 692 39.27 -18.66 11.68
C PHE D 692 37.96 -19.39 11.42
N LEU D 693 36.82 -18.76 11.73
CA LEU D 693 35.53 -19.42 11.67
C LEU D 693 34.87 -19.13 10.32
N ARG D 694 34.55 -20.19 9.58
CA ARG D 694 33.83 -20.09 8.32
C ARG D 694 32.77 -21.18 8.28
N ARG D 695 31.71 -20.92 7.52
CA ARG D 695 30.64 -21.90 7.38
C ARG D 695 31.10 -23.05 6.50
N TRP D 696 30.48 -24.21 6.70
CA TRP D 696 30.92 -25.43 6.03
C TRP D 696 30.64 -25.48 4.53
N PRO D 697 29.54 -24.91 4.01
CA PRO D 697 29.29 -25.05 2.56
C PRO D 697 30.35 -24.42 1.68
N GLU D 698 31.13 -23.45 2.17
CA GLU D 698 32.02 -22.66 1.32
C GLU D 698 33.47 -23.13 1.38
N VAL D 699 33.70 -24.41 1.67
CA VAL D 699 35.04 -24.98 1.64
C VAL D 699 34.99 -26.33 0.94
N SER D 700 36.16 -26.78 0.48
CA SER D 700 36.25 -28.08 -0.17
C SER D 700 36.02 -29.19 0.85
N ILE D 701 35.47 -30.31 0.36
CA ILE D 701 35.22 -31.46 1.23
C ILE D 701 36.45 -32.32 1.44
N ASN D 702 37.48 -32.19 0.60
CA ASN D 702 38.71 -32.93 0.84
C ASN D 702 39.40 -32.47 2.12
N SER D 703 39.42 -31.17 2.38
CA SER D 703 39.99 -30.65 3.61
C SER D 703 39.05 -30.78 4.80
N PHE D 704 37.78 -31.08 4.56
CA PHE D 704 36.84 -31.29 5.65
C PHE D 704 37.17 -32.60 6.38
N ASP D 705 37.07 -32.58 7.70
CA ASP D 705 37.37 -33.76 8.50
C ASP D 705 36.18 -34.72 8.57
N ALA D 706 34.96 -34.19 8.66
CA ALA D 706 33.78 -35.05 8.78
C ALA D 706 33.51 -35.86 7.52
N LEU D 707 33.93 -35.36 6.35
CA LEU D 707 33.74 -36.05 5.09
C LEU D 707 35.08 -36.16 4.38
N GLY D 708 35.39 -37.35 3.88
CA GLY D 708 36.62 -37.53 3.13
C GLY D 708 37.87 -37.45 3.98
N LYS D 709 38.08 -38.44 4.85
CA LYS D 709 39.27 -38.47 5.69
C LYS D 709 40.54 -38.49 4.85
N GLY D 710 41.63 -38.06 5.47
CA GLY D 710 42.92 -38.01 4.80
C GLY D 710 43.69 -36.75 5.09
N ASN D 711 42.97 -35.64 5.27
CA ASN D 711 43.60 -34.37 5.61
C ASN D 711 42.78 -33.70 6.71
N SER D 712 43.45 -33.27 7.77
CA SER D 712 42.80 -32.63 8.90
C SER D 712 43.11 -31.13 8.82
N LYS D 713 42.27 -30.41 8.08
CA LYS D 713 42.40 -28.97 7.93
C LYS D 713 41.28 -28.20 8.59
N TRP D 714 40.04 -28.65 8.44
CA TRP D 714 38.88 -27.99 9.02
C TRP D 714 38.14 -28.96 9.94
N PHE D 715 37.68 -28.45 11.08
CA PHE D 715 37.02 -29.27 12.08
C PHE D 715 35.70 -28.64 12.51
N PRO D 716 34.71 -29.45 12.84
CA PRO D 716 33.45 -28.90 13.38
C PRO D 716 33.67 -28.28 14.75
N ILE D 717 32.88 -27.26 15.05
CA ILE D 717 32.93 -26.56 16.33
C ILE D 717 31.51 -26.34 16.83
N ALA D 718 31.39 -26.17 18.14
CA ALA D 718 30.11 -25.91 18.78
C ALA D 718 30.14 -24.54 19.44
N LYS D 719 29.11 -23.74 19.18
CA LYS D 719 29.02 -22.39 19.74
C LYS D 719 27.71 -22.10 20.44
N GLY D 720 26.63 -22.81 20.12
CA GLY D 720 25.35 -22.56 20.77
C GLY D 720 24.57 -21.45 20.11
N GLY D 721 23.29 -21.69 19.84
CA GLY D 721 22.45 -20.71 19.18
C GLY D 721 21.11 -20.54 19.85
N GLU D 722 20.03 -20.68 19.07
CA GLU D 722 18.69 -20.50 19.59
C GLU D 722 18.29 -21.71 20.43
N LEU D 723 17.02 -21.79 20.81
CA LEU D 723 16.52 -22.89 21.61
C LEU D 723 16.42 -24.15 20.76
N ARG D 724 16.98 -25.25 21.26
CA ARG D 724 16.99 -26.51 20.54
C ARG D 724 17.38 -27.64 21.49
N LYS D 725 16.70 -28.78 21.42
CA LYS D 725 16.89 -29.85 22.38
C LYS D 725 17.25 -31.15 21.67
N TRP D 726 18.25 -31.85 22.23
CA TRP D 726 18.73 -33.19 21.94
C TRP D 726 19.53 -33.32 20.65
N PHE D 727 19.49 -32.33 19.75
CA PHE D 727 20.28 -32.38 18.51
C PHE D 727 20.11 -31.11 17.70
N GLY D 728 21.11 -30.76 16.89
CA GLY D 728 21.02 -29.65 15.97
C GLY D 728 22.16 -28.69 16.13
N ASN D 729 22.08 -27.56 15.42
CA ASN D 729 23.06 -26.48 15.48
C ASN D 729 24.45 -26.96 15.09
N HIS D 730 24.57 -27.40 13.84
CA HIS D 730 25.83 -27.83 13.24
C HIS D 730 26.05 -26.99 11.99
N GLU D 731 26.67 -25.81 12.15
CA GLU D 731 26.79 -24.89 11.02
C GLU D 731 28.07 -24.08 11.01
N TYR D 732 29.06 -24.39 11.85
CA TYR D 732 30.30 -23.61 11.90
C TYR D 732 31.50 -24.54 11.85
N ILE D 733 32.59 -24.01 11.33
CA ILE D 733 33.81 -24.77 11.09
C ILE D 733 35.01 -23.92 11.51
N ILE D 734 36.00 -24.57 12.15
CA ILE D 734 37.19 -23.89 12.63
C ILE D 734 38.41 -24.53 11.98
N ASN D 735 39.52 -23.80 12.02
CA ASN D 735 40.78 -24.26 11.46
C ASN D 735 41.66 -24.78 12.59
N TYR D 736 42.07 -26.04 12.49
CA TYR D 736 42.86 -26.70 13.53
C TYR D 736 43.98 -27.52 12.90
N GLU D 737 44.66 -26.93 11.92
CA GLU D 737 45.69 -27.64 11.18
C GLU D 737 46.88 -27.98 12.08
N ASN D 738 47.35 -29.23 11.97
CA ASN D 738 48.53 -29.70 12.70
C ASN D 738 48.39 -29.49 14.21
N ASP D 739 47.23 -29.89 14.74
CA ASP D 739 46.91 -29.79 16.16
C ASP D 739 46.85 -28.34 16.62
N GLY D 740 47.04 -27.41 15.69
CA GLY D 740 46.98 -26.00 15.98
C GLY D 740 48.35 -25.39 16.15
N ILE D 741 48.87 -24.75 15.10
CA ILE D 741 50.16 -24.07 15.17
C ILE D 741 49.96 -22.65 14.67
N GLU D 742 48.99 -22.45 13.79
CA GLU D 742 48.72 -21.11 13.28
C GLU D 742 48.02 -20.26 14.34
N LEU D 743 47.03 -20.82 15.02
CA LEU D 743 46.37 -20.10 16.11
C LEU D 743 47.13 -20.22 17.42
N ARG D 744 48.10 -21.14 17.51
CA ARG D 744 48.93 -21.22 18.71
C ARG D 744 49.88 -20.04 18.82
N LYS D 745 50.18 -19.36 17.71
CA LYS D 745 51.00 -18.16 17.79
C LYS D 745 50.32 -17.09 18.62
N ASN D 746 49.01 -16.89 18.43
CA ASN D 746 48.27 -15.99 19.30
C ASN D 746 48.16 -16.57 20.71
N LYS D 747 47.81 -17.85 20.82
CA LYS D 747 47.71 -18.57 22.09
C LYS D 747 46.80 -17.82 23.06
N ALA D 748 45.53 -17.69 22.66
CA ALA D 748 44.56 -16.97 23.47
C ALA D 748 44.33 -17.67 24.80
N ASN D 749 43.72 -18.84 24.77
CA ASN D 749 43.59 -19.62 26.00
C ASN D 749 43.97 -21.09 25.81
N LEU D 750 43.62 -21.70 24.68
CA LEU D 750 43.83 -23.12 24.43
C LEU D 750 43.37 -23.96 25.64
N ARG D 751 42.15 -23.68 26.08
CA ARG D 751 41.66 -24.24 27.33
C ARG D 751 41.33 -25.71 27.19
N ASN D 752 41.85 -26.52 28.11
CA ASN D 752 41.55 -27.95 28.20
C ASN D 752 41.83 -28.67 26.88
N LYS D 753 43.09 -28.67 26.49
CA LYS D 753 43.49 -29.35 25.26
C LYS D 753 43.74 -30.83 25.55
N ASP D 754 42.78 -31.48 26.22
CA ASP D 754 42.87 -32.91 26.49
C ASP D 754 41.57 -33.66 26.29
N MET D 755 40.42 -33.01 26.34
CA MET D 755 39.13 -33.69 26.25
C MET D 755 38.49 -33.55 24.88
N TYR D 756 39.25 -33.10 23.88
CA TYR D 756 38.70 -32.91 22.55
C TYR D 756 38.42 -34.26 21.88
N PHE D 757 37.56 -34.21 20.86
CA PHE D 757 37.24 -35.37 20.03
C PHE D 757 36.62 -36.50 20.85
N GLN D 758 35.74 -36.14 21.78
CA GLN D 758 35.03 -37.12 22.59
C GLN D 758 33.56 -36.74 22.67
N GLU D 759 32.70 -37.76 22.73
CA GLU D 759 31.26 -37.53 22.78
C GLU D 759 30.83 -37.06 24.15
N GLY D 760 29.70 -36.37 24.20
CA GLY D 760 29.16 -35.88 25.45
C GLY D 760 27.95 -34.99 25.28
N GLY D 761 27.82 -33.99 26.14
CA GLY D 761 26.70 -33.06 26.03
C GLY D 761 27.16 -31.63 25.93
N THR D 762 26.34 -30.75 25.37
CA THR D 762 26.68 -29.35 25.21
C THR D 762 25.49 -28.48 25.58
N TRP D 763 25.79 -27.28 26.08
CA TRP D 763 24.72 -26.35 26.42
C TRP D 763 25.23 -24.92 26.24
N THR D 764 24.28 -24.01 26.01
CA THR D 764 24.59 -22.62 25.64
C THR D 764 24.77 -21.78 26.90
N VAL D 765 25.92 -21.10 27.00
CA VAL D 765 26.17 -20.20 28.10
C VAL D 765 25.27 -18.97 28.01
N VAL D 766 24.96 -18.52 26.79
CA VAL D 766 24.20 -17.29 26.61
C VAL D 766 22.78 -17.45 27.18
N SER D 767 22.11 -16.32 27.32
CA SER D 767 20.78 -16.32 27.94
C SER D 767 19.75 -17.03 27.06
N THR D 768 19.52 -16.50 25.86
CA THR D 768 18.47 -16.98 24.95
C THR D 768 17.14 -16.92 25.71
N THR D 769 16.39 -18.01 25.80
CA THR D 769 15.10 -18.02 26.49
C THR D 769 15.07 -18.97 27.67
N GLY D 770 15.60 -20.19 27.53
CA GLY D 770 15.59 -21.15 28.60
C GLY D 770 16.90 -21.91 28.73
N PHE D 771 16.82 -23.14 29.23
CA PHE D 771 17.98 -24.00 29.40
C PHE D 771 17.74 -25.32 28.67
N SER D 772 18.72 -25.73 27.86
CA SER D 772 18.61 -26.96 27.08
C SER D 772 19.99 -27.55 26.88
N MET D 773 20.04 -28.88 26.78
CA MET D 773 21.27 -29.62 26.59
C MET D 773 21.13 -30.55 25.39
N ARG D 774 22.17 -30.64 24.57
CA ARG D 774 22.12 -31.38 23.33
C ARG D 774 23.27 -32.39 23.26
N TYR D 775 23.05 -33.45 22.51
CA TYR D 775 24.08 -34.47 22.32
C TYR D 775 25.20 -33.94 21.45
N MET D 776 26.42 -34.46 21.67
CA MET D 776 27.59 -34.04 20.92
C MET D 776 28.42 -35.25 20.53
N PRO D 777 28.46 -35.60 19.26
CA PRO D 777 29.19 -36.82 18.84
C PRO D 777 30.69 -36.62 18.83
N LYS D 778 31.42 -37.62 18.32
CA LYS D 778 32.87 -37.56 18.28
C LYS D 778 33.35 -36.59 17.20
N GLY D 779 34.61 -36.22 17.29
CA GLY D 779 35.21 -35.32 16.30
C GLY D 779 34.65 -33.92 16.32
N PHE D 780 34.48 -33.34 17.51
CA PHE D 780 33.93 -32.01 17.67
C PHE D 780 34.78 -31.20 18.63
N LEU D 781 34.68 -29.88 18.53
CA LEU D 781 35.33 -28.95 19.45
C LEU D 781 34.27 -28.01 20.03
N PHE D 782 34.51 -27.57 21.26
CA PHE D 782 33.57 -26.72 21.96
C PHE D 782 34.21 -25.38 22.31
N ASP D 783 33.46 -24.30 22.12
CA ASP D 783 33.92 -22.94 22.35
C ASP D 783 33.39 -22.44 23.69
N GLN D 784 33.70 -21.17 23.99
CA GLN D 784 33.23 -20.57 25.23
C GLN D 784 31.71 -20.49 25.27
N GLY D 785 31.09 -20.15 24.13
CA GLY D 785 29.65 -20.02 24.11
C GLY D 785 28.92 -21.31 24.43
N GLY D 786 29.44 -22.42 23.92
CA GLY D 786 28.85 -23.72 24.19
C GLY D 786 29.73 -24.59 25.05
N SER D 787 29.34 -24.78 26.30
CA SER D 787 30.14 -25.56 27.25
C SER D 787 29.74 -27.02 27.21
N ALA D 788 30.73 -27.89 27.48
CA ALA D 788 30.59 -29.32 27.27
C ALA D 788 30.70 -30.08 28.58
N VAL D 789 29.99 -31.20 28.65
CA VAL D 789 29.98 -32.10 29.79
C VAL D 789 30.36 -33.49 29.28
N PHE D 790 31.28 -34.15 29.98
CA PHE D 790 31.75 -35.47 29.61
C PHE D 790 31.63 -36.40 30.81
N CYS D 791 31.28 -37.66 30.54
CA CYS D 791 31.22 -38.67 31.58
C CYS D 791 32.62 -39.10 32.00
N GLU D 792 32.72 -39.63 33.21
CA GLU D 792 34.00 -40.05 33.75
C GLU D 792 34.46 -41.35 33.07
N ASN D 793 35.61 -41.85 33.52
CA ASN D 793 36.17 -43.06 32.92
C ASN D 793 35.26 -44.26 33.16
N ASN D 794 34.85 -44.48 34.41
CA ASN D 794 34.00 -45.61 34.76
C ASN D 794 32.92 -45.17 35.74
N ASP D 795 32.31 -44.02 35.47
CA ASP D 795 31.26 -43.52 36.34
C ASP D 795 30.00 -44.36 36.22
N GLU D 796 29.27 -44.49 37.33
CA GLU D 796 28.01 -45.22 37.33
C GLU D 796 26.98 -44.52 36.45
N LEU D 797 26.94 -43.19 36.50
CA LEU D 797 25.97 -42.43 35.72
C LEU D 797 26.28 -42.52 34.24
N SER D 798 25.23 -42.35 33.43
CA SER D 798 25.34 -42.45 31.98
C SER D 798 24.97 -41.12 31.33
N ILE D 799 25.49 -40.91 30.12
CA ILE D 799 25.28 -39.65 29.43
C ILE D 799 23.81 -39.49 29.05
N TYR D 800 23.16 -40.56 28.61
CA TYR D 800 21.77 -40.47 28.20
C TYR D 800 20.86 -40.11 29.37
N ASN D 801 21.17 -40.66 30.55
CA ASN D 801 20.41 -40.30 31.75
C ASN D 801 20.58 -38.82 32.07
N ILE D 802 21.80 -38.29 31.93
CA ILE D 802 22.04 -36.87 32.18
C ILE D 802 21.24 -36.03 31.19
N LEU D 803 21.24 -36.42 29.92
CA LEU D 803 20.47 -35.67 28.92
C LEU D 803 18.99 -35.71 29.23
N ALA D 804 18.48 -36.86 29.67
CA ALA D 804 17.07 -36.96 30.04
C ALA D 804 16.74 -36.05 31.21
N CYS D 805 17.62 -36.00 32.21
CA CYS D 805 17.35 -35.18 33.39
C CYS D 805 17.41 -33.69 33.07
N MET D 806 18.42 -33.26 32.29
CA MET D 806 18.63 -31.84 32.07
C MET D 806 17.51 -31.18 31.27
N ASN D 807 16.74 -31.95 30.50
CA ASN D 807 15.62 -31.42 29.74
C ASN D 807 14.30 -31.57 30.48
N SER D 808 14.33 -32.06 31.72
CA SER D 808 13.11 -32.23 32.49
C SER D 808 12.61 -30.89 33.00
N LYS D 809 11.34 -30.87 33.42
CA LYS D 809 10.72 -29.65 33.93
C LYS D 809 11.35 -29.23 35.25
N TYR D 810 11.70 -30.19 36.10
CA TYR D 810 12.25 -29.88 37.42
C TYR D 810 13.57 -29.13 37.29
N ILE D 811 14.47 -29.63 36.43
CA ILE D 811 15.77 -28.98 36.26
C ILE D 811 15.60 -27.61 35.62
N ASN D 812 14.65 -27.48 34.69
CA ASN D 812 14.39 -26.19 34.07
C ASN D 812 13.94 -25.17 35.10
N TYR D 813 13.01 -25.56 35.98
CA TYR D 813 12.54 -24.66 37.01
C TYR D 813 13.66 -24.31 37.99
N SER D 814 14.47 -25.29 38.37
CA SER D 814 15.59 -25.01 39.28
C SER D 814 16.58 -24.05 38.66
N ALA D 815 16.90 -24.23 37.37
CA ALA D 815 17.82 -23.33 36.69
C ALA D 815 17.25 -21.93 36.59
N SER D 816 15.95 -21.81 36.30
CA SER D 816 15.33 -20.49 36.25
C SER D 816 15.36 -19.81 37.62
N LEU D 817 15.09 -20.57 38.69
CA LEU D 817 15.05 -19.97 40.02
C LEU D 817 16.43 -19.55 40.50
N ILE D 818 17.44 -20.39 40.26
CA ILE D 818 18.77 -20.11 40.80
C ILE D 818 19.36 -18.84 40.18
N CYS D 819 19.25 -18.71 38.86
CA CYS D 819 19.85 -17.59 38.13
C CYS D 819 18.79 -16.94 37.24
N PRO D 820 17.99 -16.03 37.79
CA PRO D 820 17.02 -15.31 36.95
C PRO D 820 17.66 -14.45 35.89
N THR D 821 18.94 -14.09 36.05
CA THR D 821 19.65 -13.29 35.04
C THR D 821 19.91 -14.06 33.76
N LEU D 822 19.73 -15.38 33.76
CA LEU D 822 19.97 -16.22 32.58
C LEU D 822 21.42 -16.08 32.09
N ASN D 823 22.34 -16.46 32.96
CA ASN D 823 23.77 -16.43 32.64
C ASN D 823 24.42 -17.74 33.08
N PHE D 824 23.82 -18.86 32.67
CA PHE D 824 24.31 -20.18 33.03
C PHE D 824 25.78 -20.35 32.67
N THR D 825 26.63 -20.50 33.68
CA THR D 825 28.07 -20.71 33.49
C THR D 825 28.47 -22.03 34.12
N THR D 826 29.78 -22.31 34.07
CA THR D 826 30.28 -23.55 34.65
C THR D 826 30.07 -23.60 36.15
N GLY D 827 30.29 -22.49 36.85
CA GLY D 827 30.14 -22.47 38.29
C GLY D 827 28.71 -22.59 38.76
N ASP D 828 27.75 -22.21 37.92
CA ASP D 828 26.33 -22.31 38.27
C ASP D 828 25.70 -23.61 37.81
N VAL D 829 26.45 -24.49 37.13
CA VAL D 829 25.90 -25.76 36.66
C VAL D 829 26.43 -26.95 37.45
N ARG D 830 27.49 -26.77 38.23
CA ARG D 830 28.08 -27.86 39.00
C ARG D 830 27.30 -28.18 40.27
N LYS D 831 26.06 -27.70 40.39
CA LYS D 831 25.25 -27.98 41.57
C LYS D 831 23.84 -28.45 41.23
N PHE D 832 23.52 -28.64 39.96
CA PHE D 832 22.19 -29.13 39.59
C PHE D 832 22.05 -30.60 39.96
N PRO D 833 20.97 -31.01 40.62
CA PRO D 833 20.81 -32.40 41.00
C PRO D 833 20.56 -33.29 39.79
N VAL D 834 20.92 -34.56 39.95
CA VAL D 834 20.73 -35.58 38.91
C VAL D 834 20.20 -36.84 39.57
N ILE D 835 19.27 -37.51 38.89
CA ILE D 835 18.65 -38.71 39.40
C ILE D 835 19.19 -39.92 38.63
N LYS D 836 18.88 -41.11 39.12
CA LYS D 836 19.32 -42.36 38.51
C LYS D 836 18.11 -43.23 38.20
N ASN D 837 18.07 -43.76 36.99
CA ASN D 837 16.97 -44.61 36.54
C ASN D 837 17.49 -45.46 35.40
N ASN D 838 16.58 -46.18 34.73
CA ASN D 838 16.96 -47.05 33.62
C ASN D 838 16.18 -46.79 32.35
N HIS D 839 14.90 -46.45 32.45
CA HIS D 839 14.11 -46.16 31.25
C HIS D 839 14.49 -44.83 30.62
N LEU D 840 15.08 -43.92 31.41
CA LEU D 840 15.47 -42.63 30.87
C LEU D 840 16.48 -42.77 29.75
N GLU D 841 17.34 -43.80 29.80
CA GLU D 841 18.33 -44.00 28.76
C GLU D 841 17.66 -44.26 27.41
N ASP D 842 16.74 -45.22 27.37
CA ASP D 842 16.08 -45.54 26.10
C ASP D 842 15.17 -44.40 25.65
N LEU D 843 14.52 -43.71 26.59
CA LEU D 843 13.72 -42.56 26.21
C LEU D 843 14.57 -41.48 25.56
N ALA D 844 15.75 -41.21 26.14
CA ALA D 844 16.66 -40.23 25.56
C ALA D 844 17.16 -40.68 24.19
N LYS D 845 17.44 -41.98 24.05
CA LYS D 845 17.90 -42.49 22.75
C LYS D 845 16.83 -42.28 21.68
N LYS D 846 15.57 -42.59 22.00
CA LYS D 846 14.50 -42.39 21.03
C LYS D 846 14.33 -40.92 20.69
N ALA D 847 14.41 -40.04 21.71
CA ALA D 847 14.28 -38.61 21.45
C ALA D 847 15.40 -38.11 20.54
N ILE D 848 16.63 -38.56 20.80
CA ILE D 848 17.76 -38.15 19.97
C ILE D 848 17.59 -38.64 18.54
N GLU D 849 17.14 -39.88 18.37
CA GLU D 849 16.92 -40.40 17.02
C GLU D 849 15.87 -39.58 16.27
N ILE D 850 14.76 -39.26 16.93
CA ILE D 850 13.72 -38.47 16.27
C ILE D 850 14.25 -37.08 15.90
N SER D 851 14.99 -36.45 16.82
CA SER D 851 15.52 -35.11 16.55
C SER D 851 16.51 -35.14 15.39
N LYS D 852 17.37 -36.15 15.33
CA LYS D 852 18.32 -36.26 14.23
C LYS D 852 17.60 -36.50 12.91
N ALA D 853 16.57 -37.35 12.91
CA ALA D 853 15.81 -37.58 11.69
C ALA D 853 15.13 -36.31 11.21
N ASP D 854 14.64 -35.48 12.13
CA ASP D 854 14.06 -34.20 11.73
C ASP D 854 15.11 -33.24 11.20
N TRP D 855 16.30 -33.25 11.80
CA TRP D 855 17.33 -32.29 11.42
C TRP D 855 17.97 -32.63 10.08
N ASN D 856 17.99 -33.91 9.71
CA ASN D 856 18.70 -34.34 8.50
C ASN D 856 17.82 -34.39 7.27
N GLN D 857 16.81 -33.54 7.16
CA GLN D 857 15.93 -33.53 6.01
C GLN D 857 16.05 -32.26 5.16
N PHE D 858 17.10 -31.47 5.37
CA PHE D 858 17.28 -30.22 4.63
C PHE D 858 18.68 -30.18 4.02
N GLU D 859 18.85 -29.28 3.04
CA GLU D 859 20.10 -29.19 2.30
C GLU D 859 21.22 -28.57 3.13
N THR D 860 20.91 -27.94 4.25
CA THR D 860 21.89 -27.20 5.04
C THR D 860 22.69 -28.08 5.98
N SER D 861 22.41 -29.39 6.01
CA SER D 861 23.16 -30.33 6.83
C SER D 861 23.96 -31.26 5.92
N TRP D 862 25.17 -31.60 6.34
CA TRP D 862 26.05 -32.41 5.51
C TRP D 862 25.69 -33.89 5.50
N GLU D 863 24.55 -34.26 6.09
CA GLU D 863 24.03 -35.62 6.01
C GLU D 863 22.76 -35.71 5.18
N PHE D 864 22.46 -34.68 4.40
CA PHE D 864 21.30 -34.70 3.51
C PHE D 864 21.48 -35.79 2.46
N SER D 865 20.42 -36.58 2.24
CA SER D 865 20.47 -37.71 1.33
C SER D 865 19.59 -37.54 0.10
N LYS D 866 18.29 -37.32 0.29
CA LYS D 866 17.37 -37.19 -0.82
C LYS D 866 16.22 -36.28 -0.41
N ASN D 867 15.54 -35.73 -1.41
CA ASN D 867 14.34 -34.96 -1.16
C ASN D 867 13.21 -35.86 -0.70
N LYS D 868 12.29 -35.30 0.06
CA LYS D 868 11.20 -36.06 0.66
C LYS D 868 9.97 -36.17 -0.22
N LEU D 869 9.96 -35.54 -1.39
CA LEU D 869 8.81 -35.63 -2.28
C LEU D 869 9.04 -36.55 -3.47
N ILE D 870 10.28 -36.92 -3.76
CA ILE D 870 10.56 -37.80 -4.90
C ILE D 870 10.69 -39.25 -4.50
N GLU D 871 10.75 -39.56 -3.21
CA GLU D 871 10.83 -40.95 -2.76
C GLU D 871 9.50 -41.67 -2.80
N HIS D 872 8.39 -40.94 -2.92
CA HIS D 872 7.07 -41.54 -3.07
C HIS D 872 6.76 -41.68 -4.56
N LYS D 873 5.52 -42.04 -4.89
CA LYS D 873 5.12 -42.23 -6.27
C LYS D 873 3.63 -41.96 -6.41
N GLY D 874 3.20 -41.71 -7.64
CA GLY D 874 1.80 -41.42 -7.91
C GLY D 874 1.57 -40.01 -8.38
N ASN D 875 1.01 -39.17 -7.52
CA ASN D 875 0.72 -37.79 -7.83
C ASN D 875 1.47 -36.87 -6.88
N VAL D 876 1.70 -35.64 -7.33
CA VAL D 876 2.41 -34.66 -6.51
C VAL D 876 1.62 -34.35 -5.25
N ALA D 877 0.30 -34.22 -5.37
CA ALA D 877 -0.53 -33.99 -4.19
C ALA D 877 -0.45 -35.16 -3.23
N TYR D 878 -0.39 -36.38 -3.75
CA TYR D 878 -0.23 -37.55 -2.90
C TYR D 878 1.10 -37.50 -2.14
N SER D 879 2.17 -37.11 -2.82
CA SER D 879 3.47 -37.00 -2.16
C SER D 879 3.46 -35.93 -1.08
N TYR D 880 2.83 -34.78 -1.37
CA TYR D 880 2.75 -33.73 -0.36
C TYR D 880 1.95 -34.17 0.85
N ALA D 881 0.84 -34.88 0.63
CA ALA D 881 0.06 -35.40 1.74
C ALA D 881 0.85 -36.40 2.56
N SER D 882 1.61 -37.27 1.90
CA SER D 882 2.46 -38.22 2.61
C SER D 882 3.51 -37.51 3.45
N TYR D 883 4.11 -36.45 2.90
CA TYR D 883 5.10 -35.68 3.65
C TYR D 883 4.48 -35.05 4.89
N CYS D 884 3.30 -34.46 4.74
CA CYS D 884 2.63 -33.84 5.88
C CYS D 884 2.28 -34.89 6.94
N ASN D 885 1.82 -36.07 6.51
CA ASN D 885 1.51 -37.13 7.46
C ASN D 885 2.75 -37.58 8.21
N PHE D 886 3.88 -37.69 7.50
CA PHE D 886 5.14 -38.07 8.14
C PHE D 886 5.54 -37.06 9.21
N GLN D 887 5.44 -35.77 8.88
CA GLN D 887 5.77 -34.74 9.85
C GLN D 887 4.85 -34.79 11.06
N ASP D 888 3.55 -34.97 10.83
CA ASP D 888 2.60 -35.05 11.94
C ASP D 888 2.89 -36.26 12.82
N LYS D 889 3.25 -37.39 12.22
CA LYS D 889 3.58 -38.57 13.00
C LYS D 889 4.80 -38.32 13.87
N LEU D 890 5.84 -37.67 13.32
CA LEU D 890 7.01 -37.35 14.12
C LEU D 890 6.63 -36.45 15.31
N TYR D 891 5.81 -35.43 15.04
CA TYR D 891 5.42 -34.50 16.09
C TYR D 891 4.66 -35.21 17.20
N GLU D 892 3.69 -36.07 16.83
CA GLU D 892 2.91 -36.79 17.82
C GLU D 892 3.78 -37.73 18.65
N GLN D 893 4.71 -38.44 17.98
CA GLN D 893 5.59 -39.35 18.71
C GLN D 893 6.43 -38.59 19.73
N LEU D 894 6.99 -37.45 19.32
CA LEU D 894 7.83 -36.70 20.26
C LEU D 894 7.00 -36.14 21.41
N VAL D 895 5.77 -35.69 21.13
CA VAL D 895 4.91 -35.19 22.20
C VAL D 895 4.62 -36.29 23.21
N ASN D 896 4.28 -37.48 22.72
CA ASN D 896 4.00 -38.59 23.61
C ASN D 896 5.23 -38.98 24.44
N ILE D 897 6.40 -38.99 23.81
CA ILE D 897 7.63 -39.33 24.54
C ILE D 897 7.90 -38.29 25.62
N GLU D 898 7.69 -37.00 25.31
CA GLU D 898 7.88 -35.96 26.31
C GLU D 898 6.92 -36.14 27.48
N LYS D 899 5.65 -36.42 27.19
CA LYS D 899 4.69 -36.62 28.27
C LYS D 899 5.07 -37.81 29.13
N ASN D 900 5.49 -38.92 28.50
CA ASN D 900 5.88 -40.10 29.25
C ASN D 900 7.09 -39.82 30.13
N ILE D 901 8.11 -39.14 29.58
CA ILE D 901 9.31 -38.90 30.38
C ILE D 901 9.01 -37.93 31.51
N ASN D 902 8.07 -37.01 31.32
CA ASN D 902 7.69 -36.12 32.41
C ASN D 902 6.93 -36.89 33.50
N ASN D 903 6.08 -37.83 33.11
CA ASN D 903 5.27 -38.55 34.11
C ASN D 903 6.00 -39.73 34.73
N ILE D 904 7.13 -40.16 34.17
CA ILE D 904 7.78 -41.39 34.64
C ILE D 904 8.29 -41.22 36.06
N ILE D 905 8.99 -40.12 36.33
CA ILE D 905 9.61 -39.88 37.64
C ILE D 905 8.99 -38.68 38.34
N GLU D 906 9.14 -37.48 37.77
CA GLU D 906 8.61 -36.24 38.35
C GLU D 906 8.98 -36.11 39.82
N GLU D 907 10.10 -36.72 40.21
CA GLU D 907 10.61 -36.80 41.58
C GLU D 907 9.71 -37.65 42.48
N ILE D 908 8.56 -38.10 41.99
CA ILE D 908 7.56 -38.82 42.78
C ILE D 908 7.30 -38.07 44.07
N LEU D 909 7.17 -36.76 43.97
CA LEU D 909 6.97 -35.88 45.12
C LEU D 909 6.11 -34.70 44.68
N GLY D 910 6.09 -33.65 45.49
CA GLY D 910 5.34 -32.47 45.11
C GLY D 910 5.92 -31.79 43.89
N PHE D 911 5.06 -31.11 43.13
CA PHE D 911 5.45 -30.44 41.90
C PHE D 911 4.57 -29.23 41.71
N LYS D 912 5.02 -28.33 40.84
CA LYS D 912 4.29 -27.11 40.53
C LYS D 912 3.78 -27.15 39.09
N ILE D 913 2.87 -26.23 38.79
CA ILE D 913 2.26 -26.14 37.47
C ILE D 913 3.29 -25.63 36.46
N GLU D 914 2.95 -25.70 35.18
CA GLU D 914 3.83 -25.21 34.13
C GLU D 914 4.19 -23.76 34.37
N THR D 915 5.48 -23.49 34.58
CA THR D 915 5.93 -22.13 34.86
C THR D 915 5.67 -21.22 33.67
N THR D 916 6.13 -21.62 32.48
CA THR D 916 5.96 -20.83 31.27
C THR D 916 5.66 -21.77 30.11
N GLU D 917 5.05 -21.20 29.06
CA GLU D 917 4.82 -21.96 27.84
C GLU D 917 6.12 -22.35 27.16
N ASN D 918 7.20 -21.60 27.41
CA ASN D 918 8.50 -21.95 26.84
C ASN D 918 9.03 -23.25 27.44
N SER D 919 8.76 -23.48 28.72
CA SER D 919 9.20 -24.70 29.38
C SER D 919 8.42 -25.93 28.92
N GLU D 920 7.34 -25.75 28.18
CA GLU D 920 6.53 -26.85 27.66
C GLU D 920 6.38 -26.72 26.15
N LEU D 921 7.50 -26.48 25.47
CA LEU D 921 7.54 -26.31 24.03
C LEU D 921 8.40 -27.40 23.41
N ILE D 922 7.94 -27.94 22.29
CA ILE D 922 8.66 -28.96 21.54
C ILE D 922 9.37 -28.27 20.37
N THR D 923 10.69 -28.43 20.31
CA THR D 923 11.52 -27.72 19.34
C THR D 923 11.79 -28.63 18.14
N LEU D 924 10.96 -28.50 17.11
CA LEU D 924 11.16 -29.21 15.86
C LEU D 924 10.78 -28.30 14.70
N ASN D 925 11.43 -28.52 13.56
CA ASN D 925 11.02 -27.81 12.34
C ASN D 925 9.65 -28.28 11.85
N SER D 926 9.24 -29.50 12.20
CA SER D 926 7.92 -29.98 11.83
C SER D 926 6.83 -29.21 12.58
N ASN D 927 7.10 -28.86 13.84
CA ASN D 927 6.15 -28.08 14.64
C ASN D 927 6.06 -26.67 14.05
N LYS D 928 4.93 -26.35 13.42
CA LYS D 928 4.81 -25.09 12.70
C LYS D 928 4.88 -23.89 13.63
N ILE D 929 4.47 -24.06 14.89
CA ILE D 929 4.53 -22.96 15.85
C ILE D 929 5.97 -22.54 16.10
N TYR D 930 6.85 -23.51 16.30
CA TYR D 930 8.26 -23.23 16.53
C TYR D 930 8.96 -22.68 15.29
N ARG D 931 8.44 -22.98 14.10
CA ARG D 931 9.09 -22.57 12.86
C ARG D 931 8.65 -21.19 12.40
N TYR D 932 7.34 -20.94 12.34
CA TYR D 932 6.81 -19.68 11.84
C TYR D 932 6.41 -18.73 12.96
N GLY D 933 7.17 -18.72 14.06
CA GLY D 933 6.90 -17.81 15.15
C GLY D 933 5.85 -18.30 16.12
N GLN D 934 6.15 -18.21 17.41
CA GLN D 934 5.23 -18.68 18.45
C GLN D 934 4.13 -17.68 18.75
N SER D 935 4.26 -16.43 18.31
CA SER D 935 3.25 -15.42 18.60
C SER D 935 2.05 -15.54 17.67
N GLU D 936 2.29 -15.37 16.36
CA GLU D 936 1.22 -15.46 15.39
C GLU D 936 0.71 -16.90 15.29
N THR D 937 -0.60 -17.04 15.13
CA THR D 937 -1.23 -18.35 14.94
C THR D 937 -2.45 -18.14 14.07
N ASN D 938 -2.30 -18.40 12.77
CA ASN D 938 -3.36 -18.18 11.80
C ASN D 938 -3.43 -19.37 10.85
N ASP D 939 -4.48 -19.39 10.04
CA ASP D 939 -4.65 -20.43 9.04
C ASP D 939 -3.73 -20.23 7.84
N THR D 940 -3.12 -19.06 7.69
CA THR D 940 -2.23 -18.82 6.57
C THR D 940 -1.01 -19.74 6.59
N PHE D 941 -0.66 -20.29 7.77
CA PHE D 941 0.42 -21.27 7.83
C PHE D 941 0.11 -22.51 7.01
N LEU D 942 -1.16 -22.79 6.75
CA LEU D 942 -1.52 -23.91 5.89
C LEU D 942 -1.20 -23.64 4.42
N ASN D 943 -1.03 -22.37 4.05
CA ASN D 943 -0.67 -22.01 2.67
C ASN D 943 0.82 -21.74 2.53
N ARG D 944 1.35 -20.81 3.32
CA ARG D 944 2.76 -20.42 3.21
C ARG D 944 3.67 -21.63 3.26
N HIS D 945 3.49 -22.49 4.27
CA HIS D 945 4.29 -23.69 4.40
C HIS D 945 4.31 -24.47 3.10
N ARG D 946 3.12 -24.71 2.53
CA ARG D 946 3.04 -25.44 1.27
C ARG D 946 3.94 -24.82 0.23
N SER D 947 3.79 -23.52 0.01
CA SER D 947 4.61 -22.84 -0.99
C SER D 947 6.08 -23.08 -0.73
N ASP D 948 6.51 -22.93 0.53
CA ASP D 948 7.91 -23.11 0.86
C ASP D 948 8.42 -24.45 0.35
N THR D 949 7.64 -25.51 0.60
CA THR D 949 8.08 -26.84 0.19
C THR D 949 8.38 -26.86 -1.31
N ILE D 950 7.45 -26.34 -2.11
CA ILE D 950 7.67 -26.36 -3.56
C ILE D 950 8.95 -25.64 -3.91
N SER D 951 9.19 -24.49 -3.26
CA SER D 951 10.40 -23.74 -3.53
C SER D 951 11.63 -24.62 -3.33
N GLU D 952 11.68 -25.35 -2.23
CA GLU D 952 12.83 -26.21 -1.96
C GLU D 952 13.02 -27.21 -3.10
N LEU D 953 11.92 -27.79 -3.59
CA LEU D 953 12.03 -28.74 -4.69
C LEU D 953 12.75 -28.11 -5.87
N ILE D 954 12.36 -26.88 -6.24
CA ILE D 954 12.98 -26.22 -7.37
C ILE D 954 14.49 -26.08 -7.14
N SER D 955 14.87 -25.71 -5.91
CA SER D 955 16.29 -25.58 -5.61
C SER D 955 16.99 -26.90 -5.85
N TYR D 956 16.40 -28.00 -5.38
CA TYR D 956 17.01 -29.31 -5.59
C TYR D 956 17.19 -29.58 -7.08
N SER D 957 16.24 -29.13 -7.90
CA SER D 957 16.36 -29.31 -9.33
C SER D 957 17.63 -28.68 -9.85
N VAL D 958 17.93 -27.45 -9.43
CA VAL D 958 19.15 -26.80 -9.86
C VAL D 958 20.36 -27.59 -9.38
N GLY D 959 20.28 -28.16 -8.18
CA GLY D 959 21.36 -28.97 -7.69
C GLY D 959 21.64 -30.17 -8.57
N CYS D 960 20.62 -30.66 -9.27
CA CYS D 960 20.84 -31.74 -10.22
C CYS D 960 21.46 -31.24 -11.52
N GLN D 961 21.14 -30.02 -11.94
CA GLN D 961 21.67 -29.52 -13.20
C GLN D 961 23.13 -29.12 -13.06
N MET D 962 23.51 -28.56 -11.91
CA MET D 962 24.86 -28.08 -11.70
C MET D 962 25.85 -29.18 -11.39
N GLY D 963 25.38 -30.38 -11.05
CA GLY D 963 26.25 -31.50 -10.73
C GLY D 963 26.49 -31.75 -9.27
N ARG D 964 25.94 -30.92 -8.38
CA ARG D 964 26.14 -31.11 -6.96
C ARG D 964 25.43 -32.37 -6.46
N TYR D 965 24.21 -32.62 -6.94
CA TYR D 965 23.42 -33.78 -6.56
C TYR D 965 23.10 -34.60 -7.81
N SER D 966 22.83 -35.88 -7.60
CA SER D 966 22.50 -36.80 -8.67
C SER D 966 21.31 -37.66 -8.28
N LEU D 967 20.58 -38.15 -9.29
CA LEU D 967 19.42 -38.99 -9.07
C LEU D 967 19.77 -40.46 -8.94
N ASP D 968 21.05 -40.83 -9.06
CA ASP D 968 21.47 -42.22 -8.99
C ASP D 968 21.96 -42.59 -7.60
N ARG D 969 22.93 -41.87 -7.07
CA ARG D 969 23.47 -42.12 -5.75
C ARG D 969 22.94 -41.09 -4.76
N GLU D 970 23.42 -41.17 -3.52
CA GLU D 970 22.94 -40.34 -2.43
C GLU D 970 24.06 -39.48 -1.87
N GLY D 971 23.70 -38.31 -1.38
CA GLY D 971 24.66 -37.40 -0.80
C GLY D 971 25.33 -36.53 -1.85
N LEU D 972 26.32 -35.77 -1.38
CA LEU D 972 27.08 -34.90 -2.27
C LEU D 972 27.89 -35.73 -3.25
N VAL D 973 27.96 -35.26 -4.49
CA VAL D 973 28.69 -35.95 -5.55
C VAL D 973 30.00 -35.24 -5.88
N TYR D 974 29.93 -33.94 -6.19
CA TYR D 974 31.12 -33.17 -6.52
C TYR D 974 31.10 -31.86 -5.74
N ALA D 975 32.13 -31.66 -4.91
CA ALA D 975 32.28 -30.39 -4.20
C ALA D 975 33.75 -30.01 -4.05
N HIS D 976 34.59 -30.44 -4.98
CA HIS D 976 36.02 -30.14 -4.94
C HIS D 976 36.25 -28.72 -5.45
N GLU D 977 37.50 -28.39 -5.75
CA GLU D 977 37.88 -27.06 -6.18
C GLU D 977 38.53 -27.10 -7.56
N GLY D 978 38.30 -26.05 -8.34
CA GLY D 978 39.00 -25.86 -9.61
C GLY D 978 38.45 -26.62 -10.78
N ASN D 979 37.30 -27.28 -10.64
CA ASN D 979 36.70 -28.06 -11.72
C ASN D 979 37.67 -29.12 -12.25
N LYS D 980 38.41 -29.75 -11.34
CA LYS D 980 39.34 -30.80 -11.70
C LYS D 980 38.80 -32.14 -11.22
N GLY D 981 38.85 -33.14 -12.09
CA GLY D 981 38.29 -34.44 -11.79
C GLY D 981 36.84 -34.62 -12.15
N PHE D 982 36.18 -33.56 -12.66
CA PHE D 982 34.78 -33.71 -13.06
C PHE D 982 34.64 -34.58 -14.30
N ALA D 983 35.62 -34.54 -15.20
CA ALA D 983 35.56 -35.38 -16.40
C ALA D 983 35.57 -36.85 -16.04
N GLU D 984 36.38 -37.23 -15.05
CA GLU D 984 36.42 -38.62 -14.61
C GLU D 984 35.06 -39.06 -14.05
N LEU D 985 34.43 -38.20 -13.23
CA LEU D 985 33.13 -38.54 -12.69
C LEU D 985 32.08 -38.65 -13.80
N ALA D 986 32.12 -37.73 -14.77
CA ALA D 986 31.15 -37.80 -15.87
C ALA D 986 31.34 -39.06 -16.70
N ALA D 987 32.59 -39.45 -16.96
CA ALA D 987 32.84 -40.64 -17.74
C ALA D 987 32.51 -41.92 -16.98
N GLU D 988 32.68 -41.90 -15.65
CA GLU D 988 32.42 -43.10 -14.86
C GLU D 988 30.95 -43.49 -14.90
N GLY D 989 30.05 -42.52 -14.93
CA GLY D 989 28.63 -42.77 -14.97
C GLY D 989 27.84 -42.28 -13.77
N ALA D 990 28.33 -41.29 -13.03
CA ALA D 990 27.58 -40.77 -11.90
C ALA D 990 26.29 -40.09 -12.34
N TYR D 991 26.34 -39.36 -13.46
CA TYR D 991 25.18 -38.67 -14.00
C TYR D 991 24.77 -39.38 -15.29
N LYS D 992 23.77 -40.24 -15.20
CA LYS D 992 23.27 -40.91 -16.40
C LYS D 992 21.78 -40.76 -16.60
N THR D 993 20.99 -40.75 -15.51
CA THR D 993 19.56 -40.55 -15.65
C THR D 993 19.24 -39.09 -15.96
N PHE D 994 19.91 -38.16 -15.29
CA PHE D 994 19.71 -36.72 -15.50
C PHE D 994 21.07 -36.09 -15.77
N PRO D 995 21.43 -35.90 -17.04
CA PRO D 995 22.77 -35.40 -17.36
C PRO D 995 23.00 -33.99 -16.82
N ALA D 996 24.25 -33.71 -16.47
CA ALA D 996 24.64 -32.43 -15.90
C ALA D 996 25.36 -31.57 -16.94
N ASP D 997 25.33 -30.26 -16.72
CA ASP D 997 25.98 -29.33 -17.64
C ASP D 997 27.49 -29.49 -17.58
N ASN D 998 28.14 -29.25 -18.72
CA ASN D 998 29.59 -29.42 -18.84
C ASN D 998 30.35 -28.11 -18.63
N ASP D 999 29.83 -27.00 -19.16
CA ASP D 999 30.52 -25.71 -18.97
C ASP D 999 30.48 -25.28 -17.52
N GLY D 1000 29.36 -25.50 -16.85
CA GLY D 1000 29.16 -25.03 -15.49
C GLY D 1000 28.45 -23.71 -15.36
N ILE D 1001 27.99 -23.14 -16.48
CA ILE D 1001 27.31 -21.85 -16.50
C ILE D 1001 25.89 -22.07 -16.99
N LEU D 1002 24.91 -21.62 -16.20
CA LEU D 1002 23.51 -21.77 -16.57
C LEU D 1002 22.93 -20.43 -16.95
N PRO D 1003 22.54 -20.22 -18.21
CA PRO D 1003 21.89 -18.97 -18.59
C PRO D 1003 20.48 -18.88 -18.03
N LEU D 1004 19.98 -17.65 -17.96
CA LEU D 1004 18.66 -17.41 -17.38
C LEU D 1004 18.02 -16.26 -18.16
N MET D 1005 17.17 -16.60 -19.13
CA MET D 1005 16.58 -15.60 -20.01
C MET D 1005 15.06 -15.71 -20.02
N ASP D 1006 14.42 -15.00 -20.96
CA ASP D 1006 12.98 -15.07 -21.17
C ASP D 1006 12.65 -15.66 -22.54
N ASP D 1007 13.53 -16.53 -23.06
CA ASP D 1007 13.32 -17.14 -24.36
C ASP D 1007 14.00 -18.50 -24.37
N GLU D 1008 13.56 -19.36 -25.28
CA GLU D 1008 14.08 -20.71 -25.40
C GLU D 1008 15.20 -20.81 -26.43
N TRP D 1009 15.92 -19.71 -26.69
CA TRP D 1009 16.95 -19.73 -27.71
C TRP D 1009 18.10 -20.66 -27.33
N PHE D 1010 18.51 -20.64 -26.07
CA PHE D 1010 19.56 -21.54 -25.61
C PHE D 1010 18.98 -22.90 -25.26
N GLU D 1011 19.83 -23.92 -25.36
CA GLU D 1011 19.46 -25.27 -24.97
C GLU D 1011 19.63 -25.51 -23.47
N ASP D 1012 20.25 -24.59 -22.75
CA ASP D 1012 20.46 -24.72 -21.32
C ASP D 1012 19.45 -23.92 -20.50
N ASP D 1013 18.31 -23.57 -21.09
CA ASP D 1013 17.30 -22.80 -20.38
C ASP D 1013 16.83 -23.57 -19.15
N VAL D 1014 16.76 -22.88 -18.01
CA VAL D 1014 16.49 -23.55 -16.75
C VAL D 1014 15.07 -24.13 -16.73
N THR D 1015 14.11 -23.40 -17.30
CA THR D 1015 12.72 -23.87 -17.27
C THR D 1015 12.55 -25.17 -18.04
N SER D 1016 13.21 -25.28 -19.20
CA SER D 1016 13.11 -26.52 -19.99
C SER D 1016 13.67 -27.70 -19.22
N ARG D 1017 14.80 -27.53 -18.55
CA ARG D 1017 15.38 -28.62 -17.79
C ARG D 1017 14.56 -28.94 -16.56
N VAL D 1018 13.90 -27.95 -15.96
CA VAL D 1018 12.98 -28.22 -14.87
C VAL D 1018 11.81 -29.08 -15.35
N LYS D 1019 11.25 -28.74 -16.51
CA LYS D 1019 10.19 -29.55 -17.08
C LYS D 1019 10.67 -30.97 -17.36
N GLU D 1020 11.87 -31.11 -17.90
CA GLU D 1020 12.45 -32.43 -18.14
C GLU D 1020 12.61 -33.22 -16.85
N PHE D 1021 13.07 -32.54 -15.79
CA PHE D 1021 13.23 -33.19 -14.49
C PHE D 1021 11.90 -33.70 -13.96
N VAL D 1022 10.86 -32.86 -14.05
CA VAL D 1022 9.55 -33.26 -13.57
C VAL D 1022 9.03 -34.45 -14.36
N ARG D 1023 9.17 -34.40 -15.69
CA ARG D 1023 8.71 -35.49 -16.53
C ARG D 1023 9.46 -36.78 -16.23
N THR D 1024 10.77 -36.70 -16.02
CA THR D 1024 11.55 -37.90 -15.70
C THR D 1024 11.13 -38.50 -14.38
N VAL D 1025 10.93 -37.66 -13.36
CA VAL D 1025 10.61 -38.17 -12.03
C VAL D 1025 9.21 -38.77 -11.99
N TRP D 1026 8.23 -38.07 -12.57
CA TRP D 1026 6.82 -38.46 -12.43
C TRP D 1026 6.19 -38.91 -13.75
N GLY D 1027 6.99 -39.43 -14.67
CA GLY D 1027 6.45 -39.97 -15.89
C GLY D 1027 5.94 -38.90 -16.85
N GLU D 1028 5.27 -39.37 -17.90
CA GLU D 1028 4.76 -38.52 -18.98
C GLU D 1028 3.30 -38.85 -19.26
N GLU D 1029 2.51 -38.97 -18.20
CA GLU D 1029 1.08 -39.23 -18.33
C GLU D 1029 0.23 -38.10 -17.80
N HIS D 1030 0.65 -37.43 -16.74
CA HIS D 1030 -0.06 -36.30 -16.16
C HIS D 1030 0.90 -35.16 -15.88
N LEU D 1031 1.74 -34.85 -16.87
CA LEU D 1031 2.71 -33.76 -16.72
C LEU D 1031 2.00 -32.42 -16.57
N GLN D 1032 0.93 -32.21 -17.34
CA GLN D 1032 0.22 -30.93 -17.29
C GLN D 1032 -0.38 -30.68 -15.92
N GLU D 1033 -0.95 -31.71 -15.30
CA GLU D 1033 -1.53 -31.54 -13.98
C GLU D 1033 -0.46 -31.19 -12.95
N ASN D 1034 0.69 -31.85 -13.03
CA ASN D 1034 1.78 -31.54 -12.10
C ASN D 1034 2.29 -30.11 -12.28
N LEU D 1035 2.44 -29.67 -13.53
CA LEU D 1035 2.88 -28.30 -13.77
C LEU D 1035 1.86 -27.29 -13.26
N GLU D 1036 0.58 -27.56 -13.47
CA GLU D 1036 -0.45 -26.67 -12.96
C GLU D 1036 -0.44 -26.61 -11.44
N PHE D 1037 -0.26 -27.77 -10.79
CA PHE D 1037 -0.19 -27.79 -9.34
C PHE D 1037 0.99 -26.97 -8.83
N ILE D 1038 2.16 -27.12 -9.47
CA ILE D 1038 3.34 -26.38 -9.05
C ILE D 1038 3.11 -24.88 -9.22
N ALA D 1039 2.60 -24.48 -10.38
CA ALA D 1039 2.37 -23.06 -10.65
C ALA D 1039 1.36 -22.46 -9.69
N GLU D 1040 0.29 -23.20 -9.38
CA GLU D 1040 -0.68 -22.71 -8.42
C GLU D 1040 -0.07 -22.61 -7.03
N SER D 1041 0.79 -23.55 -6.65
CA SER D 1041 1.38 -23.53 -5.32
C SER D 1041 2.33 -22.35 -5.16
N LEU D 1042 3.09 -22.02 -6.21
CA LEU D 1042 4.02 -20.90 -6.10
C LEU D 1042 3.31 -19.57 -5.90
N CYS D 1043 2.19 -19.36 -6.60
CA CYS D 1043 1.52 -18.08 -6.56
C CYS D 1043 0.79 -17.79 -5.25
N LEU D 1044 0.69 -18.78 -4.36
CA LEU D 1044 -0.04 -18.56 -3.12
C LEU D 1044 0.66 -17.53 -2.24
N TYR D 1045 1.95 -17.68 -2.04
CA TYR D 1045 2.68 -16.85 -1.09
C TYR D 1045 3.95 -16.24 -1.66
N ALA D 1046 4.66 -16.96 -2.54
CA ALA D 1046 5.96 -16.49 -3.00
C ALA D 1046 5.83 -15.25 -3.88
N ILE D 1047 4.93 -15.30 -4.87
CA ILE D 1047 4.75 -14.21 -5.82
C ILE D 1047 3.27 -13.84 -5.86
N LYS D 1048 2.95 -12.89 -6.73
CA LYS D 1048 1.58 -12.38 -6.85
C LYS D 1048 0.91 -13.00 -8.06
N PRO D 1049 -0.31 -13.51 -7.92
CA PRO D 1049 -1.02 -14.09 -9.07
C PRO D 1049 -1.24 -13.07 -10.17
N LYS D 1050 -1.21 -13.53 -11.41
CA LYS D 1050 -1.41 -12.70 -12.58
C LYS D 1050 -2.78 -12.99 -13.19
N LYS D 1051 -3.08 -12.30 -14.29
CA LYS D 1051 -4.39 -12.43 -14.91
C LYS D 1051 -4.54 -13.77 -15.62
N GLY D 1052 -3.73 -14.01 -16.65
CA GLY D 1052 -3.78 -15.26 -17.36
C GLY D 1052 -2.45 -15.63 -18.00
N GLU D 1053 -1.93 -16.81 -17.67
CA GLU D 1053 -0.66 -17.27 -18.19
C GLU D 1053 -0.52 -18.76 -17.91
N SER D 1054 0.32 -19.42 -18.70
CA SER D 1054 0.54 -20.84 -18.54
C SER D 1054 1.46 -21.09 -17.34
N ALA D 1055 1.57 -22.37 -16.97
CA ALA D 1055 2.40 -22.74 -15.84
C ALA D 1055 3.88 -22.45 -16.12
N LEU D 1056 4.33 -22.70 -17.35
CA LEU D 1056 5.72 -22.48 -17.69
C LEU D 1056 6.10 -21.02 -17.57
N GLU D 1057 5.20 -20.11 -17.97
CA GLU D 1057 5.47 -18.69 -17.82
C GLU D 1057 5.60 -18.30 -16.36
N THR D 1058 4.74 -18.86 -15.50
CA THR D 1058 4.84 -18.57 -14.07
C THR D 1058 6.17 -19.09 -13.51
N ILE D 1059 6.60 -20.27 -13.93
CA ILE D 1059 7.87 -20.81 -13.47
C ILE D 1059 9.01 -19.91 -13.91
N ARG D 1060 8.99 -19.46 -15.16
CA ARG D 1060 10.04 -18.57 -15.65
C ARG D 1060 10.05 -17.25 -14.90
N ARG D 1061 8.88 -16.69 -14.62
CA ARG D 1061 8.81 -15.45 -13.87
C ARG D 1061 9.36 -15.61 -12.46
N TYR D 1062 9.01 -16.72 -11.80
CA TYR D 1062 9.55 -16.97 -10.47
C TYR D 1062 11.07 -17.10 -10.51
N LEU D 1063 11.60 -17.82 -11.50
CA LEU D 1063 13.04 -18.01 -11.58
C LEU D 1063 13.75 -16.69 -11.83
N SER D 1064 13.17 -15.81 -12.65
CA SER D 1064 13.82 -14.55 -12.97
C SER D 1064 13.60 -13.48 -11.91
N THR D 1065 12.65 -13.66 -11.00
CA THR D 1065 12.35 -12.60 -10.02
C THR D 1065 12.68 -12.99 -8.59
N GLN D 1066 12.16 -14.12 -8.09
CA GLN D 1066 12.21 -14.43 -6.67
C GLN D 1066 13.00 -15.71 -6.39
N PHE D 1067 14.12 -15.90 -7.08
CA PHE D 1067 14.98 -17.05 -6.80
C PHE D 1067 16.30 -16.64 -6.18
N TRP D 1068 16.90 -15.54 -6.64
CA TRP D 1068 18.15 -15.07 -6.05
C TRP D 1068 17.96 -14.69 -4.59
N LYS D 1069 16.85 -14.04 -4.26
CA LYS D 1069 16.60 -13.65 -2.88
C LYS D 1069 16.47 -14.86 -1.96
N ASP D 1070 15.73 -15.88 -2.41
CA ASP D 1070 15.53 -17.06 -1.58
C ASP D 1070 16.82 -17.83 -1.37
N HIS D 1071 17.63 -17.96 -2.42
CA HIS D 1071 18.92 -18.64 -2.27
C HIS D 1071 19.84 -17.87 -1.36
N MET D 1072 19.88 -16.54 -1.49
CA MET D 1072 20.76 -15.75 -0.64
C MET D 1072 20.29 -15.76 0.81
N LYS D 1073 18.98 -15.91 1.04
CA LYS D 1073 18.46 -16.01 2.39
C LYS D 1073 18.73 -17.37 3.01
N MET D 1074 18.63 -18.44 2.20
CA MET D 1074 18.82 -19.79 2.74
C MET D 1074 20.23 -19.99 3.25
N TYR D 1075 21.23 -19.50 2.52
CA TYR D 1075 22.63 -19.68 2.90
C TYR D 1075 23.18 -18.52 3.72
N LYS D 1076 22.34 -17.56 4.10
CA LYS D 1076 22.72 -16.47 5.01
C LYS D 1076 23.90 -15.66 4.44
N LYS D 1077 23.66 -15.06 3.28
CA LYS D 1077 24.62 -14.15 2.64
C LYS D 1077 25.96 -14.82 2.37
N ARG D 1078 25.96 -16.12 2.11
CA ARG D 1078 27.13 -16.86 1.67
C ARG D 1078 26.74 -17.73 0.48
N PRO D 1079 26.46 -17.12 -0.67
CA PRO D 1079 25.91 -17.88 -1.79
C PRO D 1079 26.88 -18.90 -2.35
N ILE D 1080 26.32 -19.97 -2.89
CA ILE D 1080 27.09 -20.99 -3.59
C ILE D 1080 27.05 -20.78 -5.10
N TYR D 1081 25.89 -20.42 -5.64
CA TYR D 1081 25.72 -20.14 -7.06
C TYR D 1081 25.79 -18.63 -7.25
N TRP D 1082 26.86 -18.15 -7.86
CA TRP D 1082 27.02 -16.72 -8.05
C TRP D 1082 26.26 -16.26 -9.29
N LEU D 1083 25.76 -15.02 -9.24
CA LEU D 1083 24.92 -14.45 -10.28
C LEU D 1083 25.67 -13.34 -11.00
N PHE D 1084 25.78 -13.47 -12.32
CA PHE D 1084 26.32 -12.41 -13.18
C PHE D 1084 25.16 -11.77 -13.92
N SER D 1085 25.05 -10.44 -13.79
CA SER D 1085 23.93 -9.70 -14.34
C SER D 1085 24.44 -8.50 -15.13
N SER D 1086 23.66 -8.10 -16.15
CA SER D 1086 24.07 -7.00 -17.00
C SER D 1086 23.75 -5.65 -16.35
N GLY D 1087 22.52 -5.46 -15.88
CA GLY D 1087 22.17 -4.22 -15.22
C GLY D 1087 20.69 -3.98 -15.05
N LYS D 1088 20.25 -2.76 -15.36
CA LYS D 1088 18.86 -2.37 -15.12
C LYS D 1088 17.90 -3.21 -15.94
N GLU D 1089 18.17 -3.36 -17.23
CA GLU D 1089 17.40 -4.24 -18.09
C GLU D 1089 18.04 -5.61 -18.11
N LYS D 1090 17.25 -6.65 -17.86
CA LYS D 1090 17.79 -7.99 -17.75
C LYS D 1090 18.19 -8.53 -19.11
N ALA D 1091 19.25 -7.96 -19.69
CA ALA D 1091 19.72 -8.39 -21.00
C ALA D 1091 20.46 -9.71 -20.94
N PHE D 1092 21.18 -9.97 -19.85
CA PHE D 1092 22.01 -11.17 -19.75
C PHE D 1092 22.21 -11.51 -18.28
N GLU D 1093 21.78 -12.70 -17.88
CA GLU D 1093 21.96 -13.18 -16.51
C GLU D 1093 22.41 -14.63 -16.54
N CYS D 1094 23.38 -14.96 -15.68
CA CYS D 1094 23.92 -16.31 -15.63
C CYS D 1094 24.22 -16.72 -14.20
N LEU D 1095 24.15 -18.03 -13.96
CA LEU D 1095 24.52 -18.63 -12.68
C LEU D 1095 25.79 -19.45 -12.87
N VAL D 1096 26.76 -19.25 -11.98
CA VAL D 1096 28.04 -19.93 -12.04
C VAL D 1096 28.26 -20.67 -10.72
N TYR D 1097 28.61 -21.95 -10.82
CA TYR D 1097 28.93 -22.74 -9.64
C TYR D 1097 30.28 -22.33 -9.07
N LEU D 1098 30.31 -22.09 -7.76
CA LEU D 1098 31.54 -21.62 -7.12
C LEU D 1098 32.65 -22.66 -7.20
N HIS D 1099 32.30 -23.94 -7.02
CA HIS D 1099 33.30 -24.99 -6.97
C HIS D 1099 33.76 -25.45 -8.34
N ARG D 1100 33.18 -24.94 -9.43
CA ARG D 1100 33.58 -25.29 -10.78
C ARG D 1100 34.06 -24.06 -11.54
N TYR D 1101 34.77 -23.17 -10.86
CA TYR D 1101 35.26 -21.93 -11.45
C TYR D 1101 36.78 -22.02 -11.58
N ASN D 1102 37.26 -22.17 -12.80
CA ASN D 1102 38.67 -22.14 -13.10
C ASN D 1102 39.04 -20.75 -13.63
N ASP D 1103 40.26 -20.61 -14.13
CA ASP D 1103 40.75 -19.33 -14.63
C ASP D 1103 40.37 -19.07 -16.08
N ALA D 1104 39.68 -20.00 -16.73
CA ALA D 1104 39.26 -19.84 -18.12
C ALA D 1104 37.75 -19.88 -18.24
N THR D 1105 37.06 -19.27 -17.27
CA THR D 1105 35.60 -19.25 -17.26
C THR D 1105 35.03 -18.01 -17.93
N LEU D 1106 35.60 -16.84 -17.62
CA LEU D 1106 35.08 -15.60 -18.19
C LEU D 1106 35.25 -15.56 -19.71
N SER D 1107 36.36 -16.10 -20.21
CA SER D 1107 36.59 -16.09 -21.65
C SER D 1107 35.53 -16.91 -22.38
N ARG D 1108 35.18 -18.08 -21.86
CA ARG D 1108 34.13 -18.88 -22.48
C ARG D 1108 32.80 -18.17 -22.44
N MET D 1109 32.49 -17.53 -21.30
CA MET D 1109 31.23 -16.80 -21.18
C MET D 1109 31.14 -15.68 -22.21
N ARG D 1110 32.24 -14.95 -22.40
CA ARG D 1110 32.25 -13.89 -23.41
C ARG D 1110 32.15 -14.47 -24.82
N THR D 1111 32.79 -15.61 -25.05
CA THR D 1111 32.89 -16.15 -26.40
C THR D 1111 31.58 -16.76 -26.88
N GLU D 1112 31.09 -17.78 -26.16
CA GLU D 1112 29.98 -18.59 -26.65
C GLU D 1112 28.64 -18.23 -26.03
N TYR D 1113 28.56 -17.12 -25.32
CA TYR D 1113 27.27 -16.73 -24.75
C TYR D 1113 26.87 -15.30 -25.09
N VAL D 1114 27.83 -14.39 -25.20
CA VAL D 1114 27.51 -12.97 -25.37
C VAL D 1114 27.44 -12.59 -26.85
N VAL D 1115 28.48 -12.95 -27.62
CA VAL D 1115 28.53 -12.55 -29.02
C VAL D 1115 27.34 -13.08 -29.84
N PRO D 1116 26.97 -14.36 -29.74
CA PRO D 1116 25.76 -14.80 -30.46
C PRO D 1116 24.52 -14.04 -30.05
N LEU D 1117 24.41 -13.65 -28.77
CA LEU D 1117 23.26 -12.86 -28.33
C LEU D 1117 23.25 -11.49 -29.00
N LEU D 1118 24.42 -10.85 -29.11
CA LEU D 1118 24.49 -9.58 -29.81
C LEU D 1118 24.09 -9.73 -31.27
N ALA D 1119 24.58 -10.80 -31.93
CA ALA D 1119 24.22 -11.03 -33.32
C ALA D 1119 22.71 -11.24 -33.46
N ARG D 1120 22.11 -12.00 -32.55
CA ARG D 1120 20.67 -12.22 -32.62
C ARG D 1120 19.89 -10.92 -32.41
N TYR D 1121 20.32 -10.09 -31.45
CA TYR D 1121 19.64 -8.81 -31.24
C TYR D 1121 19.73 -7.93 -32.48
N GLN D 1122 20.92 -7.88 -33.10
CA GLN D 1122 21.07 -7.07 -34.31
C GLN D 1122 20.19 -7.60 -35.44
N ALA D 1123 20.13 -8.93 -35.60
CA ALA D 1123 19.33 -9.50 -36.69
C ALA D 1123 17.84 -9.32 -36.43
N ASN D 1124 17.42 -9.25 -35.17
CA ASN D 1124 16.00 -9.09 -34.87
C ASN D 1124 15.58 -7.63 -34.85
N ILE D 1125 16.51 -6.71 -34.66
CA ILE D 1125 16.16 -5.30 -34.57
C ILE D 1125 15.63 -4.77 -35.90
N ASP D 1126 16.34 -5.01 -37.00
CA ASP D 1126 15.97 -4.42 -38.27
C ASP D 1126 14.72 -5.07 -38.86
N ARG D 1127 14.45 -6.33 -38.52
CA ARG D 1127 13.29 -7.00 -39.07
C ARG D 1127 11.99 -6.33 -38.63
N LEU D 1128 11.92 -5.92 -37.37
CA LEU D 1128 10.70 -5.29 -36.87
C LEU D 1128 10.52 -3.87 -37.39
N ASN D 1129 11.55 -3.28 -37.98
CA ASN D 1129 11.42 -1.92 -38.52
C ASN D 1129 10.40 -1.89 -39.66
N ASP D 1130 10.47 -2.86 -40.56
CA ASP D 1130 9.53 -2.88 -41.68
C ASP D 1130 8.15 -3.34 -41.26
N GLN D 1131 8.05 -4.16 -40.22
CA GLN D 1131 6.74 -4.63 -39.76
C GLN D 1131 5.89 -3.47 -39.27
N LEU D 1132 6.49 -2.54 -38.53
CA LEU D 1132 5.74 -1.38 -38.05
C LEU D 1132 5.28 -0.50 -39.21
N ASP D 1133 6.13 -0.33 -40.22
CA ASP D 1133 5.76 0.51 -41.37
C ASP D 1133 4.58 -0.08 -42.12
N GLU D 1134 4.58 -1.39 -42.33
CA GLU D 1134 3.48 -2.04 -43.04
C GLU D 1134 2.27 -2.19 -42.13
N ALA D 1135 1.09 -1.88 -42.69
CA ALA D 1135 -0.17 -2.00 -41.97
C ALA D 1135 -0.17 -1.23 -40.65
N SER D 1136 0.42 -0.03 -40.69
CA SER D 1136 0.42 0.83 -39.51
C SER D 1136 -0.99 1.32 -39.21
N GLY D 1137 -1.36 1.30 -37.93
CA GLY D 1137 -2.70 1.70 -37.53
C GLY D 1137 -2.89 1.66 -36.03
N GLY D 1138 -4.00 1.08 -35.58
CA GLY D 1138 -4.25 0.95 -34.16
C GLY D 1138 -3.28 0.04 -33.44
N GLU D 1139 -2.63 -0.87 -34.18
CA GLU D 1139 -1.62 -1.74 -33.59
C GLU D 1139 -0.24 -1.09 -33.52
N ALA D 1140 -0.08 0.10 -34.11
CA ALA D 1140 1.21 0.77 -34.07
C ALA D 1140 1.62 1.14 -32.64
N THR D 1141 0.66 1.30 -31.74
CA THR D 1141 0.99 1.51 -30.34
C THR D 1141 1.48 0.21 -29.71
N ARG D 1142 0.78 -0.90 -29.98
CA ARG D 1142 1.24 -2.20 -29.51
C ARG D 1142 2.59 -2.56 -30.13
N LEU D 1143 2.74 -2.30 -31.43
CA LEU D 1143 4.00 -2.54 -32.11
C LEU D 1143 4.98 -1.39 -31.82
N LYS D 1144 6.22 -1.62 -32.22
CA LYS D 1144 7.32 -0.65 -32.13
C LYS D 1144 7.74 -0.43 -30.68
N ARG D 1145 6.92 -0.88 -29.74
CA ARG D 1145 7.30 -0.82 -28.34
C ARG D 1145 8.46 -1.76 -28.07
N GLU D 1146 8.35 -2.99 -28.57
CA GLU D 1146 9.50 -3.89 -28.58
C GLU D 1146 10.68 -3.26 -29.29
N ARG D 1147 10.41 -2.45 -30.32
CA ARG D 1147 11.49 -1.74 -31.01
C ARG D 1147 12.22 -0.81 -30.06
N ASP D 1148 11.47 -0.16 -29.16
CA ASP D 1148 12.11 0.64 -28.12
C ASP D 1148 12.79 -0.24 -27.09
N SER D 1149 12.26 -1.45 -26.87
CA SER D 1149 12.84 -2.34 -25.86
C SER D 1149 14.23 -2.82 -26.27
N LEU D 1150 14.42 -3.14 -27.56
CA LEU D 1150 15.67 -3.70 -28.02
C LEU D 1150 16.78 -2.67 -28.19
N ILE D 1151 16.43 -1.38 -28.22
CA ILE D 1151 17.46 -0.35 -28.37
C ILE D 1151 18.33 -0.26 -27.13
N LYS D 1152 17.71 -0.23 -25.95
CA LYS D 1152 18.47 -0.12 -24.71
C LYS D 1152 19.29 -1.38 -24.45
N LYS D 1153 18.70 -2.55 -24.75
CA LYS D 1153 19.39 -3.81 -24.46
C LYS D 1153 20.68 -3.93 -25.24
N PHE D 1154 20.69 -3.49 -26.50
CA PHE D 1154 21.90 -3.61 -27.31
C PHE D 1154 23.05 -2.80 -26.72
N SER D 1155 22.79 -1.55 -26.35
CA SER D 1155 23.84 -0.71 -25.78
C SER D 1155 24.30 -1.24 -24.42
N GLU D 1156 23.35 -1.67 -23.59
CA GLU D 1156 23.72 -2.21 -22.28
C GLU D 1156 24.58 -3.46 -22.44
N LEU D 1157 24.22 -4.35 -23.36
CA LEU D 1157 25.00 -5.55 -23.58
C LEU D 1157 26.37 -5.23 -24.17
N ARG D 1158 26.46 -4.20 -25.00
CA ARG D 1158 27.77 -3.79 -25.52
C ARG D 1158 28.68 -3.29 -24.39
N SER D 1159 28.15 -2.47 -23.49
CA SER D 1159 28.94 -2.00 -22.36
C SER D 1159 29.37 -3.17 -21.46
N TYR D 1160 28.45 -4.10 -21.21
CA TYR D 1160 28.79 -5.27 -20.41
C TYR D 1160 29.86 -6.11 -21.10
N ASP D 1161 29.79 -6.22 -22.43
CA ASP D 1161 30.81 -6.97 -23.16
C ASP D 1161 32.17 -6.31 -23.03
N ASP D 1162 32.21 -4.98 -23.10
CA ASP D 1162 33.48 -4.27 -22.93
C ASP D 1162 34.07 -4.55 -21.54
N ARG D 1163 33.24 -4.44 -20.50
CA ARG D 1163 33.72 -4.71 -19.15
C ARG D 1163 34.18 -6.16 -19.00
N LEU D 1164 33.42 -7.09 -19.57
CA LEU D 1164 33.76 -8.51 -19.45
C LEU D 1164 35.08 -8.81 -20.15
N ARG D 1165 35.30 -8.22 -21.32
CA ARG D 1165 36.58 -8.40 -21.99
C ARG D 1165 37.73 -7.82 -21.18
N HIS D 1166 37.53 -6.63 -20.60
CA HIS D 1166 38.58 -6.03 -19.78
C HIS D 1166 38.94 -6.92 -18.60
N TYR D 1167 37.94 -7.49 -17.93
CA TYR D 1167 38.24 -8.34 -16.78
C TYR D 1167 38.76 -9.71 -17.18
N ALA D 1168 38.33 -10.24 -18.33
CA ALA D 1168 38.79 -11.55 -18.77
C ALA D 1168 40.20 -11.51 -19.36
N ASP D 1169 40.67 -10.35 -19.80
CA ASP D 1169 42.06 -10.23 -20.22
C ASP D 1169 43.01 -10.56 -19.08
N MET D 1170 42.60 -10.27 -17.85
CA MET D 1170 43.37 -10.64 -16.67
C MET D 1170 42.92 -12.00 -16.17
N ARG D 1171 43.85 -12.95 -16.07
CA ARG D 1171 43.54 -14.29 -15.60
C ARG D 1171 43.46 -14.27 -14.07
N ILE D 1172 42.24 -14.25 -13.56
CA ILE D 1172 42.02 -14.19 -12.12
C ILE D 1172 41.89 -15.61 -11.58
N SER D 1173 42.67 -15.92 -10.55
CA SER D 1173 42.61 -17.19 -9.85
C SER D 1173 42.11 -16.96 -8.43
N ILE D 1174 41.18 -17.81 -7.98
CA ILE D 1174 40.53 -17.65 -6.70
C ILE D 1174 40.85 -18.86 -5.84
N ASP D 1175 40.77 -18.67 -4.52
CA ASP D 1175 41.03 -19.71 -3.54
C ASP D 1175 39.83 -19.81 -2.61
N LEU D 1176 39.27 -21.02 -2.47
CA LEU D 1176 38.11 -21.21 -1.61
C LEU D 1176 38.44 -21.01 -0.14
N ASP D 1177 39.73 -21.14 0.24
CA ASP D 1177 40.10 -20.99 1.64
C ASP D 1177 39.86 -19.58 2.14
N ASP D 1178 39.97 -18.58 1.27
CA ASP D 1178 39.79 -17.20 1.69
C ASP D 1178 38.37 -16.94 2.18
N GLY D 1179 37.38 -17.48 1.48
CA GLY D 1179 35.99 -17.30 1.85
C GLY D 1179 35.25 -16.42 0.85
N VAL D 1180 33.92 -16.57 0.85
CA VAL D 1180 33.09 -15.79 -0.07
C VAL D 1180 33.16 -14.31 0.27
N LYS D 1181 33.26 -13.97 1.55
CA LYS D 1181 33.21 -12.58 1.98
C LYS D 1181 34.28 -11.73 1.30
N VAL D 1182 35.48 -12.27 1.14
CA VAL D 1182 36.58 -11.53 0.53
C VAL D 1182 36.62 -11.76 -0.98
N ASN D 1183 36.40 -12.99 -1.43
CA ASN D 1183 36.51 -13.30 -2.85
C ASN D 1183 35.39 -12.70 -3.69
N TYR D 1184 34.27 -12.31 -3.07
CA TYR D 1184 33.15 -11.78 -3.83
C TYR D 1184 33.40 -10.37 -4.36
N GLY D 1185 34.42 -9.68 -3.85
CA GLY D 1185 34.66 -8.30 -4.25
C GLY D 1185 35.81 -8.13 -5.23
N LYS D 1186 36.25 -9.21 -5.87
CA LYS D 1186 37.38 -9.16 -6.78
C LYS D 1186 36.95 -9.06 -8.24
N PHE D 1187 35.66 -8.92 -8.51
CA PHE D 1187 35.16 -8.86 -9.88
C PHE D 1187 34.50 -7.53 -10.22
N GLY D 1188 34.61 -6.53 -9.36
CA GLY D 1188 34.08 -5.21 -9.66
C GLY D 1188 32.58 -5.21 -9.82
N ASP D 1189 32.11 -4.45 -10.81
CA ASP D 1189 30.69 -4.32 -11.09
C ASP D 1189 30.22 -5.33 -12.12
N LEU D 1190 30.53 -6.61 -11.89
CA LEU D 1190 30.03 -7.68 -12.73
C LEU D 1190 29.04 -8.59 -12.03
N LEU D 1191 29.08 -8.64 -10.70
CA LEU D 1191 28.17 -9.48 -9.93
C LEU D 1191 26.95 -8.64 -9.52
N ALA D 1192 26.10 -9.21 -8.67
CA ALA D 1192 24.91 -8.52 -8.19
C ALA D 1192 24.93 -8.46 -6.66
N ASP D 1193 24.52 -7.32 -6.12
CA ASP D 1193 24.45 -7.09 -4.68
C ASP D 1193 25.83 -7.27 -4.03
N VAL D 1194 26.81 -6.53 -4.57
CA VAL D 1194 28.16 -6.60 -4.03
C VAL D 1194 28.22 -5.95 -2.66
N LYS D 1195 27.54 -4.82 -2.47
CA LYS D 1195 27.57 -4.14 -1.19
C LYS D 1195 26.81 -4.90 -0.11
N ALA D 1196 25.71 -5.57 -0.47
CA ALA D 1196 24.93 -6.29 0.52
C ALA D 1196 25.65 -7.50 1.09
N ILE D 1197 26.70 -7.97 0.42
CA ILE D 1197 27.45 -9.14 0.86
C ILE D 1197 28.81 -8.74 1.43
N THR D 1198 29.60 -7.98 0.68
CA THR D 1198 30.91 -7.57 1.16
C THR D 1198 30.83 -6.51 2.24
N GLY D 1199 29.78 -5.69 2.23
CA GLY D 1199 29.59 -4.65 3.20
C GLY D 1199 30.04 -3.27 2.75
N ASN D 1200 30.80 -3.18 1.65
CA ASN D 1200 31.30 -1.92 1.14
C ASN D 1200 30.89 -1.77 -0.33
N ALA D 1201 30.77 -0.53 -0.76
CA ALA D 1201 30.36 -0.24 -2.13
C ALA D 1201 31.41 -0.74 -3.12
N PRO D 1202 30.97 -1.25 -4.28
CA PRO D 1202 31.94 -1.75 -5.26
C PRO D 1202 32.75 -0.63 -5.89
N GLU D 1203 33.93 -1.00 -6.35
CA GLU D 1203 34.85 -0.07 -7.00
C GLU D 1203 34.84 -0.33 -8.50
N ALA D 1204 34.68 0.74 -9.27
CA ALA D 1204 34.63 0.65 -10.73
C ALA D 1204 35.94 1.15 -11.31
N ILE D 1205 36.51 0.37 -12.22
CA ILE D 1205 37.77 0.73 -12.86
C ILE D 1205 37.52 1.71 -14.00
MG MG E . 11.26 38.28 -4.17
N SAM F . -32.81 -16.36 -42.21
CA SAM F . -31.68 -17.28 -42.08
C SAM F . -31.57 -17.83 -40.67
O SAM F . -31.03 -18.90 -40.46
OXT SAM F . -32.03 -17.20 -39.72
CB SAM F . -30.39 -16.59 -42.49
CG SAM F . -30.33 -15.10 -42.17
SD SAM F . -28.76 -14.36 -42.70
CE SAM F . -28.52 -13.15 -41.38
C5' SAM F . -29.30 -13.29 -44.06
C4' SAM F . -29.18 -13.96 -45.41
O4' SAM F . -29.72 -13.13 -46.42
C3' SAM F . -27.74 -14.24 -45.80
O3' SAM F . -27.50 -15.63 -45.77
C2' SAM F . -27.60 -13.74 -47.22
O2' SAM F . -27.20 -14.81 -48.05
C1' SAM F . -28.99 -13.28 -47.62
N9 SAM F . -28.93 -11.99 -48.34
C8 SAM F . -28.04 -10.98 -48.13
N7 SAM F . -28.31 -9.98 -49.00
C5 SAM F . -29.36 -10.35 -49.76
C6 SAM F . -30.05 -9.70 -50.78
N6 SAM F . -29.67 -8.48 -51.16
N1 SAM F . -31.10 -10.33 -51.40
C2 SAM F . -31.48 -11.58 -50.99
N3 SAM F . -30.80 -12.22 -49.97
C4 SAM F . -29.76 -11.61 -49.36
MG MG G . 26.16 -24.46 -19.74
#